data_7KSG
#
_entry.id   7KSG
#
_cell.length_a   1.00
_cell.length_b   1.00
_cell.length_c   1.00
_cell.angle_alpha   90.00
_cell.angle_beta   90.00
_cell.angle_gamma   90.00
#
_symmetry.space_group_name_H-M   'P 1'
#
loop_
_entity.id
_entity.type
_entity.pdbx_description
1 polymer 'Spike glycoprotein'
2 polymer 'Nanobody against SARS-CoV-2 glycoprotein'
3 non-polymer 2-acetamido-2-deoxy-beta-D-glucopyranose
#
loop_
_entity_poly.entity_id
_entity_poly.type
_entity_poly.pdbx_seq_one_letter_code
_entity_poly.pdbx_strand_id
1 'polypeptide(L)'
;MFVFLVLLPLVSSQCVNLTTRTQLPPAYTNSFTRGVYYPDKVFRSSVLHSTQDLFLPFFSNVTWFHAIHVSGTNGTKRFD
NPVLPFNDGVYFASTEKSNIIRGWIFGTTLDSKTQSLLIVNNATNVVIKVCEFQFCNDPFLGVYYHKNNKSWMESEFRVY
SSANNCTFEYVSQPFLMDLEGKQGNFKNLREFVFKNIDGYFKIYSKHTPINLVRDLPQGFSALEPLVDLPIGINITRFQT
LLALHRSYLTPGDSSSGWTAGAAAYYVGYLQPRTFLLKYNENGTITDAVDCALDPLSETKCTLKSFTVEKGIYQTSNFRV
QPTESIVRFPNITNLCPFGEVFNATRFASVYAWNRKRISNCVADYSVLYNSASFSTFKCYGVSPTKLNDLCFTNVYADSF
VIRGDEVRQIAPGQTGKIADYNYKLPDDFTGCVIAWNSNNLDSKVGGNYNYLYRLFRKSNLKPFERDISTEIYQAGSTPC
NGVEGFNCYFPLQSYGFQPTNGVGYQPYRVVVLSFELLHAPATVCGPKKSTNLVKNKCVNFNFNGLTGTGVLTESNKKFL
PFQQFGRDIADTTDAVRDPQTLEILDITPCSFGGVSVITPGTNTSNQVAVLYQDVNCTEVPVAIHADQLTPTWRVYSTGS
NVFQTRAGCLIGAEHVNNSYECDIPIGAGICASYQTQTNSPGSASSVASQSIIAYTMSLGAENSVAYSNNSIAIPTNFTI
SVTTEILPVSMTKTSVDCTMYICGDSTECSNLLLQYGSFCTQLNRALTGIAVEQDKNTQEVFAQVKQIYKTPPIKDFGGF
NFSQILPDPSKPSKRSFIEDLLFNKVTLADAGFIKQYGDCLGDIAARDLICAQKFNGLTVLPPLLTDEMIAQYTSALLAG
TITSGWTFGAGAALQIPFAMQMAYRFNGIGVTQNVLYENQKLIANQFNSAIGKIQDSLSSTASALGKLQDVVNQNAQALN
TLVKQLSSNFGAISSVLNDILSRLDPPEAEVQIDRLITGRLQSLQTYVTQQLIRAAEIRASANLAATKMSECVLGQSKRV
DFCGKGYHLMSFPQSAPHGVVFLHVTYVPAQEKNFTTAPAICHDGKAHFPREGVFVSNGTHWFVTQRNFYEPQIITTDNT
FVSGNCDVVIGIVNNTVYDPLQPELDSFKEELDKYFKNHTSPDVDLGDISGINASVVNIQKEIDRLNEVAKNLNESLIDL
QELGKYEQGSGYIPEAPRDGQAYVRKDGEWVLLSTFLGRSLEVLFQGPGHHHHHHHHSAWSHPQFEKGGGSGGGGSGGSA
WSHPQFEK
;
A,B,C
2 'polypeptide(L)'
;QVQLVETGGGFVQPGGSLRLSCAASGVTLDYYAIGWFRQAPGKEREGVSCIGSSDGRTYYSDSVKGRFTISRDNAKNTVY
LQMNSLKPEDTAVYYCALTVGTYYSGNYHYTCSDDMDYWGKGTQVTVSSGGLPETGGHHHHHH
;
D,E,F
#
# COMPACT_ATOMS: atom_id res chain seq x y z
N GLN A 23 -54.36 -23.84 -29.59
CA GLN A 23 -53.55 -23.47 -28.44
C GLN A 23 -53.05 -24.71 -27.71
N LEU A 24 -51.78 -24.68 -27.30
CA LEU A 24 -51.17 -25.81 -26.61
C LEU A 24 -50.01 -25.27 -25.79
N PRO A 25 -49.80 -25.78 -24.57
CA PRO A 25 -48.79 -25.17 -23.70
C PRO A 25 -47.41 -25.33 -24.29
N PRO A 26 -46.51 -24.38 -24.01
CA PRO A 26 -45.16 -24.45 -24.58
C PRO A 26 -44.43 -25.72 -24.15
N ALA A 27 -43.66 -26.30 -25.06
CA ALA A 27 -42.93 -27.53 -24.82
C ALA A 27 -41.49 -27.22 -24.43
N TYR A 28 -40.90 -28.12 -23.66
CA TYR A 28 -39.54 -27.97 -23.17
C TYR A 28 -38.67 -29.10 -23.72
N THR A 29 -37.36 -28.86 -23.70
CA THR A 29 -36.39 -29.86 -24.16
C THR A 29 -35.17 -29.77 -23.26
N ASN A 30 -34.44 -30.88 -23.12
CA ASN A 30 -33.24 -30.93 -22.30
C ASN A 30 -32.02 -30.89 -23.20
N SER A 31 -31.42 -29.70 -23.32
CA SER A 31 -30.21 -29.52 -24.11
C SER A 31 -29.03 -30.21 -23.43
N PHE A 32 -28.28 -30.96 -24.23
CA PHE A 32 -27.22 -31.88 -23.78
C PHE A 32 -25.89 -31.42 -24.36
N THR A 33 -25.07 -30.77 -23.53
CA THR A 33 -23.71 -30.38 -23.91
C THR A 33 -23.69 -29.62 -25.23
N ARG A 34 -24.61 -28.68 -25.36
CA ARG A 34 -24.85 -28.02 -26.63
C ARG A 34 -24.90 -26.51 -26.42
N GLY A 35 -24.34 -25.77 -27.37
CA GLY A 35 -24.35 -24.32 -27.32
C GLY A 35 -23.12 -23.72 -26.69
N VAL A 36 -21.94 -24.09 -27.19
CA VAL A 36 -20.68 -23.56 -26.71
C VAL A 36 -20.01 -22.81 -27.84
N TYR A 37 -19.61 -21.57 -27.56
CA TYR A 37 -18.96 -20.71 -28.55
C TYR A 37 -17.54 -20.41 -28.12
N TYR A 38 -16.75 -19.93 -29.07
CA TYR A 38 -15.37 -19.58 -28.78
C TYR A 38 -15.32 -18.32 -27.93
N PRO A 39 -14.78 -18.37 -26.70
CA PRO A 39 -14.87 -17.21 -25.81
C PRO A 39 -14.07 -16.02 -26.30
N ASP A 40 -12.95 -16.24 -26.96
CA ASP A 40 -12.06 -15.16 -27.36
C ASP A 40 -11.40 -15.52 -28.68
N LYS A 41 -10.75 -14.54 -29.29
CA LYS A 41 -10.18 -14.65 -30.62
C LYS A 41 -8.82 -15.34 -30.63
N VAL A 42 -8.24 -15.62 -29.48
CA VAL A 42 -6.83 -16.02 -29.39
C VAL A 42 -6.70 -17.51 -29.69
N PHE A 43 -5.69 -17.86 -30.49
CA PHE A 43 -5.38 -19.24 -30.78
C PHE A 43 -4.83 -19.94 -29.54
N ARG A 44 -5.18 -21.21 -29.38
CA ARG A 44 -4.71 -22.01 -28.27
C ARG A 44 -4.65 -23.46 -28.71
N SER A 45 -3.54 -24.13 -28.38
CA SER A 45 -3.29 -25.48 -28.88
C SER A 45 -2.91 -26.40 -27.74
N SER A 46 -3.58 -27.55 -27.65
CA SER A 46 -3.28 -28.60 -26.68
C SER A 46 -3.23 -28.05 -25.26
N VAL A 47 -4.19 -27.19 -24.93
CA VAL A 47 -4.26 -26.57 -23.62
C VAL A 47 -5.71 -26.60 -23.14
N LEU A 48 -5.89 -26.46 -21.84
CA LEU A 48 -7.20 -26.33 -21.22
C LEU A 48 -7.33 -24.93 -20.64
N HIS A 49 -8.37 -24.21 -21.06
CA HIS A 49 -8.58 -22.82 -20.65
C HIS A 49 -9.86 -22.71 -19.85
N SER A 50 -9.78 -22.12 -18.66
CA SER A 50 -10.93 -21.89 -17.82
C SER A 50 -11.34 -20.43 -17.95
N THR A 51 -12.47 -20.18 -18.62
CA THR A 51 -12.94 -18.84 -18.90
C THR A 51 -14.35 -18.65 -18.35
N GLN A 52 -14.60 -17.48 -17.77
CA GLN A 52 -15.88 -17.17 -17.15
C GLN A 52 -16.62 -16.21 -18.07
N ASP A 53 -17.59 -16.73 -18.82
CA ASP A 53 -18.30 -15.95 -19.83
C ASP A 53 -19.78 -16.26 -19.75
N LEU A 54 -20.56 -15.59 -20.61
CA LEU A 54 -21.99 -15.81 -20.71
C LEU A 54 -22.20 -17.06 -21.56
N PHE A 55 -22.28 -18.20 -20.90
CA PHE A 55 -22.40 -19.48 -21.57
C PHE A 55 -23.80 -20.06 -21.37
N LEU A 56 -24.07 -21.16 -22.06
CA LEU A 56 -25.33 -21.88 -21.92
C LEU A 56 -25.15 -23.04 -20.97
N PRO A 57 -25.91 -23.14 -19.90
CA PRO A 57 -25.71 -24.23 -18.93
C PRO A 57 -25.90 -25.60 -19.55
N PHE A 58 -25.09 -26.56 -19.10
CA PHE A 58 -25.16 -27.92 -19.59
C PHE A 58 -26.46 -28.59 -19.13
N PHE A 59 -27.07 -29.37 -20.03
CA PHE A 59 -28.27 -30.15 -19.73
C PHE A 59 -29.37 -29.26 -19.14
N SER A 60 -29.87 -28.34 -19.96
CA SER A 60 -30.80 -27.33 -19.46
C SER A 60 -32.08 -27.33 -20.27
N ASN A 61 -33.18 -26.89 -19.65
CA ASN A 61 -34.44 -26.75 -20.39
C ASN A 61 -34.38 -25.57 -21.34
N VAL A 62 -34.46 -25.88 -22.62
CA VAL A 62 -34.64 -24.91 -23.69
C VAL A 62 -36.07 -25.02 -24.20
N THR A 63 -36.71 -23.88 -24.44
CA THR A 63 -38.07 -23.89 -24.94
C THR A 63 -38.08 -24.34 -26.41
N TRP A 64 -39.02 -25.22 -26.74
CA TRP A 64 -39.13 -25.82 -28.05
C TRP A 64 -40.33 -25.22 -28.77
N PHE A 65 -40.13 -24.77 -30.01
CA PHE A 65 -41.21 -24.26 -30.83
C PHE A 65 -41.25 -25.02 -32.14
N HIS A 66 -42.45 -25.48 -32.50
CA HIS A 66 -42.67 -26.34 -33.66
C HIS A 66 -43.10 -25.52 -34.86
N ALA A 67 -43.14 -26.19 -36.01
CA ALA A 67 -43.87 -25.69 -37.18
C ALA A 67 -44.28 -26.93 -37.97
N ILE A 68 -45.53 -27.35 -37.80
CA ILE A 68 -46.02 -28.59 -38.37
C ILE A 68 -47.42 -28.35 -38.92
N HIS A 69 -47.67 -28.89 -40.13
CA HIS A 69 -48.98 -28.74 -40.75
C HIS A 69 -50.04 -29.56 -40.01
N VAL A 70 -49.66 -30.73 -39.49
CA VAL A 70 -50.58 -31.64 -38.81
C VAL A 70 -51.73 -32.02 -39.73
N THR A 76 -55.17 -24.22 -35.93
CA THR A 76 -53.96 -24.16 -35.11
C THR A 76 -52.72 -23.98 -35.96
N LYS A 77 -52.25 -25.09 -36.56
CA LYS A 77 -51.09 -25.18 -37.43
C LYS A 77 -49.78 -24.92 -36.70
N ARG A 78 -49.81 -24.59 -35.41
CA ARG A 78 -48.63 -24.33 -34.60
C ARG A 78 -47.75 -23.25 -35.24
N PHE A 79 -48.32 -22.06 -35.33
CA PHE A 79 -47.59 -20.86 -35.77
C PHE A 79 -47.19 -20.08 -34.53
N ASP A 80 -45.97 -20.29 -34.06
CA ASP A 80 -45.50 -19.72 -32.80
C ASP A 80 -44.24 -18.90 -33.06
N ASN A 81 -44.41 -17.59 -33.17
CA ASN A 81 -43.30 -16.64 -33.22
C ASN A 81 -43.58 -15.56 -32.19
N PRO A 82 -43.56 -15.89 -30.91
CA PRO A 82 -43.93 -14.94 -29.86
C PRO A 82 -42.76 -14.02 -29.54
N VAL A 83 -43.02 -13.08 -28.64
CA VAL A 83 -42.00 -12.17 -28.15
C VAL A 83 -41.32 -12.80 -26.94
N LEU A 84 -39.99 -12.83 -26.94
CA LEU A 84 -39.24 -13.42 -25.86
C LEU A 84 -38.23 -12.43 -25.29
N PRO A 85 -38.00 -12.44 -23.99
CA PRO A 85 -37.05 -11.49 -23.40
C PRO A 85 -35.63 -11.73 -23.87
N PHE A 86 -34.84 -10.66 -23.86
CA PHE A 86 -33.40 -10.71 -24.16
C PHE A 86 -32.69 -10.19 -22.92
N ASN A 87 -32.45 -11.08 -21.96
CA ASN A 87 -31.87 -10.67 -20.69
C ASN A 87 -30.35 -10.55 -20.78
N ASP A 88 -29.68 -11.66 -21.06
CA ASP A 88 -28.22 -11.66 -21.09
C ASP A 88 -27.65 -12.46 -22.26
N GLY A 89 -28.43 -12.74 -23.28
CA GLY A 89 -27.98 -13.51 -24.42
C GLY A 89 -28.96 -14.62 -24.72
N VAL A 90 -28.94 -15.09 -25.96
CA VAL A 90 -29.90 -16.09 -26.43
C VAL A 90 -29.17 -17.14 -27.26
N TYR A 91 -29.39 -18.41 -26.94
CA TYR A 91 -28.99 -19.52 -27.79
C TYR A 91 -30.18 -19.93 -28.62
N PHE A 92 -29.96 -20.12 -29.92
CA PHE A 92 -31.03 -20.38 -30.89
C PHE A 92 -30.59 -21.51 -31.81
N ALA A 93 -31.12 -22.70 -31.58
CA ALA A 93 -30.90 -23.83 -32.46
C ALA A 93 -32.07 -23.96 -33.42
N SER A 94 -31.81 -24.51 -34.61
CA SER A 94 -32.85 -24.65 -35.61
C SER A 94 -32.62 -25.94 -36.37
N THR A 95 -33.54 -26.89 -36.24
CA THR A 95 -33.55 -28.09 -37.06
C THR A 95 -34.51 -27.87 -38.22
N GLU A 96 -33.97 -27.90 -39.44
CA GLU A 96 -34.68 -27.48 -40.63
C GLU A 96 -34.52 -28.52 -41.73
N LYS A 97 -35.50 -28.54 -42.63
CA LYS A 97 -35.39 -29.27 -43.90
C LYS A 97 -35.88 -28.46 -45.09
N SER A 98 -36.43 -27.26 -44.86
CA SER A 98 -36.95 -26.45 -45.95
C SER A 98 -36.62 -24.96 -45.78
N ASN A 99 -35.72 -24.61 -44.87
CA ASN A 99 -35.34 -23.22 -44.60
C ASN A 99 -36.56 -22.39 -44.22
N ILE A 100 -37.43 -22.95 -43.37
CA ILE A 100 -38.59 -22.20 -42.88
C ILE A 100 -38.14 -21.02 -42.03
N ILE A 101 -37.13 -21.22 -41.19
CA ILE A 101 -36.59 -20.14 -40.38
C ILE A 101 -35.93 -19.10 -41.30
N ARG A 102 -36.23 -17.83 -41.05
CA ARG A 102 -35.74 -16.74 -41.89
C ARG A 102 -34.84 -15.78 -41.12
N GLY A 103 -35.24 -15.36 -39.92
CA GLY A 103 -34.43 -14.40 -39.20
C GLY A 103 -35.00 -13.97 -37.86
N TRP A 104 -34.56 -12.79 -37.41
CA TRP A 104 -34.90 -12.32 -36.07
C TRP A 104 -35.14 -10.82 -36.11
N ILE A 105 -35.91 -10.35 -35.14
CA ILE A 105 -36.12 -8.93 -34.90
C ILE A 105 -35.86 -8.66 -33.42
N PHE A 106 -35.09 -7.62 -33.15
CA PHE A 106 -34.68 -7.27 -31.80
C PHE A 106 -35.16 -5.87 -31.45
N GLY A 107 -35.49 -5.66 -30.18
CA GLY A 107 -35.89 -4.35 -29.73
C GLY A 107 -36.43 -4.41 -28.31
N THR A 108 -36.92 -3.26 -27.86
CA THR A 108 -37.51 -3.12 -26.53
C THR A 108 -39.00 -2.83 -26.58
N THR A 109 -39.42 -1.83 -27.34
CA THR A 109 -40.83 -1.49 -27.48
C THR A 109 -41.45 -2.03 -28.76
N LEU A 110 -40.67 -2.16 -29.83
CA LEU A 110 -41.15 -2.68 -31.11
C LEU A 110 -42.32 -1.86 -31.66
N ASP A 111 -42.31 -0.56 -31.39
CA ASP A 111 -43.39 0.32 -31.84
C ASP A 111 -42.84 1.63 -32.43
N SER A 112 -41.63 1.58 -32.96
CA SER A 112 -40.97 2.73 -33.57
C SER A 112 -40.70 3.85 -32.57
N LYS A 113 -41.02 3.61 -31.29
CA LYS A 113 -40.68 4.58 -30.26
C LYS A 113 -39.18 4.51 -29.92
N THR A 114 -38.57 3.34 -30.07
CA THR A 114 -37.16 3.13 -29.82
C THR A 114 -36.58 2.34 -30.98
N GLN A 115 -35.30 2.57 -31.27
CA GLN A 115 -34.66 1.93 -32.40
C GLN A 115 -34.68 0.42 -32.24
N SER A 116 -34.89 -0.29 -33.36
CA SER A 116 -35.00 -1.73 -33.39
C SER A 116 -33.98 -2.29 -34.38
N LEU A 117 -33.92 -3.61 -34.48
CA LEU A 117 -32.93 -4.29 -35.31
C LEU A 117 -33.61 -5.45 -36.03
N LEU A 118 -33.12 -5.75 -37.23
CA LEU A 118 -33.70 -6.79 -38.06
C LEU A 118 -32.60 -7.54 -38.79
N ILE A 119 -32.69 -8.87 -38.78
CA ILE A 119 -31.79 -9.75 -39.53
C ILE A 119 -32.65 -10.75 -40.30
N VAL A 120 -32.40 -10.88 -41.59
CA VAL A 120 -33.15 -11.80 -42.45
C VAL A 120 -32.20 -12.48 -43.41
N ASN A 121 -32.30 -13.80 -43.51
CA ASN A 121 -31.61 -14.56 -44.55
C ASN A 121 -32.55 -14.76 -45.74
N ASN A 122 -32.90 -13.64 -46.36
CA ASN A 122 -33.91 -13.60 -47.41
C ASN A 122 -33.49 -14.50 -48.57
N ALA A 123 -34.47 -14.86 -49.40
CA ALA A 123 -34.19 -15.72 -50.54
C ALA A 123 -33.20 -15.10 -51.52
N THR A 124 -32.99 -13.79 -51.44
CA THR A 124 -32.04 -13.08 -52.29
C THR A 124 -30.76 -12.69 -51.55
N ASN A 125 -30.87 -11.99 -50.43
CA ASN A 125 -29.72 -11.41 -49.76
C ASN A 125 -29.71 -11.81 -48.28
N VAL A 126 -28.77 -11.22 -47.55
CA VAL A 126 -28.76 -11.22 -46.10
C VAL A 126 -28.89 -9.76 -45.67
N VAL A 127 -29.91 -9.47 -44.87
CA VAL A 127 -30.32 -8.10 -44.56
C VAL A 127 -30.14 -7.88 -43.06
N ILE A 128 -29.42 -6.83 -42.70
CA ILE A 128 -29.25 -6.43 -41.30
C ILE A 128 -29.52 -4.93 -41.24
N LYS A 129 -30.67 -4.56 -40.69
CA LYS A 129 -31.07 -3.17 -40.53
C LYS A 129 -31.07 -2.84 -39.05
N VAL A 130 -30.77 -1.58 -38.72
CA VAL A 130 -30.95 -1.07 -37.36
C VAL A 130 -31.65 0.27 -37.49
N CYS A 131 -32.96 0.28 -37.25
CA CYS A 131 -33.73 1.48 -37.48
C CYS A 131 -35.01 1.40 -36.65
N GLU A 132 -35.67 2.55 -36.50
CA GLU A 132 -36.93 2.63 -35.77
C GLU A 132 -38.04 2.16 -36.70
N PHE A 133 -38.51 0.93 -36.49
CA PHE A 133 -39.54 0.33 -37.32
C PHE A 133 -40.84 0.20 -36.54
N GLN A 134 -41.96 0.42 -37.22
CA GLN A 134 -43.29 0.22 -36.63
C GLN A 134 -43.68 -1.23 -36.87
N PHE A 135 -43.27 -2.11 -35.97
CA PHE A 135 -43.57 -3.52 -36.11
C PHE A 135 -45.05 -3.78 -35.95
N CYS A 136 -45.58 -4.67 -36.79
CA CYS A 136 -46.96 -5.08 -36.66
C CYS A 136 -47.10 -6.16 -35.57
N ASN A 137 -48.35 -6.54 -35.30
CA ASN A 137 -48.60 -7.52 -34.24
C ASN A 137 -47.99 -8.87 -34.59
N ASP A 138 -48.10 -9.30 -35.85
CA ASP A 138 -47.61 -10.60 -36.29
C ASP A 138 -46.71 -10.42 -37.51
N PRO A 139 -45.45 -10.03 -37.30
CA PRO A 139 -44.52 -9.94 -38.42
C PRO A 139 -44.10 -11.33 -38.89
N PHE A 140 -44.04 -11.50 -40.21
CA PHE A 140 -43.69 -12.79 -40.79
C PHE A 140 -43.32 -12.60 -42.26
N LEU A 141 -42.97 -13.72 -42.89
CA LEU A 141 -42.72 -13.79 -44.32
C LEU A 141 -43.48 -14.97 -44.90
N GLY A 142 -43.79 -14.88 -46.18
CA GLY A 142 -44.55 -15.91 -46.85
C GLY A 142 -44.16 -16.11 -48.30
N VAL A 143 -43.85 -17.36 -48.65
CA VAL A 143 -43.43 -17.72 -50.00
C VAL A 143 -44.61 -18.37 -50.71
N TYR A 144 -45.02 -17.77 -51.82
CA TYR A 144 -46.12 -18.32 -52.61
C TYR A 144 -45.67 -19.54 -53.40
N TYR A 145 -46.58 -20.49 -53.54
CA TYR A 145 -46.36 -21.68 -54.35
C TYR A 145 -47.39 -21.72 -55.47
N HIS A 146 -46.92 -21.96 -56.69
CA HIS A 146 -47.78 -22.06 -57.86
C HIS A 146 -47.93 -23.53 -58.25
N LYS A 147 -49.18 -23.97 -58.42
CA LYS A 147 -49.44 -25.36 -58.74
C LYS A 147 -49.10 -25.72 -60.18
N ASN A 148 -49.03 -24.73 -61.07
CA ASN A 148 -48.75 -25.02 -62.47
C ASN A 148 -47.28 -25.37 -62.69
N ASN A 149 -46.36 -24.67 -62.03
CA ASN A 149 -44.93 -24.90 -62.21
C ASN A 149 -44.28 -25.06 -60.84
N LYS A 150 -43.29 -25.96 -60.78
CA LYS A 150 -42.58 -26.24 -59.54
C LYS A 150 -41.58 -25.12 -59.24
N SER A 151 -42.15 -23.95 -58.90
CA SER A 151 -41.35 -22.77 -58.61
C SER A 151 -41.88 -22.12 -57.35
N TRP A 152 -40.96 -21.63 -56.52
CA TRP A 152 -41.28 -20.95 -55.27
C TRP A 152 -40.62 -19.58 -55.29
N MET A 153 -41.40 -18.53 -54.99
CA MET A 153 -40.88 -17.17 -54.96
C MET A 153 -41.45 -16.46 -53.74
N GLU A 154 -40.66 -15.53 -53.21
CA GLU A 154 -41.10 -14.73 -52.07
C GLU A 154 -42.32 -13.90 -52.46
N SER A 155 -43.35 -13.93 -51.61
CA SER A 155 -44.61 -13.26 -51.90
C SER A 155 -44.92 -12.13 -50.94
N GLU A 156 -44.90 -12.39 -49.64
CA GLU A 156 -45.31 -11.40 -48.65
C GLU A 156 -44.23 -11.25 -47.58
N PHE A 157 -44.09 -10.02 -47.08
CA PHE A 157 -43.10 -9.70 -46.07
C PHE A 157 -43.70 -8.60 -45.19
N ARG A 158 -44.28 -9.00 -44.05
CA ARG A 158 -45.01 -8.07 -43.20
C ARG A 158 -44.29 -7.98 -41.86
N VAL A 159 -43.37 -7.03 -41.76
CA VAL A 159 -42.61 -6.83 -40.53
C VAL A 159 -42.71 -5.38 -40.07
N TYR A 160 -42.35 -4.44 -40.95
CA TYR A 160 -42.32 -3.03 -40.61
C TYR A 160 -43.10 -2.23 -41.64
N SER A 161 -43.29 -0.95 -41.33
CA SER A 161 -44.01 -0.05 -42.23
C SER A 161 -43.25 1.24 -42.53
N SER A 162 -42.53 1.79 -41.55
CA SER A 162 -41.88 3.08 -41.71
C SER A 162 -40.49 3.06 -41.09
N ALA A 163 -39.63 3.97 -41.57
CA ALA A 163 -38.27 4.08 -41.07
C ALA A 163 -37.77 5.48 -41.42
N ASN A 164 -37.55 6.31 -40.40
CA ASN A 164 -37.19 7.72 -40.61
C ASN A 164 -35.80 8.08 -40.11
N ASN A 165 -35.52 7.88 -38.82
CA ASN A 165 -34.28 8.36 -38.20
C ASN A 165 -33.48 7.16 -37.71
N CYS A 166 -32.34 6.90 -38.35
CA CYS A 166 -31.50 5.76 -38.03
C CYS A 166 -30.23 5.81 -38.86
N THR A 167 -29.26 4.97 -38.48
CA THR A 167 -27.91 5.01 -39.05
C THR A 167 -27.45 3.70 -39.66
N PHE A 168 -27.70 2.56 -39.00
CA PHE A 168 -27.03 1.32 -39.36
C PHE A 168 -27.83 0.52 -40.37
N GLU A 169 -27.15 0.12 -41.44
CA GLU A 169 -27.80 -0.46 -42.61
C GLU A 169 -26.80 -1.37 -43.31
N TYR A 170 -27.26 -2.56 -43.71
CA TYR A 170 -26.40 -3.46 -44.45
C TYR A 170 -27.23 -4.50 -45.20
N VAL A 171 -26.88 -4.72 -46.46
CA VAL A 171 -27.45 -5.80 -47.26
C VAL A 171 -26.29 -6.56 -47.90
N SER A 172 -26.26 -7.88 -47.71
CA SER A 172 -25.14 -8.67 -48.17
C SER A 172 -25.27 -8.99 -49.66
N GLN A 173 -24.33 -9.79 -50.16
CA GLN A 173 -24.30 -10.13 -51.57
C GLN A 173 -25.48 -11.04 -51.92
N PRO A 174 -26.12 -10.83 -53.07
CA PRO A 174 -27.27 -11.66 -53.43
C PRO A 174 -26.88 -13.12 -53.68
N PHE A 175 -27.80 -14.02 -53.32
CA PHE A 175 -27.60 -15.45 -53.52
C PHE A 175 -28.96 -16.13 -53.46
N LEU A 176 -29.05 -17.31 -54.07
CA LEU A 176 -30.30 -18.03 -54.22
C LEU A 176 -30.20 -19.43 -53.62
N MET A 177 -31.27 -19.85 -52.94
CA MET A 177 -31.35 -21.20 -52.39
C MET A 177 -32.61 -21.90 -52.88
N ASP A 178 -32.91 -23.06 -52.27
CA ASP A 178 -33.91 -23.98 -52.84
C ASP A 178 -35.30 -23.35 -52.88
N LEU A 179 -35.78 -22.85 -51.73
CA LEU A 179 -37.12 -22.28 -51.55
C LEU A 179 -38.25 -23.30 -51.57
N GLU A 180 -37.98 -24.58 -51.83
CA GLU A 180 -39.07 -25.54 -51.80
C GLU A 180 -39.11 -26.25 -50.46
N GLY A 181 -40.25 -26.86 -50.16
CA GLY A 181 -40.42 -27.63 -48.95
C GLY A 181 -40.34 -29.12 -49.18
N LYS A 182 -39.20 -29.71 -48.81
CA LYS A 182 -39.01 -31.14 -48.99
C LYS A 182 -39.82 -31.93 -47.97
N GLN A 183 -40.08 -33.19 -48.29
CA GLN A 183 -40.81 -34.10 -47.42
C GLN A 183 -39.84 -35.03 -46.71
N GLY A 184 -40.10 -35.26 -45.42
CA GLY A 184 -39.23 -36.12 -44.64
C GLY A 184 -38.96 -35.57 -43.25
N ASN A 185 -37.78 -35.87 -42.71
CA ASN A 185 -37.37 -35.43 -41.39
C ASN A 185 -36.37 -34.29 -41.51
N PHE A 186 -36.06 -33.69 -40.35
CA PHE A 186 -35.11 -32.59 -40.31
C PHE A 186 -33.72 -33.07 -40.70
N LYS A 187 -32.99 -32.24 -41.42
CA LYS A 187 -31.68 -32.62 -41.95
C LYS A 187 -30.56 -31.62 -41.68
N ASN A 188 -30.87 -30.38 -41.34
CA ASN A 188 -29.84 -29.37 -41.10
C ASN A 188 -30.00 -28.76 -39.72
N LEU A 189 -28.88 -28.53 -39.04
CA LEU A 189 -28.86 -27.90 -37.73
C LEU A 189 -28.11 -26.58 -37.86
N ARG A 190 -28.84 -25.47 -37.70
CA ARG A 190 -28.26 -24.14 -37.67
C ARG A 190 -28.27 -23.64 -36.24
N GLU A 191 -27.09 -23.42 -35.66
CA GLU A 191 -26.95 -22.98 -34.29
C GLU A 191 -26.43 -21.55 -34.25
N PHE A 192 -27.05 -20.72 -33.42
CA PHE A 192 -26.65 -19.33 -33.28
C PHE A 192 -26.61 -18.96 -31.81
N VAL A 193 -25.74 -18.00 -31.51
CA VAL A 193 -25.68 -17.38 -30.19
C VAL A 193 -25.67 -15.87 -30.41
N PHE A 194 -26.58 -15.18 -29.73
CA PHE A 194 -26.69 -13.73 -29.80
C PHE A 194 -26.32 -13.16 -28.45
N LYS A 195 -25.36 -12.24 -28.44
CA LYS A 195 -24.95 -11.55 -27.22
C LYS A 195 -24.91 -10.06 -27.50
N ASN A 196 -25.12 -9.27 -26.45
CA ASN A 196 -25.14 -7.80 -26.59
C ASN A 196 -24.49 -7.21 -25.33
N ILE A 197 -23.26 -6.73 -25.49
CA ILE A 197 -22.52 -6.18 -24.35
C ILE A 197 -21.55 -5.12 -24.87
N ASP A 198 -21.37 -4.05 -24.08
CA ASP A 198 -20.47 -2.95 -24.40
C ASP A 198 -20.84 -2.28 -25.72
N GLY A 199 -22.13 -2.25 -26.05
CA GLY A 199 -22.57 -1.68 -27.30
C GLY A 199 -22.31 -2.54 -28.52
N TYR A 200 -21.84 -3.77 -28.31
CA TYR A 200 -21.51 -4.69 -29.39
C TYR A 200 -22.50 -5.84 -29.40
N PHE A 201 -23.11 -6.10 -30.54
CA PHE A 201 -23.98 -7.25 -30.74
C PHE A 201 -23.20 -8.30 -31.50
N LYS A 202 -22.85 -9.39 -30.82
CA LYS A 202 -22.09 -10.48 -31.41
C LYS A 202 -23.01 -11.63 -31.76
N ILE A 203 -22.94 -12.07 -33.01
CA ILE A 203 -23.61 -13.28 -33.44
C ILE A 203 -22.55 -14.33 -33.77
N TYR A 204 -22.72 -15.52 -33.19
CA TYR A 204 -21.88 -16.69 -33.44
C TYR A 204 -22.74 -17.74 -34.12
N SER A 205 -22.19 -18.41 -35.13
CA SER A 205 -22.98 -19.33 -35.94
C SER A 205 -22.24 -20.64 -36.17
N LYS A 206 -23.01 -21.68 -36.43
CA LYS A 206 -22.47 -23.00 -36.74
C LYS A 206 -23.49 -23.78 -37.54
N HIS A 207 -23.00 -24.56 -38.51
CA HIS A 207 -23.82 -25.42 -39.35
C HIS A 207 -23.46 -26.88 -39.05
N THR A 208 -24.46 -27.76 -39.15
CA THR A 208 -24.20 -29.16 -38.87
C THR A 208 -25.14 -30.06 -39.66
N PRO A 209 -24.62 -31.14 -40.25
CA PRO A 209 -25.51 -32.13 -40.88
C PRO A 209 -26.05 -33.14 -39.88
N ILE A 210 -27.37 -33.23 -39.77
CA ILE A 210 -28.02 -34.09 -38.79
C ILE A 210 -29.07 -34.94 -39.51
N ASN A 211 -29.32 -36.13 -38.97
CA ASN A 211 -30.25 -37.08 -39.59
C ASN A 211 -31.19 -37.67 -38.53
N LEU A 212 -31.78 -36.80 -37.71
CA LEU A 212 -32.79 -37.23 -36.75
C LEU A 212 -34.17 -36.87 -37.27
N VAL A 213 -35.20 -37.27 -36.52
CA VAL A 213 -36.59 -36.99 -36.87
C VAL A 213 -37.16 -35.85 -36.02
N ARG A 214 -37.22 -36.04 -34.69
CA ARG A 214 -37.76 -35.01 -33.80
C ARG A 214 -37.06 -35.16 -32.45
N ASP A 215 -35.96 -34.45 -32.28
CA ASP A 215 -35.08 -34.50 -31.10
C ASP A 215 -34.11 -33.32 -31.16
N LEU A 216 -33.11 -33.36 -30.28
CA LEU A 216 -31.96 -32.47 -30.30
C LEU A 216 -30.71 -33.29 -30.59
N PRO A 217 -29.91 -32.91 -31.57
CA PRO A 217 -28.73 -33.73 -31.91
C PRO A 217 -27.75 -33.80 -30.75
N GLN A 218 -27.13 -34.97 -30.60
CA GLN A 218 -26.14 -35.18 -29.55
C GLN A 218 -24.79 -34.72 -30.04
N GLY A 219 -23.74 -35.00 -29.27
CA GLY A 219 -22.39 -34.62 -29.63
C GLY A 219 -22.06 -33.20 -29.22
N PHE A 220 -20.80 -32.84 -29.40
CA PHE A 220 -20.27 -31.53 -29.02
C PHE A 220 -19.62 -30.88 -30.23
N SER A 221 -19.92 -29.61 -30.45
CA SER A 221 -19.31 -28.85 -31.53
C SER A 221 -19.33 -27.37 -31.17
N ALA A 222 -18.15 -26.77 -31.10
CA ALA A 222 -18.03 -25.37 -30.71
C ALA A 222 -18.63 -24.47 -31.77
N LEU A 223 -19.08 -23.30 -31.34
CA LEU A 223 -19.74 -22.35 -32.23
C LEU A 223 -18.76 -21.23 -32.57
N GLU A 224 -18.42 -21.11 -33.85
CA GLU A 224 -17.49 -20.10 -34.29
C GLU A 224 -18.18 -18.75 -34.46
N PRO A 225 -17.46 -17.65 -34.27
CA PRO A 225 -18.08 -16.33 -34.40
C PRO A 225 -18.52 -16.05 -35.83
N LEU A 226 -19.55 -15.22 -35.95
CA LEU A 226 -20.03 -14.77 -37.26
C LEU A 226 -19.75 -13.29 -37.50
N VAL A 227 -20.21 -12.40 -36.63
CA VAL A 227 -19.87 -10.98 -36.77
C VAL A 227 -20.13 -10.27 -35.45
N ASP A 228 -19.48 -9.11 -35.27
CA ASP A 228 -19.59 -8.25 -34.10
C ASP A 228 -20.05 -6.88 -34.59
N LEU A 229 -21.36 -6.67 -34.61
CA LEU A 229 -21.92 -5.42 -35.11
C LEU A 229 -21.87 -4.36 -34.02
N PRO A 230 -21.32 -3.18 -34.31
CA PRO A 230 -21.30 -2.07 -33.33
C PRO A 230 -22.60 -1.25 -33.35
N ILE A 231 -23.62 -1.80 -32.72
CA ILE A 231 -24.95 -1.17 -32.72
C ILE A 231 -25.07 -0.17 -31.57
N GLY A 232 -24.96 -0.66 -30.35
CA GLY A 232 -25.04 0.19 -29.18
C GLY A 232 -26.43 0.66 -28.84
N ILE A 233 -27.37 -0.28 -28.69
CA ILE A 233 -28.75 0.03 -28.34
C ILE A 233 -29.17 -0.88 -27.18
N ASN A 234 -30.37 -0.63 -26.68
CA ASN A 234 -30.98 -1.47 -25.66
C ASN A 234 -31.92 -2.46 -26.33
N ILE A 235 -31.62 -3.75 -26.18
CA ILE A 235 -32.44 -4.82 -26.71
C ILE A 235 -32.95 -5.63 -25.53
N THR A 236 -34.26 -5.58 -25.30
CA THR A 236 -34.88 -6.30 -24.19
C THR A 236 -35.68 -7.51 -24.65
N ARG A 237 -36.22 -7.48 -25.87
CA ARG A 237 -37.09 -8.54 -26.35
C ARG A 237 -36.70 -8.88 -27.79
N PHE A 238 -37.16 -10.05 -28.24
CA PHE A 238 -36.89 -10.49 -29.61
C PHE A 238 -37.95 -11.49 -30.03
N GLN A 239 -38.01 -11.74 -31.34
CA GLN A 239 -38.97 -12.66 -31.92
C GLN A 239 -38.28 -13.59 -32.93
N THR A 240 -39.07 -14.29 -33.72
CA THR A 240 -38.54 -15.15 -34.77
C THR A 240 -39.33 -14.92 -36.05
N LEU A 241 -38.67 -15.16 -37.18
CA LEU A 241 -39.28 -15.03 -38.50
C LEU A 241 -39.33 -16.41 -39.15
N LEU A 242 -40.50 -16.77 -39.67
CA LEU A 242 -40.70 -18.08 -40.28
C LEU A 242 -41.30 -17.90 -41.67
N ALA A 243 -41.07 -18.90 -42.52
CA ALA A 243 -41.57 -18.89 -43.89
C ALA A 243 -42.74 -19.85 -44.02
N LEU A 244 -43.84 -19.36 -44.56
CA LEU A 244 -45.04 -20.16 -44.77
C LEU A 244 -45.25 -20.44 -46.24
N HIS A 245 -46.22 -21.31 -46.53
CA HIS A 245 -46.54 -21.73 -47.89
C HIS A 245 -47.99 -21.42 -48.19
N ARG A 246 -48.24 -20.94 -49.41
CA ARG A 246 -49.59 -20.62 -49.88
C ARG A 246 -49.81 -21.23 -51.25
N SER A 247 -51.05 -21.62 -51.51
CA SER A 247 -51.42 -22.22 -52.80
C SER A 247 -52.91 -22.06 -53.07
N GLY A 252 -58.08 -19.76 -49.07
CA GLY A 252 -59.07 -18.73 -49.31
C GLY A 252 -58.69 -17.38 -48.74
N ASP A 253 -59.07 -17.16 -47.48
CA ASP A 253 -58.74 -15.91 -46.81
C ASP A 253 -57.24 -15.80 -46.56
N SER A 254 -56.73 -14.58 -46.65
CA SER A 254 -55.30 -14.35 -46.43
C SER A 254 -54.91 -14.65 -44.99
N SER A 255 -55.77 -14.33 -44.03
CA SER A 255 -55.50 -14.55 -42.62
C SER A 255 -55.70 -16.00 -42.19
N SER A 256 -56.21 -16.86 -43.06
CA SER A 256 -56.46 -18.24 -42.70
C SER A 256 -55.81 -19.22 -43.67
N GLY A 257 -55.60 -18.78 -44.92
CA GLY A 257 -55.03 -19.64 -45.93
C GLY A 257 -53.53 -19.66 -45.95
N TRP A 258 -52.91 -20.31 -44.97
CA TRP A 258 -51.46 -20.39 -44.89
C TRP A 258 -51.05 -21.70 -44.24
N THR A 259 -49.94 -22.26 -44.73
CA THR A 259 -49.35 -23.47 -44.18
C THR A 259 -47.93 -23.16 -43.75
N ALA A 260 -47.60 -23.48 -42.50
CA ALA A 260 -46.30 -23.09 -41.95
C ALA A 260 -45.17 -23.93 -42.54
N GLY A 261 -45.36 -25.24 -42.63
CA GLY A 261 -44.27 -26.11 -43.06
C GLY A 261 -43.44 -26.58 -41.88
N ALA A 262 -42.90 -27.79 -42.02
CA ALA A 262 -42.25 -28.47 -40.89
C ALA A 262 -40.87 -27.89 -40.61
N ALA A 263 -40.63 -27.55 -39.35
CA ALA A 263 -39.34 -27.07 -38.84
C ALA A 263 -39.43 -27.05 -37.33
N ALA A 264 -38.27 -26.89 -36.68
CA ALA A 264 -38.28 -26.77 -35.22
C ALA A 264 -37.17 -25.83 -34.78
N TYR A 265 -37.43 -25.03 -33.75
CA TYR A 265 -36.39 -24.17 -33.23
C TYR A 265 -36.39 -24.14 -31.71
N TYR A 266 -35.19 -24.11 -31.15
CA TYR A 266 -34.93 -24.28 -29.74
C TYR A 266 -34.35 -22.97 -29.22
N VAL A 267 -34.87 -22.48 -28.09
CA VAL A 267 -34.43 -21.22 -27.53
C VAL A 267 -33.98 -21.44 -26.09
N GLY A 268 -32.74 -21.07 -25.79
CA GLY A 268 -32.24 -21.09 -24.43
C GLY A 268 -31.63 -19.75 -24.08
N TYR A 269 -31.35 -19.57 -22.80
CA TYR A 269 -30.84 -18.30 -22.30
C TYR A 269 -29.45 -18.48 -21.71
N LEU A 270 -28.58 -17.51 -21.98
CA LEU A 270 -27.21 -17.53 -21.50
C LEU A 270 -27.13 -16.97 -20.09
N GLN A 271 -26.27 -17.57 -19.28
CA GLN A 271 -26.01 -17.12 -17.93
C GLN A 271 -24.51 -16.98 -17.73
N PRO A 272 -24.07 -16.12 -16.80
CA PRO A 272 -22.64 -16.01 -16.53
C PRO A 272 -22.12 -17.23 -15.78
N ARG A 273 -21.34 -18.06 -16.47
CA ARG A 273 -20.81 -19.29 -15.89
C ARG A 273 -19.37 -19.46 -16.33
N THR A 274 -18.65 -20.27 -15.57
CA THR A 274 -17.25 -20.57 -15.86
C THR A 274 -17.16 -21.93 -16.54
N PHE A 275 -16.53 -21.98 -17.70
CA PHE A 275 -16.35 -23.20 -18.47
C PHE A 275 -14.88 -23.50 -18.64
N LEU A 276 -14.53 -24.77 -18.48
CA LEU A 276 -13.18 -25.26 -18.74
C LEU A 276 -13.21 -25.96 -20.10
N LEU A 277 -12.57 -25.34 -21.08
CA LEU A 277 -12.60 -25.79 -22.47
C LEU A 277 -11.28 -26.45 -22.82
N LYS A 278 -11.33 -27.65 -23.38
CA LYS A 278 -10.16 -28.37 -23.82
C LYS A 278 -10.03 -28.22 -25.32
N TYR A 279 -8.94 -27.60 -25.75
CA TYR A 279 -8.58 -27.48 -27.16
C TYR A 279 -7.84 -28.73 -27.61
N ASN A 280 -7.28 -28.68 -28.82
CA ASN A 280 -6.51 -29.80 -29.35
C ASN A 280 -5.25 -29.29 -30.03
N GLU A 281 -4.61 -30.14 -30.82
CA GLU A 281 -3.44 -29.69 -31.59
C GLU A 281 -3.80 -28.53 -32.49
N ASN A 282 -5.00 -28.53 -33.07
CA ASN A 282 -5.49 -27.40 -33.83
C ASN A 282 -6.05 -26.38 -32.84
N GLY A 283 -6.73 -25.35 -33.35
CA GLY A 283 -7.32 -24.36 -32.48
C GLY A 283 -8.73 -24.65 -32.01
N THR A 284 -9.30 -25.79 -32.38
CA THR A 284 -10.69 -26.06 -32.10
C THR A 284 -10.90 -26.44 -30.63
N ILE A 285 -12.08 -26.11 -30.12
CA ILE A 285 -12.48 -26.49 -28.77
C ILE A 285 -13.01 -27.92 -28.85
N THR A 286 -12.17 -28.89 -28.49
CA THR A 286 -12.57 -30.29 -28.63
C THR A 286 -13.60 -30.68 -27.58
N ASP A 287 -13.42 -30.24 -26.34
CA ASP A 287 -14.33 -30.66 -25.27
C ASP A 287 -14.54 -29.51 -24.30
N ALA A 288 -15.47 -29.70 -23.38
CA ALA A 288 -15.77 -28.65 -22.41
C ALA A 288 -16.48 -29.24 -21.21
N VAL A 289 -16.26 -28.61 -20.05
CA VAL A 289 -17.01 -28.89 -18.83
C VAL A 289 -17.43 -27.57 -18.21
N ASP A 290 -18.48 -27.63 -17.39
CA ASP A 290 -18.99 -26.47 -16.68
C ASP A 290 -18.76 -26.66 -15.19
N CYS A 291 -18.24 -25.62 -14.53
CA CYS A 291 -17.83 -25.74 -13.14
C CYS A 291 -19.00 -25.85 -12.18
N ALA A 292 -20.24 -25.66 -12.63
CA ALA A 292 -21.40 -25.67 -11.75
C ALA A 292 -22.46 -26.66 -12.23
N LEU A 293 -22.05 -27.86 -12.63
CA LEU A 293 -23.00 -28.91 -12.98
C LEU A 293 -23.13 -29.93 -11.86
N ASP A 294 -22.01 -30.52 -11.46
CA ASP A 294 -21.99 -31.50 -10.38
C ASP A 294 -20.67 -31.36 -9.66
N PRO A 295 -20.50 -32.02 -8.50
CA PRO A 295 -19.22 -31.92 -7.80
C PRO A 295 -18.02 -32.33 -8.63
N LEU A 296 -18.16 -33.35 -9.48
CA LEU A 296 -17.02 -33.81 -10.27
C LEU A 296 -16.57 -32.76 -11.26
N SER A 297 -17.51 -32.07 -11.91
CA SER A 297 -17.14 -31.04 -12.87
C SER A 297 -16.47 -29.86 -12.17
N GLU A 298 -16.96 -29.50 -10.99
CA GLU A 298 -16.30 -28.44 -10.21
C GLU A 298 -14.89 -28.85 -9.82
N THR A 299 -14.71 -30.12 -9.43
CA THR A 299 -13.37 -30.61 -9.11
C THR A 299 -12.46 -30.54 -10.32
N LYS A 300 -12.97 -30.92 -11.50
CA LYS A 300 -12.19 -30.82 -12.73
C LYS A 300 -11.79 -29.38 -13.00
N CYS A 301 -12.72 -28.44 -12.76
CA CYS A 301 -12.41 -27.03 -12.93
C CYS A 301 -11.30 -26.58 -11.98
N THR A 302 -11.35 -27.05 -10.73
CA THR A 302 -10.31 -26.69 -9.77
C THR A 302 -8.96 -27.27 -10.16
N LEU A 303 -8.94 -28.53 -10.59
CA LEU A 303 -7.70 -29.18 -10.96
C LEU A 303 -7.21 -28.80 -12.36
N LYS A 304 -8.03 -28.09 -13.14
CA LYS A 304 -7.67 -27.67 -14.49
C LYS A 304 -7.27 -28.88 -15.34
N SER A 305 -8.01 -29.98 -15.19
CA SER A 305 -7.75 -31.19 -15.95
C SER A 305 -9.04 -31.96 -16.10
N PHE A 306 -9.14 -32.70 -17.21
CA PHE A 306 -10.33 -33.52 -17.44
C PHE A 306 -10.31 -34.81 -16.63
N THR A 307 -9.13 -35.29 -16.25
CA THR A 307 -8.98 -36.51 -15.48
C THR A 307 -8.69 -36.15 -14.04
N VAL A 308 -9.51 -36.67 -13.12
CA VAL A 308 -9.38 -36.41 -11.70
C VAL A 308 -8.83 -37.69 -11.05
N GLU A 309 -7.66 -37.56 -10.42
CA GLU A 309 -7.08 -38.71 -9.74
C GLU A 309 -7.85 -39.03 -8.47
N LYS A 310 -7.72 -40.28 -8.04
CA LYS A 310 -8.39 -40.72 -6.81
C LYS A 310 -7.88 -39.91 -5.63
N GLY A 311 -8.82 -39.40 -4.83
CA GLY A 311 -8.47 -38.62 -3.67
C GLY A 311 -9.63 -37.75 -3.23
N ILE A 312 -9.32 -36.80 -2.35
CA ILE A 312 -10.28 -35.85 -1.82
C ILE A 312 -9.77 -34.44 -2.10
N TYR A 313 -10.62 -33.59 -2.65
CA TYR A 313 -10.21 -32.27 -3.11
C TYR A 313 -11.14 -31.20 -2.58
N GLN A 314 -10.55 -30.15 -1.99
CA GLN A 314 -11.32 -28.96 -1.64
C GLN A 314 -11.71 -28.22 -2.89
N THR A 315 -12.99 -27.88 -3.03
CA THR A 315 -13.48 -27.20 -4.22
C THR A 315 -14.06 -25.83 -3.93
N SER A 316 -14.94 -25.71 -2.94
CA SER A 316 -15.55 -24.42 -2.62
C SER A 316 -15.89 -24.40 -1.14
N ASN A 317 -16.70 -23.41 -0.74
CA ASN A 317 -17.08 -23.23 0.65
C ASN A 317 -18.60 -23.20 0.76
N PHE A 318 -19.16 -24.16 1.49
CA PHE A 318 -20.56 -24.12 1.86
C PHE A 318 -20.81 -23.00 2.87
N ARG A 319 -21.89 -22.25 2.61
CA ARG A 319 -22.24 -21.11 3.44
C ARG A 319 -23.75 -21.01 3.49
N VAL A 320 -24.24 -20.25 4.48
CA VAL A 320 -25.67 -19.99 4.63
C VAL A 320 -25.92 -18.52 4.33
N GLN A 321 -26.86 -18.26 3.43
CA GLN A 321 -27.16 -16.89 3.04
C GLN A 321 -28.30 -16.37 3.93
N PRO A 322 -28.04 -15.41 4.80
CA PRO A 322 -29.11 -14.92 5.68
C PRO A 322 -30.18 -14.16 4.91
N THR A 323 -31.39 -14.18 5.45
CA THR A 323 -32.53 -13.49 4.87
C THR A 323 -33.37 -12.89 5.99
N GLU A 324 -34.25 -11.97 5.61
CA GLU A 324 -35.17 -11.29 6.54
C GLU A 324 -34.39 -10.55 7.64
N SER A 325 -33.65 -9.54 7.19
CA SER A 325 -32.90 -8.69 8.10
C SER A 325 -33.85 -7.99 9.07
N ILE A 326 -33.44 -7.92 10.34
CA ILE A 326 -34.24 -7.33 11.42
C ILE A 326 -33.43 -6.24 12.10
N VAL A 327 -34.09 -5.12 12.38
CA VAL A 327 -33.47 -3.99 13.07
C VAL A 327 -34.24 -3.74 14.36
N ARG A 328 -33.51 -3.45 15.43
CA ARG A 328 -34.10 -3.27 16.74
C ARG A 328 -33.63 -1.95 17.34
N PHE A 329 -34.56 -1.21 17.91
CA PHE A 329 -34.32 0.08 18.55
C PHE A 329 -35.16 0.13 19.81
N PRO A 330 -34.89 1.06 20.78
CA PRO A 330 -35.80 1.23 21.95
C PRO A 330 -37.22 1.54 21.46
N ASN A 331 -38.23 1.23 22.26
CA ASN A 331 -39.65 1.37 21.79
C ASN A 331 -40.27 2.73 22.16
N ILE A 332 -39.51 3.57 22.88
CA ILE A 332 -40.07 4.84 23.44
C ILE A 332 -40.20 5.94 22.38
N THR A 333 -41.44 6.39 22.13
CA THR A 333 -41.63 7.54 21.22
C THR A 333 -40.98 8.77 21.86
N ASN A 334 -41.09 8.91 23.19
CA ASN A 334 -40.49 10.06 23.95
C ASN A 334 -41.43 11.26 23.85
N LEU A 335 -42.56 11.12 23.17
CA LEU A 335 -43.58 12.21 23.13
C LEU A 335 -42.97 13.56 22.72
N CYS A 336 -42.26 13.64 21.59
CA CYS A 336 -41.79 14.99 21.16
C CYS A 336 -43.04 15.87 21.04
N PRO A 337 -43.05 17.10 21.59
CA PRO A 337 -44.27 17.92 21.60
C PRO A 337 -44.54 18.74 20.34
N PHE A 338 -44.83 18.08 19.21
CA PHE A 338 -45.22 18.83 17.99
C PHE A 338 -46.54 19.54 18.24
N GLY A 339 -47.49 18.87 18.91
CA GLY A 339 -48.84 19.45 19.09
C GLY A 339 -48.81 20.74 19.87
N GLU A 340 -47.97 20.83 20.91
CA GLU A 340 -47.92 22.04 21.75
C GLU A 340 -47.84 23.29 20.86
N VAL A 341 -47.24 23.18 19.67
CA VAL A 341 -47.10 24.35 18.76
C VAL A 341 -48.25 24.34 17.74
N PHE A 342 -48.52 23.19 17.12
CA PHE A 342 -49.54 23.15 16.03
C PHE A 342 -50.93 23.52 16.56
N ASN A 343 -51.34 22.97 17.71
CA ASN A 343 -52.63 23.44 18.30
C ASN A 343 -52.30 24.20 19.58
N ALA A 344 -52.35 25.53 19.54
CA ALA A 344 -51.98 26.35 20.72
C ALA A 344 -53.17 27.20 21.17
N THR A 345 -54.40 26.82 20.76
CA THR A 345 -55.58 27.69 21.07
C THR A 345 -55.34 29.04 20.42
N ARG A 346 -55.30 30.12 21.20
CA ARG A 346 -54.99 31.47 20.63
C ARG A 346 -53.61 31.40 19.98
N PHE A 347 -53.47 31.97 18.78
CA PHE A 347 -52.18 31.88 18.04
C PHE A 347 -51.44 33.21 18.17
N ALA A 348 -50.10 33.15 18.24
CA ALA A 348 -49.29 34.37 18.43
C ALA A 348 -49.43 35.30 17.22
N SER A 349 -49.36 36.61 17.45
CA SER A 349 -49.46 37.59 16.34
C SER A 349 -48.18 37.54 15.49
N VAL A 350 -48.15 38.26 14.38
CA VAL A 350 -47.00 38.22 13.47
C VAL A 350 -45.93 39.24 13.86
N TYR A 351 -46.29 40.39 14.42
CA TYR A 351 -45.28 41.37 14.80
C TYR A 351 -44.44 40.87 15.97
N ALA A 352 -45.07 40.16 16.91
CA ALA A 352 -44.38 39.52 18.03
C ALA A 352 -44.72 38.05 17.98
N TRP A 353 -43.97 37.30 17.16
CA TRP A 353 -44.18 35.87 17.03
C TRP A 353 -43.62 35.12 18.22
N ASN A 354 -44.16 33.93 18.45
CA ASN A 354 -43.75 33.09 19.57
C ASN A 354 -42.86 31.95 19.08
N ARG A 355 -41.80 31.70 19.85
CA ARG A 355 -40.80 30.69 19.51
C ARG A 355 -40.75 29.64 20.61
N LYS A 356 -40.76 28.37 20.21
CA LYS A 356 -40.69 27.25 21.15
C LYS A 356 -39.51 26.36 20.79
N ARG A 357 -38.89 25.79 21.82
CA ARG A 357 -37.69 24.98 21.70
C ARG A 357 -38.04 23.50 21.85
N ILE A 358 -37.68 22.70 20.84
CA ILE A 358 -37.97 21.28 20.80
C ILE A 358 -36.65 20.54 20.66
N SER A 359 -36.43 19.57 21.55
CA SER A 359 -35.21 18.77 21.58
C SER A 359 -35.38 17.67 22.60
N ASN A 360 -34.36 16.83 22.72
CA ASN A 360 -34.27 15.81 23.76
C ASN A 360 -35.45 14.83 23.69
N CYS A 361 -35.88 14.50 22.48
CA CYS A 361 -36.95 13.52 22.31
C CYS A 361 -36.84 12.92 20.92
N VAL A 362 -37.52 11.79 20.71
CA VAL A 362 -37.48 11.06 19.45
C VAL A 362 -38.70 11.45 18.64
N ALA A 363 -38.48 12.09 17.49
CA ALA A 363 -39.54 12.71 16.72
C ALA A 363 -40.00 11.81 15.59
N ASP A 364 -41.29 11.87 15.27
CA ASP A 364 -41.90 11.11 14.19
C ASP A 364 -42.44 12.11 13.17
N TYR A 365 -41.59 12.49 12.21
CA TYR A 365 -41.98 13.49 11.22
C TYR A 365 -42.96 12.93 10.18
N SER A 366 -42.95 11.61 9.99
CA SER A 366 -43.74 11.02 8.90
C SER A 366 -45.23 11.25 9.09
N VAL A 367 -45.72 11.08 10.33
CA VAL A 367 -47.15 11.27 10.57
C VAL A 367 -47.56 12.71 10.34
N LEU A 368 -46.73 13.65 10.79
CA LEU A 368 -47.04 15.07 10.59
C LEU A 368 -47.01 15.44 9.11
N TYR A 369 -46.07 14.85 8.36
CA TYR A 369 -45.94 15.20 6.95
C TYR A 369 -47.17 14.78 6.16
N ASN A 370 -47.68 13.58 6.40
CA ASN A 370 -48.86 13.08 5.69
C ASN A 370 -50.10 13.52 6.45
N SER A 371 -50.41 14.82 6.32
CA SER A 371 -51.53 15.44 7.02
C SER A 371 -52.41 16.16 6.01
N ALA A 372 -53.70 15.81 6.00
CA ALA A 372 -54.64 16.51 5.13
C ALA A 372 -54.96 17.90 5.64
N SER A 373 -54.82 18.13 6.96
CA SER A 373 -55.15 19.43 7.53
C SER A 373 -54.21 20.52 7.03
N PHE A 374 -52.92 20.21 6.92
CA PHE A 374 -51.91 21.22 6.56
C PHE A 374 -51.93 21.39 5.05
N SER A 375 -52.53 22.49 4.58
CA SER A 375 -52.69 22.70 3.15
C SER A 375 -51.36 23.06 2.50
N THR A 376 -50.59 23.95 3.11
CA THR A 376 -49.33 24.42 2.55
C THR A 376 -48.17 23.78 3.29
N PHE A 377 -47.35 23.04 2.54
CA PHE A 377 -46.21 22.32 3.12
C PHE A 377 -45.11 22.26 2.08
N LYS A 378 -44.15 23.18 2.17
CA LYS A 378 -43.02 23.24 1.25
C LYS A 378 -41.74 23.31 2.07
N CYS A 379 -40.77 22.44 1.76
CA CYS A 379 -39.55 22.37 2.54
C CYS A 379 -38.32 22.48 1.66
N TYR A 380 -37.25 23.00 2.25
CA TYR A 380 -36.02 23.33 1.55
C TYR A 380 -34.87 22.49 2.06
N GLY A 381 -34.13 21.88 1.15
CA GLY A 381 -32.92 21.14 1.49
C GLY A 381 -33.14 19.92 2.36
N VAL A 382 -34.27 19.22 2.18
CA VAL A 382 -34.55 18.02 2.97
C VAL A 382 -35.66 17.24 2.28
N SER A 383 -35.67 15.92 2.46
CA SER A 383 -36.73 15.06 1.96
C SER A 383 -37.57 14.56 3.12
N PRO A 384 -38.90 14.65 3.03
CA PRO A 384 -39.75 14.21 4.14
C PRO A 384 -39.57 12.74 4.48
N THR A 385 -39.26 11.90 3.50
CA THR A 385 -39.05 10.48 3.78
C THR A 385 -37.81 10.26 4.65
N LYS A 386 -36.74 11.01 4.39
CA LYS A 386 -35.50 10.90 5.14
C LYS A 386 -35.46 11.80 6.38
N LEU A 387 -36.55 12.51 6.68
CA LEU A 387 -36.57 13.38 7.84
C LEU A 387 -36.31 12.60 9.12
N ASN A 388 -36.79 11.35 9.19
CA ASN A 388 -36.54 10.52 10.35
C ASN A 388 -35.04 10.20 10.48
N ASP A 389 -34.39 9.91 9.36
CA ASP A 389 -32.97 9.57 9.40
C ASP A 389 -32.13 10.75 9.88
N LEU A 390 -32.42 11.95 9.41
CA LEU A 390 -31.67 13.12 9.83
C LEU A 390 -31.93 13.44 11.29
N CYS A 391 -30.85 13.81 12.00
CA CYS A 391 -30.94 14.18 13.40
C CYS A 391 -30.45 15.62 13.56
N PHE A 392 -31.06 16.33 14.51
CA PHE A 392 -30.78 17.74 14.71
C PHE A 392 -30.57 18.03 16.19
N THR A 393 -29.71 19.02 16.47
CA THR A 393 -29.44 19.39 17.84
C THR A 393 -30.61 20.14 18.46
N ASN A 394 -31.16 21.11 17.72
CA ASN A 394 -32.27 21.91 18.25
C ASN A 394 -33.32 22.12 17.18
N VAL A 395 -34.57 22.35 17.60
CA VAL A 395 -35.64 22.73 16.71
C VAL A 395 -36.31 23.97 17.30
N TYR A 396 -36.46 25.01 16.49
CA TYR A 396 -37.16 26.22 16.90
C TYR A 396 -38.42 26.38 16.06
N ALA A 397 -39.57 26.45 16.73
CA ALA A 397 -40.86 26.59 16.06
C ALA A 397 -41.39 27.99 16.31
N ASP A 398 -41.62 28.74 15.23
CA ASP A 398 -42.13 30.10 15.29
C ASP A 398 -43.56 30.12 14.76
N SER A 399 -44.47 30.69 15.53
CA SER A 399 -45.90 30.62 15.22
C SER A 399 -46.44 32.02 14.98
N PHE A 400 -47.20 32.20 13.89
CA PHE A 400 -47.82 33.48 13.59
C PHE A 400 -48.93 33.29 12.57
N VAL A 401 -49.76 34.33 12.42
CA VAL A 401 -50.89 34.33 11.52
C VAL A 401 -50.70 35.44 10.47
N ILE A 402 -51.01 35.12 9.22
CA ILE A 402 -50.90 36.07 8.12
C ILE A 402 -52.07 35.86 7.16
N ARG A 403 -52.12 36.70 6.13
CA ARG A 403 -53.14 36.58 5.11
C ARG A 403 -52.79 35.45 4.14
N GLY A 404 -53.72 35.17 3.22
CA GLY A 404 -53.46 34.16 2.20
C GLY A 404 -52.36 34.56 1.25
N ASP A 405 -52.33 35.83 0.84
CA ASP A 405 -51.30 36.29 -0.08
C ASP A 405 -49.93 36.31 0.59
N GLU A 406 -49.89 36.62 1.88
CA GLU A 406 -48.62 36.71 2.59
C GLU A 406 -47.96 35.36 2.81
N VAL A 407 -48.66 34.25 2.56
CA VAL A 407 -48.04 32.93 2.73
C VAL A 407 -46.88 32.76 1.76
N ARG A 408 -47.07 33.19 0.51
CA ARG A 408 -45.98 33.12 -0.46
C ARG A 408 -44.85 34.07 -0.08
N GLN A 409 -45.15 35.15 0.63
CA GLN A 409 -44.11 36.11 1.01
C GLN A 409 -43.12 35.51 2.00
N ILE A 410 -43.58 34.61 2.87
CA ILE A 410 -42.71 34.00 3.86
C ILE A 410 -41.93 32.87 3.21
N ALA A 411 -40.75 33.18 2.69
CA ALA A 411 -39.88 32.21 2.04
C ALA A 411 -38.47 32.76 2.00
N PRO A 412 -37.45 31.90 2.09
CA PRO A 412 -36.07 32.40 2.05
C PRO A 412 -35.78 33.12 0.74
N GLY A 413 -35.02 34.21 0.84
CA GLY A 413 -34.63 34.97 -0.33
C GLY A 413 -35.76 35.68 -1.03
N GLN A 414 -36.92 35.81 -0.39
CA GLN A 414 -38.06 36.51 -0.96
C GLN A 414 -38.47 37.65 -0.05
N THR A 415 -38.71 38.82 -0.63
CA THR A 415 -39.02 40.02 0.12
C THR A 415 -40.51 40.34 0.02
N GLY A 416 -41.00 41.06 1.02
CA GLY A 416 -42.39 41.46 1.06
C GLY A 416 -42.63 42.38 2.24
N LYS A 417 -43.85 42.90 2.31
CA LYS A 417 -44.20 43.80 3.41
C LYS A 417 -44.12 43.08 4.75
N ILE A 418 -44.67 41.86 4.83
CA ILE A 418 -44.57 41.09 6.05
C ILE A 418 -43.15 40.59 6.27
N ALA A 419 -42.50 40.13 5.20
CA ALA A 419 -41.17 39.54 5.35
C ALA A 419 -40.15 40.56 5.83
N ASP A 420 -40.21 41.78 5.30
CA ASP A 420 -39.19 42.77 5.64
C ASP A 420 -39.33 43.27 7.07
N TYR A 421 -40.56 43.44 7.55
CA TYR A 421 -40.80 44.13 8.81
C TYR A 421 -41.34 43.25 9.93
N ASN A 422 -41.72 42.00 9.65
CA ASN A 422 -42.26 41.14 10.68
C ASN A 422 -41.42 39.88 10.90
N TYR A 423 -41.13 39.12 9.85
CA TYR A 423 -40.43 37.84 9.99
C TYR A 423 -39.52 37.65 8.79
N LYS A 424 -38.23 37.47 9.04
CA LYS A 424 -37.23 37.33 8.00
C LYS A 424 -36.65 35.92 8.00
N LEU A 425 -36.35 35.42 6.80
CA LEU A 425 -35.79 34.08 6.63
C LEU A 425 -34.36 34.18 6.11
N PRO A 426 -33.41 33.50 6.73
CA PRO A 426 -32.03 33.52 6.22
C PRO A 426 -31.92 32.78 4.90
N ASP A 427 -30.89 33.13 4.14
CA ASP A 427 -30.66 32.51 2.84
C ASP A 427 -30.38 31.02 2.98
N ASP A 428 -29.58 30.64 3.98
CA ASP A 428 -29.22 29.25 4.23
C ASP A 428 -30.16 28.58 5.23
N PHE A 429 -31.42 29.00 5.27
CA PHE A 429 -32.36 28.50 6.27
C PHE A 429 -32.55 26.99 6.14
N THR A 430 -32.46 26.29 7.26
CA THR A 430 -32.69 24.86 7.33
C THR A 430 -33.96 24.61 8.14
N GLY A 431 -34.89 23.87 7.55
CA GLY A 431 -36.22 23.68 8.06
C GLY A 431 -37.23 24.07 7.02
N CYS A 432 -38.47 24.31 7.45
CA CYS A 432 -39.50 24.72 6.50
C CYS A 432 -40.74 25.19 7.23
N VAL A 433 -41.74 25.60 6.45
CA VAL A 433 -42.93 26.29 6.91
C VAL A 433 -44.16 25.43 6.63
N ILE A 434 -45.10 25.44 7.57
CA ILE A 434 -46.36 24.72 7.47
C ILE A 434 -47.49 25.71 7.69
N ALA A 435 -48.44 25.77 6.76
CA ALA A 435 -49.53 26.71 6.84
C ALA A 435 -50.86 26.00 6.62
N TRP A 436 -51.86 26.37 7.42
CA TRP A 436 -53.19 25.80 7.22
C TRP A 436 -54.25 26.85 7.52
N ASN A 437 -55.40 26.68 6.86
CA ASN A 437 -56.49 27.65 6.99
C ASN A 437 -57.16 27.52 8.35
N SER A 438 -57.51 28.68 8.93
CA SER A 438 -58.16 28.74 10.22
C SER A 438 -59.28 29.77 10.21
N ASN A 439 -60.07 29.78 9.14
CA ASN A 439 -61.16 30.74 9.04
C ASN A 439 -62.23 30.51 10.10
N ASN A 440 -62.31 29.31 10.67
CA ASN A 440 -63.29 29.03 11.71
C ASN A 440 -62.75 29.32 13.11
N LEU A 441 -61.45 29.09 13.32
CA LEU A 441 -60.89 29.29 14.65
C LEU A 441 -60.72 30.76 14.99
N ASP A 442 -60.29 31.57 14.03
CA ASP A 442 -59.99 32.99 14.25
C ASP A 442 -60.88 33.81 13.32
N SER A 443 -62.07 34.14 13.78
CA SER A 443 -63.00 34.96 13.00
C SER A 443 -64.09 35.50 13.92
N LYS A 444 -64.66 36.63 13.51
CA LYS A 444 -65.80 37.24 14.17
C LYS A 444 -66.68 37.87 13.09
N VAL A 445 -67.95 38.12 13.44
CA VAL A 445 -68.91 38.62 12.46
C VAL A 445 -68.44 39.93 11.84
N GLY A 446 -67.84 40.80 12.65
CA GLY A 446 -67.31 42.05 12.13
C GLY A 446 -66.57 42.81 13.21
N GLY A 447 -65.66 43.67 12.78
CA GLY A 447 -64.91 44.51 13.69
C GLY A 447 -63.43 44.45 13.40
N ASN A 448 -62.67 45.08 14.28
CA ASN A 448 -61.21 45.11 14.21
C ASN A 448 -60.65 44.17 15.27
N TYR A 449 -59.62 43.42 14.92
CA TYR A 449 -59.09 42.36 15.75
C TYR A 449 -57.75 42.78 16.35
N ASN A 450 -57.36 42.04 17.40
CA ASN A 450 -56.10 42.33 18.08
C ASN A 450 -54.89 41.92 17.24
N TYR A 451 -55.08 41.09 16.22
CA TYR A 451 -53.98 40.74 15.34
C TYR A 451 -53.48 41.97 14.60
N LEU A 452 -52.16 42.17 14.63
CA LEU A 452 -51.55 43.37 14.07
C LEU A 452 -50.28 42.99 13.32
N TYR A 453 -49.92 43.82 12.35
CA TYR A 453 -48.67 43.68 11.63
C TYR A 453 -48.02 45.05 11.46
N ARG A 454 -46.69 45.05 11.34
CA ARG A 454 -45.92 46.28 11.30
C ARG A 454 -45.85 46.78 9.86
N LEU A 455 -46.61 47.83 9.56
CA LEU A 455 -46.56 48.43 8.23
C LEU A 455 -45.29 49.24 8.03
N PHE A 456 -44.91 50.03 9.02
CA PHE A 456 -43.81 50.98 8.91
C PHE A 456 -42.64 50.57 9.79
N ARG A 457 -41.44 50.76 9.27
CA ARG A 457 -40.22 50.55 10.04
C ARG A 457 -39.09 51.35 9.41
N LYS A 458 -38.11 51.72 10.22
CA LYS A 458 -37.00 52.52 9.72
C LYS A 458 -36.16 51.76 8.70
N SER A 459 -35.94 50.46 8.93
CA SER A 459 -35.14 49.65 8.04
C SER A 459 -35.59 48.20 8.14
N ASN A 460 -35.14 47.39 7.18
CA ASN A 460 -35.52 45.99 7.15
C ASN A 460 -34.92 45.22 8.32
N LEU A 461 -35.58 44.11 8.67
CA LEU A 461 -35.12 43.29 9.78
C LEU A 461 -33.94 42.43 9.39
N LYS A 462 -33.09 42.15 10.38
CA LYS A 462 -32.08 41.12 10.24
C LYS A 462 -32.76 39.75 10.34
N PRO A 463 -32.12 38.70 9.82
CA PRO A 463 -32.74 37.37 9.91
C PRO A 463 -33.02 36.98 11.35
N PHE A 464 -34.22 36.45 11.57
CA PHE A 464 -34.68 36.00 12.90
C PHE A 464 -34.55 37.12 13.93
N GLU A 465 -35.09 38.29 13.61
CA GLU A 465 -35.10 39.43 14.50
C GLU A 465 -36.55 39.78 14.86
N ARG A 466 -36.79 40.02 16.14
CA ARG A 466 -38.13 40.32 16.64
C ARG A 466 -38.18 41.78 17.07
N ASP A 467 -39.22 42.48 16.62
CA ASP A 467 -39.39 43.91 16.89
C ASP A 467 -40.50 44.08 17.91
N ILE A 468 -40.13 44.07 19.19
CA ILE A 468 -41.11 44.22 20.27
C ILE A 468 -41.66 45.64 20.30
N SER A 469 -40.80 46.63 20.07
CA SER A 469 -41.19 48.03 20.27
C SER A 469 -42.33 48.41 19.33
N THR A 470 -43.25 49.23 19.85
CA THR A 470 -44.40 49.71 19.11
C THR A 470 -44.45 51.23 19.05
N GLU A 471 -43.28 51.88 19.09
CA GLU A 471 -43.22 53.32 19.03
C GLU A 471 -43.64 53.82 17.65
N ILE A 472 -44.11 55.07 17.60
CA ILE A 472 -44.62 55.63 16.36
C ILE A 472 -43.48 55.81 15.36
N TYR A 473 -43.81 55.64 14.08
CA TYR A 473 -42.84 55.80 12.99
C TYR A 473 -42.94 57.22 12.45
N GLN A 474 -41.86 57.99 12.60
CA GLN A 474 -41.83 59.38 12.14
C GLN A 474 -41.65 59.37 10.63
N ALA A 475 -42.76 59.19 9.92
CA ALA A 475 -42.75 59.21 8.46
C ALA A 475 -42.32 60.58 7.94
N GLY A 476 -43.02 61.62 8.36
CA GLY A 476 -42.60 62.98 8.05
C GLY A 476 -41.31 63.33 8.75
N SER A 477 -40.28 63.66 7.97
CA SER A 477 -38.99 63.98 8.57
C SER A 477 -39.05 65.22 9.44
N THR A 478 -40.08 66.05 9.23
CA THR A 478 -40.30 67.21 10.10
C THR A 478 -40.58 66.73 11.51
N PRO A 479 -39.97 67.35 12.51
CA PRO A 479 -40.17 66.90 13.90
C PRO A 479 -41.61 67.03 14.36
N CYS A 480 -42.28 65.89 14.60
CA CYS A 480 -43.61 65.91 15.19
C CYS A 480 -43.56 65.75 16.71
N ASN A 481 -42.37 65.67 17.29
CA ASN A 481 -42.18 65.63 18.74
C ASN A 481 -42.97 64.49 19.39
N GLY A 482 -42.99 63.35 18.71
CA GLY A 482 -43.65 62.17 19.26
C GLY A 482 -45.14 62.34 19.48
N VAL A 483 -45.83 62.98 18.55
CA VAL A 483 -47.28 63.17 18.63
C VAL A 483 -47.92 62.29 17.57
N GLU A 484 -48.80 61.40 18.00
CA GLU A 484 -49.49 60.51 17.08
C GLU A 484 -50.40 61.32 16.16
N GLY A 485 -50.36 61.01 14.87
CA GLY A 485 -51.18 61.74 13.91
C GLY A 485 -50.57 61.67 12.53
N PHE A 486 -50.83 62.71 11.74
CA PHE A 486 -50.36 62.77 10.37
C PHE A 486 -48.84 62.80 10.33
N ASN A 487 -48.28 62.08 9.36
CA ASN A 487 -46.85 61.97 9.08
C ASN A 487 -46.06 61.28 10.19
N CYS A 488 -46.72 60.85 11.27
CA CYS A 488 -46.10 60.09 12.35
C CYS A 488 -47.00 58.92 12.73
N TYR A 489 -47.42 58.16 11.73
CA TYR A 489 -48.43 57.13 11.89
C TYR A 489 -47.98 56.03 12.84
N PHE A 490 -48.95 55.31 13.38
CA PHE A 490 -48.69 54.16 14.24
C PHE A 490 -48.28 52.96 13.38
N PRO A 491 -47.15 52.31 13.69
CA PRO A 491 -46.69 51.21 12.83
C PRO A 491 -47.65 50.04 12.74
N LEU A 492 -48.37 49.72 13.82
CA LEU A 492 -49.22 48.53 13.83
C LEU A 492 -50.51 48.76 13.05
N GLN A 493 -50.89 47.77 12.26
CA GLN A 493 -52.13 47.81 11.48
C GLN A 493 -52.87 46.50 11.70
N SER A 494 -54.19 46.59 11.90
CA SER A 494 -55.00 45.42 12.17
C SER A 494 -55.29 44.64 10.90
N TYR A 495 -55.37 43.32 11.03
CA TYR A 495 -55.64 42.46 9.88
C TYR A 495 -57.10 42.54 9.45
N GLY A 496 -58.03 42.52 10.40
CA GLY A 496 -59.44 42.58 10.08
C GLY A 496 -59.97 41.38 9.31
N PHE A 497 -59.61 40.17 9.75
CA PHE A 497 -60.08 38.95 9.09
C PHE A 497 -61.59 38.82 9.21
N GLN A 498 -62.24 38.47 8.11
CA GLN A 498 -63.68 38.29 8.11
C GLN A 498 -64.06 36.96 7.45
N PRO A 499 -65.12 36.32 7.92
CA PRO A 499 -65.56 35.07 7.27
C PRO A 499 -65.96 35.25 5.81
N THR A 500 -66.53 36.40 5.46
CA THR A 500 -66.97 36.66 4.10
C THR A 500 -65.81 37.06 3.18
N ASN A 501 -64.65 37.36 3.73
CA ASN A 501 -63.51 37.78 2.93
C ASN A 501 -63.06 36.68 1.99
N GLY A 502 -62.44 37.10 0.89
CA GLY A 502 -61.98 36.15 -0.12
C GLY A 502 -60.83 35.30 0.37
N VAL A 503 -60.50 34.29 -0.44
CA VAL A 503 -59.46 33.33 -0.06
C VAL A 503 -58.13 34.01 0.16
N GLY A 504 -57.86 35.11 -0.55
CA GLY A 504 -56.64 35.85 -0.33
C GLY A 504 -56.57 36.49 1.05
N TYR A 505 -57.72 36.91 1.58
CA TYR A 505 -57.77 37.60 2.87
C TYR A 505 -58.07 36.67 4.04
N GLN A 506 -58.28 35.38 3.79
CA GLN A 506 -58.51 34.45 4.89
C GLN A 506 -57.25 34.30 5.73
N PRO A 507 -57.39 34.15 7.04
CA PRO A 507 -56.20 33.98 7.89
C PRO A 507 -55.64 32.58 7.78
N TYR A 508 -54.31 32.49 7.85
CA TYR A 508 -53.59 31.23 7.74
C TYR A 508 -52.68 31.08 8.94
N ARG A 509 -52.90 30.03 9.73
CA ARG A 509 -52.00 29.72 10.83
C ARG A 509 -50.71 29.14 10.24
N VAL A 510 -49.57 29.71 10.62
CA VAL A 510 -48.29 29.40 10.02
C VAL A 510 -47.30 29.09 11.14
N VAL A 511 -46.63 27.95 11.01
CA VAL A 511 -45.56 27.56 11.93
C VAL A 511 -44.31 27.25 11.11
N VAL A 512 -43.20 27.87 11.47
CA VAL A 512 -41.93 27.69 10.77
C VAL A 512 -40.99 26.95 11.71
N LEU A 513 -40.50 25.79 11.25
CA LEU A 513 -39.57 24.99 12.01
C LEU A 513 -38.17 25.19 11.45
N SER A 514 -37.24 25.57 12.32
CA SER A 514 -35.84 25.76 11.96
C SER A 514 -35.01 24.73 12.70
N PHE A 515 -34.19 23.99 11.96
CA PHE A 515 -33.38 22.92 12.52
C PHE A 515 -31.95 23.42 12.69
N GLU A 516 -31.42 23.32 13.90
CA GLU A 516 -30.10 23.82 14.23
C GLU A 516 -29.16 22.67 14.54
N LEU A 517 -28.02 22.66 13.86
CA LEU A 517 -26.94 21.71 14.09
C LEU A 517 -25.75 22.48 14.64
N LEU A 518 -25.01 21.85 15.56
CA LEU A 518 -23.80 22.45 16.10
C LEU A 518 -22.79 21.34 16.35
N HIS A 519 -21.69 21.68 17.01
CA HIS A 519 -20.72 20.68 17.44
C HIS A 519 -21.17 20.10 18.77
N ALA A 520 -22.43 19.69 18.83
CA ALA A 520 -23.07 19.18 20.03
C ALA A 520 -23.90 17.97 19.65
N PRO A 521 -24.17 17.07 20.60
CA PRO A 521 -24.98 15.89 20.28
C PRO A 521 -26.37 16.29 19.78
N ALA A 522 -26.77 15.70 18.66
CA ALA A 522 -28.12 15.93 18.16
C ALA A 522 -29.14 15.30 19.10
N THR A 523 -30.16 16.08 19.46
CA THR A 523 -31.14 15.66 20.46
C THR A 523 -32.51 15.38 19.87
N VAL A 524 -32.68 15.49 18.56
CA VAL A 524 -33.91 15.12 17.88
C VAL A 524 -33.57 14.08 16.82
N CYS A 525 -34.29 12.96 16.85
CA CYS A 525 -34.02 11.88 15.91
C CYS A 525 -35.34 11.17 15.58
N GLY A 526 -35.33 10.40 14.48
CA GLY A 526 -36.57 9.76 14.00
C GLY A 526 -37.02 8.56 14.80
N PRO A 527 -38.24 8.03 14.58
CA PRO A 527 -38.77 6.91 15.36
C PRO A 527 -37.94 5.65 15.13
N LYS A 528 -37.54 5.42 13.87
CA LYS A 528 -36.72 4.24 13.54
C LYS A 528 -37.44 3.02 14.11
N LYS A 529 -38.72 2.84 13.74
CA LYS A 529 -39.52 1.72 14.32
C LYS A 529 -38.80 0.39 14.09
N SER A 530 -38.74 -0.45 15.11
CA SER A 530 -37.99 -1.73 15.01
C SER A 530 -38.84 -2.81 14.35
N THR A 531 -38.26 -3.56 13.40
CA THR A 531 -38.98 -4.69 12.76
C THR A 531 -39.10 -5.84 13.76
N ASN A 532 -40.09 -6.72 13.61
CA ASN A 532 -40.30 -7.83 14.57
C ASN A 532 -39.07 -8.72 14.59
N LEU A 533 -38.65 -9.17 15.77
CA LEU A 533 -37.44 -10.01 15.91
C LEU A 533 -37.71 -11.44 15.41
N VAL A 534 -36.65 -12.15 15.00
CA VAL A 534 -36.79 -13.58 14.59
C VAL A 534 -35.49 -14.32 14.98
N LYS A 535 -35.61 -15.44 15.69
CA LYS A 535 -34.44 -16.18 16.12
C LYS A 535 -34.48 -17.58 15.51
N ASN A 536 -33.47 -18.38 15.84
CA ASN A 536 -33.31 -19.73 15.29
C ASN A 536 -33.20 -19.72 13.77
N LYS A 537 -32.72 -18.62 13.21
CA LYS A 537 -32.51 -18.49 11.78
C LYS A 537 -31.42 -17.47 11.53
N CYS A 538 -30.49 -17.80 10.64
CA CYS A 538 -29.40 -16.88 10.30
C CYS A 538 -30.00 -15.65 9.62
N VAL A 539 -29.97 -14.51 10.31
CA VAL A 539 -30.54 -13.27 9.81
C VAL A 539 -29.52 -12.16 9.95
N ASN A 540 -29.74 -11.08 9.20
CA ASN A 540 -28.91 -9.89 9.28
C ASN A 540 -29.55 -8.95 10.29
N PHE A 541 -28.91 -8.80 11.45
CA PHE A 541 -29.46 -8.01 12.54
C PHE A 541 -28.76 -6.67 12.66
N ASN A 542 -29.54 -5.67 13.11
CA ASN A 542 -29.06 -4.32 13.36
C ASN A 542 -29.54 -3.93 14.76
N PHE A 543 -28.70 -4.19 15.76
CA PHE A 543 -29.05 -3.95 17.16
C PHE A 543 -28.42 -2.63 17.59
N ASN A 544 -29.28 -1.65 17.89
CA ASN A 544 -28.85 -0.35 18.42
C ASN A 544 -27.82 0.35 17.53
N GLY A 545 -27.81 0.04 16.24
CA GLY A 545 -26.88 0.64 15.31
C GLY A 545 -25.70 -0.24 14.93
N LEU A 546 -25.38 -1.26 15.73
CA LEU A 546 -24.33 -2.19 15.35
C LEU A 546 -24.93 -3.31 14.50
N THR A 547 -24.29 -3.58 13.37
CA THR A 547 -24.81 -4.52 12.39
C THR A 547 -24.03 -5.83 12.44
N GLY A 548 -24.69 -6.90 12.05
CA GLY A 548 -24.03 -8.19 11.96
C GLY A 548 -24.94 -9.19 11.28
N THR A 549 -24.39 -10.38 11.06
CA THR A 549 -25.14 -11.49 10.48
C THR A 549 -24.95 -12.72 11.35
N GLY A 550 -26.03 -13.45 11.58
CA GLY A 550 -25.94 -14.64 12.38
C GLY A 550 -27.31 -15.05 12.90
N VAL A 551 -27.32 -16.19 13.59
CA VAL A 551 -28.51 -16.76 14.17
C VAL A 551 -28.56 -16.40 15.65
N LEU A 552 -29.73 -15.91 16.08
CA LEU A 552 -29.98 -15.56 17.47
C LEU A 552 -30.64 -16.74 18.17
N THR A 553 -30.39 -16.83 19.48
CA THR A 553 -30.93 -17.94 20.26
C THR A 553 -31.07 -17.50 21.71
N GLU A 554 -31.79 -18.32 22.48
CA GLU A 554 -31.92 -18.06 23.90
C GLU A 554 -30.58 -18.27 24.60
N SER A 555 -30.31 -17.44 25.61
CA SER A 555 -29.05 -17.47 26.33
C SER A 555 -29.31 -17.42 27.82
N ASN A 556 -28.40 -18.03 28.59
CA ASN A 556 -28.46 -18.01 30.05
C ASN A 556 -27.57 -16.93 30.65
N LYS A 557 -26.95 -16.09 29.83
CA LYS A 557 -26.04 -15.06 30.35
C LYS A 557 -26.81 -14.02 31.15
N LYS A 558 -26.20 -13.56 32.24
CA LYS A 558 -26.80 -12.59 33.15
C LYS A 558 -26.03 -11.28 33.05
N PHE A 559 -26.49 -10.42 32.14
CA PHE A 559 -25.89 -9.11 31.98
C PHE A 559 -26.26 -8.20 33.15
N LEU A 560 -25.35 -7.30 33.50
CA LEU A 560 -25.70 -6.27 34.47
C LEU A 560 -26.67 -5.27 33.84
N PRO A 561 -27.50 -4.61 34.64
CA PRO A 561 -28.60 -3.82 34.07
C PRO A 561 -28.16 -2.77 33.07
N PHE A 562 -27.02 -2.12 33.27
CA PHE A 562 -26.59 -1.05 32.38
C PHE A 562 -25.88 -1.56 31.15
N GLN A 563 -25.64 -2.87 31.06
CA GLN A 563 -24.59 -3.43 30.22
C GLN A 563 -25.23 -4.17 29.06
N GLN A 564 -24.98 -3.70 27.84
CA GLN A 564 -25.87 -4.01 26.71
C GLN A 564 -25.47 -5.27 25.95
N PHE A 565 -24.30 -5.28 25.33
CA PHE A 565 -23.87 -6.39 24.48
C PHE A 565 -22.52 -6.89 24.94
N GLY A 566 -22.29 -8.19 24.77
CA GLY A 566 -21.10 -8.83 25.28
C GLY A 566 -20.22 -9.35 24.15
N ARG A 567 -18.92 -9.36 24.39
CA ARG A 567 -17.97 -9.96 23.46
C ARG A 567 -16.97 -10.83 24.25
N ASP A 568 -16.52 -11.89 23.60
CA ASP A 568 -15.55 -12.81 24.16
C ASP A 568 -14.13 -12.40 23.80
N ILE A 569 -13.18 -13.32 24.02
CA ILE A 569 -11.78 -13.07 23.70
C ILE A 569 -11.65 -12.73 22.22
N ALA A 570 -10.62 -11.95 21.88
CA ALA A 570 -10.35 -11.42 20.55
C ALA A 570 -11.40 -10.43 20.10
N ASP A 571 -12.25 -9.97 21.02
CA ASP A 571 -13.23 -8.91 20.76
C ASP A 571 -14.19 -9.29 19.62
N THR A 572 -14.96 -10.35 19.87
CA THR A 572 -16.03 -10.76 18.97
C THR A 572 -17.33 -10.89 19.76
N THR A 573 -18.40 -10.30 19.24
CA THR A 573 -19.67 -10.26 19.95
C THR A 573 -20.25 -11.66 20.07
N ASP A 574 -20.80 -11.98 21.25
CA ASP A 574 -21.41 -13.27 21.50
C ASP A 574 -22.86 -13.18 21.97
N ALA A 575 -23.30 -12.06 22.53
CA ALA A 575 -24.66 -11.93 23.01
C ALA A 575 -25.04 -10.46 23.04
N VAL A 576 -26.32 -10.18 22.83
CA VAL A 576 -26.83 -8.81 22.88
C VAL A 576 -28.12 -8.78 23.68
N ARG A 577 -28.40 -7.62 24.26
CA ARG A 577 -29.66 -7.37 24.94
C ARG A 577 -30.55 -6.57 24.01
N ASP A 578 -31.71 -7.13 23.66
CA ASP A 578 -32.49 -6.36 22.70
C ASP A 578 -33.15 -5.17 23.39
N PRO A 579 -33.20 -4.01 22.73
CA PRO A 579 -33.66 -2.80 23.42
C PRO A 579 -35.10 -2.86 23.90
N GLN A 580 -35.96 -3.63 23.24
CA GLN A 580 -37.39 -3.52 23.51
C GLN A 580 -37.77 -4.25 24.80
N THR A 581 -37.58 -5.56 24.85
CA THR A 581 -38.01 -6.34 26.00
C THR A 581 -36.87 -6.66 26.97
N LEU A 582 -35.71 -6.04 26.78
CA LEU A 582 -34.60 -6.12 27.74
C LEU A 582 -34.18 -7.58 27.97
N GLU A 583 -34.16 -8.36 26.89
CA GLU A 583 -33.87 -9.79 26.96
C GLU A 583 -32.49 -10.08 26.38
N ILE A 584 -31.78 -11.01 27.02
CA ILE A 584 -30.44 -11.39 26.60
C ILE A 584 -30.55 -12.54 25.61
N LEU A 585 -30.02 -12.34 24.41
CA LEU A 585 -30.06 -13.35 23.36
C LEU A 585 -28.66 -13.56 22.80
N ASP A 586 -28.27 -14.82 22.70
CA ASP A 586 -26.95 -15.19 22.19
C ASP A 586 -26.94 -15.14 20.67
N ILE A 587 -25.76 -14.92 20.11
CA ILE A 587 -25.54 -14.76 18.69
C ILE A 587 -24.45 -15.72 18.26
N THR A 588 -24.72 -16.54 17.25
CA THR A 588 -23.69 -17.40 16.68
C THR A 588 -23.75 -17.29 15.17
N PRO A 589 -22.61 -17.28 14.48
CA PRO A 589 -22.65 -17.21 13.02
C PRO A 589 -23.27 -18.48 12.43
N CYS A 590 -24.00 -18.31 11.35
CA CYS A 590 -24.59 -19.47 10.69
C CYS A 590 -23.51 -20.25 9.95
N SER A 591 -23.79 -21.54 9.73
CA SER A 591 -22.73 -22.50 9.42
C SER A 591 -22.03 -22.16 8.11
N PHE A 592 -20.73 -22.47 8.08
CA PHE A 592 -19.92 -22.38 6.88
C PHE A 592 -18.82 -23.41 6.98
N GLY A 593 -18.14 -23.66 5.87
CA GLY A 593 -17.01 -24.56 5.89
C GLY A 593 -16.75 -25.13 4.52
N GLY A 594 -15.55 -25.68 4.36
CA GLY A 594 -15.16 -26.20 3.07
C GLY A 594 -16.02 -27.37 2.61
N VAL A 595 -16.03 -27.55 1.30
CA VAL A 595 -16.66 -28.71 0.69
C VAL A 595 -15.58 -29.52 -0.01
N SER A 596 -15.64 -30.84 0.13
CA SER A 596 -14.65 -31.72 -0.42
C SER A 596 -15.34 -32.77 -1.27
N VAL A 597 -14.73 -33.10 -2.41
CA VAL A 597 -15.30 -34.09 -3.32
C VAL A 597 -14.44 -35.34 -3.26
N ILE A 598 -15.00 -36.41 -2.73
CA ILE A 598 -14.36 -37.72 -2.70
C ILE A 598 -14.67 -38.43 -4.00
N THR A 599 -13.63 -38.73 -4.78
CA THR A 599 -13.78 -39.42 -6.04
C THR A 599 -12.95 -40.69 -6.03
N PRO A 600 -13.48 -41.79 -6.60
CA PRO A 600 -12.67 -43.00 -6.76
C PRO A 600 -11.76 -42.98 -7.97
N GLY A 601 -11.65 -41.83 -8.64
CA GLY A 601 -10.88 -41.74 -9.86
C GLY A 601 -11.78 -41.87 -11.08
N THR A 602 -11.75 -40.86 -11.95
CA THR A 602 -12.58 -40.90 -13.14
C THR A 602 -12.25 -42.09 -14.02
N ASN A 603 -11.00 -42.55 -13.98
CA ASN A 603 -10.63 -43.76 -14.71
C ASN A 603 -11.34 -45.00 -14.18
N THR A 604 -11.85 -44.93 -12.95
CA THR A 604 -12.54 -46.06 -12.32
C THR A 604 -14.05 -45.93 -12.40
N SER A 605 -14.60 -44.82 -11.92
CA SER A 605 -16.05 -44.65 -11.86
C SER A 605 -16.38 -43.17 -11.98
N ASN A 606 -17.68 -42.86 -11.93
CA ASN A 606 -18.17 -41.51 -12.09
C ASN A 606 -18.84 -40.97 -10.84
N GLN A 607 -19.16 -41.82 -9.86
CA GLN A 607 -19.83 -41.36 -8.66
C GLN A 607 -18.88 -40.55 -7.79
N VAL A 608 -19.47 -39.67 -6.98
CA VAL A 608 -18.72 -38.83 -6.05
C VAL A 608 -19.44 -38.82 -4.72
N ALA A 609 -18.68 -38.50 -3.67
CA ALA A 609 -19.23 -38.20 -2.36
C ALA A 609 -18.87 -36.77 -1.99
N VAL A 610 -19.74 -36.13 -1.22
CA VAL A 610 -19.53 -34.73 -0.85
C VAL A 610 -19.38 -34.67 0.67
N LEU A 611 -18.27 -34.11 1.13
CA LEU A 611 -18.00 -33.92 2.55
C LEU A 611 -18.11 -32.44 2.85
N TYR A 612 -19.11 -32.06 3.63
CA TYR A 612 -19.26 -30.70 4.12
C TYR A 612 -18.58 -30.64 5.47
N GLN A 613 -17.54 -29.81 5.57
CA GLN A 613 -16.67 -29.83 6.74
C GLN A 613 -17.22 -29.00 7.87
N ASP A 614 -17.21 -29.58 9.08
CA ASP A 614 -17.52 -28.86 10.32
C ASP A 614 -18.88 -28.18 10.28
N VAL A 615 -19.86 -28.84 9.66
CA VAL A 615 -21.24 -28.37 9.66
C VAL A 615 -22.17 -29.53 9.94
N ASN A 616 -23.20 -29.27 10.74
CA ASN A 616 -24.29 -30.21 10.94
C ASN A 616 -25.27 -29.98 9.80
N CYS A 617 -25.17 -30.81 8.76
CA CYS A 617 -25.92 -30.59 7.53
C CYS A 617 -27.30 -31.24 7.57
N THR A 618 -27.90 -31.39 8.76
CA THR A 618 -29.31 -31.73 8.84
C THR A 618 -30.16 -30.73 8.08
N GLU A 619 -29.72 -29.47 8.01
CA GLU A 619 -30.31 -28.46 7.15
C GLU A 619 -29.27 -28.00 6.15
N VAL A 620 -29.65 -27.99 4.87
CA VAL A 620 -28.73 -27.57 3.81
C VAL A 620 -29.43 -26.59 2.87
N ASN A 641 -28.51 -41.65 2.65
CA ASN A 641 -27.07 -41.86 2.51
C ASN A 641 -26.29 -40.76 3.21
N VAL A 642 -26.98 -39.98 4.04
CA VAL A 642 -26.35 -38.90 4.80
C VAL A 642 -25.68 -39.50 6.03
N PHE A 643 -24.38 -39.27 6.17
CA PHE A 643 -23.59 -39.79 7.28
C PHE A 643 -23.00 -38.61 8.03
N GLN A 644 -23.05 -38.66 9.35
CA GLN A 644 -22.51 -37.59 10.19
C GLN A 644 -21.26 -38.09 10.88
N THR A 645 -20.16 -37.36 10.73
CA THR A 645 -18.89 -37.69 11.36
C THR A 645 -18.31 -36.44 12.00
N ARG A 646 -17.31 -36.65 12.86
CA ARG A 646 -16.67 -35.52 13.52
C ARG A 646 -16.00 -34.58 12.52
N ALA A 647 -15.66 -35.07 11.33
CA ALA A 647 -15.07 -34.24 10.29
C ALA A 647 -16.10 -33.49 9.47
N GLY A 648 -17.39 -33.69 9.71
CA GLY A 648 -18.42 -33.04 8.94
C GLY A 648 -19.56 -33.97 8.58
N CYS A 649 -20.05 -33.89 7.35
CA CYS A 649 -21.07 -34.82 6.92
C CYS A 649 -20.84 -35.25 5.48
N LEU A 650 -21.16 -36.50 5.21
CA LEU A 650 -20.99 -37.13 3.91
C LEU A 650 -22.35 -37.33 3.24
N ILE A 651 -22.44 -36.94 1.98
CA ILE A 651 -23.58 -37.23 1.13
C ILE A 651 -23.07 -38.04 -0.05
N GLY A 652 -23.60 -39.25 -0.21
CA GLY A 652 -23.19 -40.14 -1.27
C GLY A 652 -22.37 -41.33 -0.85
N ALA A 653 -22.04 -41.46 0.43
CA ALA A 653 -21.26 -42.58 0.94
C ALA A 653 -22.09 -43.35 1.96
N GLU A 654 -22.04 -44.67 1.88
CA GLU A 654 -22.81 -45.55 2.75
C GLU A 654 -21.91 -46.10 3.85
N HIS A 655 -22.32 -45.90 5.10
CA HIS A 655 -21.55 -46.41 6.22
C HIS A 655 -21.65 -47.93 6.30
N VAL A 656 -20.51 -48.57 6.58
CA VAL A 656 -20.45 -50.01 6.76
C VAL A 656 -19.74 -50.30 8.08
N ASN A 657 -20.07 -51.45 8.68
CA ASN A 657 -19.47 -51.80 9.96
C ASN A 657 -18.04 -52.28 9.80
N ASN A 658 -17.74 -52.98 8.70
CA ASN A 658 -16.42 -53.56 8.51
C ASN A 658 -15.37 -52.48 8.40
N SER A 659 -14.13 -52.85 8.73
CA SER A 659 -12.99 -51.95 8.70
C SER A 659 -11.91 -52.52 7.79
N TYR A 660 -11.33 -51.64 6.98
CA TYR A 660 -10.30 -52.03 6.01
C TYR A 660 -9.13 -51.07 6.13
N GLU A 661 -7.99 -51.49 5.58
CA GLU A 661 -6.85 -50.59 5.43
C GLU A 661 -7.22 -49.58 4.35
N CYS A 662 -7.66 -48.41 4.78
CA CYS A 662 -8.50 -47.57 3.92
C CYS A 662 -7.67 -46.69 2.99
N ASP A 663 -8.36 -46.18 1.96
CA ASP A 663 -7.72 -45.58 0.80
C ASP A 663 -7.82 -44.06 0.78
N ILE A 664 -9.03 -43.52 0.87
CA ILE A 664 -9.25 -42.07 0.81
C ILE A 664 -9.48 -41.57 2.23
N PRO A 665 -8.56 -40.83 2.83
CA PRO A 665 -8.76 -40.37 4.21
C PRO A 665 -9.74 -39.20 4.25
N ILE A 666 -10.70 -39.28 5.15
CA ILE A 666 -11.70 -38.23 5.33
C ILE A 666 -11.42 -37.41 6.58
N GLY A 667 -11.29 -38.05 7.72
CA GLY A 667 -10.97 -37.36 8.95
C GLY A 667 -11.60 -38.03 10.14
N ALA A 668 -11.04 -37.73 11.32
CA ALA A 668 -11.56 -38.24 12.59
C ALA A 668 -11.62 -39.77 12.62
N GLY A 669 -10.65 -40.40 11.95
CA GLY A 669 -10.61 -41.84 11.88
C GLY A 669 -11.53 -42.45 10.84
N ILE A 670 -12.43 -41.67 10.27
CA ILE A 670 -13.34 -42.13 9.24
C ILE A 670 -12.69 -41.88 7.89
N CYS A 671 -12.88 -42.82 6.97
CA CYS A 671 -12.30 -42.71 5.64
C CYS A 671 -13.05 -43.61 4.68
N ALA A 672 -12.90 -43.32 3.40
CA ALA A 672 -13.73 -43.87 2.35
C ALA A 672 -12.91 -44.66 1.35
N SER A 673 -13.60 -45.56 0.64
CA SER A 673 -12.99 -46.38 -0.40
C SER A 673 -14.08 -46.80 -1.37
N TYR A 674 -13.74 -47.68 -2.30
CA TYR A 674 -14.67 -48.11 -3.34
C TYR A 674 -14.87 -49.62 -3.32
N SER A 691 -19.83 -49.28 -4.81
CA SER A 691 -20.10 -47.89 -4.47
C SER A 691 -19.05 -47.34 -3.51
N ILE A 692 -19.16 -46.06 -3.22
CA ILE A 692 -18.25 -45.39 -2.28
C ILE A 692 -18.74 -45.68 -0.87
N ILE A 693 -17.86 -46.24 -0.05
CA ILE A 693 -18.21 -46.63 1.31
C ILE A 693 -17.31 -45.88 2.30
N ALA A 694 -17.89 -45.49 3.42
CA ALA A 694 -17.17 -44.79 4.48
C ALA A 694 -17.21 -45.62 5.74
N TYR A 695 -16.09 -45.67 6.47
CA TYR A 695 -15.96 -46.56 7.60
C TYR A 695 -14.85 -46.05 8.51
N THR A 696 -14.55 -46.82 9.55
CA THR A 696 -13.45 -46.53 10.44
C THR A 696 -12.22 -47.33 10.01
N MET A 697 -11.10 -46.65 9.82
CA MET A 697 -9.91 -47.31 9.32
C MET A 697 -9.38 -48.33 10.32
N SER A 698 -8.97 -49.49 9.80
CA SER A 698 -8.36 -50.52 10.62
C SER A 698 -6.85 -50.31 10.66
N LEU A 699 -6.28 -50.30 11.86
CA LEU A 699 -4.86 -50.06 12.00
C LEU A 699 -4.05 -51.22 11.41
N GLY A 700 -4.52 -52.43 11.57
CA GLY A 700 -3.84 -53.58 11.02
C GLY A 700 -4.35 -54.87 11.62
N ALA A 701 -3.72 -55.96 11.22
CA ALA A 701 -4.08 -57.27 11.73
C ALA A 701 -3.78 -57.36 13.22
N GLU A 702 -4.73 -57.89 13.97
CA GLU A 702 -4.62 -57.98 15.42
C GLU A 702 -4.23 -59.40 15.80
N ASN A 703 -3.06 -59.55 16.41
CA ASN A 703 -2.61 -60.86 16.87
C ASN A 703 -1.91 -60.73 18.22
N SER A 704 -1.85 -61.84 18.94
CA SER A 704 -1.14 -61.93 20.20
C SER A 704 -0.08 -63.01 20.07
N VAL A 705 1.19 -62.63 20.23
CA VAL A 705 2.27 -63.60 20.17
C VAL A 705 2.15 -64.56 21.35
N ALA A 706 2.50 -65.82 21.12
CA ALA A 706 2.35 -66.84 22.14
C ALA A 706 3.40 -66.67 23.23
N TYR A 707 3.30 -65.58 23.98
CA TYR A 707 4.29 -65.31 25.02
C TYR A 707 4.15 -66.31 26.17
N SER A 708 5.30 -66.76 26.67
CA SER A 708 5.36 -67.61 27.84
C SER A 708 6.73 -67.42 28.47
N ASN A 709 6.85 -67.83 29.72
CA ASN A 709 8.11 -67.59 30.44
C ASN A 709 9.20 -68.58 30.08
N ASN A 710 8.91 -69.61 29.29
CA ASN A 710 9.95 -70.52 28.81
C ASN A 710 9.70 -70.90 27.36
N SER A 711 9.24 -69.96 26.54
CA SER A 711 8.94 -70.21 25.14
C SER A 711 9.67 -69.22 24.26
N ILE A 712 10.32 -69.72 23.21
CA ILE A 712 11.02 -68.87 22.26
C ILE A 712 10.64 -69.27 20.85
N ALA A 713 10.77 -68.32 19.92
CA ALA A 713 10.56 -68.56 18.50
C ALA A 713 11.84 -68.21 17.77
N ILE A 714 12.42 -69.18 17.07
CA ILE A 714 13.69 -69.02 16.38
C ILE A 714 13.45 -69.25 14.90
N PRO A 715 13.91 -68.35 14.03
CA PRO A 715 13.71 -68.55 12.59
C PRO A 715 14.66 -69.60 12.04
N THR A 716 14.13 -70.46 11.18
CA THR A 716 14.89 -71.54 10.58
C THR A 716 15.26 -71.26 9.13
N ASN A 717 14.90 -70.10 8.59
CA ASN A 717 15.23 -69.76 7.21
C ASN A 717 15.27 -68.24 7.10
N PHE A 718 15.68 -67.75 5.94
CA PHE A 718 15.81 -66.30 5.77
C PHE A 718 15.42 -65.91 4.36
N THR A 719 15.23 -64.61 4.18
CA THR A 719 14.87 -63.99 2.91
C THR A 719 15.77 -62.78 2.69
N ILE A 720 16.37 -62.69 1.51
CA ILE A 720 17.17 -61.53 1.15
C ILE A 720 16.26 -60.57 0.40
N SER A 721 15.95 -59.43 1.02
CA SER A 721 15.03 -58.47 0.46
C SER A 721 15.79 -57.28 -0.11
N VAL A 722 15.29 -56.74 -1.22
CA VAL A 722 15.84 -55.53 -1.82
C VAL A 722 14.71 -54.50 -1.84
N THR A 723 14.87 -53.45 -1.04
CA THR A 723 13.87 -52.39 -0.95
C THR A 723 14.40 -51.13 -1.64
N THR A 724 13.48 -50.24 -1.96
CA THR A 724 13.80 -49.01 -2.69
C THR A 724 13.46 -47.81 -1.84
N GLU A 725 14.40 -46.87 -1.75
CA GLU A 725 14.20 -45.62 -1.05
C GLU A 725 14.52 -44.46 -1.98
N ILE A 726 13.61 -43.49 -2.07
CA ILE A 726 13.78 -42.32 -2.91
C ILE A 726 14.13 -41.14 -2.02
N LEU A 727 15.04 -40.29 -2.48
CA LEU A 727 15.40 -39.11 -1.70
C LEU A 727 15.70 -37.94 -2.61
N PRO A 728 14.95 -36.84 -2.51
CA PRO A 728 15.30 -35.63 -3.25
C PRO A 728 16.64 -35.09 -2.78
N VAL A 729 17.41 -34.54 -3.71
CA VAL A 729 18.73 -33.99 -3.44
C VAL A 729 18.80 -32.51 -3.78
N SER A 730 18.41 -32.14 -5.00
CA SER A 730 18.49 -30.76 -5.45
C SER A 730 17.22 -30.44 -6.23
N MET A 731 16.97 -29.14 -6.40
CA MET A 731 15.86 -28.66 -7.20
C MET A 731 16.40 -27.73 -8.27
N THR A 732 15.50 -27.27 -9.15
CA THR A 732 15.89 -26.42 -10.25
C THR A 732 16.49 -25.11 -9.75
N LYS A 733 17.64 -24.74 -10.30
CA LYS A 733 18.29 -23.48 -9.96
C LYS A 733 17.65 -22.38 -10.81
N THR A 734 16.90 -21.49 -10.18
CA THR A 734 16.16 -20.46 -10.88
C THR A 734 16.65 -19.09 -10.43
N SER A 735 16.94 -18.23 -11.39
CA SER A 735 17.24 -16.83 -11.14
C SER A 735 16.15 -15.96 -11.75
N VAL A 736 15.88 -14.82 -11.12
CA VAL A 736 14.84 -13.92 -11.57
C VAL A 736 15.44 -12.53 -11.69
N ASP A 737 15.45 -11.99 -12.91
CA ASP A 737 15.85 -10.61 -13.12
C ASP A 737 14.75 -9.72 -12.55
N CYS A 738 15.02 -9.12 -11.39
CA CYS A 738 13.99 -8.33 -10.72
C CYS A 738 13.56 -7.15 -11.57
N THR A 739 14.52 -6.49 -12.23
CA THR A 739 14.19 -5.33 -13.04
C THR A 739 13.23 -5.70 -14.17
N MET A 740 13.50 -6.80 -14.88
CA MET A 740 12.62 -7.20 -15.97
C MET A 740 11.27 -7.66 -15.46
N TYR A 741 11.25 -8.44 -14.39
CA TYR A 741 9.97 -8.92 -13.88
C TYR A 741 9.09 -7.76 -13.44
N ILE A 742 9.65 -6.85 -12.63
CA ILE A 742 8.83 -5.79 -12.06
C ILE A 742 8.43 -4.79 -13.15
N CYS A 743 9.34 -4.49 -14.08
CA CYS A 743 9.15 -3.39 -15.02
C CYS A 743 9.00 -3.86 -16.46
N GLY A 744 9.95 -4.63 -16.98
CA GLY A 744 9.90 -5.02 -18.37
C GLY A 744 10.40 -3.96 -19.33
N ASP A 745 11.69 -3.63 -19.24
CA ASP A 745 12.42 -2.77 -20.18
C ASP A 745 11.67 -1.48 -20.50
N SER A 746 11.28 -0.76 -19.44
CA SER A 746 10.72 0.58 -19.56
C SER A 746 11.48 1.50 -18.62
N THR A 747 11.99 2.61 -19.14
CA THR A 747 12.94 3.44 -18.39
C THR A 747 12.28 4.08 -17.18
N GLU A 748 11.10 4.67 -17.36
CA GLU A 748 10.44 5.36 -16.25
C GLU A 748 10.09 4.40 -15.12
N CYS A 749 9.62 3.20 -15.47
CA CYS A 749 9.38 2.19 -14.45
C CYS A 749 10.66 1.85 -13.71
N SER A 750 11.78 1.77 -14.44
CA SER A 750 13.06 1.50 -13.79
C SER A 750 13.42 2.64 -12.83
N ASN A 751 13.14 3.88 -13.21
CA ASN A 751 13.42 5.01 -12.32
C ASN A 751 12.63 4.89 -11.03
N LEU A 752 11.31 4.65 -11.14
CA LEU A 752 10.51 4.50 -9.93
C LEU A 752 10.94 3.29 -9.10
N LEU A 753 11.30 2.18 -9.77
CA LEU A 753 11.72 0.99 -9.05
C LEU A 753 13.01 1.23 -8.26
N LEU A 754 13.99 1.88 -8.89
CA LEU A 754 15.23 2.19 -8.17
C LEU A 754 14.98 3.22 -7.08
N GLN A 755 14.00 4.10 -7.28
CA GLN A 755 13.61 5.03 -6.22
C GLN A 755 12.88 4.32 -5.09
N TYR A 756 12.37 3.12 -5.33
CA TYR A 756 11.63 2.40 -4.29
C TYR A 756 12.54 1.96 -3.15
N GLY A 757 13.67 1.34 -3.48
CA GLY A 757 14.57 0.87 -2.43
C GLY A 757 15.70 0.03 -3.00
N SER A 758 16.06 -1.01 -2.26
CA SER A 758 17.12 -1.94 -2.63
C SER A 758 16.64 -3.38 -2.48
N PHE A 759 15.45 -3.68 -2.99
CA PHE A 759 14.87 -5.01 -2.84
C PHE A 759 15.37 -5.97 -3.91
N CYS A 760 15.67 -5.45 -5.10
CA CYS A 760 16.14 -6.30 -6.19
C CYS A 760 17.43 -7.01 -5.81
N THR A 761 18.36 -6.30 -5.17
CA THR A 761 19.61 -6.92 -4.72
C THR A 761 19.33 -8.03 -3.72
N GLN A 762 18.43 -7.78 -2.78
CA GLN A 762 18.08 -8.79 -1.78
C GLN A 762 17.54 -10.06 -2.44
N LEU A 763 16.57 -9.90 -3.32
CA LEU A 763 15.94 -11.06 -3.95
C LEU A 763 16.93 -11.82 -4.83
N ASN A 764 17.73 -11.10 -5.61
CA ASN A 764 18.71 -11.76 -6.47
C ASN A 764 19.74 -12.52 -5.65
N ARG A 765 20.21 -11.92 -4.55
CA ARG A 765 21.18 -12.60 -3.71
C ARG A 765 20.57 -13.84 -3.06
N ALA A 766 19.30 -13.77 -2.66
CA ALA A 766 18.64 -14.93 -2.09
C ALA A 766 18.57 -16.07 -3.10
N LEU A 767 18.16 -15.77 -4.33
CA LEU A 767 18.07 -16.81 -5.35
C LEU A 767 19.45 -17.38 -5.69
N THR A 768 20.48 -16.53 -5.74
CA THR A 768 21.82 -17.00 -6.02
C THR A 768 22.32 -17.93 -4.92
N GLY A 769 22.06 -17.57 -3.66
CA GLY A 769 22.41 -18.46 -2.57
C GLY A 769 21.69 -19.79 -2.65
N ILE A 770 20.42 -19.77 -3.06
CA ILE A 770 19.67 -21.01 -3.24
C ILE A 770 20.34 -21.89 -4.30
N ALA A 771 20.72 -21.29 -5.44
CA ALA A 771 21.32 -22.06 -6.51
C ALA A 771 22.66 -22.66 -6.09
N VAL A 772 23.50 -21.86 -5.43
CA VAL A 772 24.77 -22.37 -4.92
C VAL A 772 24.52 -23.50 -3.93
N GLU A 773 23.49 -23.38 -3.11
CA GLU A 773 23.17 -24.44 -2.15
C GLU A 773 22.75 -25.71 -2.86
N GLN A 774 22.01 -25.61 -3.97
CA GLN A 774 21.66 -26.82 -4.71
C GLN A 774 22.90 -27.51 -5.25
N ASP A 775 23.84 -26.74 -5.80
CA ASP A 775 25.09 -27.33 -6.27
C ASP A 775 25.83 -28.01 -5.12
N LYS A 776 25.87 -27.35 -3.96
CA LYS A 776 26.53 -27.92 -2.79
C LYS A 776 25.84 -29.21 -2.35
N ASN A 777 24.50 -29.25 -2.40
CA ASN A 777 23.77 -30.44 -2.00
C ASN A 777 24.13 -31.63 -2.88
N THR A 778 24.10 -31.42 -4.20
CA THR A 778 24.46 -32.51 -5.11
C THR A 778 25.89 -32.96 -4.88
N GLN A 779 26.82 -32.01 -4.72
CA GLN A 779 28.22 -32.37 -4.51
C GLN A 779 28.40 -33.15 -3.22
N GLU A 780 27.72 -32.73 -2.14
CA GLU A 780 27.86 -33.42 -0.87
C GLU A 780 27.29 -34.84 -0.95
N VAL A 781 26.15 -35.00 -1.61
CA VAL A 781 25.52 -36.32 -1.68
C VAL A 781 26.36 -37.27 -2.52
N PHE A 782 26.78 -36.85 -3.71
CA PHE A 782 27.36 -37.79 -4.66
C PHE A 782 28.88 -37.80 -4.64
N ALA A 783 29.52 -36.62 -4.57
CA ALA A 783 30.98 -36.53 -4.64
C ALA A 783 31.56 -36.91 -3.28
N GLN A 784 31.60 -38.21 -3.02
CA GLN A 784 32.16 -38.75 -1.79
C GLN A 784 33.48 -39.45 -2.00
N VAL A 785 33.59 -40.27 -3.03
CA VAL A 785 34.86 -40.90 -3.38
C VAL A 785 35.77 -39.88 -4.03
N LYS A 786 37.08 -40.07 -3.90
CA LYS A 786 38.06 -39.25 -4.59
C LYS A 786 38.67 -39.94 -5.78
N GLN A 787 38.36 -41.22 -5.99
CA GLN A 787 38.89 -41.99 -7.11
C GLN A 787 37.74 -42.67 -7.84
N ILE A 788 37.82 -42.67 -9.16
CA ILE A 788 36.80 -43.31 -10.00
C ILE A 788 37.17 -44.78 -10.14
N TYR A 789 36.36 -45.64 -9.55
CA TYR A 789 36.61 -47.07 -9.55
C TYR A 789 35.94 -47.75 -10.74
N LYS A 790 36.48 -48.90 -11.12
CA LYS A 790 35.95 -49.70 -12.21
C LYS A 790 35.86 -51.14 -11.79
N THR A 791 34.75 -51.77 -12.13
CA THR A 791 34.64 -53.22 -11.92
C THR A 791 35.45 -53.94 -12.99
N PRO A 792 36.11 -55.05 -12.63
CA PRO A 792 36.93 -55.75 -13.61
C PRO A 792 36.06 -56.40 -14.67
N PRO A 793 36.61 -56.65 -15.85
CA PRO A 793 35.81 -57.31 -16.91
C PRO A 793 35.28 -58.67 -16.51
N ILE A 794 35.96 -59.38 -15.62
CA ILE A 794 35.52 -60.70 -15.18
C ILE A 794 34.53 -60.51 -14.02
N LYS A 795 33.24 -60.54 -14.35
CA LYS A 795 32.18 -60.38 -13.36
C LYS A 795 31.88 -61.75 -12.75
N ASP A 796 32.76 -62.16 -11.84
CA ASP A 796 32.59 -63.39 -11.06
C ASP A 796 32.41 -62.97 -9.60
N PHE A 797 31.17 -62.67 -9.23
CA PHE A 797 30.83 -62.17 -7.90
C PHE A 797 30.12 -63.23 -7.06
N GLY A 798 30.53 -64.48 -7.21
CA GLY A 798 29.98 -65.55 -6.40
C GLY A 798 28.52 -65.85 -6.66
N GLY A 799 28.05 -65.65 -7.90
CA GLY A 799 26.68 -65.90 -8.24
C GLY A 799 25.74 -64.72 -8.14
N PHE A 800 26.22 -63.58 -7.65
CA PHE A 800 25.39 -62.38 -7.56
C PHE A 800 25.45 -61.64 -8.88
N ASN A 801 24.30 -61.25 -9.40
CA ASN A 801 24.18 -60.64 -10.72
C ASN A 801 23.96 -59.14 -10.56
N PHE A 802 24.95 -58.34 -10.98
CA PHE A 802 24.90 -56.90 -10.86
C PHE A 802 24.68 -56.21 -12.21
N SER A 803 24.19 -56.95 -13.20
CA SER A 803 24.00 -56.36 -14.53
C SER A 803 22.99 -55.24 -14.50
N GLN A 804 21.91 -55.40 -13.72
CA GLN A 804 20.83 -54.42 -13.71
C GLN A 804 21.25 -53.09 -13.11
N ILE A 805 22.28 -53.06 -12.27
CA ILE A 805 22.70 -51.83 -11.62
C ILE A 805 24.07 -51.34 -12.08
N LEU A 806 24.86 -52.17 -12.74
CA LEU A 806 26.15 -51.73 -13.26
C LEU A 806 25.97 -50.96 -14.56
N PRO A 807 26.92 -50.08 -14.97
CA PRO A 807 26.79 -49.27 -16.19
C PRO A 807 26.62 -50.11 -17.47
N ASP A 808 26.23 -49.47 -18.58
CA ASP A 808 25.95 -50.22 -19.83
C ASP A 808 27.05 -49.96 -20.86
N PRO A 809 27.63 -50.99 -21.51
CA PRO A 809 28.62 -50.81 -22.59
C PRO A 809 28.01 -50.05 -23.77
N SER A 810 26.69 -50.16 -23.96
CA SER A 810 25.98 -49.44 -25.04
C SER A 810 26.13 -47.93 -24.81
N LYS A 811 26.46 -47.53 -23.59
CA LYS A 811 26.68 -46.10 -23.25
C LYS A 811 25.44 -45.23 -23.55
N PRO A 812 24.23 -45.55 -23.03
CA PRO A 812 23.07 -44.66 -23.19
C PRO A 812 23.29 -43.66 -22.05
N SER A 813 24.14 -42.65 -22.25
CA SER A 813 24.50 -41.69 -21.17
C SER A 813 25.35 -42.44 -20.13
N LYS A 814 25.94 -43.57 -20.52
CA LYS A 814 26.77 -44.39 -19.60
C LYS A 814 25.94 -44.73 -18.36
N ARG A 815 24.66 -45.06 -18.54
CA ARG A 815 23.79 -45.30 -17.37
C ARG A 815 23.41 -46.77 -17.26
N SER A 816 23.07 -47.23 -16.05
CA SER A 816 22.65 -48.60 -15.83
C SER A 816 21.21 -48.78 -16.31
N PHE A 817 20.68 -49.99 -16.12
CA PHE A 817 19.31 -50.25 -16.54
C PHE A 817 18.31 -49.61 -15.59
N ILE A 818 18.57 -49.69 -14.28
CA ILE A 818 17.66 -49.09 -13.30
C ILE A 818 17.72 -47.57 -13.38
N GLU A 819 18.90 -47.01 -13.62
CA GLU A 819 19.00 -45.57 -13.78
C GLU A 819 18.23 -45.11 -15.02
N ASP A 820 18.31 -45.87 -16.11
CA ASP A 820 17.52 -45.56 -17.29
C ASP A 820 16.03 -45.63 -16.99
N LEU A 821 15.60 -46.65 -16.23
CA LEU A 821 14.20 -46.74 -15.85
C LEU A 821 13.76 -45.54 -15.03
N LEU A 822 14.58 -45.13 -14.06
CA LEU A 822 14.23 -43.99 -13.23
C LEU A 822 14.16 -42.71 -14.04
N PHE A 823 15.10 -42.50 -14.96
CA PHE A 823 15.09 -41.28 -15.75
C PHE A 823 13.91 -41.25 -16.72
N ASN A 824 13.57 -42.38 -17.32
CA ASN A 824 12.43 -42.42 -18.23
C ASN A 824 11.10 -42.31 -17.49
N LYS A 825 11.04 -42.83 -16.26
CA LYS A 825 9.77 -42.89 -15.55
C LYS A 825 9.21 -41.51 -15.26
N VAL A 826 10.07 -40.57 -14.84
CA VAL A 826 9.64 -39.22 -14.49
C VAL A 826 10.03 -38.29 -15.63
N THR A 827 9.07 -37.50 -16.10
CA THR A 827 9.26 -36.59 -17.23
C THR A 827 9.16 -35.15 -16.74
N LEU A 828 10.13 -34.33 -17.15
CA LEU A 828 10.16 -32.93 -16.76
C LEU A 828 9.04 -32.15 -17.43
N PHE A 855 10.10 -16.22 -18.77
CA PHE A 855 10.46 -15.50 -19.99
C PHE A 855 10.29 -14.01 -19.80
N ASN A 856 10.11 -13.59 -18.56
CA ASN A 856 10.00 -12.18 -18.19
C ASN A 856 10.99 -11.87 -17.08
N GLY A 857 12.25 -12.26 -17.28
CA GLY A 857 13.28 -12.13 -16.29
C GLY A 857 13.68 -13.44 -15.64
N LEU A 858 12.92 -14.51 -15.87
CA LEU A 858 13.19 -15.81 -15.28
C LEU A 858 14.19 -16.57 -16.15
N THR A 859 15.18 -17.18 -15.50
CA THR A 859 16.14 -18.03 -16.17
C THR A 859 16.45 -19.24 -15.30
N VAL A 860 16.86 -20.33 -15.93
CA VAL A 860 17.17 -21.57 -15.25
C VAL A 860 18.65 -21.86 -15.45
N LEU A 861 19.41 -21.81 -14.38
CA LEU A 861 20.83 -22.12 -14.43
C LEU A 861 21.03 -23.63 -14.44
N PRO A 862 21.85 -24.17 -15.33
CA PRO A 862 22.05 -25.60 -15.38
C PRO A 862 22.89 -26.09 -14.21
N PRO A 863 22.70 -27.34 -13.79
CA PRO A 863 23.52 -27.86 -12.69
C PRO A 863 24.98 -28.01 -13.08
N LEU A 864 25.85 -27.88 -12.07
CA LEU A 864 27.28 -28.01 -12.32
C LEU A 864 27.64 -29.43 -12.76
N LEU A 865 27.08 -30.43 -12.11
CA LEU A 865 27.30 -31.82 -12.48
C LEU A 865 26.17 -32.28 -13.40
N THR A 866 26.52 -32.70 -14.60
CA THR A 866 25.53 -33.24 -15.52
C THR A 866 25.09 -34.62 -15.06
N ASP A 867 24.10 -35.17 -15.78
CA ASP A 867 23.65 -36.52 -15.48
C ASP A 867 24.74 -37.56 -15.70
N GLU A 868 25.60 -37.35 -16.72
CA GLU A 868 26.67 -38.30 -16.99
C GLU A 868 27.67 -38.35 -15.85
N MET A 869 28.05 -37.19 -15.31
CA MET A 869 29.03 -37.16 -14.23
C MET A 869 28.46 -37.74 -12.94
N ILE A 870 27.18 -37.47 -12.66
CA ILE A 870 26.54 -38.07 -11.48
C ILE A 870 26.45 -39.57 -11.64
N ALA A 871 26.11 -40.04 -12.84
CA ALA A 871 26.07 -41.48 -13.09
C ALA A 871 27.44 -42.10 -12.93
N GLN A 872 28.49 -41.38 -13.33
CA GLN A 872 29.85 -41.89 -13.16
C GLN A 872 30.24 -41.97 -11.68
N TYR A 873 29.85 -40.96 -10.90
CA TYR A 873 30.04 -41.03 -9.45
C TYR A 873 29.34 -42.25 -8.86
N THR A 874 28.09 -42.46 -9.26
CA THR A 874 27.32 -43.58 -8.74
C THR A 874 27.96 -44.92 -9.13
N SER A 875 28.45 -45.02 -10.37
CA SER A 875 29.10 -46.25 -10.80
C SER A 875 30.39 -46.49 -10.02
N ALA A 876 31.14 -45.43 -9.75
CA ALA A 876 32.35 -45.59 -8.94
C ALA A 876 32.01 -46.06 -7.53
N LEU A 877 30.97 -45.49 -6.93
CA LEU A 877 30.56 -45.91 -5.60
C LEU A 877 30.14 -47.38 -5.59
N LEU A 878 29.35 -47.78 -6.58
CA LEU A 878 28.87 -49.15 -6.62
C LEU A 878 30.01 -50.13 -6.88
N ALA A 879 30.93 -49.78 -7.77
CA ALA A 879 32.08 -50.63 -8.04
C ALA A 879 32.95 -50.77 -6.80
N GLY A 880 33.16 -49.69 -6.07
CA GLY A 880 33.89 -49.79 -4.82
C GLY A 880 33.19 -50.69 -3.81
N THR A 881 31.86 -50.54 -3.70
CA THR A 881 31.11 -51.37 -2.75
C THR A 881 31.22 -52.85 -3.09
N ILE A 882 31.11 -53.19 -4.38
CA ILE A 882 31.07 -54.60 -4.76
C ILE A 882 32.46 -55.18 -5.02
N THR A 883 33.50 -54.35 -5.01
CA THR A 883 34.87 -54.83 -5.18
C THR A 883 35.65 -54.87 -3.87
N SER A 884 35.59 -53.81 -3.07
CA SER A 884 36.39 -53.72 -1.86
C SER A 884 35.59 -53.86 -0.57
N GLY A 885 34.34 -53.44 -0.55
CA GLY A 885 33.55 -53.51 0.65
C GLY A 885 33.33 -52.14 1.26
N TRP A 886 33.58 -52.00 2.56
CA TRP A 886 33.55 -50.71 3.22
C TRP A 886 34.93 -50.09 3.37
N THR A 887 35.96 -50.73 2.85
CA THR A 887 37.32 -50.24 3.03
C THR A 887 37.53 -48.89 2.33
N PHE A 888 36.96 -48.74 1.13
CA PHE A 888 37.22 -47.54 0.34
C PHE A 888 36.62 -46.29 0.96
N GLY A 889 35.67 -46.44 1.88
CA GLY A 889 35.17 -45.29 2.61
C GLY A 889 35.98 -44.90 3.82
N ALA A 890 36.93 -45.75 4.23
CA ALA A 890 37.77 -45.51 5.39
C ALA A 890 39.26 -45.56 5.01
N GLY A 891 39.59 -45.06 3.83
CA GLY A 891 40.95 -45.13 3.35
C GLY A 891 41.03 -45.55 1.90
N ALA A 892 41.89 -46.50 1.59
CA ALA A 892 42.08 -46.99 0.23
C ALA A 892 41.31 -48.29 0.03
N ALA A 893 40.86 -48.51 -1.20
CA ALA A 893 40.08 -49.70 -1.52
C ALA A 893 40.94 -50.95 -1.41
N LEU A 894 40.41 -51.97 -0.75
CA LEU A 894 41.10 -53.24 -0.55
C LEU A 894 40.21 -54.35 -1.08
N GLN A 895 40.66 -55.03 -2.12
CA GLN A 895 39.81 -55.99 -2.83
C GLN A 895 39.46 -57.18 -1.93
N ILE A 896 38.30 -57.76 -2.19
CA ILE A 896 37.77 -58.88 -1.42
C ILE A 896 36.78 -59.62 -2.31
N PRO A 897 36.73 -60.96 -2.27
CA PRO A 897 35.97 -61.72 -3.28
C PRO A 897 34.47 -61.50 -3.29
N PHE A 898 33.92 -60.71 -2.37
CA PHE A 898 32.50 -60.35 -2.27
C PHE A 898 31.62 -61.49 -1.79
N ALA A 899 32.14 -62.71 -1.74
CA ALA A 899 31.48 -63.73 -0.93
C ALA A 899 31.97 -63.64 0.49
N MET A 900 33.27 -63.36 0.66
CA MET A 900 33.82 -63.09 1.98
C MET A 900 33.31 -61.77 2.52
N GLN A 901 33.06 -60.79 1.64
CA GLN A 901 32.44 -59.54 2.07
C GLN A 901 31.03 -59.78 2.62
N MET A 902 30.25 -60.60 1.92
CA MET A 902 28.92 -60.93 2.42
C MET A 902 29.00 -61.76 3.71
N ALA A 903 30.03 -62.58 3.86
CA ALA A 903 30.21 -63.29 5.11
C ALA A 903 30.48 -62.32 6.26
N TYR A 904 31.33 -61.33 6.03
CA TYR A 904 31.57 -60.31 7.05
C TYR A 904 30.29 -59.57 7.39
N ARG A 905 29.49 -59.25 6.37
CA ARG A 905 28.26 -58.49 6.62
C ARG A 905 27.22 -59.34 7.34
N PHE A 906 27.19 -60.65 7.10
CA PHE A 906 26.39 -61.53 7.94
C PHE A 906 26.90 -61.52 9.38
N ASN A 907 28.23 -61.54 9.55
CA ASN A 907 28.78 -61.44 10.90
C ASN A 907 28.36 -60.14 11.57
N GLY A 908 28.14 -59.09 10.80
CA GLY A 908 27.75 -57.81 11.37
C GLY A 908 26.34 -57.77 11.91
N ILE A 909 25.48 -58.71 11.49
CA ILE A 909 24.11 -58.76 11.98
C ILE A 909 23.88 -59.89 12.97
N GLY A 910 24.93 -60.60 13.37
CA GLY A 910 24.81 -61.65 14.35
C GLY A 910 24.63 -63.04 13.80
N VAL A 911 24.97 -63.26 12.54
CA VAL A 911 24.83 -64.56 11.89
C VAL A 911 26.21 -65.03 11.45
N THR A 912 26.52 -66.29 11.70
CA THR A 912 27.85 -66.81 11.44
C THR A 912 28.09 -66.93 9.93
N GLN A 913 29.36 -67.10 9.57
CA GLN A 913 29.76 -67.16 8.16
C GLN A 913 29.23 -68.40 7.47
N ASN A 914 29.12 -69.51 8.19
CA ASN A 914 28.69 -70.76 7.58
C ASN A 914 27.29 -70.65 7.00
N VAL A 915 26.45 -69.79 7.58
CA VAL A 915 25.10 -69.60 7.04
C VAL A 915 25.17 -69.09 5.60
N LEU A 916 26.07 -68.13 5.34
CA LEU A 916 26.31 -67.72 3.96
C LEU A 916 26.95 -68.82 3.15
N TYR A 917 28.13 -69.29 3.58
CA TYR A 917 28.94 -70.15 2.74
C TYR A 917 28.26 -71.47 2.42
N GLU A 918 27.27 -71.86 3.20
CA GLU A 918 26.55 -73.11 2.98
C GLU A 918 25.19 -72.91 2.34
N ASN A 919 24.73 -71.67 2.21
CA ASN A 919 23.52 -71.34 1.47
C ASN A 919 23.81 -70.28 0.41
N GLN A 920 25.03 -70.28 -0.13
CA GLN A 920 25.46 -69.21 -1.00
C GLN A 920 24.65 -69.17 -2.30
N LYS A 921 24.38 -70.34 -2.89
CA LYS A 921 23.59 -70.37 -4.12
C LYS A 921 22.19 -69.84 -3.87
N LEU A 922 21.57 -70.25 -2.76
CA LEU A 922 20.23 -69.78 -2.42
C LEU A 922 20.22 -68.28 -2.19
N ILE A 923 21.23 -67.76 -1.47
CA ILE A 923 21.29 -66.33 -1.20
C ILE A 923 21.47 -65.54 -2.50
N ALA A 924 22.34 -66.01 -3.38
CA ALA A 924 22.54 -65.34 -4.66
C ALA A 924 21.26 -65.36 -5.48
N ASN A 925 20.56 -66.48 -5.51
CA ASN A 925 19.31 -66.56 -6.26
C ASN A 925 18.27 -65.60 -5.70
N GLN A 926 18.17 -65.52 -4.37
CA GLN A 926 17.24 -64.58 -3.76
C GLN A 926 17.58 -63.14 -4.12
N PHE A 927 18.87 -62.80 -4.08
CA PHE A 927 19.27 -61.44 -4.43
C PHE A 927 18.94 -61.11 -5.88
N ASN A 928 19.22 -62.04 -6.79
CA ASN A 928 18.91 -61.80 -8.20
C ASN A 928 17.41 -61.66 -8.42
N SER A 929 16.61 -62.51 -7.78
CA SER A 929 15.16 -62.40 -7.90
C SER A 929 14.65 -61.07 -7.36
N ALA A 930 15.22 -60.61 -6.25
CA ALA A 930 14.78 -59.33 -5.69
C ALA A 930 15.15 -58.16 -6.60
N ILE A 931 16.34 -58.22 -7.22
CA ILE A 931 16.71 -57.18 -8.17
C ILE A 931 15.74 -57.18 -9.36
N GLY A 932 15.41 -58.37 -9.87
CA GLY A 932 14.44 -58.45 -10.95
C GLY A 932 13.08 -57.91 -10.55
N LYS A 933 12.67 -58.15 -9.29
CA LYS A 933 11.40 -57.62 -8.82
C LYS A 933 11.43 -56.09 -8.74
N ILE A 934 12.57 -55.51 -8.35
CA ILE A 934 12.69 -54.06 -8.39
C ILE A 934 12.58 -53.56 -9.82
N GLN A 935 13.21 -54.27 -10.76
CA GLN A 935 13.08 -53.94 -12.18
C GLN A 935 11.61 -53.91 -12.60
N ASP A 936 10.87 -54.97 -12.26
CA ASP A 936 9.46 -55.05 -12.64
C ASP A 936 8.63 -53.97 -11.96
N SER A 937 8.91 -53.66 -10.70
CA SER A 937 8.17 -52.63 -9.99
C SER A 937 8.39 -51.27 -10.64
N LEU A 938 9.63 -50.95 -11.01
CA LEU A 938 9.89 -49.69 -11.69
C LEU A 938 9.25 -49.66 -13.08
N SER A 939 9.30 -50.78 -13.79
CA SER A 939 8.77 -50.81 -15.16
C SER A 939 7.25 -50.72 -15.18
N SER A 940 6.58 -51.48 -14.32
CA SER A 940 5.12 -51.61 -14.36
C SER A 940 4.42 -50.70 -13.36
N THR A 941 4.74 -50.84 -12.08
CA THR A 941 4.06 -50.06 -11.05
C THR A 941 4.44 -48.58 -11.17
N ALA A 942 3.43 -47.72 -11.15
CA ALA A 942 3.63 -46.28 -11.24
C ALA A 942 3.61 -45.66 -9.86
N SER A 943 3.75 -44.34 -9.81
CA SER A 943 3.72 -43.56 -8.57
C SER A 943 4.81 -43.99 -7.59
N ALA A 944 5.90 -44.56 -8.11
CA ALA A 944 7.02 -44.96 -7.26
C ALA A 944 8.02 -43.83 -7.03
N LEU A 945 7.89 -42.72 -7.74
CA LEU A 945 8.81 -41.60 -7.62
C LEU A 945 8.06 -40.36 -7.18
N GLY A 946 7.22 -40.50 -6.16
CA GLY A 946 6.30 -39.43 -5.81
C GLY A 946 7.00 -38.16 -5.35
N LYS A 947 8.11 -38.30 -4.63
CA LYS A 947 8.75 -37.12 -4.03
C LYS A 947 9.38 -36.21 -5.07
N LEU A 948 10.11 -36.79 -6.02
CA LEU A 948 10.75 -35.98 -7.05
C LEU A 948 9.71 -35.28 -7.93
N GLN A 949 8.66 -36.01 -8.31
CA GLN A 949 7.58 -35.39 -9.07
C GLN A 949 6.91 -34.30 -8.26
N ASP A 950 6.72 -34.52 -6.96
CA ASP A 950 6.09 -33.51 -6.13
C ASP A 950 6.92 -32.23 -6.09
N VAL A 951 8.23 -32.36 -5.93
CA VAL A 951 9.06 -31.16 -5.82
C VAL A 951 9.13 -30.42 -7.16
N VAL A 952 9.23 -31.16 -8.28
CA VAL A 952 9.28 -30.47 -9.56
C VAL A 952 7.93 -29.82 -9.89
N ASN A 953 6.83 -30.47 -9.50
CA ASN A 953 5.52 -29.87 -9.73
C ASN A 953 5.30 -28.65 -8.85
N GLN A 954 5.81 -28.67 -7.63
CA GLN A 954 5.72 -27.50 -6.76
C GLN A 954 6.50 -26.33 -7.35
N ASN A 955 7.70 -26.59 -7.87
CA ASN A 955 8.46 -25.53 -8.51
C ASN A 955 7.74 -24.99 -9.74
N ALA A 956 7.16 -25.89 -10.54
CA ALA A 956 6.41 -25.45 -11.72
C ALA A 956 5.20 -24.60 -11.34
N GLN A 957 4.50 -24.99 -10.27
CA GLN A 957 3.35 -24.21 -9.83
C GLN A 957 3.77 -22.83 -9.34
N ALA A 958 4.91 -22.75 -8.63
CA ALA A 958 5.40 -21.45 -8.18
C ALA A 958 5.72 -20.55 -9.38
N LEU A 959 6.42 -21.09 -10.38
CA LEU A 959 6.74 -20.28 -11.55
C LEU A 959 5.48 -19.86 -12.30
N ASN A 960 4.50 -20.78 -12.40
CA ASN A 960 3.26 -20.45 -13.08
C ASN A 960 2.51 -19.34 -12.36
N THR A 961 2.42 -19.41 -11.03
CA THR A 961 1.71 -18.37 -10.32
C THR A 961 2.43 -17.04 -10.40
N LEU A 962 3.76 -17.05 -10.47
CA LEU A 962 4.50 -15.81 -10.66
C LEU A 962 4.17 -15.18 -12.02
N VAL A 963 4.27 -15.95 -13.10
CA VAL A 963 4.00 -15.39 -14.41
C VAL A 963 2.54 -15.02 -14.57
N LYS A 964 1.64 -15.67 -13.84
CA LYS A 964 0.23 -15.26 -13.89
C LYS A 964 0.01 -13.97 -13.11
N GLN A 965 0.69 -13.80 -11.97
CA GLN A 965 0.60 -12.55 -11.23
C GLN A 965 1.15 -11.39 -12.04
N LEU A 966 2.00 -11.66 -13.03
CA LEU A 966 2.35 -10.60 -13.99
C LEU A 966 1.11 -9.95 -14.61
N SER A 967 0.07 -10.73 -14.86
CA SER A 967 -1.11 -10.25 -15.60
C SER A 967 -2.23 -9.79 -14.68
N SER A 968 -1.89 -9.20 -13.54
CA SER A 968 -2.86 -8.69 -12.60
C SER A 968 -2.69 -7.19 -12.47
N ASN A 969 -3.80 -6.45 -12.54
CA ASN A 969 -3.74 -5.00 -12.47
C ASN A 969 -3.50 -4.47 -11.06
N PHE A 970 -3.78 -5.29 -10.03
CA PHE A 970 -3.54 -4.91 -8.64
C PHE A 970 -4.27 -3.63 -8.27
N GLY A 971 -5.43 -3.41 -8.87
CA GLY A 971 -6.20 -2.21 -8.63
C GLY A 971 -5.83 -1.03 -9.50
N ALA A 972 -4.91 -1.20 -10.45
CA ALA A 972 -4.57 -0.14 -11.38
C ALA A 972 -5.52 -0.19 -12.57
N ILE A 973 -5.40 0.84 -13.43
CA ILE A 973 -6.28 0.93 -14.59
C ILE A 973 -6.03 -0.26 -15.53
N SER A 974 -4.77 -0.59 -15.77
CA SER A 974 -4.42 -1.69 -16.66
C SER A 974 -3.22 -2.42 -16.10
N SER A 975 -3.05 -3.67 -16.52
CA SER A 975 -1.97 -4.51 -16.06
C SER A 975 -0.70 -4.37 -16.88
N VAL A 976 -0.75 -3.68 -18.01
CA VAL A 976 0.40 -3.53 -18.91
C VAL A 976 0.86 -2.09 -18.87
N LEU A 977 2.18 -1.90 -18.73
CA LEU A 977 2.73 -0.56 -18.62
C LEU A 977 2.71 0.17 -19.96
N ASN A 978 2.81 -0.56 -21.07
CA ASN A 978 2.84 0.09 -22.38
C ASN A 978 1.56 0.88 -22.64
N ASP A 979 0.40 0.30 -22.31
CA ASP A 979 -0.85 1.01 -22.51
C ASP A 979 -1.00 2.15 -21.52
N ILE A 980 -0.52 1.97 -20.28
CA ILE A 980 -0.63 3.02 -19.28
C ILE A 980 0.17 4.25 -19.70
N LEU A 981 1.39 4.04 -20.18
CA LEU A 981 2.25 5.18 -20.53
C LEU A 981 1.79 5.85 -21.81
N SER A 982 1.32 5.07 -22.79
CA SER A 982 0.96 5.59 -24.10
C SER A 982 -0.46 6.14 -24.17
N ARG A 983 -1.22 6.10 -23.07
CA ARG A 983 -2.60 6.55 -23.07
C ARG A 983 -2.97 7.47 -21.93
N LEU A 984 -2.15 7.57 -20.88
CA LEU A 984 -2.54 8.28 -19.67
C LEU A 984 -1.52 9.37 -19.34
N ASP A 985 -1.99 10.42 -18.67
CA ASP A 985 -1.14 11.55 -18.33
C ASP A 985 -0.13 11.16 -17.26
N PRO A 986 1.01 11.86 -17.20
CA PRO A 986 2.14 11.42 -16.35
C PRO A 986 1.77 11.22 -14.89
N PRO A 987 0.94 12.11 -14.26
CA PRO A 987 0.62 11.89 -12.85
C PRO A 987 -0.14 10.60 -12.58
N GLU A 988 -1.29 10.43 -13.25
CA GLU A 988 -2.06 9.21 -13.06
C GLU A 988 -1.29 8.00 -13.56
N ALA A 989 -0.50 8.17 -14.63
CA ALA A 989 0.32 7.07 -15.12
C ALA A 989 1.31 6.60 -14.07
N GLU A 990 1.98 7.54 -13.39
CA GLU A 990 2.95 7.13 -12.38
C GLU A 990 2.27 6.58 -11.14
N VAL A 991 1.03 7.04 -10.85
CA VAL A 991 0.29 6.44 -9.74
C VAL A 991 -0.01 4.97 -10.04
N GLN A 992 -0.53 4.69 -11.24
CA GLN A 992 -0.79 3.31 -11.61
C GLN A 992 0.50 2.49 -11.67
N ILE A 993 1.59 3.12 -12.12
CA ILE A 993 2.87 2.44 -12.15
C ILE A 993 3.29 2.04 -10.74
N ASP A 994 3.16 2.96 -9.78
CA ASP A 994 3.54 2.65 -8.41
C ASP A 994 2.68 1.52 -7.84
N ARG A 995 1.39 1.52 -8.15
CA ARG A 995 0.54 0.42 -7.71
C ARG A 995 1.02 -0.91 -8.29
N LEU A 996 1.35 -0.92 -9.57
CA LEU A 996 1.85 -2.15 -10.20
C LEU A 996 3.17 -2.60 -9.58
N ILE A 997 4.05 -1.65 -9.28
CA ILE A 997 5.33 -2.00 -8.65
C ILE A 997 5.09 -2.64 -7.30
N THR A 998 4.20 -2.07 -6.50
CA THR A 998 3.90 -2.65 -5.20
C THR A 998 3.39 -4.08 -5.35
N GLY A 999 2.43 -4.28 -6.26
CA GLY A 999 1.87 -5.61 -6.43
C GLY A 999 2.89 -6.63 -6.90
N ARG A 1000 3.69 -6.26 -7.91
CA ARG A 1000 4.64 -7.21 -8.48
C ARG A 1000 5.79 -7.48 -7.52
N LEU A 1001 6.23 -6.47 -6.77
CA LEU A 1001 7.26 -6.70 -5.77
C LEU A 1001 6.76 -7.62 -4.68
N GLN A 1002 5.48 -7.46 -4.28
CA GLN A 1002 4.89 -8.36 -3.30
C GLN A 1002 4.85 -9.80 -3.82
N SER A 1003 4.47 -9.97 -5.09
CA SER A 1003 4.44 -11.30 -5.69
C SER A 1003 5.83 -11.92 -5.72
N LEU A 1004 6.83 -11.14 -6.15
CA LEU A 1004 8.18 -11.65 -6.24
C LEU A 1004 8.73 -12.03 -4.87
N GLN A 1005 8.45 -11.21 -3.86
CA GLN A 1005 8.94 -11.51 -2.52
C GLN A 1005 8.28 -12.77 -1.96
N THR A 1006 6.97 -12.95 -2.20
CA THR A 1006 6.33 -14.18 -1.77
C THR A 1006 6.96 -15.38 -2.44
N TYR A 1007 7.22 -15.28 -3.75
CA TYR A 1007 7.87 -16.38 -4.46
C TYR A 1007 9.24 -16.68 -3.87
N VAL A 1008 10.02 -15.66 -3.57
CA VAL A 1008 11.36 -15.86 -3.03
C VAL A 1008 11.31 -16.51 -1.66
N THR A 1009 10.36 -16.08 -0.82
CA THR A 1009 10.26 -16.66 0.52
C THR A 1009 9.86 -18.13 0.46
N GLN A 1010 8.86 -18.47 -0.35
CA GLN A 1010 8.49 -19.87 -0.50
C GLN A 1010 9.64 -20.69 -1.06
N GLN A 1011 10.39 -20.12 -2.00
CA GLN A 1011 11.55 -20.81 -2.55
C GLN A 1011 12.60 -21.05 -1.47
N LEU A 1012 12.80 -20.09 -0.58
CA LEU A 1012 13.76 -20.26 0.50
C LEU A 1012 13.36 -21.39 1.44
N ILE A 1013 12.08 -21.45 1.80
CA ILE A 1013 11.61 -22.52 2.68
C ILE A 1013 11.74 -23.88 1.99
N ARG A 1014 11.37 -23.95 0.71
CA ARG A 1014 11.51 -25.20 -0.04
C ARG A 1014 12.97 -25.62 -0.13
N ALA A 1015 13.87 -24.65 -0.33
CA ALA A 1015 15.29 -24.95 -0.36
C ALA A 1015 15.77 -25.49 0.97
N ALA A 1016 15.23 -24.96 2.08
CA ALA A 1016 15.60 -25.50 3.39
C ALA A 1016 15.17 -26.96 3.54
N GLU A 1017 13.95 -27.28 3.11
CA GLU A 1017 13.48 -28.66 3.17
C GLU A 1017 14.34 -29.57 2.28
N ILE A 1018 14.67 -29.10 1.07
CA ILE A 1018 15.48 -29.89 0.16
C ILE A 1018 16.89 -30.08 0.72
N ARG A 1019 17.42 -29.08 1.41
CA ARG A 1019 18.74 -29.22 2.03
C ARG A 1019 18.71 -30.24 3.16
N ALA A 1020 17.64 -30.25 3.95
CA ALA A 1020 17.51 -31.28 4.96
C ALA A 1020 17.48 -32.67 4.34
N SER A 1021 16.73 -32.81 3.24
CA SER A 1021 16.67 -34.09 2.54
C SER A 1021 18.04 -34.48 1.97
N ALA A 1022 18.78 -33.51 1.45
CA ALA A 1022 20.10 -33.79 0.88
C ALA A 1022 21.10 -34.18 1.96
N ASN A 1023 21.02 -33.55 3.13
CA ASN A 1023 21.85 -33.98 4.25
C ASN A 1023 21.51 -35.40 4.67
N LEU A 1024 20.22 -35.73 4.70
CA LEU A 1024 19.82 -37.10 5.03
C LEU A 1024 20.34 -38.09 3.99
N ALA A 1025 20.27 -37.73 2.71
CA ALA A 1025 20.78 -38.61 1.66
C ALA A 1025 22.29 -38.78 1.75
N ALA A 1026 23.01 -37.71 2.08
CA ALA A 1026 24.45 -37.81 2.29
C ALA A 1026 24.77 -38.74 3.46
N THR A 1027 24.01 -38.63 4.54
CA THR A 1027 24.21 -39.52 5.68
C THR A 1027 23.95 -40.97 5.29
N LYS A 1028 22.89 -41.22 4.51
CA LYS A 1028 22.61 -42.58 4.06
C LYS A 1028 23.73 -43.10 3.17
N MET A 1029 24.24 -42.27 2.26
CA MET A 1029 25.31 -42.70 1.39
C MET A 1029 26.56 -43.04 2.19
N SER A 1030 26.89 -42.22 3.19
CA SER A 1030 28.07 -42.48 3.99
C SER A 1030 27.90 -43.68 4.90
N GLU A 1031 26.69 -43.97 5.35
CA GLU A 1031 26.46 -44.96 6.40
C GLU A 1031 25.88 -46.27 5.90
N CYS A 1032 24.98 -46.25 4.92
CA CYS A 1032 24.42 -47.49 4.40
C CYS A 1032 25.25 -48.05 3.24
N VAL A 1033 25.81 -47.18 2.40
CA VAL A 1033 26.56 -47.63 1.24
C VAL A 1033 28.03 -47.84 1.57
N LEU A 1034 28.70 -46.83 2.13
CA LEU A 1034 30.11 -46.96 2.47
C LEU A 1034 30.35 -47.81 3.71
N GLY A 1035 29.30 -48.32 4.33
CA GLY A 1035 29.48 -49.19 5.48
C GLY A 1035 28.17 -49.87 5.82
N GLN A 1036 28.22 -50.70 6.86
CA GLN A 1036 27.05 -51.38 7.35
C GLN A 1036 26.51 -50.64 8.57
N SER A 1037 25.18 -50.51 8.63
CA SER A 1037 24.52 -49.72 9.65
C SER A 1037 23.82 -50.63 10.65
N LYS A 1038 24.06 -50.41 11.94
CA LYS A 1038 23.33 -51.08 13.00
C LYS A 1038 22.05 -50.35 13.38
N ARG A 1039 21.86 -49.12 12.92
CA ARG A 1039 20.66 -48.38 13.24
C ARG A 1039 19.44 -49.05 12.63
N VAL A 1040 18.39 -49.20 13.43
CA VAL A 1040 17.21 -49.95 13.02
C VAL A 1040 16.38 -49.12 12.07
N ASP A 1041 15.96 -49.73 10.97
CA ASP A 1041 15.09 -49.13 9.95
C ASP A 1041 15.68 -47.89 9.32
N PHE A 1042 16.97 -47.62 9.52
CA PHE A 1042 17.60 -46.50 8.84
C PHE A 1042 17.90 -46.82 7.39
N CYS A 1043 18.30 -48.07 7.11
CA CYS A 1043 18.60 -48.49 5.75
C CYS A 1043 17.69 -49.64 5.33
N GLY A 1044 16.40 -49.51 5.58
CA GLY A 1044 15.43 -50.51 5.18
C GLY A 1044 14.93 -51.34 6.34
N LYS A 1045 13.79 -51.99 6.12
CA LYS A 1045 13.19 -52.83 7.15
C LYS A 1045 13.85 -54.20 7.16
N GLY A 1046 14.53 -54.51 8.25
CA GLY A 1046 15.29 -55.75 8.37
C GLY A 1046 16.73 -55.46 8.77
N TYR A 1047 17.47 -56.54 8.96
CA TYR A 1047 18.89 -56.42 9.30
C TYR A 1047 19.67 -56.02 8.05
N HIS A 1048 20.27 -54.84 8.08
CA HIS A 1048 20.88 -54.26 6.89
C HIS A 1048 22.14 -55.02 6.50
N LEU A 1049 22.21 -55.42 5.23
CA LEU A 1049 23.41 -56.02 4.67
C LEU A 1049 24.23 -55.01 3.86
N MET A 1050 23.63 -54.41 2.84
CA MET A 1050 24.36 -53.46 2.02
C MET A 1050 23.37 -52.56 1.29
N SER A 1051 23.90 -51.64 0.49
CA SER A 1051 23.07 -50.69 -0.23
C SER A 1051 23.75 -50.32 -1.54
N PHE A 1052 22.94 -50.03 -2.54
CA PHE A 1052 23.43 -49.67 -3.87
C PHE A 1052 22.79 -48.35 -4.28
N PRO A 1053 23.56 -47.32 -4.57
CA PRO A 1053 22.98 -46.05 -5.01
C PRO A 1053 22.73 -46.03 -6.50
N GLN A 1054 21.75 -45.21 -6.88
CA GLN A 1054 21.42 -44.96 -8.28
C GLN A 1054 20.99 -43.51 -8.39
N SER A 1055 21.19 -42.93 -9.57
CA SER A 1055 20.80 -41.55 -9.81
C SER A 1055 19.34 -41.45 -10.20
N ALA A 1056 18.81 -40.24 -10.10
CA ALA A 1056 17.47 -39.91 -10.56
C ALA A 1056 17.46 -38.42 -10.86
N PRO A 1057 16.55 -37.97 -11.74
CA PRO A 1057 16.72 -36.63 -12.34
C PRO A 1057 17.08 -35.52 -11.37
N HIS A 1058 16.52 -35.50 -10.17
CA HIS A 1058 16.94 -34.55 -9.15
C HIS A 1058 17.01 -35.23 -7.79
N GLY A 1059 17.56 -36.43 -7.74
CA GLY A 1059 17.59 -37.14 -6.48
C GLY A 1059 18.37 -38.43 -6.59
N VAL A 1060 18.31 -39.20 -5.51
CA VAL A 1060 19.04 -40.44 -5.39
C VAL A 1060 18.08 -41.55 -4.99
N VAL A 1061 18.40 -42.77 -5.40
CA VAL A 1061 17.60 -43.94 -5.09
C VAL A 1061 18.51 -45.00 -4.50
N PHE A 1062 18.16 -45.51 -3.33
CA PHE A 1062 18.94 -46.51 -2.63
C PHE A 1062 18.22 -47.85 -2.74
N LEU A 1063 18.93 -48.86 -3.24
CA LEU A 1063 18.48 -50.24 -3.20
C LEU A 1063 19.11 -50.87 -1.97
N HIS A 1064 18.30 -51.07 -0.94
CA HIS A 1064 18.77 -51.61 0.34
C HIS A 1064 18.62 -53.12 0.30
N VAL A 1065 19.75 -53.83 0.35
CA VAL A 1065 19.76 -55.28 0.48
C VAL A 1065 19.81 -55.61 1.96
N THR A 1066 18.74 -56.21 2.47
CA THR A 1066 18.57 -56.52 3.88
C THR A 1066 18.18 -57.98 4.05
N TYR A 1067 18.21 -58.41 5.31
CA TYR A 1067 18.05 -59.81 5.70
C TYR A 1067 16.83 -59.90 6.61
N VAL A 1068 15.87 -60.73 6.22
CA VAL A 1068 14.61 -60.86 6.95
C VAL A 1068 14.45 -62.32 7.38
N PRO A 1069 14.41 -62.62 8.67
CA PRO A 1069 14.20 -64.01 9.10
C PRO A 1069 12.80 -64.49 8.77
N ALA A 1070 12.68 -65.82 8.62
CA ALA A 1070 11.41 -66.43 8.26
C ALA A 1070 11.44 -67.90 8.63
N GLN A 1071 10.25 -68.52 8.57
CA GLN A 1071 10.07 -69.95 8.84
C GLN A 1071 10.53 -70.31 10.25
N GLU A 1072 9.79 -69.74 11.21
CA GLU A 1072 10.14 -69.84 12.62
C GLU A 1072 9.55 -71.09 13.26
N LYS A 1073 10.23 -71.55 14.31
CA LYS A 1073 9.76 -72.68 15.11
C LYS A 1073 9.82 -72.33 16.60
N ASN A 1074 8.95 -72.97 17.36
CA ASN A 1074 8.91 -72.80 18.81
C ASN A 1074 9.91 -73.72 19.49
N PHE A 1075 10.42 -73.28 20.62
CA PHE A 1075 11.34 -74.06 21.43
C PHE A 1075 11.18 -73.67 22.89
N THR A 1076 11.66 -74.53 23.77
CA THR A 1076 11.68 -74.28 25.20
C THR A 1076 13.07 -73.83 25.62
N THR A 1077 13.15 -72.70 26.30
CA THR A 1077 14.42 -72.10 26.68
C THR A 1077 14.68 -72.29 28.17
N ALA A 1078 15.87 -71.86 28.58
CA ALA A 1078 16.30 -71.88 29.96
C ALA A 1078 17.42 -70.87 30.12
N PRO A 1079 17.38 -70.02 31.14
CA PRO A 1079 18.47 -69.05 31.34
C PRO A 1079 19.83 -69.70 31.48
N ALA A 1080 19.92 -70.87 32.09
CA ALA A 1080 21.21 -71.51 32.32
C ALA A 1080 20.98 -73.00 32.52
N ILE A 1081 22.08 -73.74 32.58
CA ILE A 1081 22.07 -75.19 32.80
C ILE A 1081 22.81 -75.47 34.09
N CYS A 1082 22.16 -76.14 35.03
CA CYS A 1082 22.81 -76.52 36.27
C CYS A 1082 23.46 -77.89 36.06
N HIS A 1083 24.76 -77.89 35.83
CA HIS A 1083 25.53 -79.12 35.69
C HIS A 1083 26.64 -79.15 36.72
N ASP A 1084 26.87 -80.32 37.31
CA ASP A 1084 27.91 -80.50 38.33
C ASP A 1084 27.74 -79.53 39.49
N GLY A 1085 26.50 -79.12 39.76
CA GLY A 1085 26.23 -78.21 40.84
C GLY A 1085 26.56 -76.76 40.55
N LYS A 1086 26.77 -76.40 39.29
CA LYS A 1086 27.09 -75.01 38.95
C LYS A 1086 26.37 -74.63 37.67
N ALA A 1087 26.13 -73.33 37.51
CA ALA A 1087 25.33 -72.80 36.42
C ALA A 1087 26.19 -72.49 35.21
N HIS A 1088 25.65 -72.78 34.02
CA HIS A 1088 26.31 -72.53 32.75
C HIS A 1088 25.43 -71.65 31.89
N PHE A 1089 26.00 -70.57 31.36
CA PHE A 1089 25.32 -69.68 30.44
C PHE A 1089 25.97 -69.73 29.07
N PRO A 1090 25.22 -69.54 27.99
CA PRO A 1090 25.83 -69.56 26.66
C PRO A 1090 26.78 -68.41 26.46
N ARG A 1091 27.83 -68.66 25.67
CA ARG A 1091 28.76 -67.61 25.32
C ARG A 1091 28.11 -66.61 24.39
N GLU A 1092 27.68 -67.07 23.21
CA GLU A 1092 26.93 -66.25 22.27
C GLU A 1092 25.85 -67.15 21.66
N GLY A 1093 24.67 -67.15 22.27
CA GLY A 1093 23.60 -67.97 21.76
C GLY A 1093 22.50 -68.12 22.80
N VAL A 1094 21.65 -69.11 22.57
CA VAL A 1094 20.49 -69.38 23.41
C VAL A 1094 20.34 -70.88 23.59
N PHE A 1095 19.92 -71.29 24.78
CA PHE A 1095 19.61 -72.68 25.07
C PHE A 1095 18.20 -72.99 24.60
N VAL A 1096 18.06 -74.03 23.76
CA VAL A 1096 16.77 -74.43 23.23
C VAL A 1096 16.62 -75.93 23.42
N SER A 1097 15.40 -76.42 23.18
CA SER A 1097 15.13 -77.84 23.26
C SER A 1097 14.01 -78.19 22.30
N ASN A 1098 14.10 -79.36 21.69
CA ASN A 1098 13.03 -79.88 20.84
C ASN A 1098 12.05 -80.74 21.61
N GLY A 1099 12.19 -80.84 22.92
CA GLY A 1099 11.27 -81.59 23.75
C GLY A 1099 11.96 -82.51 24.72
N THR A 1100 13.09 -83.09 24.32
CA THR A 1100 13.84 -83.99 25.19
C THR A 1100 15.34 -83.77 25.23
N HIS A 1101 15.93 -83.15 24.21
CA HIS A 1101 17.36 -82.81 24.24
C HIS A 1101 17.54 -81.30 24.24
N TRP A 1102 18.58 -80.85 24.92
CA TRP A 1102 18.91 -79.44 25.04
C TRP A 1102 20.12 -79.13 24.16
N PHE A 1103 20.01 -78.09 23.35
CA PHE A 1103 21.08 -77.62 22.48
C PHE A 1103 21.33 -76.14 22.75
N VAL A 1104 22.44 -75.65 22.20
CA VAL A 1104 22.75 -74.22 22.19
C VAL A 1104 22.87 -73.79 20.74
N THR A 1105 22.19 -72.70 20.39
CA THR A 1105 22.18 -72.22 19.02
C THR A 1105 22.44 -70.72 18.99
N GLN A 1106 22.52 -70.17 17.78
CA GLN A 1106 22.60 -68.74 17.61
C GLN A 1106 21.20 -68.15 17.50
N ARG A 1107 21.10 -66.87 17.85
CA ARG A 1107 19.79 -66.28 18.10
C ARG A 1107 18.99 -66.02 16.83
N ASN A 1108 19.66 -65.81 15.70
CA ASN A 1108 18.96 -65.40 14.48
C ASN A 1108 18.82 -66.51 13.45
N PHE A 1109 19.43 -67.67 13.68
CA PHE A 1109 19.32 -68.78 12.74
C PHE A 1109 19.37 -70.08 13.53
N TYR A 1110 18.47 -71.01 13.19
CA TYR A 1110 18.38 -72.27 13.92
C TYR A 1110 19.50 -73.19 13.45
N GLU A 1111 20.60 -73.21 14.20
CA GLU A 1111 21.68 -74.17 14.00
C GLU A 1111 22.04 -74.75 15.37
N PRO A 1112 21.32 -75.78 15.81
CA PRO A 1112 21.58 -76.32 17.15
C PRO A 1112 22.92 -77.00 17.25
N GLN A 1113 23.47 -76.99 18.47
CA GLN A 1113 24.75 -77.63 18.73
C GLN A 1113 24.71 -78.27 20.11
N ILE A 1114 25.57 -79.26 20.30
CA ILE A 1114 25.67 -79.93 21.59
C ILE A 1114 26.26 -78.97 22.62
N ILE A 1115 25.59 -78.85 23.77
CA ILE A 1115 26.07 -77.96 24.81
C ILE A 1115 27.41 -78.47 25.33
N THR A 1116 28.37 -77.56 25.41
CA THR A 1116 29.75 -77.92 25.73
C THR A 1116 30.37 -76.78 26.52
N THR A 1117 31.43 -77.10 27.28
CA THR A 1117 32.16 -76.05 27.95
C THR A 1117 32.86 -75.10 26.98
N ASP A 1118 32.96 -75.47 25.70
CA ASP A 1118 33.54 -74.57 24.72
C ASP A 1118 32.63 -73.37 24.46
N ASN A 1119 31.33 -73.59 24.38
CA ASN A 1119 30.38 -72.51 24.06
C ASN A 1119 29.53 -72.10 25.26
N THR A 1120 29.97 -72.43 26.48
CA THR A 1120 29.30 -71.98 27.69
C THR A 1120 30.35 -71.52 28.69
N PHE A 1121 29.93 -70.64 29.60
CA PHE A 1121 30.77 -70.22 30.71
C PHE A 1121 30.02 -70.38 32.02
N VAL A 1122 30.77 -70.74 33.06
CA VAL A 1122 30.24 -70.97 34.39
C VAL A 1122 30.25 -69.67 35.18
N SER A 1123 29.23 -69.50 36.02
CA SER A 1123 29.17 -68.33 36.88
C SER A 1123 28.33 -68.68 38.11
N GLY A 1124 29.00 -68.96 39.22
CA GLY A 1124 28.30 -69.25 40.46
C GLY A 1124 27.69 -70.63 40.49
N ASN A 1125 26.75 -70.80 41.43
CA ASN A 1125 26.01 -72.03 41.57
C ASN A 1125 24.64 -71.90 40.90
N CYS A 1126 23.86 -72.97 40.94
CA CYS A 1126 22.60 -73.06 40.20
C CYS A 1126 21.39 -72.93 41.12
N ASP A 1127 21.46 -72.03 42.10
CA ASP A 1127 20.35 -71.80 43.01
C ASP A 1127 19.83 -70.37 43.00
N VAL A 1128 20.46 -69.46 42.26
CA VAL A 1128 20.07 -68.06 42.28
C VAL A 1128 19.37 -67.70 40.97
N VAL A 1129 19.66 -68.46 39.91
CA VAL A 1129 19.05 -68.18 38.62
C VAL A 1129 17.60 -68.62 38.63
N ILE A 1130 16.70 -67.72 38.27
CA ILE A 1130 15.27 -67.98 38.28
C ILE A 1130 14.90 -68.61 36.95
N GLY A 1131 14.79 -69.94 36.92
CA GLY A 1131 14.46 -70.65 35.71
C GLY A 1131 15.51 -71.62 35.21
N ILE A 1132 16.50 -71.96 36.02
CA ILE A 1132 17.57 -72.85 35.57
C ILE A 1132 17.04 -74.27 35.45
N VAL A 1133 17.59 -75.03 34.51
CA VAL A 1133 17.22 -76.41 34.29
C VAL A 1133 18.45 -77.29 34.46
N ASN A 1134 18.22 -78.60 34.47
CA ASN A 1134 19.26 -79.59 34.70
C ASN A 1134 19.58 -80.30 33.40
N ASN A 1135 20.85 -80.31 33.02
CA ASN A 1135 21.30 -81.05 31.85
C ASN A 1135 22.80 -81.23 31.93
N THR A 1136 23.33 -82.10 31.07
CA THR A 1136 24.75 -82.36 31.03
C THR A 1136 25.46 -81.41 30.07
N VAL A 1137 26.61 -80.91 30.51
CA VAL A 1137 27.46 -80.06 29.68
C VAL A 1137 28.65 -80.92 29.27
N TYR A 1138 28.66 -81.35 28.02
CA TYR A 1138 29.70 -82.23 27.51
C TYR A 1138 31.06 -81.58 27.68
N ASP A 1139 32.01 -82.33 28.24
CA ASP A 1139 33.38 -81.88 28.38
C ASP A 1139 34.21 -82.64 27.36
N PRO A 1140 34.76 -81.98 26.34
CA PRO A 1140 35.49 -82.68 25.27
C PRO A 1140 36.95 -82.96 25.61
N LEU A 1141 37.18 -83.51 26.80
CA LEU A 1141 38.54 -83.87 27.22
C LEU A 1141 38.57 -85.31 27.71
N GLN A 1142 37.45 -85.80 28.24
CA GLN A 1142 37.38 -87.18 28.70
C GLN A 1142 37.61 -88.18 27.57
N PRO A 1143 36.95 -88.09 26.41
CA PRO A 1143 37.35 -88.98 25.30
C PRO A 1143 38.78 -88.79 24.85
N GLU A 1144 39.30 -87.56 24.92
CA GLU A 1144 40.68 -87.33 24.52
C GLU A 1144 41.66 -88.00 25.47
N LEU A 1145 41.33 -88.03 26.77
CA LEU A 1145 42.22 -88.66 27.74
C LEU A 1145 42.37 -90.15 27.46
N ASP A 1146 41.29 -90.82 27.10
CA ASP A 1146 41.33 -92.25 26.79
C ASP A 1146 41.89 -92.48 25.39
N GLN B 14 -30.72 36.98 45.55
CA GLN B 14 -29.79 37.73 46.38
C GLN B 14 -29.03 36.81 47.33
N CYS B 15 -27.72 37.03 47.43
CA CYS B 15 -26.86 36.25 48.30
C CYS B 15 -25.95 37.18 49.09
N VAL B 16 -25.49 36.68 50.24
CA VAL B 16 -24.62 37.44 51.13
C VAL B 16 -23.33 36.65 51.31
N ASN B 17 -22.19 37.34 51.17
CA ASN B 17 -20.90 36.70 51.41
C ASN B 17 -20.82 36.19 52.83
N LEU B 18 -20.35 34.95 52.98
CA LEU B 18 -20.31 34.30 54.29
C LEU B 18 -18.95 34.53 54.94
N THR B 19 -18.98 34.99 56.19
CA THR B 19 -17.78 35.21 56.98
C THR B 19 -17.51 34.00 57.86
N THR B 20 -16.56 34.14 58.78
CA THR B 20 -16.17 33.09 59.71
C THR B 20 -15.69 31.85 58.95
N ARG B 21 -14.57 32.03 58.23
CA ARG B 21 -13.97 30.94 57.47
C ARG B 21 -12.45 31.13 57.53
N THR B 22 -11.80 30.42 58.45
CA THR B 22 -10.36 30.54 58.60
C THR B 22 -9.63 29.96 57.41
N GLN B 23 -8.50 30.55 57.07
CA GLN B 23 -7.66 30.10 55.97
C GLN B 23 -6.70 29.03 56.47
N LEU B 24 -6.88 27.79 56.03
CA LEU B 24 -6.07 26.68 56.46
C LEU B 24 -5.67 25.88 55.22
N PRO B 25 -4.40 25.49 55.11
CA PRO B 25 -3.95 24.80 53.90
C PRO B 25 -4.68 23.48 53.73
N PRO B 26 -4.98 23.11 52.49
CA PRO B 26 -5.75 21.87 52.27
C PRO B 26 -4.95 20.64 52.69
N ALA B 27 -5.68 19.63 53.15
CA ALA B 27 -5.11 18.34 53.51
C ALA B 27 -5.17 17.39 52.33
N TYR B 28 -4.24 16.44 52.32
CA TYR B 28 -4.18 15.43 51.28
C TYR B 28 -4.33 14.04 51.89
N THR B 29 -4.69 13.08 51.07
CA THR B 29 -4.75 11.69 51.49
C THR B 29 -4.43 10.80 50.30
N ASN B 30 -4.28 9.50 50.56
CA ASN B 30 -3.85 8.55 49.56
C ASN B 30 -5.00 7.61 49.20
N SER B 31 -5.34 7.57 47.91
CA SER B 31 -6.39 6.71 47.40
C SER B 31 -5.80 5.36 47.02
N PHE B 32 -6.38 4.30 47.59
CA PHE B 32 -5.89 2.93 47.45
C PHE B 32 -6.85 2.17 46.54
N THR B 33 -6.45 2.00 45.27
CA THR B 33 -7.22 1.21 44.30
C THR B 33 -8.67 1.68 44.24
N ARG B 34 -8.86 2.99 44.14
CA ARG B 34 -10.17 3.59 44.06
C ARG B 34 -10.37 4.25 42.70
N GLY B 35 -11.61 4.63 42.43
CA GLY B 35 -11.95 5.31 41.20
C GLY B 35 -11.84 4.46 39.95
N VAL B 36 -12.26 3.20 40.02
CA VAL B 36 -12.34 2.33 38.86
C VAL B 36 -13.79 2.29 38.39
N TYR B 37 -13.99 2.45 37.08
CA TYR B 37 -15.32 2.50 36.53
C TYR B 37 -15.38 1.72 35.22
N TYR B 38 -16.58 1.31 34.85
CA TYR B 38 -16.78 0.54 33.63
C TYR B 38 -16.61 1.46 32.43
N PRO B 39 -15.65 1.20 31.53
CA PRO B 39 -15.43 2.10 30.40
C PRO B 39 -16.30 1.84 29.19
N ASP B 40 -17.13 0.79 29.21
CA ASP B 40 -17.95 0.46 28.07
C ASP B 40 -19.20 -0.28 28.53
N LYS B 41 -20.20 -0.31 27.65
CA LYS B 41 -21.43 -1.06 27.86
C LYS B 41 -21.28 -2.55 27.57
N VAL B 42 -20.06 -3.05 27.51
CA VAL B 42 -19.78 -4.36 26.96
C VAL B 42 -19.66 -5.39 28.08
N PHE B 43 -20.14 -6.60 27.80
CA PHE B 43 -20.14 -7.67 28.78
C PHE B 43 -18.97 -8.61 28.52
N ARG B 44 -18.18 -8.87 29.56
CA ARG B 44 -17.09 -9.83 29.49
C ARG B 44 -17.14 -10.67 30.76
N SER B 45 -16.90 -11.97 30.63
CA SER B 45 -17.02 -12.91 31.75
C SER B 45 -15.70 -13.62 31.96
N SER B 46 -15.14 -13.46 33.16
CA SER B 46 -13.94 -14.16 33.60
C SER B 46 -12.79 -13.98 32.60
N VAL B 47 -12.49 -12.71 32.32
CA VAL B 47 -11.42 -12.35 31.39
C VAL B 47 -10.55 -11.28 32.03
N LEU B 48 -9.49 -10.91 31.31
CA LEU B 48 -8.62 -9.81 31.67
C LEU B 48 -8.52 -8.88 30.47
N HIS B 49 -8.96 -7.64 30.66
CA HIS B 49 -9.07 -6.67 29.57
C HIS B 49 -8.18 -5.47 29.86
N SER B 50 -7.37 -5.10 28.87
CA SER B 50 -6.51 -3.93 28.97
C SER B 50 -7.17 -2.77 28.23
N THR B 51 -7.40 -1.66 28.95
CA THR B 51 -8.09 -0.52 28.39
C THR B 51 -7.34 0.76 28.70
N GLN B 52 -7.17 1.62 27.71
CA GLN B 52 -6.49 2.90 27.86
C GLN B 52 -7.53 4.00 27.84
N ASP B 53 -7.76 4.63 28.99
CA ASP B 53 -8.80 5.64 29.11
C ASP B 53 -8.49 6.50 30.34
N LEU B 54 -9.40 7.41 30.67
CA LEU B 54 -9.23 8.36 31.75
C LEU B 54 -9.61 7.69 33.06
N PHE B 55 -8.61 7.27 33.83
CA PHE B 55 -8.84 6.67 35.15
C PHE B 55 -8.13 7.47 36.23
N LEU B 56 -8.38 7.09 37.47
CA LEU B 56 -7.67 7.65 38.61
C LEU B 56 -6.52 6.73 38.98
N PRO B 57 -5.28 7.22 38.98
CA PRO B 57 -4.13 6.34 39.27
C PRO B 57 -4.23 5.73 40.66
N PHE B 58 -3.76 4.50 40.77
CA PHE B 58 -3.81 3.80 42.05
C PHE B 58 -2.82 4.43 43.03
N PHE B 59 -3.20 4.43 44.31
CA PHE B 59 -2.41 5.05 45.38
C PHE B 59 -2.13 6.52 45.06
N SER B 60 -3.19 7.25 44.74
CA SER B 60 -3.02 8.63 44.28
C SER B 60 -3.08 9.60 45.44
N ASN B 61 -2.71 10.84 45.15
CA ASN B 61 -2.70 11.93 46.14
C ASN B 61 -3.92 12.80 45.88
N VAL B 62 -4.97 12.61 46.68
CA VAL B 62 -6.25 13.27 46.46
C VAL B 62 -6.51 14.28 47.57
N THR B 63 -7.05 15.43 47.19
CA THR B 63 -7.37 16.48 48.15
C THR B 63 -8.50 16.05 49.07
N TRP B 64 -8.43 16.47 50.32
CA TRP B 64 -9.41 16.14 51.35
C TRP B 64 -10.00 17.45 51.83
N PHE B 65 -11.34 17.51 51.88
CA PHE B 65 -12.03 18.70 52.36
C PHE B 65 -12.99 18.31 53.46
N HIS B 66 -12.88 18.99 54.59
CA HIS B 66 -13.58 18.64 55.83
C HIS B 66 -14.91 19.40 55.94
N ALA B 67 -15.72 18.95 56.89
CA ALA B 67 -16.88 19.72 57.35
C ALA B 67 -17.17 19.27 58.77
N ILE B 68 -16.87 20.13 59.74
CA ILE B 68 -17.05 19.79 61.15
C ILE B 68 -17.18 21.08 61.95
N HIS B 69 -18.05 21.05 62.96
CA HIS B 69 -18.34 22.23 63.75
C HIS B 69 -17.11 22.71 64.51
N VAL B 70 -16.46 21.79 65.22
CA VAL B 70 -15.29 22.11 66.06
C VAL B 70 -15.61 23.22 67.05
N THR B 76 -14.61 29.36 63.01
CA THR B 76 -14.21 28.49 61.92
C THR B 76 -15.41 27.75 61.33
N LYS B 77 -15.83 26.69 62.02
CA LYS B 77 -16.95 25.81 61.67
C LYS B 77 -16.69 24.98 60.42
N ARG B 78 -15.57 25.20 59.73
CA ARG B 78 -15.10 24.35 58.63
C ARG B 78 -16.20 24.07 57.60
N PHE B 79 -16.79 25.15 57.10
CA PHE B 79 -17.68 25.07 55.95
C PHE B 79 -16.86 25.36 54.70
N ASP B 80 -16.77 24.37 53.81
CA ASP B 80 -15.74 24.34 52.79
C ASP B 80 -16.36 24.06 51.43
N ASN B 81 -16.43 25.08 50.57
CA ASN B 81 -16.81 24.95 49.18
C ASN B 81 -15.81 25.70 48.30
N PRO B 82 -14.57 25.21 48.20
CA PRO B 82 -13.54 25.99 47.50
C PRO B 82 -13.73 26.05 46.00
N VAL B 83 -12.76 26.67 45.33
CA VAL B 83 -12.70 26.68 43.88
C VAL B 83 -11.89 25.46 43.44
N LEU B 84 -12.48 24.65 42.56
CA LEU B 84 -11.79 23.44 42.11
C LEU B 84 -11.81 23.35 40.59
N PRO B 85 -10.65 23.28 39.95
CA PRO B 85 -10.61 23.13 38.49
C PRO B 85 -11.11 21.75 38.06
N PHE B 86 -11.51 21.67 36.79
CA PHE B 86 -12.02 20.45 36.18
C PHE B 86 -11.22 20.25 34.89
N ASN B 87 -10.08 19.55 35.00
CA ASN B 87 -9.17 19.45 33.86
C ASN B 87 -9.64 18.41 32.86
N ASP B 88 -9.70 17.14 33.27
CA ASP B 88 -10.09 16.06 32.38
C ASP B 88 -10.96 15.03 33.08
N GLY B 89 -11.77 15.47 34.05
CA GLY B 89 -12.56 14.55 34.82
C GLY B 89 -12.20 14.61 36.29
N VAL B 90 -13.15 14.28 37.16
CA VAL B 90 -12.95 14.42 38.60
C VAL B 90 -13.54 13.21 39.31
N TYR B 91 -12.80 12.71 40.30
CA TYR B 91 -13.29 11.67 41.20
C TYR B 91 -13.67 12.32 42.51
N PHE B 92 -14.89 12.05 42.98
CA PHE B 92 -15.48 12.73 44.12
C PHE B 92 -16.07 11.70 45.07
N ALA B 93 -15.48 11.56 46.25
CA ALA B 93 -15.94 10.58 47.24
C ALA B 93 -16.43 11.32 48.48
N SER B 94 -17.70 11.11 48.82
CA SER B 94 -18.32 11.75 49.97
C SER B 94 -18.45 10.74 51.09
N THR B 95 -17.66 10.92 52.15
CA THR B 95 -17.81 10.15 53.38
C THR B 95 -18.77 10.91 54.28
N GLU B 96 -19.94 10.31 54.54
CA GLU B 96 -21.07 11.00 55.09
C GLU B 96 -21.82 10.09 56.06
N LYS B 97 -22.46 10.71 57.06
CA LYS B 97 -23.35 10.00 57.98
C LYS B 97 -24.69 10.68 58.19
N SER B 98 -24.82 11.97 57.89
CA SER B 98 -26.05 12.71 58.16
C SER B 98 -26.59 13.42 56.92
N ASN B 99 -26.08 13.06 55.73
CA ASN B 99 -26.55 13.59 54.46
C ASN B 99 -26.40 15.12 54.42
N ILE B 100 -25.15 15.57 54.47
CA ILE B 100 -24.84 17.00 54.43
C ILE B 100 -24.53 17.45 53.01
N ILE B 101 -23.80 16.64 52.23
CA ILE B 101 -23.51 17.00 50.86
C ILE B 101 -24.81 17.02 50.04
N ARG B 102 -24.93 18.02 49.16
CA ARG B 102 -26.13 18.20 48.35
C ARG B 102 -25.84 17.91 46.88
N GLY B 103 -24.89 18.59 46.27
CA GLY B 103 -24.66 18.43 44.85
C GLY B 103 -23.44 19.17 44.33
N TRP B 104 -23.52 19.65 43.10
CA TRP B 104 -22.37 20.26 42.44
C TRP B 104 -22.82 21.32 41.45
N ILE B 105 -21.88 22.21 41.14
CA ILE B 105 -22.00 23.19 40.08
C ILE B 105 -20.79 23.06 39.18
N PHE B 106 -21.03 23.11 37.87
CA PHE B 106 -19.96 23.06 36.88
C PHE B 106 -20.08 24.28 35.96
N GLY B 107 -18.94 24.82 35.56
CA GLY B 107 -18.95 25.97 34.69
C GLY B 107 -17.55 26.43 34.35
N THR B 108 -17.48 27.52 33.60
CA THR B 108 -16.22 28.16 33.24
C THR B 108 -16.12 29.58 33.77
N THR B 109 -17.11 30.43 33.48
CA THR B 109 -17.09 31.82 33.91
C THR B 109 -17.96 32.08 35.13
N LEU B 110 -19.05 31.33 35.29
CA LEU B 110 -19.93 31.42 36.45
C LEU B 110 -20.58 32.80 36.58
N ASP B 111 -20.70 33.54 35.48
CA ASP B 111 -21.21 34.90 35.52
C ASP B 111 -22.21 35.15 34.41
N SER B 112 -23.05 34.15 34.13
CA SER B 112 -24.18 34.21 33.20
C SER B 112 -23.77 34.41 31.75
N LYS B 113 -22.48 34.52 31.45
CA LYS B 113 -22.03 34.66 30.08
C LYS B 113 -21.67 33.33 29.44
N THR B 114 -21.76 32.24 30.19
CA THR B 114 -21.50 30.91 29.66
C THR B 114 -22.42 29.92 30.38
N GLN B 115 -22.88 28.92 29.65
CA GLN B 115 -23.81 27.94 30.20
C GLN B 115 -23.15 27.14 31.31
N SER B 116 -23.88 26.92 32.39
CA SER B 116 -23.39 26.18 33.54
C SER B 116 -24.26 24.94 33.77
N LEU B 117 -23.86 24.13 34.74
CA LEU B 117 -24.57 22.92 35.11
C LEU B 117 -24.76 22.91 36.62
N LEU B 118 -25.92 22.42 37.06
CA LEU B 118 -26.34 22.55 38.44
C LEU B 118 -27.08 21.28 38.85
N ILE B 119 -26.48 20.48 39.71
CA ILE B 119 -27.07 19.25 40.21
C ILE B 119 -27.27 19.40 41.72
N VAL B 120 -28.52 19.23 42.17
CA VAL B 120 -28.85 19.39 43.59
C VAL B 120 -29.84 18.32 44.01
N ASN B 121 -29.60 17.73 45.18
CA ASN B 121 -30.59 16.93 45.88
C ASN B 121 -31.14 17.78 47.02
N ASN B 122 -32.15 18.60 46.68
CA ASN B 122 -32.69 19.56 47.64
C ASN B 122 -33.87 18.97 48.42
N ALA B 123 -33.66 17.77 48.96
CA ALA B 123 -34.58 17.12 49.90
C ALA B 123 -35.92 16.80 49.26
N THR B 124 -36.13 17.21 48.02
CA THR B 124 -37.37 16.89 47.30
C THR B 124 -37.09 16.05 46.06
N ASN B 125 -36.21 16.50 45.18
CA ASN B 125 -35.88 15.79 43.96
C ASN B 125 -34.38 15.93 43.71
N VAL B 126 -33.92 15.35 42.61
CA VAL B 126 -32.57 15.58 42.11
C VAL B 126 -32.69 16.39 40.83
N VAL B 127 -32.48 17.70 40.97
CA VAL B 127 -32.57 18.62 39.85
C VAL B 127 -31.23 18.67 39.13
N ILE B 128 -31.26 18.51 37.82
CA ILE B 128 -30.07 18.54 36.97
C ILE B 128 -30.35 19.54 35.85
N LYS B 129 -29.94 20.78 36.05
CA LYS B 129 -30.24 21.86 35.13
C LYS B 129 -28.97 22.32 34.43
N VAL B 130 -28.96 22.29 33.10
CA VAL B 130 -27.94 22.96 32.33
C VAL B 130 -28.53 24.27 31.87
N CYS B 131 -27.94 25.37 32.35
CA CYS B 131 -28.63 26.64 32.39
C CYS B 131 -27.60 27.69 32.78
N GLU B 132 -27.88 28.94 32.39
CA GLU B 132 -26.99 30.06 32.70
C GLU B 132 -27.54 30.78 33.93
N PHE B 133 -26.71 30.92 34.96
CA PHE B 133 -27.13 31.50 36.22
C PHE B 133 -26.18 32.62 36.61
N GLN B 134 -26.71 33.58 37.37
CA GLN B 134 -25.89 34.58 38.04
C GLN B 134 -25.37 34.00 39.36
N PHE B 135 -24.41 33.08 39.21
CA PHE B 135 -23.96 32.28 40.34
C PHE B 135 -23.30 33.16 41.40
N CYS B 136 -23.63 32.88 42.66
CA CYS B 136 -23.02 33.58 43.78
C CYS B 136 -21.66 32.99 44.11
N ASN B 137 -20.81 33.80 44.73
CA ASN B 137 -19.49 33.32 45.09
C ASN B 137 -19.56 32.26 46.20
N ASP B 138 -20.53 32.38 47.10
CA ASP B 138 -20.70 31.45 48.21
C ASP B 138 -22.12 30.87 48.14
N PRO B 139 -22.33 29.87 47.29
CA PRO B 139 -23.63 29.20 47.23
C PRO B 139 -23.75 27.96 48.11
N PHE B 140 -24.96 27.76 48.63
CA PHE B 140 -25.18 26.70 49.59
C PHE B 140 -26.67 26.43 49.75
N LEU B 141 -26.96 25.39 50.53
CA LEU B 141 -28.30 25.07 51.01
C LEU B 141 -28.35 25.30 52.51
N GLY B 142 -29.57 25.30 53.05
CA GLY B 142 -29.73 25.49 54.48
C GLY B 142 -30.98 24.85 55.05
N VAL B 143 -30.80 24.02 56.06
CA VAL B 143 -31.89 23.30 56.71
C VAL B 143 -32.11 23.92 58.09
N TYR B 144 -33.33 24.37 58.34
CA TYR B 144 -33.70 24.94 59.62
C TYR B 144 -34.22 23.83 60.53
N TYR B 145 -33.57 23.64 61.67
CA TYR B 145 -33.93 22.59 62.62
C TYR B 145 -34.85 23.19 63.67
N HIS B 146 -36.14 22.89 63.56
CA HIS B 146 -37.11 23.37 64.54
C HIS B 146 -36.91 22.68 65.88
N LYS B 147 -37.07 23.44 66.95
CA LYS B 147 -36.89 22.91 68.29
C LYS B 147 -38.19 22.41 68.91
N ASN B 148 -39.33 22.97 68.50
CA ASN B 148 -40.61 22.53 69.04
C ASN B 148 -40.91 21.09 68.67
N ASN B 149 -40.59 20.71 67.43
CA ASN B 149 -40.82 19.35 66.95
C ASN B 149 -39.54 18.79 66.36
N LYS B 150 -39.45 17.46 66.32
CA LYS B 150 -38.29 16.77 65.75
C LYS B 150 -38.50 16.61 64.25
N SER B 151 -38.37 17.73 63.54
CA SER B 151 -38.55 17.75 62.09
C SER B 151 -37.47 18.63 61.47
N TRP B 152 -36.94 18.20 60.33
CA TRP B 152 -35.92 18.94 59.60
C TRP B 152 -36.47 19.32 58.23
N MET B 153 -36.30 20.58 57.85
CA MET B 153 -36.86 21.08 56.60
C MET B 153 -35.89 22.09 56.01
N GLU B 154 -35.53 21.90 54.74
CA GLU B 154 -34.59 22.78 54.06
C GLU B 154 -35.26 24.11 53.74
N SER B 155 -34.78 25.18 54.36
CA SER B 155 -35.43 26.49 54.23
C SER B 155 -34.71 27.44 53.29
N GLU B 156 -33.38 27.38 53.19
CA GLU B 156 -32.61 28.34 52.43
C GLU B 156 -31.94 27.66 51.23
N PHE B 157 -31.87 28.38 50.12
CA PHE B 157 -31.23 27.88 48.90
C PHE B 157 -30.62 29.09 48.19
N ARG B 158 -29.33 29.34 48.46
CA ARG B 158 -28.65 30.53 47.98
C ARG B 158 -27.59 30.10 46.97
N VAL B 159 -28.00 29.99 45.71
CA VAL B 159 -27.10 29.52 44.66
C VAL B 159 -27.07 30.50 43.50
N TYR B 160 -28.24 30.83 42.95
CA TYR B 160 -28.34 31.67 41.76
C TYR B 160 -29.44 32.70 41.94
N SER B 161 -29.40 33.71 41.07
CA SER B 161 -30.40 34.79 41.07
C SER B 161 -31.52 34.53 40.06
N SER B 162 -31.18 34.42 38.78
CA SER B 162 -32.18 34.26 37.73
C SER B 162 -31.51 33.75 36.47
N ALA B 163 -32.32 33.48 35.45
CA ALA B 163 -31.86 32.98 34.17
C ALA B 163 -32.71 33.56 33.05
N ASN B 164 -32.06 33.90 31.92
CA ASN B 164 -32.78 34.44 30.77
C ASN B 164 -33.10 33.34 29.74
N ASN B 165 -32.07 32.72 29.17
CA ASN B 165 -32.23 31.60 28.27
C ASN B 165 -31.70 30.36 28.96
N CYS B 166 -32.55 29.35 29.13
CA CYS B 166 -32.22 28.22 29.99
C CYS B 166 -32.51 26.95 29.21
N THR B 167 -31.45 26.37 28.61
CA THR B 167 -31.64 25.37 27.56
C THR B 167 -32.06 24.01 28.11
N PHE B 168 -31.67 23.67 29.33
CA PHE B 168 -31.92 22.33 29.86
C PHE B 168 -32.64 22.45 31.20
N GLU B 169 -33.38 21.39 31.52
CA GLU B 169 -34.15 21.32 32.75
C GLU B 169 -34.46 19.86 33.01
N TYR B 170 -34.46 19.47 34.29
CA TYR B 170 -34.69 18.08 34.66
C TYR B 170 -35.06 18.01 36.13
N VAL B 171 -36.15 17.31 36.42
CA VAL B 171 -36.54 16.98 37.79
C VAL B 171 -36.93 15.50 37.81
N SER B 172 -36.43 14.77 38.80
CA SER B 172 -36.82 13.38 38.98
C SER B 172 -38.10 13.30 39.81
N GLN B 173 -38.53 12.07 40.10
CA GLN B 173 -39.73 11.88 40.89
C GLN B 173 -39.50 12.33 42.33
N PRO B 174 -40.51 12.91 42.98
CA PRO B 174 -40.32 13.36 44.36
C PRO B 174 -40.06 12.21 45.31
N PHE B 175 -39.29 12.49 46.36
CA PHE B 175 -38.99 11.50 47.38
C PHE B 175 -38.80 12.21 48.71
N LEU B 176 -38.37 11.46 49.72
CA LEU B 176 -38.10 12.01 51.04
C LEU B 176 -36.95 11.24 51.65
N MET B 177 -36.26 11.87 52.60
CA MET B 177 -35.14 11.25 53.27
C MET B 177 -35.07 11.79 54.71
N ASP B 178 -33.94 11.54 55.36
CA ASP B 178 -33.83 11.76 56.80
C ASP B 178 -33.62 13.24 57.14
N LEU B 179 -32.53 13.83 56.64
CA LEU B 179 -32.13 15.21 56.91
C LEU B 179 -31.72 15.44 58.36
N GLU B 180 -31.80 14.42 59.20
CA GLU B 180 -31.42 14.55 60.59
C GLU B 180 -29.94 14.19 60.77
N GLY B 181 -29.34 14.77 61.81
CA GLY B 181 -27.94 14.53 62.09
C GLY B 181 -27.72 13.51 63.18
N LYS B 182 -27.38 12.29 62.78
CA LYS B 182 -27.07 11.24 63.74
C LYS B 182 -25.70 11.46 64.35
N GLN B 183 -25.51 10.90 65.55
CA GLN B 183 -24.26 11.02 66.29
C GLN B 183 -23.47 9.71 66.20
N GLY B 184 -22.21 9.82 65.84
CA GLY B 184 -21.33 8.68 65.72
C GLY B 184 -20.34 8.89 64.60
N ASN B 185 -19.85 7.80 64.04
CA ASN B 185 -18.91 7.85 62.93
C ASN B 185 -19.67 7.84 61.61
N PHE B 186 -18.93 8.12 60.53
CA PHE B 186 -19.53 8.11 59.20
C PHE B 186 -19.96 6.70 58.84
N LYS B 187 -21.08 6.61 58.11
CA LYS B 187 -21.69 5.32 57.81
C LYS B 187 -21.76 5.00 56.32
N ASN B 188 -21.64 5.99 55.43
CA ASN B 188 -21.76 5.73 54.01
C ASN B 188 -20.71 6.54 53.26
N LEU B 189 -20.42 6.12 52.03
CA LEU B 189 -19.65 6.96 51.12
C LEU B 189 -20.22 6.82 49.72
N ARG B 190 -20.44 7.96 49.08
CA ARG B 190 -20.93 8.02 47.71
C ARG B 190 -19.76 8.39 46.79
N GLU B 191 -19.44 7.50 45.86
CA GLU B 191 -18.36 7.72 44.92
C GLU B 191 -18.93 8.14 43.58
N PHE B 192 -18.31 9.14 42.96
CA PHE B 192 -18.74 9.65 41.68
C PHE B 192 -17.53 9.93 40.80
N VAL B 193 -17.72 9.72 39.49
CA VAL B 193 -16.72 10.05 38.50
C VAL B 193 -17.40 10.91 37.44
N PHE B 194 -16.88 12.11 37.23
CA PHE B 194 -17.45 13.05 36.27
C PHE B 194 -16.48 13.24 35.12
N LYS B 195 -16.98 13.12 33.90
CA LYS B 195 -16.18 13.32 32.71
C LYS B 195 -16.95 14.15 31.70
N ASN B 196 -16.22 14.80 30.80
CA ASN B 196 -16.83 15.59 29.73
C ASN B 196 -16.04 15.32 28.46
N ILE B 197 -16.57 14.48 27.58
CA ILE B 197 -15.87 14.08 26.37
C ILE B 197 -16.85 14.00 25.20
N ASP B 198 -16.43 14.54 24.06
CA ASP B 198 -17.19 14.48 22.80
C ASP B 198 -18.60 15.05 22.96
N GLY B 199 -18.74 16.10 23.76
CA GLY B 199 -20.02 16.72 23.99
C GLY B 199 -20.93 15.99 24.96
N TYR B 200 -20.49 14.85 25.48
CA TYR B 200 -21.23 14.09 26.48
C TYR B 200 -20.68 14.40 27.86
N PHE B 201 -21.59 14.70 28.79
CA PHE B 201 -21.25 14.86 30.19
C PHE B 201 -21.63 13.56 30.89
N LYS B 202 -20.63 12.77 31.27
CA LYS B 202 -20.83 11.43 31.78
C LYS B 202 -20.68 11.41 33.29
N ILE B 203 -21.63 10.77 33.98
CA ILE B 203 -21.58 10.60 35.42
C ILE B 203 -21.62 9.10 35.71
N TYR B 204 -20.60 8.62 36.41
CA TYR B 204 -20.58 7.28 36.98
C TYR B 204 -20.71 7.42 38.49
N SER B 205 -21.30 6.42 39.14
CA SER B 205 -21.57 6.55 40.56
C SER B 205 -21.61 5.17 41.23
N LYS B 206 -21.46 5.19 42.54
CA LYS B 206 -21.66 4.01 43.37
C LYS B 206 -21.88 4.47 44.82
N HIS B 207 -22.52 3.61 45.60
CA HIS B 207 -22.80 3.87 47.00
C HIS B 207 -22.29 2.71 47.84
N THR B 208 -21.64 3.02 48.96
CA THR B 208 -21.07 1.94 49.75
C THR B 208 -21.21 2.19 51.25
N PRO B 209 -21.72 1.23 52.01
CA PRO B 209 -21.77 1.40 53.47
C PRO B 209 -20.42 1.12 54.12
N ILE B 210 -20.11 1.88 55.16
CA ILE B 210 -18.88 1.75 55.91
C ILE B 210 -19.16 2.00 57.39
N ASN B 211 -18.18 1.67 58.24
CA ASN B 211 -18.30 1.84 59.68
C ASN B 211 -16.99 2.37 60.27
N LEU B 212 -16.42 3.38 59.61
CA LEU B 212 -15.18 3.99 60.05
C LEU B 212 -15.41 5.44 60.44
N VAL B 213 -14.44 6.00 61.17
CA VAL B 213 -14.58 7.36 61.68
C VAL B 213 -14.09 8.39 60.66
N ARG B 214 -12.90 8.17 60.09
CA ARG B 214 -12.38 9.06 59.05
C ARG B 214 -11.31 8.31 58.26
N ASP B 215 -11.63 8.01 57.00
CA ASP B 215 -10.72 7.36 56.07
C ASP B 215 -11.44 7.19 54.74
N LEU B 216 -10.65 7.01 53.68
CA LEU B 216 -11.17 6.47 52.43
C LEU B 216 -10.83 4.99 52.43
N PRO B 217 -11.82 4.10 52.48
CA PRO B 217 -11.52 2.69 52.82
C PRO B 217 -10.64 2.02 51.77
N GLN B 218 -10.01 0.94 52.18
CA GLN B 218 -9.22 0.12 51.28
C GLN B 218 -10.16 -0.79 50.49
N GLY B 219 -9.60 -1.78 49.80
CA GLY B 219 -10.40 -2.70 49.02
C GLY B 219 -10.65 -2.18 47.62
N PHE B 220 -11.68 -2.73 46.99
CA PHE B 220 -12.01 -2.44 45.61
C PHE B 220 -13.48 -2.07 45.49
N SER B 221 -13.77 -1.18 44.53
CA SER B 221 -15.14 -0.71 44.34
C SER B 221 -15.28 -0.26 42.88
N ALA B 222 -15.90 -1.11 42.06
CA ALA B 222 -16.15 -0.78 40.67
C ALA B 222 -17.44 0.03 40.54
N LEU B 223 -17.37 1.12 39.77
CA LEU B 223 -18.45 2.10 39.72
C LEU B 223 -19.30 1.88 38.47
N GLU B 224 -20.58 1.57 38.68
CA GLU B 224 -21.50 1.48 37.57
C GLU B 224 -21.75 2.86 36.97
N PRO B 225 -21.91 2.96 35.66
CA PRO B 225 -22.30 4.23 35.06
C PRO B 225 -23.69 4.64 35.52
N LEU B 226 -23.89 5.95 35.65
CA LEU B 226 -25.14 6.49 36.15
C LEU B 226 -25.94 7.18 35.07
N VAL B 227 -25.35 8.10 34.31
CA VAL B 227 -26.10 8.88 33.34
C VAL B 227 -25.15 9.50 32.32
N ASP B 228 -25.68 9.79 31.14
CA ASP B 228 -25.01 10.56 30.10
C ASP B 228 -25.90 11.72 29.73
N LEU B 229 -25.32 12.92 29.65
CA LEU B 229 -26.08 14.10 29.28
C LEU B 229 -25.55 14.67 27.97
N PRO B 230 -26.41 14.89 26.98
CA PRO B 230 -25.98 15.52 25.72
C PRO B 230 -25.99 17.05 25.84
N ILE B 231 -24.99 17.56 26.54
CA ILE B 231 -24.91 18.99 26.87
C ILE B 231 -24.00 19.74 25.91
N GLY B 232 -22.77 19.26 25.72
CA GLY B 232 -21.86 19.88 24.79
C GLY B 232 -21.40 21.28 25.17
N ILE B 233 -21.05 21.48 26.43
CA ILE B 233 -20.53 22.76 26.90
C ILE B 233 -19.17 22.53 27.54
N ASN B 234 -18.39 23.60 27.61
CA ASN B 234 -17.06 23.54 28.23
C ASN B 234 -17.21 23.58 29.74
N ILE B 235 -16.50 22.69 30.42
CA ILE B 235 -16.46 22.66 31.88
C ILE B 235 -15.00 22.58 32.28
N THR B 236 -14.48 23.66 32.87
CA THR B 236 -13.09 23.68 33.34
C THR B 236 -12.99 24.12 34.79
N ARG B 237 -14.12 24.19 35.50
CA ARG B 237 -14.18 24.72 36.86
C ARG B 237 -15.44 24.18 37.53
N PHE B 238 -15.37 23.83 38.81
CA PHE B 238 -16.54 23.27 39.47
C PHE B 238 -16.46 23.53 40.96
N GLN B 239 -17.61 23.40 41.61
CA GLN B 239 -17.73 23.60 43.05
C GLN B 239 -18.77 22.64 43.59
N THR B 240 -18.70 22.39 44.90
CA THR B 240 -19.62 21.49 45.58
C THR B 240 -20.60 22.27 46.44
N LEU B 241 -21.58 21.56 46.98
CA LEU B 241 -22.63 22.15 47.80
C LEU B 241 -22.77 21.35 49.09
N LEU B 242 -22.75 22.05 50.21
CA LEU B 242 -22.96 21.44 51.52
C LEU B 242 -24.21 22.04 52.15
N ALA B 243 -24.70 21.36 53.18
CA ALA B 243 -25.89 21.80 53.91
C ALA B 243 -25.49 22.27 55.30
N LEU B 244 -26.04 23.41 55.71
CA LEU B 244 -25.75 24.00 57.01
C LEU B 244 -27.00 23.96 57.88
N HIS B 245 -26.82 23.59 59.15
CA HIS B 245 -27.91 23.51 60.10
C HIS B 245 -28.12 24.85 60.77
N ARG B 246 -29.38 25.17 61.06
CA ARG B 246 -29.74 26.42 61.72
C ARG B 246 -30.80 26.14 62.78
N SER B 247 -30.83 26.98 63.80
CA SER B 247 -31.79 26.85 64.89
C SER B 247 -32.25 28.22 65.39
N GLY B 252 -27.71 33.28 66.15
CA GLY B 252 -26.87 34.38 65.69
C GLY B 252 -27.47 35.14 64.52
N ASP B 253 -26.62 35.79 63.74
CA ASP B 253 -27.06 36.56 62.60
C ASP B 253 -27.24 35.65 61.38
N SER B 254 -27.55 36.27 60.24
CA SER B 254 -27.74 35.50 59.01
C SER B 254 -26.44 34.94 58.46
N SER B 255 -25.29 35.46 58.90
CA SER B 255 -23.99 34.98 58.43
C SER B 255 -23.11 34.47 59.57
N SER B 256 -23.66 34.27 60.75
CA SER B 256 -22.87 33.80 61.88
C SER B 256 -23.42 32.54 62.52
N GLY B 257 -24.75 32.41 62.62
CA GLY B 257 -25.34 31.25 63.27
C GLY B 257 -25.60 30.08 62.36
N TRP B 258 -24.55 29.40 61.91
CA TRP B 258 -24.68 28.26 61.02
C TRP B 258 -23.72 27.16 61.44
N THR B 259 -24.21 25.93 61.43
CA THR B 259 -23.42 24.75 61.77
C THR B 259 -23.27 23.89 60.52
N ALA B 260 -22.02 23.57 60.18
CA ALA B 260 -21.76 22.83 58.94
C ALA B 260 -22.20 21.37 59.06
N GLY B 261 -21.87 20.71 60.16
CA GLY B 261 -22.15 19.30 60.33
C GLY B 261 -21.03 18.43 59.80
N ALA B 262 -20.93 17.23 60.39
CA ALA B 262 -19.83 16.33 60.07
C ALA B 262 -19.98 15.74 58.67
N ALA B 263 -18.92 15.81 57.88
CA ALA B 263 -18.90 15.36 56.50
C ALA B 263 -17.47 15.45 55.99
N ALA B 264 -17.17 14.68 54.94
CA ALA B 264 -15.90 14.82 54.27
C ALA B 264 -16.09 14.55 52.79
N TYR B 265 -15.36 15.28 51.95
CA TYR B 265 -15.35 14.92 50.54
C TYR B 265 -13.94 15.00 49.99
N TYR B 266 -13.59 14.00 49.19
CA TYR B 266 -12.25 13.79 48.65
C TYR B 266 -12.33 13.97 47.15
N VAL B 267 -11.41 14.79 46.61
CA VAL B 267 -11.39 15.11 45.19
C VAL B 267 -10.06 14.66 44.61
N GLY B 268 -10.13 13.80 43.59
CA GLY B 268 -8.96 13.40 42.83
C GLY B 268 -9.18 13.71 41.36
N TYR B 269 -8.11 13.66 40.60
CA TYR B 269 -8.15 14.05 39.19
C TYR B 269 -7.90 12.86 38.29
N LEU B 270 -8.61 12.82 37.18
CA LEU B 270 -8.52 11.74 36.22
C LEU B 270 -7.42 12.02 35.21
N GLN B 271 -6.62 11.00 34.93
CA GLN B 271 -5.53 11.08 33.98
C GLN B 271 -5.66 9.95 32.97
N PRO B 272 -5.15 10.14 31.75
CA PRO B 272 -5.21 9.07 30.74
C PRO B 272 -4.15 8.01 31.03
N ARG B 273 -4.62 6.82 31.41
CA ARG B 273 -3.72 5.72 31.74
C ARG B 273 -4.31 4.42 31.21
N THR B 274 -3.47 3.40 31.18
CA THR B 274 -3.86 2.07 30.74
C THR B 274 -4.01 1.16 31.96
N PHE B 275 -5.17 0.52 32.07
CA PHE B 275 -5.53 -0.29 33.22
C PHE B 275 -5.86 -1.70 32.76
N LEU B 276 -5.42 -2.69 33.54
CA LEU B 276 -5.81 -4.07 33.30
C LEU B 276 -6.88 -4.45 34.30
N LEU B 277 -8.03 -4.88 33.79
CA LEU B 277 -9.24 -5.11 34.57
C LEU B 277 -9.58 -6.59 34.54
N LYS B 278 -10.05 -7.11 35.67
CA LYS B 278 -10.43 -8.51 35.79
C LYS B 278 -11.95 -8.62 35.85
N TYR B 279 -12.55 -9.21 34.82
CA TYR B 279 -13.98 -9.45 34.78
C TYR B 279 -14.27 -10.85 35.33
N ASN B 280 -15.08 -10.90 36.39
CA ASN B 280 -15.47 -12.17 36.98
C ASN B 280 -16.54 -12.84 36.11
N GLU B 281 -17.08 -13.96 36.61
CA GLU B 281 -18.07 -14.70 35.83
C GLU B 281 -19.37 -13.93 35.66
N ASN B 282 -19.76 -13.13 36.66
CA ASN B 282 -21.02 -12.39 36.55
C ASN B 282 -20.91 -11.17 35.64
N GLY B 283 -19.70 -10.78 35.25
CA GLY B 283 -19.51 -9.63 34.40
C GLY B 283 -19.07 -8.36 35.13
N THR B 284 -18.80 -8.44 36.42
CA THR B 284 -18.34 -7.30 37.19
C THR B 284 -16.82 -7.27 37.24
N ILE B 285 -16.29 -6.08 37.53
CA ILE B 285 -14.84 -5.89 37.63
C ILE B 285 -14.41 -6.24 39.04
N THR B 286 -13.51 -7.21 39.18
CA THR B 286 -13.08 -7.69 40.48
C THR B 286 -11.82 -6.95 40.95
N ASP B 287 -10.76 -6.99 40.16
CA ASP B 287 -9.48 -6.37 40.50
C ASP B 287 -8.97 -5.60 39.30
N ALA B 288 -7.94 -4.79 39.53
CA ALA B 288 -7.34 -4.00 38.48
C ALA B 288 -5.90 -3.70 38.84
N VAL B 289 -5.07 -3.49 37.81
CA VAL B 289 -3.69 -3.08 37.99
C VAL B 289 -3.39 -1.94 37.03
N ASP B 290 -2.50 -1.04 37.46
CA ASP B 290 -2.01 0.01 36.57
C ASP B 290 -0.99 -0.57 35.61
N CYS B 291 -0.63 0.23 34.61
CA CYS B 291 0.47 -0.09 33.72
C CYS B 291 1.60 0.92 33.82
N ALA B 292 1.48 1.93 34.69
CA ALA B 292 2.53 2.90 34.90
C ALA B 292 2.82 3.11 36.39
N LEU B 293 2.32 2.23 37.26
CA LEU B 293 2.56 2.37 38.70
C LEU B 293 3.96 1.91 39.07
N ASP B 294 4.27 0.64 38.84
CA ASP B 294 5.56 0.07 39.20
C ASP B 294 5.93 -0.96 38.15
N PRO B 295 7.20 -1.38 38.11
CA PRO B 295 7.59 -2.38 37.12
C PRO B 295 6.77 -3.66 37.15
N LEU B 296 6.37 -4.12 38.33
CA LEU B 296 5.58 -5.35 38.42
C LEU B 296 4.23 -5.20 37.74
N SER B 297 3.56 -4.07 37.96
CA SER B 297 2.27 -3.83 37.32
C SER B 297 2.43 -3.74 35.80
N GLU B 298 3.50 -3.11 35.33
CA GLU B 298 3.73 -3.03 33.90
C GLU B 298 4.01 -4.40 33.30
N THR B 299 4.73 -5.26 34.03
CA THR B 299 4.93 -6.63 33.58
C THR B 299 3.60 -7.38 33.50
N LYS B 300 2.74 -7.21 34.51
CA LYS B 300 1.42 -7.81 34.46
C LYS B 300 0.63 -7.32 33.26
N CYS B 301 0.73 -6.03 32.96
CA CYS B 301 0.04 -5.48 31.79
C CYS B 301 0.55 -6.09 30.51
N THR B 302 1.87 -6.24 30.38
CA THR B 302 2.42 -6.84 29.17
C THR B 302 1.99 -8.30 29.02
N LEU B 303 1.95 -9.05 30.13
CA LEU B 303 1.57 -10.45 30.06
C LEU B 303 0.06 -10.67 30.09
N LYS B 304 -0.73 -9.62 30.32
CA LYS B 304 -2.18 -9.72 30.45
C LYS B 304 -2.56 -10.78 31.49
N SER B 305 -1.95 -10.68 32.67
CA SER B 305 -2.22 -11.60 33.75
C SER B 305 -1.95 -10.91 35.07
N PHE B 306 -2.80 -11.19 36.06
CA PHE B 306 -2.61 -10.65 37.40
C PHE B 306 -1.64 -11.46 38.24
N THR B 307 -1.14 -12.59 37.71
CA THR B 307 -0.07 -13.33 38.34
C THR B 307 0.95 -13.68 37.29
N VAL B 308 2.22 -13.66 37.67
CA VAL B 308 3.32 -13.92 36.75
C VAL B 308 4.18 -15.03 37.33
N GLU B 309 4.93 -15.70 36.45
CA GLU B 309 5.85 -16.74 36.87
C GLU B 309 7.27 -16.18 36.89
N LYS B 310 8.17 -16.96 37.50
CA LYS B 310 9.55 -16.53 37.64
C LYS B 310 10.21 -16.39 36.28
N GLY B 311 11.04 -15.37 36.13
CA GLY B 311 11.76 -15.16 34.89
C GLY B 311 12.02 -13.67 34.68
N ILE B 312 12.44 -13.36 33.45
CA ILE B 312 12.78 -12.01 33.05
C ILE B 312 11.96 -11.68 31.80
N TYR B 313 11.34 -10.50 31.79
CA TYR B 313 10.38 -10.15 30.75
C TYR B 313 10.76 -8.83 30.11
N GLN B 314 10.70 -8.77 28.79
CA GLN B 314 10.98 -7.53 28.07
C GLN B 314 9.80 -6.58 28.25
N THR B 315 9.90 -5.68 29.23
CA THR B 315 8.76 -4.87 29.60
C THR B 315 8.55 -3.72 28.62
N SER B 316 9.52 -2.82 28.48
CA SER B 316 9.29 -1.67 27.60
C SER B 316 10.63 -1.08 27.18
N ASN B 317 10.60 0.14 26.65
CA ASN B 317 11.78 0.81 26.13
C ASN B 317 12.06 2.06 26.97
N PHE B 318 13.36 2.33 27.15
CA PHE B 318 13.84 3.53 27.83
C PHE B 318 14.51 4.43 26.82
N ARG B 319 14.09 5.70 26.78
CA ARG B 319 14.66 6.66 25.86
C ARG B 319 14.87 7.98 26.60
N VAL B 320 15.92 8.71 26.21
CA VAL B 320 16.24 10.00 26.78
C VAL B 320 15.57 11.07 25.95
N GLN B 321 14.79 11.93 26.60
CA GLN B 321 14.04 12.98 25.92
C GLN B 321 14.90 14.22 25.74
N PRO B 322 15.01 14.75 24.52
CA PRO B 322 15.85 15.94 24.31
C PRO B 322 15.21 17.20 24.86
N THR B 323 16.03 18.23 24.99
CA THR B 323 15.58 19.53 25.47
C THR B 323 16.53 20.60 24.95
N GLU B 324 16.08 21.85 24.99
CA GLU B 324 16.88 23.00 24.58
C GLU B 324 17.35 22.87 23.13
N SER B 325 16.37 22.97 22.23
CA SER B 325 16.63 22.87 20.79
C SER B 325 17.72 23.86 20.36
N ILE B 326 18.58 23.42 19.46
CA ILE B 326 19.67 24.25 18.95
C ILE B 326 19.63 24.29 17.44
N VAL B 327 19.84 25.48 16.88
CA VAL B 327 19.90 25.69 15.44
C VAL B 327 21.12 26.55 15.14
N ARG B 328 21.86 26.19 14.11
CA ARG B 328 23.09 26.91 13.76
C ARG B 328 23.19 27.05 12.25
N PHE B 329 23.42 28.27 11.78
CA PHE B 329 23.61 28.55 10.35
C PHE B 329 24.80 29.51 10.24
N PRO B 330 25.53 29.63 9.11
CA PRO B 330 26.72 30.50 9.08
C PRO B 330 26.36 31.96 9.36
N ASN B 331 27.22 32.68 10.10
CA ASN B 331 26.88 34.07 10.48
C ASN B 331 26.74 34.93 9.21
N ILE B 332 25.75 35.82 9.17
CA ILE B 332 25.48 36.62 7.94
C ILE B 332 26.71 37.49 7.63
N THR B 333 27.17 37.47 6.37
CA THR B 333 28.31 38.35 5.97
C THR B 333 27.77 39.60 5.28
N ASN B 334 26.75 39.43 4.43
CA ASN B 334 26.16 40.58 3.70
C ASN B 334 24.63 40.47 3.73
N LEU B 335 23.93 41.60 3.73
CA LEU B 335 22.45 41.58 3.79
C LEU B 335 21.92 42.56 2.74
N CYS B 336 20.67 42.39 2.31
CA CYS B 336 20.11 43.26 1.25
C CYS B 336 20.10 44.71 1.74
N PRO B 337 20.51 45.70 0.92
CA PRO B 337 20.52 47.09 1.31
C PRO B 337 19.13 47.69 1.11
N PHE B 338 18.16 47.28 1.93
CA PHE B 338 16.80 47.88 1.84
C PHE B 338 16.90 49.37 2.19
N GLY B 339 17.73 49.70 3.18
CA GLY B 339 17.85 51.09 3.59
C GLY B 339 18.28 52.03 2.48
N GLU B 340 18.90 51.51 1.43
CA GLU B 340 19.32 52.36 0.32
C GLU B 340 18.13 52.99 -0.37
N VAL B 341 17.05 52.22 -0.56
CA VAL B 341 15.87 52.76 -1.22
C VAL B 341 15.15 53.76 -0.31
N PHE B 342 15.00 53.41 0.96
CA PHE B 342 14.22 54.26 1.88
C PHE B 342 14.94 55.56 2.19
N ASN B 343 16.26 55.51 2.38
CA ASN B 343 17.02 56.70 2.73
C ASN B 343 17.56 57.41 1.48
N ALA B 344 16.87 57.26 0.36
CA ALA B 344 17.24 57.97 -0.86
C ALA B 344 16.89 59.45 -0.74
N THR B 345 17.90 60.31 -0.89
CA THR B 345 17.66 61.75 -0.75
C THR B 345 16.76 62.28 -1.86
N ARG B 346 17.09 61.96 -3.11
CA ARG B 346 16.28 62.36 -4.26
C ARG B 346 15.37 61.21 -4.65
N PHE B 347 14.09 61.52 -4.84
CA PHE B 347 13.06 60.51 -4.96
C PHE B 347 12.32 60.67 -6.30
N ALA B 348 12.01 59.55 -6.93
CA ALA B 348 11.37 59.57 -8.24
C ALA B 348 9.91 59.97 -8.14
N SER B 349 9.37 60.48 -9.24
CA SER B 349 7.97 60.84 -9.34
C SER B 349 7.13 59.62 -9.68
N VAL B 350 5.81 59.80 -9.66
CA VAL B 350 4.91 58.67 -9.91
C VAL B 350 4.75 58.41 -11.40
N TYR B 351 4.94 59.43 -12.24
CA TYR B 351 4.82 59.21 -13.68
C TYR B 351 5.97 58.37 -14.21
N ALA B 352 7.17 58.51 -13.64
CA ALA B 352 8.32 57.68 -13.96
C ALA B 352 8.87 57.17 -12.64
N TRP B 353 8.31 56.08 -12.14
CA TRP B 353 8.70 55.53 -10.85
C TRP B 353 9.99 54.73 -10.99
N ASN B 354 10.93 54.97 -10.07
CA ASN B 354 12.20 54.25 -10.07
C ASN B 354 11.99 52.82 -9.59
N ARG B 355 12.69 51.89 -10.24
CA ARG B 355 12.56 50.46 -9.99
C ARG B 355 13.94 49.89 -9.70
N LYS B 356 14.03 49.09 -8.64
CA LYS B 356 15.29 48.48 -8.21
C LYS B 356 15.11 46.98 -8.08
N ARG B 357 16.14 46.23 -8.44
CA ARG B 357 16.14 44.78 -8.43
C ARG B 357 17.05 44.27 -7.33
N ILE B 358 16.52 43.44 -6.43
CA ILE B 358 17.22 42.99 -5.24
C ILE B 358 17.19 41.47 -5.20
N SER B 359 18.35 40.85 -4.99
CA SER B 359 18.50 39.41 -4.85
C SER B 359 19.91 39.14 -4.35
N ASN B 360 20.24 37.85 -4.20
CA ASN B 360 21.61 37.44 -3.77
C ASN B 360 21.94 37.97 -2.37
N CYS B 361 20.95 38.46 -1.62
CA CYS B 361 21.25 38.90 -0.22
C CYS B 361 20.12 38.48 0.74
N VAL B 362 20.49 38.11 1.97
CA VAL B 362 19.48 37.74 3.00
C VAL B 362 18.74 39.00 3.45
N ALA B 363 17.43 38.89 3.75
CA ALA B 363 16.63 40.08 4.11
C ALA B 363 16.15 40.00 5.56
N ASP B 364 16.37 41.06 6.34
CA ASP B 364 15.82 41.09 7.74
C ASP B 364 14.42 41.71 7.66
N TYR B 365 13.40 40.91 7.36
CA TYR B 365 12.02 41.43 7.21
C TYR B 365 11.47 42.00 8.53
N SER B 366 11.77 41.35 9.66
CA SER B 366 11.17 41.78 10.95
C SER B 366 11.55 43.22 11.31
N VAL B 367 12.82 43.59 11.12
CA VAL B 367 13.27 44.96 11.51
C VAL B 367 12.43 45.97 10.72
N LEU B 368 12.21 45.69 9.44
CA LEU B 368 11.46 46.61 8.59
C LEU B 368 9.98 46.64 8.95
N TYR B 369 9.42 45.48 9.32
CA TYR B 369 7.99 45.41 9.62
C TYR B 369 7.65 46.19 10.89
N ASN B 370 8.39 45.97 11.97
CA ASN B 370 8.16 46.68 13.22
C ASN B 370 8.93 48.00 13.19
N SER B 371 8.40 48.94 12.41
CA SER B 371 9.01 50.26 12.25
C SER B 371 7.95 51.31 12.53
N ALA B 372 8.26 52.23 13.45
CA ALA B 372 7.32 53.29 13.79
C ALA B 372 7.24 54.34 12.68
N SER B 373 8.31 54.48 11.89
CA SER B 373 8.32 55.49 10.84
C SER B 373 7.28 55.18 9.76
N PHE B 374 7.15 53.92 9.38
CA PHE B 374 6.25 53.52 8.30
C PHE B 374 4.82 53.44 8.84
N SER B 375 4.04 54.48 8.58
CA SER B 375 2.69 54.54 9.12
C SER B 375 1.75 53.55 8.41
N THR B 376 1.82 53.52 7.08
CA THR B 376 0.93 52.69 6.28
C THR B 376 1.64 51.41 5.84
N PHE B 377 1.09 50.27 6.26
CA PHE B 377 1.72 48.98 5.98
C PHE B 377 0.60 47.94 5.83
N LYS B 378 0.20 47.67 4.58
CA LYS B 378 -0.79 46.67 4.28
C LYS B 378 -0.17 45.67 3.31
N CYS B 379 -0.36 44.38 3.59
CA CYS B 379 0.25 43.34 2.77
C CYS B 379 -0.77 42.29 2.37
N TYR B 380 -0.55 41.70 1.19
CA TYR B 380 -1.50 40.78 0.56
C TYR B 380 -0.83 39.43 0.34
N GLY B 381 -1.52 38.37 0.75
CA GLY B 381 -1.03 37.02 0.51
C GLY B 381 0.28 36.69 1.19
N VAL B 382 0.52 37.24 2.38
CA VAL B 382 1.76 36.98 3.11
C VAL B 382 1.55 37.42 4.55
N SER B 383 2.28 36.80 5.47
CA SER B 383 2.26 37.18 6.87
C SER B 383 3.63 37.69 7.29
N PRO B 384 3.71 38.82 7.99
CA PRO B 384 5.03 39.32 8.42
C PRO B 384 5.74 38.36 9.35
N THR B 385 5.01 37.51 10.08
CA THR B 385 5.64 36.54 10.95
C THR B 385 6.44 35.52 10.17
N LYS B 386 5.91 35.06 9.03
CA LYS B 386 6.56 34.04 8.21
C LYS B 386 7.30 34.62 7.02
N LEU B 387 7.48 35.94 6.97
CA LEU B 387 8.27 36.53 5.89
C LEU B 387 9.68 35.98 5.86
N ASN B 388 10.24 35.66 7.03
CA ASN B 388 11.57 35.06 7.08
C ASN B 388 11.58 33.69 6.44
N ASP B 389 10.54 32.89 6.69
CA ASP B 389 10.49 31.54 6.13
C ASP B 389 10.37 31.56 4.61
N LEU B 390 9.54 32.44 4.07
CA LEU B 390 9.35 32.52 2.63
C LEU B 390 10.61 33.04 1.95
N CYS B 391 10.93 32.42 0.82
CA CYS B 391 12.10 32.80 0.03
C CYS B 391 11.66 33.08 -1.40
N PHE B 392 12.29 34.08 -2.01
CA PHE B 392 11.91 34.55 -3.33
C PHE B 392 13.14 34.79 -4.19
N THR B 393 13.00 34.57 -5.49
CA THR B 393 14.12 34.73 -6.42
C THR B 393 14.48 36.20 -6.60
N ASN B 394 13.47 37.05 -6.83
CA ASN B 394 13.71 38.46 -7.11
C ASN B 394 12.78 39.32 -6.27
N VAL B 395 13.27 40.49 -5.85
CA VAL B 395 12.46 41.48 -5.16
C VAL B 395 12.57 42.77 -5.95
N TYR B 396 11.45 43.26 -6.46
CA TYR B 396 11.42 44.44 -7.30
C TYR B 396 10.75 45.57 -6.53
N ALA B 397 11.47 46.67 -6.32
CA ALA B 397 11.01 47.77 -5.49
C ALA B 397 10.75 48.98 -6.36
N ASP B 398 9.51 49.49 -6.34
CA ASP B 398 9.10 50.66 -7.09
C ASP B 398 8.82 51.80 -6.12
N SER B 399 9.39 52.97 -6.40
CA SER B 399 9.33 54.10 -5.48
C SER B 399 8.64 55.29 -6.14
N PHE B 400 7.71 55.92 -5.43
CA PHE B 400 7.05 57.12 -5.93
C PHE B 400 6.38 57.86 -4.78
N VAL B 401 6.04 59.13 -5.04
CA VAL B 401 5.40 60.01 -4.07
C VAL B 401 3.99 60.33 -4.52
N ILE B 402 3.04 60.25 -3.59
CA ILE B 402 1.62 60.45 -3.86
C ILE B 402 1.00 61.24 -2.71
N ARG B 403 -0.31 61.42 -2.77
CA ARG B 403 -1.02 62.11 -1.69
C ARG B 403 -1.23 61.16 -0.52
N GLY B 404 -1.85 61.68 0.53
CA GLY B 404 -2.37 60.79 1.57
C GLY B 404 -3.62 60.05 1.12
N ASP B 405 -4.39 60.66 0.22
CA ASP B 405 -5.60 60.01 -0.28
C ASP B 405 -5.27 58.92 -1.29
N GLU B 406 -4.27 59.15 -2.14
CA GLU B 406 -3.92 58.19 -3.19
C GLU B 406 -3.27 56.93 -2.62
N VAL B 407 -2.91 56.92 -1.33
CA VAL B 407 -2.34 55.71 -0.74
C VAL B 407 -3.35 54.56 -0.83
N ARG B 408 -4.62 54.85 -0.55
CA ARG B 408 -5.66 53.85 -0.72
C ARG B 408 -5.82 53.45 -2.19
N GLN B 409 -5.60 54.39 -3.11
CA GLN B 409 -5.75 54.09 -4.54
C GLN B 409 -4.72 53.07 -5.02
N ILE B 410 -3.52 53.08 -4.45
CA ILE B 410 -2.49 52.14 -4.85
C ILE B 410 -2.74 50.81 -4.14
N ALA B 411 -3.51 49.93 -4.80
CA ALA B 411 -3.86 48.63 -4.25
C ALA B 411 -4.32 47.75 -5.39
N PRO B 412 -4.13 46.44 -5.30
CA PRO B 412 -4.59 45.55 -6.37
C PRO B 412 -6.10 45.64 -6.57
N GLY B 413 -6.53 45.61 -7.83
CA GLY B 413 -7.94 45.69 -8.15
C GLY B 413 -8.60 46.98 -7.76
N GLN B 414 -7.83 48.07 -7.61
CA GLN B 414 -8.36 49.37 -7.24
C GLN B 414 -8.14 50.33 -8.40
N THR B 415 -9.19 51.06 -8.77
CA THR B 415 -9.15 51.99 -9.90
C THR B 415 -9.14 53.42 -9.39
N GLY B 416 -8.24 54.22 -9.94
CA GLY B 416 -8.15 55.63 -9.59
C GLY B 416 -7.30 56.34 -10.62
N LYS B 417 -7.19 57.66 -10.46
CA LYS B 417 -6.40 58.44 -11.40
C LYS B 417 -4.94 57.99 -11.42
N ILE B 418 -4.31 57.95 -10.23
CA ILE B 418 -2.93 57.49 -10.14
C ILE B 418 -2.82 56.02 -10.54
N ALA B 419 -3.76 55.20 -10.06
CA ALA B 419 -3.71 53.77 -10.37
C ALA B 419 -3.85 53.51 -11.86
N ASP B 420 -4.79 54.21 -12.52
CA ASP B 420 -5.05 53.94 -13.93
C ASP B 420 -3.97 54.53 -14.84
N TYR B 421 -3.50 55.74 -14.54
CA TYR B 421 -2.63 56.44 -15.48
C TYR B 421 -1.18 56.54 -15.05
N ASN B 422 -0.83 56.17 -13.82
CA ASN B 422 0.55 56.26 -13.37
C ASN B 422 1.15 54.93 -12.98
N TYR B 423 0.49 54.17 -12.11
CA TYR B 423 1.06 52.92 -11.59
C TYR B 423 -0.06 51.93 -11.35
N LYS B 424 0.01 50.78 -12.00
CA LYS B 424 -1.02 49.76 -11.92
C LYS B 424 -0.49 48.53 -11.18
N LEU B 425 -1.37 47.87 -10.44
CA LEU B 425 -1.04 46.68 -9.68
C LEU B 425 -1.73 45.47 -10.29
N PRO B 426 -1.03 44.37 -10.50
CA PRO B 426 -1.67 43.17 -11.03
C PRO B 426 -2.66 42.56 -10.03
N ASP B 427 -3.65 41.85 -10.57
CA ASP B 427 -4.66 41.23 -9.72
C ASP B 427 -4.03 40.18 -8.81
N ASP B 428 -3.08 39.39 -9.34
CA ASP B 428 -2.39 38.36 -8.58
C ASP B 428 -1.09 38.87 -7.98
N PHE B 429 -1.03 40.14 -7.61
CA PHE B 429 0.21 40.75 -7.13
C PHE B 429 0.72 40.06 -5.87
N THR B 430 2.01 39.74 -5.86
CA THR B 430 2.67 39.14 -4.71
C THR B 430 3.67 40.15 -4.16
N GLY B 431 3.58 40.42 -2.87
CA GLY B 431 4.32 41.49 -2.23
C GLY B 431 3.36 42.47 -1.60
N CYS B 432 3.87 43.66 -1.29
CA CYS B 432 3.03 44.68 -0.67
C CYS B 432 3.73 46.02 -0.65
N VAL B 433 3.04 47.01 -0.08
CA VAL B 433 3.37 48.42 -0.20
C VAL B 433 3.61 49.02 1.18
N ILE B 434 4.60 49.91 1.26
CA ILE B 434 4.93 50.64 2.48
C ILE B 434 4.83 52.13 2.18
N ALA B 435 4.05 52.86 2.97
CA ALA B 435 3.86 54.28 2.75
C ALA B 435 4.07 55.04 4.05
N TRP B 436 4.70 56.21 3.94
CA TRP B 436 4.89 57.04 5.12
C TRP B 436 4.90 58.52 4.73
N ASN B 437 4.43 59.34 5.65
CA ASN B 437 4.39 60.79 5.44
C ASN B 437 5.80 61.37 5.43
N SER B 438 6.06 62.29 4.51
CA SER B 438 7.36 62.92 4.37
C SER B 438 7.21 64.41 4.12
N ASN B 439 6.33 65.06 4.87
CA ASN B 439 6.12 66.49 4.70
C ASN B 439 7.35 67.32 5.03
N ASN B 440 8.23 66.80 5.90
CA ASN B 440 9.40 67.57 6.31
C ASN B 440 10.35 67.81 5.14
N LEU B 441 10.56 66.80 4.30
CA LEU B 441 11.55 66.89 3.23
C LEU B 441 10.97 67.52 1.97
N ASP B 442 9.93 66.90 1.41
CA ASP B 442 9.36 67.37 0.14
C ASP B 442 8.39 68.52 0.37
N SER B 443 8.92 69.70 0.69
CA SER B 443 8.09 70.86 0.92
C SER B 443 8.90 72.13 0.71
N LYS B 444 8.23 73.16 0.19
CA LYS B 444 8.79 74.50 0.06
C LYS B 444 7.77 75.50 0.60
N VAL B 445 8.27 76.70 0.92
CA VAL B 445 7.40 77.72 1.50
C VAL B 445 6.30 78.11 0.51
N GLY B 446 6.67 78.43 -0.72
CA GLY B 446 5.70 78.75 -1.75
C GLY B 446 6.22 78.60 -3.15
N GLY B 447 5.49 77.89 -4.01
CA GLY B 447 5.87 77.76 -5.40
C GLY B 447 5.41 76.45 -5.99
N ASN B 448 5.53 76.36 -7.31
CA ASN B 448 5.22 75.12 -8.01
C ASN B 448 6.37 74.14 -7.85
N TYR B 449 6.07 72.85 -8.02
CA TYR B 449 7.02 71.78 -7.77
C TYR B 449 7.40 71.08 -9.07
N ASN B 450 8.64 70.60 -9.12
CA ASN B 450 9.11 69.86 -10.29
C ASN B 450 8.39 68.53 -10.42
N TYR B 451 7.87 68.00 -9.31
CA TYR B 451 7.14 66.75 -9.31
C TYR B 451 5.90 66.84 -10.20
N LEU B 452 5.69 65.82 -11.03
CA LEU B 452 4.60 65.83 -12.00
C LEU B 452 3.95 64.46 -12.06
N TYR B 453 2.69 64.46 -12.51
CA TYR B 453 1.93 63.22 -12.70
C TYR B 453 0.98 63.40 -13.87
N ARG B 454 0.56 62.27 -14.43
CA ARG B 454 -0.22 62.26 -15.66
C ARG B 454 -1.71 62.37 -15.35
N LEU B 455 -2.40 63.27 -16.05
CA LEU B 455 -3.84 63.41 -15.92
C LEU B 455 -4.59 62.70 -17.05
N PHE B 456 -4.11 62.81 -18.27
CA PHE B 456 -4.82 62.32 -19.45
C PHE B 456 -4.01 61.24 -20.16
N ARG B 457 -4.70 60.18 -20.59
CA ARG B 457 -4.08 59.12 -21.37
C ARG B 457 -5.11 58.56 -22.32
N LYS B 458 -4.63 57.99 -23.43
CA LYS B 458 -5.55 57.46 -24.44
C LYS B 458 -6.36 56.29 -23.90
N SER B 459 -5.73 55.42 -23.12
CA SER B 459 -6.41 54.27 -22.54
C SER B 459 -5.66 53.83 -21.29
N ASN B 460 -6.32 52.98 -20.51
CA ASN B 460 -5.70 52.47 -19.29
C ASN B 460 -4.47 51.63 -19.63
N LEU B 461 -3.42 51.82 -18.84
CA LEU B 461 -2.15 51.15 -19.09
C LEU B 461 -2.14 49.76 -18.47
N LYS B 462 -1.39 48.86 -19.10
CA LYS B 462 -1.26 47.49 -18.61
C LYS B 462 -0.50 47.48 -17.28
N PRO B 463 -0.71 46.47 -16.45
CA PRO B 463 -0.03 46.43 -15.16
C PRO B 463 1.48 46.45 -15.30
N PHE B 464 2.13 47.17 -14.40
CA PHE B 464 3.59 47.29 -14.38
C PHE B 464 4.13 47.83 -15.70
N GLU B 465 3.56 48.95 -16.14
CA GLU B 465 3.97 49.63 -17.36
C GLU B 465 4.37 51.06 -17.04
N ARG B 466 5.46 51.52 -17.63
CA ARG B 466 6.00 52.85 -17.40
C ARG B 466 5.84 53.68 -18.67
N ASP B 467 5.27 54.88 -18.52
CA ASP B 467 5.01 55.77 -19.65
C ASP B 467 6.00 56.92 -19.59
N ILE B 468 7.13 56.76 -20.27
CA ILE B 468 8.14 57.81 -20.31
C ILE B 468 7.66 58.99 -21.16
N SER B 469 6.98 58.71 -22.27
CA SER B 469 6.60 59.76 -23.20
C SER B 469 5.67 60.78 -22.55
N THR B 470 5.90 62.05 -22.85
CA THR B 470 5.10 63.16 -22.31
C THR B 470 4.55 64.01 -23.44
N GLU B 471 4.18 63.40 -24.55
CA GLU B 471 3.60 64.14 -25.67
C GLU B 471 2.25 64.71 -25.29
N ILE B 472 1.88 65.82 -25.95
CA ILE B 472 0.63 66.50 -25.63
C ILE B 472 -0.55 65.61 -25.97
N TYR B 473 -1.52 65.57 -25.04
CA TYR B 473 -2.71 64.75 -25.24
C TYR B 473 -3.72 65.54 -26.08
N GLN B 474 -4.16 64.94 -27.19
CA GLN B 474 -5.10 65.58 -28.10
C GLN B 474 -6.51 65.33 -27.57
N ALA B 475 -6.96 66.21 -26.67
CA ALA B 475 -8.28 66.06 -26.09
C ALA B 475 -9.38 66.37 -27.11
N GLY B 476 -9.23 67.47 -27.83
CA GLY B 476 -10.24 67.85 -28.81
C GLY B 476 -10.21 66.92 -30.01
N SER B 477 -11.40 66.58 -30.51
CA SER B 477 -11.49 65.78 -31.72
C SER B 477 -10.94 66.51 -32.93
N THR B 478 -10.97 67.83 -32.90
CA THR B 478 -10.36 68.61 -33.97
C THR B 478 -8.85 68.33 -34.01
N PRO B 479 -8.27 68.16 -35.20
CA PRO B 479 -6.82 67.94 -35.28
C PRO B 479 -6.01 69.00 -34.54
N CYS B 480 -5.33 68.60 -33.47
CA CYS B 480 -4.54 69.54 -32.69
C CYS B 480 -3.33 70.05 -33.46
N ASN B 481 -2.81 69.25 -34.38
CA ASN B 481 -1.64 69.61 -35.19
C ASN B 481 -0.43 69.95 -34.33
N GLY B 482 -0.33 69.31 -33.16
CA GLY B 482 0.82 69.51 -32.29
C GLY B 482 0.98 70.93 -31.78
N VAL B 483 -0.10 71.56 -31.38
CA VAL B 483 -0.08 72.92 -30.84
C VAL B 483 -0.57 72.86 -29.40
N GLU B 484 0.31 73.21 -28.46
CA GLU B 484 -0.07 73.22 -27.05
C GLU B 484 -1.05 74.35 -26.78
N GLY B 485 -2.08 74.06 -25.99
CA GLY B 485 -3.09 75.04 -25.67
C GLY B 485 -4.40 74.37 -25.31
N PHE B 486 -5.49 75.08 -25.61
CA PHE B 486 -6.82 74.57 -25.31
C PHE B 486 -7.10 73.29 -26.10
N ASN B 487 -7.78 72.35 -25.47
CA ASN B 487 -8.10 71.04 -26.01
C ASN B 487 -6.86 70.21 -26.34
N CYS B 488 -5.68 70.67 -25.94
CA CYS B 488 -4.43 69.95 -26.14
C CYS B 488 -3.63 69.99 -24.85
N TYR B 489 -4.30 69.65 -23.74
CA TYR B 489 -3.72 69.82 -22.41
C TYR B 489 -2.48 68.95 -22.23
N PHE B 490 -1.53 69.49 -21.49
CA PHE B 490 -0.31 68.74 -21.20
C PHE B 490 -0.59 67.68 -20.15
N PRO B 491 -0.23 66.41 -20.40
CA PRO B 491 -0.57 65.36 -19.43
C PRO B 491 0.04 65.56 -18.06
N LEU B 492 1.26 66.11 -17.97
CA LEU B 492 1.90 66.28 -16.68
C LEU B 492 1.25 67.40 -15.89
N GLN B 493 1.07 67.18 -14.58
CA GLN B 493 0.44 68.15 -13.70
C GLN B 493 1.24 68.24 -12.42
N SER B 494 1.40 69.45 -11.90
CA SER B 494 2.14 69.66 -10.67
C SER B 494 1.35 69.09 -9.49
N TYR B 495 2.08 68.80 -8.41
CA TYR B 495 1.45 68.20 -7.24
C TYR B 495 0.77 69.24 -6.36
N GLY B 496 1.54 70.19 -5.84
CA GLY B 496 0.98 71.22 -4.98
C GLY B 496 1.15 70.93 -3.51
N PHE B 497 2.33 70.46 -3.11
CA PHE B 497 2.62 70.14 -1.72
C PHE B 497 2.95 71.42 -0.96
N GLN B 498 2.30 71.62 0.18
CA GLN B 498 2.56 72.77 1.03
C GLN B 498 2.69 72.34 2.48
N PRO B 499 3.50 73.03 3.27
CA PRO B 499 3.57 72.73 4.70
C PRO B 499 2.25 72.93 5.41
N THR B 500 1.44 73.89 4.97
CA THR B 500 0.16 74.21 5.59
C THR B 500 -0.98 73.34 5.06
N ASN B 501 -0.75 72.58 4.00
CA ASN B 501 -1.80 71.78 3.39
C ASN B 501 -2.31 70.72 4.37
N GLY B 502 -3.56 70.32 4.17
CA GLY B 502 -4.20 69.35 5.04
C GLY B 502 -3.59 67.97 4.91
N VAL B 503 -4.00 67.09 5.83
CA VAL B 503 -3.42 65.75 5.90
C VAL B 503 -3.67 64.98 4.61
N GLY B 504 -4.77 65.29 3.92
CA GLY B 504 -5.04 64.64 2.66
C GLY B 504 -4.04 65.00 1.58
N TYR B 505 -3.57 66.24 1.56
CA TYR B 505 -2.68 66.73 0.53
C TYR B 505 -1.21 66.65 0.90
N GLN B 506 -0.88 66.13 2.08
CA GLN B 506 0.51 66.01 2.47
C GLN B 506 1.22 64.97 1.60
N PRO B 507 2.49 65.19 1.25
CA PRO B 507 3.21 64.19 0.46
C PRO B 507 3.39 62.91 1.24
N TYR B 508 3.41 61.79 0.51
CA TYR B 508 3.61 60.47 1.09
C TYR B 508 4.53 59.67 0.19
N ARG B 509 5.63 59.17 0.76
CA ARG B 509 6.57 58.32 0.05
C ARG B 509 6.06 56.89 0.09
N VAL B 510 6.08 56.22 -1.06
CA VAL B 510 5.51 54.90 -1.23
C VAL B 510 6.54 54.01 -1.92
N VAL B 511 6.82 52.86 -1.32
CA VAL B 511 7.70 51.86 -1.89
C VAL B 511 6.92 50.54 -1.96
N VAL B 512 6.76 50.01 -3.17
CA VAL B 512 6.02 48.77 -3.39
C VAL B 512 7.02 47.68 -3.75
N LEU B 513 7.03 46.62 -2.96
CA LEU B 513 7.91 45.48 -3.17
C LEU B 513 7.10 44.34 -3.76
N SER B 514 7.58 43.80 -4.88
CA SER B 514 6.96 42.66 -5.53
C SER B 514 7.94 41.49 -5.49
N PHE B 515 7.44 40.33 -5.09
CA PHE B 515 8.26 39.14 -4.93
C PHE B 515 8.01 38.18 -6.09
N GLU B 516 9.08 37.73 -6.73
CA GLU B 516 8.98 36.87 -7.89
C GLU B 516 9.78 35.59 -7.67
N LEU B 517 9.13 34.46 -7.95
CA LEU B 517 9.75 33.13 -7.91
C LEU B 517 9.72 32.59 -9.34
N LEU B 518 10.85 32.69 -10.04
CA LEU B 518 10.95 32.23 -11.41
C LEU B 518 11.39 30.77 -11.43
N HIS B 519 11.78 30.27 -12.61
CA HIS B 519 12.27 28.91 -12.73
C HIS B 519 13.75 28.86 -12.36
N ALA B 520 14.08 29.36 -11.17
CA ALA B 520 15.45 29.40 -10.68
C ALA B 520 15.39 29.36 -9.15
N PRO B 521 16.46 28.92 -8.49
CA PRO B 521 16.46 28.91 -7.03
C PRO B 521 16.33 30.32 -6.46
N ALA B 522 15.60 30.43 -5.35
CA ALA B 522 15.48 31.70 -4.65
C ALA B 522 16.79 32.07 -3.98
N THR B 523 17.08 33.37 -3.93
CA THR B 523 18.32 33.86 -3.36
C THR B 523 18.12 34.76 -2.14
N VAL B 524 16.88 35.03 -1.76
CA VAL B 524 16.56 35.90 -0.62
C VAL B 524 15.79 35.06 0.40
N CYS B 525 16.29 35.04 1.63
CA CYS B 525 15.66 34.24 2.69
C CYS B 525 15.74 35.03 4.00
N GLY B 526 15.30 34.40 5.08
CA GLY B 526 15.17 35.06 6.36
C GLY B 526 16.47 35.15 7.13
N PRO B 527 16.43 35.87 8.27
CA PRO B 527 17.64 36.04 9.08
C PRO B 527 18.24 34.74 9.55
N LYS B 528 17.41 33.76 9.90
CA LYS B 528 17.87 32.43 10.24
C LYS B 528 18.86 32.47 11.37
N LYS B 529 18.49 33.13 12.47
CA LYS B 529 19.41 33.36 13.58
C LYS B 529 19.75 32.07 14.30
N SER B 530 20.86 32.09 15.03
CA SER B 530 21.41 30.92 15.69
C SER B 530 21.30 31.06 17.21
N THR B 531 21.71 30.00 17.91
CA THR B 531 21.71 29.95 19.37
C THR B 531 23.07 29.52 19.89
N ASN B 532 23.16 29.40 21.21
CA ASN B 532 24.39 28.97 21.86
C ASN B 532 24.59 27.47 21.67
N LEU B 533 25.85 27.06 21.71
CA LEU B 533 26.21 25.65 21.57
C LEU B 533 26.16 24.97 22.93
N VAL B 534 25.52 23.80 22.99
CA VAL B 534 25.43 22.99 24.19
C VAL B 534 25.94 21.59 23.86
N LYS B 535 26.71 21.00 24.77
CA LYS B 535 27.35 19.72 24.54
C LYS B 535 27.09 18.79 25.73
N ASN B 536 27.32 17.51 25.50
CA ASN B 536 27.16 16.46 26.51
C ASN B 536 25.73 16.41 27.05
N LYS B 537 24.78 16.84 26.21
CA LYS B 537 23.36 16.79 26.56
C LYS B 537 22.57 16.47 25.31
N CYS B 538 21.73 15.44 25.37
CA CYS B 538 20.91 15.07 24.23
C CYS B 538 19.95 16.19 23.88
N VAL B 539 20.19 16.83 22.73
CA VAL B 539 19.36 17.91 22.24
C VAL B 539 18.98 17.60 20.80
N ASN B 540 17.93 18.24 20.32
CA ASN B 540 17.62 18.22 18.89
C ASN B 540 18.17 19.46 18.21
N PHE B 541 18.75 19.24 17.03
CA PHE B 541 19.63 20.22 16.40
C PHE B 541 19.29 20.39 14.93
N ASN B 542 19.60 21.58 14.42
CA ASN B 542 19.43 21.92 13.01
C ASN B 542 20.70 22.62 12.56
N PHE B 543 21.62 21.87 11.95
CA PHE B 543 22.90 22.39 11.47
C PHE B 543 22.84 22.51 9.95
N ASN B 544 22.77 23.75 9.46
CA ASN B 544 22.74 24.04 8.02
C ASN B 544 21.56 23.35 7.33
N GLY B 545 20.43 23.23 8.01
CA GLY B 545 19.28 22.55 7.47
C GLY B 545 19.29 21.05 7.70
N LEU B 546 20.38 20.50 8.21
CA LEU B 546 20.44 19.09 8.57
C LEU B 546 19.83 18.94 9.96
N THR B 547 18.69 18.25 10.04
CA THR B 547 17.97 18.10 11.29
C THR B 547 18.33 16.76 11.94
N GLY B 548 18.34 16.75 13.26
CA GLY B 548 18.62 15.50 13.96
C GLY B 548 18.39 15.65 15.45
N THR B 549 18.65 14.56 16.16
CA THR B 549 18.55 14.54 17.61
C THR B 549 19.66 13.66 18.15
N GLY B 550 20.48 14.23 19.05
CA GLY B 550 21.59 13.47 19.60
C GLY B 550 22.37 14.33 20.56
N VAL B 551 23.54 13.81 20.93
CA VAL B 551 24.45 14.49 21.85
C VAL B 551 25.71 14.87 21.08
N LEU B 552 26.19 16.07 21.32
CA LEU B 552 27.34 16.64 20.61
C LEU B 552 28.58 16.55 21.50
N THR B 553 29.71 16.25 20.87
CA THR B 553 30.96 16.18 21.62
C THR B 553 32.13 16.61 20.73
N GLU B 554 33.25 16.89 21.38
CA GLU B 554 34.47 17.21 20.64
C GLU B 554 35.01 15.96 19.95
N SER B 555 35.43 16.12 18.70
CA SER B 555 35.93 15.02 17.90
C SER B 555 37.33 15.33 17.39
N ASN B 556 38.21 14.33 17.44
CA ASN B 556 39.58 14.50 16.96
C ASN B 556 39.68 14.41 15.45
N LYS B 557 38.63 13.96 14.77
CA LYS B 557 38.68 13.83 13.32
C LYS B 557 38.74 15.21 12.66
N LYS B 558 39.50 15.30 11.57
CA LYS B 558 39.67 16.54 10.83
C LYS B 558 39.02 16.41 9.46
N PHE B 559 38.10 17.33 9.16
CA PHE B 559 37.40 17.31 7.89
C PHE B 559 38.26 17.95 6.81
N LEU B 560 37.70 18.11 5.62
CA LEU B 560 38.32 18.89 4.57
C LEU B 560 37.67 20.26 4.48
N PRO B 561 38.41 21.29 4.08
CA PRO B 561 37.88 22.67 4.21
C PRO B 561 36.57 22.90 3.49
N PHE B 562 36.29 22.17 2.41
CA PHE B 562 35.08 22.42 1.64
C PHE B 562 33.88 21.64 2.15
N GLN B 563 34.09 20.49 2.78
CA GLN B 563 33.01 19.56 3.09
C GLN B 563 32.48 19.78 4.51
N GLN B 564 31.16 19.60 4.66
CA GLN B 564 30.45 20.04 5.86
C GLN B 564 30.35 18.95 6.93
N PHE B 565 29.67 17.85 6.62
CA PHE B 565 29.38 16.82 7.61
C PHE B 565 29.78 15.46 7.07
N GLY B 566 29.53 14.43 7.86
CA GLY B 566 30.06 13.10 7.58
C GLY B 566 29.04 11.99 7.79
N ARG B 567 29.17 10.94 7.00
CA ARG B 567 28.36 9.73 7.12
C ARG B 567 29.26 8.52 7.30
N ASP B 568 28.88 7.64 8.22
CA ASP B 568 29.55 6.36 8.39
C ASP B 568 29.04 5.37 7.37
N ILE B 569 29.39 4.08 7.55
CA ILE B 569 28.79 3.03 6.77
C ILE B 569 27.29 3.04 7.00
N ALA B 570 26.53 2.71 5.95
CA ALA B 570 25.07 2.74 5.94
C ALA B 570 24.52 4.17 6.02
N ASP B 571 25.36 5.16 5.75
CA ASP B 571 24.93 6.55 5.57
C ASP B 571 24.20 7.09 6.79
N THR B 572 24.89 7.08 7.92
CA THR B 572 24.38 7.66 9.16
C THR B 572 25.28 8.82 9.54
N THR B 573 24.67 9.97 9.86
CA THR B 573 25.43 11.16 10.20
C THR B 573 26.27 10.92 11.45
N ASP B 574 27.53 11.35 11.38
CA ASP B 574 28.51 11.09 12.43
C ASP B 574 29.15 12.32 13.00
N ALA B 575 29.46 13.32 12.18
CA ALA B 575 30.11 14.53 12.66
C ALA B 575 29.71 15.68 11.76
N VAL B 576 29.35 16.80 12.37
CA VAL B 576 28.92 17.99 11.64
C VAL B 576 29.77 19.16 12.10
N ARG B 577 30.25 19.95 11.14
CA ARG B 577 31.03 21.12 11.49
C ARG B 577 30.10 22.24 11.94
N ASP B 578 30.52 22.96 12.96
CA ASP B 578 29.71 24.09 13.43
C ASP B 578 29.86 25.23 12.44
N PRO B 579 28.76 25.71 11.85
CA PRO B 579 28.88 26.76 10.82
C PRO B 579 29.56 28.03 11.30
N GLN B 580 29.44 28.38 12.58
CA GLN B 580 30.03 29.62 13.06
C GLN B 580 31.53 29.48 13.30
N THR B 581 31.93 28.58 14.20
CA THR B 581 33.32 28.45 14.60
C THR B 581 34.07 27.39 13.81
N LEU B 582 33.42 26.75 12.82
CA LEU B 582 34.07 25.79 11.93
C LEU B 582 34.70 24.65 12.72
N GLU B 583 34.02 24.19 13.77
CA GLU B 583 34.51 23.13 14.64
C GLU B 583 33.70 21.87 14.42
N ILE B 584 34.39 20.74 14.29
CA ILE B 584 33.71 19.47 14.09
C ILE B 584 33.06 19.03 15.39
N LEU B 585 31.84 18.50 15.32
CA LEU B 585 31.09 18.02 16.46
C LEU B 585 30.66 16.59 16.17
N ASP B 586 31.15 15.65 16.97
CA ASP B 586 30.74 14.27 16.86
C ASP B 586 29.35 14.10 17.46
N ILE B 587 28.50 13.34 16.76
CA ILE B 587 27.10 13.16 17.09
C ILE B 587 26.91 11.73 17.55
N THR B 588 26.38 11.56 18.75
CA THR B 588 26.06 10.24 19.27
C THR B 588 24.56 10.17 19.56
N PRO B 589 23.86 9.13 19.11
CA PRO B 589 22.44 9.00 19.49
C PRO B 589 22.32 8.80 20.99
N CYS B 590 21.64 9.73 21.65
CA CYS B 590 21.57 9.69 23.10
C CYS B 590 20.87 8.40 23.55
N SER B 591 21.34 7.88 24.68
CA SER B 591 21.17 6.47 25.01
C SER B 591 19.71 6.04 25.00
N PHE B 592 19.45 4.89 24.38
CA PHE B 592 18.18 4.21 24.45
C PHE B 592 18.44 2.74 24.73
N GLY B 593 17.46 2.08 25.32
CA GLY B 593 17.62 0.68 25.63
C GLY B 593 16.28 0.04 25.93
N GLY B 594 16.35 -1.21 26.38
CA GLY B 594 15.18 -1.95 26.80
C GLY B 594 15.18 -2.14 28.31
N VAL B 595 14.03 -1.90 28.91
CA VAL B 595 13.84 -2.12 30.34
C VAL B 595 13.13 -3.45 30.51
N SER B 596 13.74 -4.34 31.29
CA SER B 596 13.24 -5.67 31.56
C SER B 596 13.06 -5.85 33.06
N VAL B 597 12.00 -6.54 33.45
CA VAL B 597 11.68 -6.75 34.84
C VAL B 597 12.03 -8.19 35.21
N ILE B 598 12.79 -8.34 36.28
CA ILE B 598 13.23 -9.64 36.79
C ILE B 598 12.46 -9.90 38.07
N THR B 599 11.69 -10.99 38.08
CA THR B 599 10.84 -11.31 39.21
C THR B 599 10.95 -12.80 39.51
N PRO B 600 10.85 -13.17 40.80
CA PRO B 600 10.74 -14.58 41.17
C PRO B 600 9.32 -15.13 41.12
N GLY B 601 8.37 -14.39 40.59
CA GLY B 601 6.98 -14.81 40.49
C GLY B 601 6.14 -14.08 41.50
N THR B 602 4.93 -13.71 41.10
CA THR B 602 3.99 -13.09 42.04
C THR B 602 3.58 -14.07 43.14
N ASN B 603 3.65 -15.37 42.87
CA ASN B 603 3.34 -16.35 43.91
C ASN B 603 4.36 -16.31 45.04
N THR B 604 5.62 -16.01 44.74
CA THR B 604 6.64 -15.95 45.78
C THR B 604 6.64 -14.60 46.49
N SER B 605 6.90 -13.53 45.77
CA SER B 605 6.99 -12.21 46.39
C SER B 605 6.80 -11.14 45.33
N ASN B 606 6.43 -9.95 45.78
CA ASN B 606 6.20 -8.81 44.90
C ASN B 606 7.43 -7.92 44.77
N GLN B 607 8.62 -8.48 44.95
CA GLN B 607 9.86 -7.74 44.77
C GLN B 607 10.41 -8.00 43.38
N VAL B 608 10.78 -6.93 42.67
CA VAL B 608 11.30 -7.04 41.33
C VAL B 608 12.60 -6.26 41.23
N ALA B 609 13.38 -6.58 40.20
CA ALA B 609 14.55 -5.81 39.82
C ALA B 609 14.37 -5.34 38.38
N VAL B 610 15.05 -4.26 38.02
CA VAL B 610 14.89 -3.68 36.70
C VAL B 610 16.25 -3.61 36.02
N LEU B 611 16.34 -4.20 34.83
CA LEU B 611 17.55 -4.17 34.03
C LEU B 611 17.34 -3.21 32.87
N TYR B 612 18.19 -2.19 32.81
CA TYR B 612 18.24 -1.30 31.66
C TYR B 612 19.37 -1.78 30.75
N GLN B 613 19.03 -2.13 29.52
CA GLN B 613 19.97 -2.78 28.62
C GLN B 613 20.71 -1.75 27.77
N ASP B 614 22.03 -1.91 27.69
CA ASP B 614 22.89 -1.03 26.90
C ASP B 614 22.74 0.44 27.34
N VAL B 615 22.56 0.64 28.64
CA VAL B 615 22.41 1.97 29.21
C VAL B 615 23.41 2.11 30.36
N ASN B 616 24.38 3.01 30.20
CA ASN B 616 25.25 3.37 31.31
C ASN B 616 24.46 4.23 32.28
N CYS B 617 24.01 3.64 33.38
CA CYS B 617 22.99 4.26 34.23
C CYS B 617 23.58 5.07 35.36
N THR B 618 24.72 5.72 35.15
CA THR B 618 25.03 6.92 35.89
C THR B 618 24.11 8.07 35.51
N GLU B 619 23.14 7.82 34.62
CA GLU B 619 22.23 8.83 34.10
C GLU B 619 20.77 8.54 34.37
N VAL B 620 20.39 7.28 34.61
CA VAL B 620 18.99 6.93 34.84
C VAL B 620 18.47 7.54 36.14
N ASN B 641 19.96 -0.67 45.12
CA ASN B 641 21.36 -0.85 44.73
C ASN B 641 21.49 -0.88 43.21
N VAL B 642 22.64 -0.40 42.72
CA VAL B 642 22.92 -0.34 41.29
C VAL B 642 24.11 -1.23 40.99
N PHE B 643 24.02 -1.99 39.91
CA PHE B 643 25.07 -2.93 39.51
C PHE B 643 25.23 -2.85 38.00
N GLN B 644 26.35 -2.29 37.54
CA GLN B 644 26.60 -2.14 36.11
C GLN B 644 27.16 -3.45 35.57
N THR B 645 26.44 -4.04 34.62
CA THR B 645 26.80 -5.32 34.02
C THR B 645 27.06 -5.13 32.54
N ARG B 646 27.72 -6.12 31.94
CA ARG B 646 27.97 -6.06 30.50
C ARG B 646 26.69 -6.08 29.69
N ALA B 647 25.57 -6.49 30.30
CA ALA B 647 24.27 -6.49 29.65
C ALA B 647 23.49 -5.21 29.91
N GLY B 648 24.07 -4.24 30.60
CA GLY B 648 23.36 -3.03 30.96
C GLY B 648 23.58 -2.68 32.41
N CYS B 649 22.51 -2.55 33.18
CA CYS B 649 22.67 -2.43 34.62
C CYS B 649 21.39 -2.79 35.35
N LEU B 650 21.56 -3.27 36.58
CA LEU B 650 20.49 -3.75 37.43
C LEU B 650 20.25 -2.75 38.56
N ILE B 651 18.98 -2.47 38.82
CA ILE B 651 18.55 -1.70 39.98
C ILE B 651 17.57 -2.55 40.77
N GLY B 652 17.83 -2.70 42.07
CA GLY B 652 17.01 -3.52 42.95
C GLY B 652 17.61 -4.86 43.29
N ALA B 653 18.82 -5.16 42.85
CA ALA B 653 19.47 -6.43 43.11
C ALA B 653 20.86 -6.17 43.67
N GLU B 654 21.24 -6.94 44.68
CA GLU B 654 22.51 -6.75 45.38
C GLU B 654 23.51 -7.79 44.91
N HIS B 655 24.65 -7.32 44.39
CA HIS B 655 25.64 -8.22 43.82
C HIS B 655 26.34 -9.02 44.91
N VAL B 656 26.58 -10.30 44.63
CA VAL B 656 27.24 -11.20 45.57
C VAL B 656 28.44 -11.84 44.90
N ASN B 657 29.39 -12.29 45.72
CA ASN B 657 30.65 -12.83 45.24
C ASN B 657 30.61 -14.33 44.98
N ASN B 658 29.70 -15.07 45.60
CA ASN B 658 29.66 -16.51 45.41
C ASN B 658 29.00 -16.83 44.07
N SER B 659 28.68 -18.10 43.86
CA SER B 659 28.10 -18.54 42.61
C SER B 659 27.12 -19.69 42.86
N TYR B 660 26.08 -19.74 42.05
CA TYR B 660 25.08 -20.80 42.11
C TYR B 660 24.70 -21.20 40.69
N GLU B 661 24.06 -22.35 40.56
CA GLU B 661 23.50 -22.75 39.28
C GLU B 661 22.35 -21.80 38.97
N CYS B 662 22.59 -20.84 38.08
CA CYS B 662 21.72 -19.67 38.01
C CYS B 662 20.38 -20.01 37.40
N ASP B 663 19.33 -19.37 37.91
CA ASP B 663 17.96 -19.66 37.52
C ASP B 663 17.43 -18.65 36.52
N ILE B 664 17.46 -17.36 36.85
CA ILE B 664 16.99 -16.31 35.97
C ILE B 664 18.20 -15.79 35.20
N PRO B 665 18.28 -16.01 33.88
CA PRO B 665 19.45 -15.55 33.12
C PRO B 665 19.32 -14.07 32.77
N ILE B 666 20.28 -13.27 33.22
CA ILE B 666 20.30 -11.85 32.90
C ILE B 666 21.10 -11.66 31.62
N GLY B 667 22.35 -12.07 31.64
CA GLY B 667 23.18 -12.03 30.46
C GLY B 667 24.63 -11.85 30.80
N ALA B 668 25.49 -12.14 29.82
CA ALA B 668 26.93 -11.97 29.94
C ALA B 668 27.49 -12.71 31.15
N GLY B 669 26.98 -13.91 31.39
CA GLY B 669 27.43 -14.71 32.51
C GLY B 669 26.89 -14.30 33.86
N ILE B 670 25.95 -13.37 33.90
CA ILE B 670 25.38 -12.85 35.14
C ILE B 670 23.93 -13.32 35.22
N CYS B 671 23.55 -13.87 36.36
CA CYS B 671 22.20 -14.37 36.59
C CYS B 671 21.71 -13.88 37.95
N ALA B 672 20.39 -13.70 38.04
CA ALA B 672 19.75 -13.25 39.26
C ALA B 672 18.92 -14.37 39.89
N SER B 673 18.71 -14.26 41.18
CA SER B 673 17.96 -15.29 41.92
C SER B 673 17.41 -14.68 43.20
N TYR B 674 16.53 -15.43 43.85
CA TYR B 674 15.89 -15.01 45.08
C TYR B 674 16.44 -15.80 46.28
N SER B 691 15.78 -11.64 49.18
CA SER B 691 16.17 -10.50 48.38
C SER B 691 16.71 -10.93 47.02
N ILE B 692 16.52 -10.09 46.01
CA ILE B 692 17.03 -10.37 44.68
C ILE B 692 18.54 -10.16 44.67
N ILE B 693 19.28 -11.17 44.26
CA ILE B 693 20.74 -11.11 44.23
C ILE B 693 21.22 -11.47 42.82
N ALA B 694 22.21 -10.73 42.35
CA ALA B 694 22.83 -10.97 41.05
C ALA B 694 24.23 -11.50 41.27
N TYR B 695 24.57 -12.59 40.58
CA TYR B 695 25.86 -13.22 40.72
C TYR B 695 26.36 -13.67 39.36
N THR B 696 27.59 -14.15 39.33
CA THR B 696 28.17 -14.78 38.15
C THR B 696 27.96 -16.28 38.27
N MET B 697 27.24 -16.86 37.32
CA MET B 697 26.80 -18.24 37.44
C MET B 697 27.99 -19.20 37.48
N SER B 698 27.84 -20.27 38.25
CA SER B 698 28.82 -21.34 38.28
C SER B 698 28.42 -22.40 37.26
N LEU B 699 29.41 -22.98 36.60
CA LEU B 699 29.14 -23.94 35.54
C LEU B 699 28.89 -25.35 36.05
N GLY B 700 29.10 -25.60 37.32
CA GLY B 700 28.78 -26.88 37.90
C GLY B 700 29.78 -27.25 38.98
N ALA B 701 29.71 -28.50 39.42
CA ALA B 701 30.67 -29.00 40.38
C ALA B 701 32.07 -29.00 39.78
N GLU B 702 33.06 -28.83 40.65
CA GLU B 702 34.44 -28.66 40.23
C GLU B 702 35.29 -29.74 40.91
N ASN B 703 35.52 -30.84 40.21
CA ASN B 703 36.27 -31.96 40.76
C ASN B 703 37.37 -32.40 39.80
N SER B 704 38.47 -32.86 40.38
CA SER B 704 39.62 -33.34 39.62
C SER B 704 39.63 -34.86 39.67
N VAL B 705 39.68 -35.50 38.50
CA VAL B 705 39.67 -36.95 38.43
C VAL B 705 41.01 -37.50 38.91
N ALA B 706 40.96 -38.55 39.72
CA ALA B 706 42.17 -39.14 40.27
C ALA B 706 42.93 -39.93 39.22
N TYR B 707 43.46 -39.23 38.22
CA TYR B 707 44.15 -39.91 37.12
C TYR B 707 45.52 -40.42 37.56
N SER B 708 45.87 -41.60 37.06
CA SER B 708 47.18 -42.19 37.28
C SER B 708 47.39 -43.26 36.22
N ASN B 709 48.65 -43.45 35.82
CA ASN B 709 48.95 -44.37 34.73
C ASN B 709 48.75 -45.84 35.12
N ASN B 710 48.54 -46.14 36.40
CA ASN B 710 48.28 -47.50 36.84
C ASN B 710 47.14 -47.53 37.84
N SER B 711 46.08 -46.79 37.57
CA SER B 711 44.92 -46.75 38.45
C SER B 711 43.65 -46.77 37.61
N ILE B 712 42.68 -47.58 38.02
CA ILE B 712 41.39 -47.67 37.34
C ILE B 712 40.29 -47.57 38.39
N ALA B 713 39.12 -47.16 37.92
CA ALA B 713 37.90 -47.17 38.72
C ALA B 713 36.87 -48.02 37.99
N ILE B 714 36.40 -49.07 38.66
CA ILE B 714 35.46 -50.02 38.07
C ILE B 714 34.20 -50.00 38.94
N PRO B 715 33.01 -49.88 38.36
CA PRO B 715 31.79 -49.92 39.17
C PRO B 715 31.54 -51.30 39.75
N THR B 716 30.96 -51.31 40.94
CA THR B 716 30.57 -52.54 41.60
C THR B 716 29.06 -52.69 41.73
N ASN B 717 28.29 -51.69 41.30
CA ASN B 717 26.85 -51.74 41.40
C ASN B 717 26.27 -50.92 40.26
N PHE B 718 24.95 -50.86 40.17
CA PHE B 718 24.32 -50.18 39.06
C PHE B 718 22.91 -49.77 39.44
N THR B 719 22.36 -48.85 38.66
CA THR B 719 20.98 -48.42 38.80
C THR B 719 20.31 -48.45 37.44
N ILE B 720 19.01 -48.72 37.45
CA ILE B 720 18.19 -48.74 36.25
C ILE B 720 17.39 -47.44 36.24
N SER B 721 17.81 -46.49 35.41
CA SER B 721 17.22 -45.15 35.39
C SER B 721 16.18 -45.07 34.28
N VAL B 722 15.01 -44.53 34.61
CA VAL B 722 13.95 -44.30 33.64
C VAL B 722 13.81 -42.80 33.45
N THR B 723 13.96 -42.35 32.21
CA THR B 723 14.01 -40.93 31.89
C THR B 723 12.93 -40.58 30.87
N THR B 724 12.26 -39.46 31.10
CA THR B 724 11.24 -38.96 30.19
C THR B 724 11.88 -38.10 29.11
N GLU B 725 11.40 -38.26 27.87
CA GLU B 725 11.82 -37.41 26.78
C GLU B 725 10.60 -37.10 25.91
N ILE B 726 10.26 -35.83 25.78
CA ILE B 726 9.03 -35.40 25.14
C ILE B 726 9.35 -34.73 23.82
N LEU B 727 8.67 -35.15 22.76
CA LEU B 727 8.93 -34.65 21.41
C LEU B 727 7.63 -34.27 20.75
N PRO B 728 7.47 -33.03 20.27
CA PRO B 728 6.31 -32.70 19.45
C PRO B 728 6.32 -33.49 18.15
N VAL B 729 5.12 -33.86 17.69
CA VAL B 729 4.95 -34.65 16.48
C VAL B 729 4.24 -33.86 15.41
N SER B 730 3.09 -33.28 15.75
CA SER B 730 2.31 -32.50 14.81
C SER B 730 1.73 -31.29 15.53
N MET B 731 1.18 -30.36 14.75
CA MET B 731 0.46 -29.23 15.29
C MET B 731 -0.93 -29.21 14.71
N THR B 732 -1.78 -28.33 15.24
CA THR B 732 -3.17 -28.28 14.82
C THR B 732 -3.27 -27.83 13.37
N LYS B 733 -4.18 -28.47 12.64
CA LYS B 733 -4.36 -28.18 11.22
C LYS B 733 -5.44 -27.11 11.08
N THR B 734 -5.05 -25.96 10.57
CA THR B 734 -5.97 -24.84 10.36
C THR B 734 -6.06 -24.53 8.88
N SER B 735 -7.27 -24.21 8.43
CA SER B 735 -7.47 -23.70 7.08
C SER B 735 -8.27 -22.42 7.18
N VAL B 736 -7.78 -21.37 6.52
CA VAL B 736 -8.42 -20.06 6.49
C VAL B 736 -8.86 -19.79 5.06
N ASP B 737 -10.16 -19.58 4.88
CA ASP B 737 -10.66 -19.14 3.58
C ASP B 737 -10.34 -17.66 3.45
N CYS B 738 -9.43 -17.33 2.53
CA CYS B 738 -8.92 -15.97 2.44
C CYS B 738 -10.04 -14.98 2.17
N THR B 739 -10.96 -15.32 1.27
CA THR B 739 -12.03 -14.40 0.90
C THR B 739 -12.92 -14.07 2.09
N MET B 740 -13.31 -15.08 2.85
CA MET B 740 -14.20 -14.84 4.00
C MET B 740 -13.49 -14.11 5.12
N TYR B 741 -12.17 -14.28 5.23
CA TYR B 741 -11.39 -13.52 6.24
C TYR B 741 -11.22 -12.08 5.76
N ILE B 742 -10.81 -11.90 4.51
CA ILE B 742 -10.55 -10.53 3.96
C ILE B 742 -11.80 -9.67 4.21
N CYS B 743 -12.98 -10.14 3.82
CA CYS B 743 -14.23 -9.38 4.11
C CYS B 743 -15.32 -10.34 4.61
N GLY B 744 -15.85 -11.17 3.71
CA GLY B 744 -16.93 -12.11 4.07
C GLY B 744 -18.30 -11.61 3.65
N ASP B 745 -18.96 -12.32 2.74
CA ASP B 745 -20.34 -11.97 2.30
C ASP B 745 -20.39 -10.54 1.74
N SER B 746 -19.36 -10.09 1.03
CA SER B 746 -19.42 -8.76 0.38
C SER B 746 -19.15 -8.91 -1.12
N THR B 747 -20.13 -8.59 -1.96
CA THR B 747 -19.95 -8.69 -3.44
C THR B 747 -18.91 -7.69 -3.91
N GLU B 748 -18.96 -6.45 -3.41
CA GLU B 748 -18.02 -5.39 -3.88
C GLU B 748 -16.60 -5.78 -3.50
N CYS B 749 -16.40 -6.30 -2.29
CA CYS B 749 -15.05 -6.72 -1.82
C CYS B 749 -14.51 -7.84 -2.71
N SER B 750 -15.37 -8.81 -3.04
CA SER B 750 -14.95 -9.94 -3.91
C SER B 750 -14.56 -9.41 -5.29
N ASN B 751 -15.31 -8.44 -5.81
CA ASN B 751 -15.04 -7.89 -7.17
C ASN B 751 -13.66 -7.24 -7.22
N LEU B 752 -13.31 -6.41 -6.22
CA LEU B 752 -12.02 -5.67 -6.28
C LEU B 752 -10.89 -6.62 -5.87
N LEU B 753 -11.21 -7.71 -5.17
CA LEU B 753 -10.19 -8.70 -4.87
C LEU B 753 -9.94 -9.63 -6.05
N LEU B 754 -10.93 -9.84 -6.91
CA LEU B 754 -10.73 -10.70 -8.08
C LEU B 754 -9.62 -10.18 -8.96
N GLN B 755 -9.53 -8.85 -9.11
CA GLN B 755 -8.48 -8.26 -9.93
C GLN B 755 -7.16 -8.12 -9.18
N TYR B 756 -7.14 -8.39 -7.87
CA TYR B 756 -5.94 -8.16 -7.09
C TYR B 756 -4.87 -9.23 -7.32
N GLY B 757 -5.26 -10.40 -7.81
CA GLY B 757 -4.31 -11.45 -8.08
C GLY B 757 -4.85 -12.78 -7.62
N SER B 758 -3.94 -13.72 -7.37
CA SER B 758 -4.28 -15.07 -6.94
C SER B 758 -3.56 -15.45 -5.66
N PHE B 759 -3.34 -14.48 -4.77
CA PHE B 759 -2.67 -14.77 -3.50
C PHE B 759 -3.49 -15.73 -2.65
N CYS B 760 -4.82 -15.63 -2.74
CA CYS B 760 -5.69 -16.46 -1.90
C CYS B 760 -5.47 -17.94 -2.19
N THR B 761 -5.35 -18.30 -3.47
CA THR B 761 -5.14 -19.69 -3.83
C THR B 761 -3.78 -20.18 -3.32
N GLN B 762 -2.76 -19.33 -3.38
CA GLN B 762 -1.44 -19.69 -2.85
C GLN B 762 -1.50 -19.96 -1.35
N LEU B 763 -2.17 -19.07 -0.61
CA LEU B 763 -2.29 -19.27 0.83
C LEU B 763 -3.06 -20.56 1.13
N ASN B 764 -4.11 -20.83 0.34
CA ASN B 764 -4.87 -22.06 0.53
C ASN B 764 -4.00 -23.29 0.32
N ARG B 765 -3.22 -23.32 -0.77
CA ARG B 765 -2.41 -24.52 -1.02
C ARG B 765 -1.33 -24.67 0.05
N ALA B 766 -0.75 -23.55 0.52
CA ALA B 766 0.24 -23.64 1.57
C ALA B 766 -0.36 -24.26 2.84
N LEU B 767 -1.54 -23.79 3.24
CA LEU B 767 -2.16 -24.33 4.45
C LEU B 767 -2.55 -25.79 4.28
N THR B 768 -3.09 -26.17 3.11
CA THR B 768 -3.45 -27.56 2.90
C THR B 768 -2.21 -28.46 2.91
N GLY B 769 -1.12 -27.98 2.33
CA GLY B 769 0.12 -28.73 2.41
C GLY B 769 0.59 -28.90 3.84
N ILE B 770 0.43 -27.85 4.65
CA ILE B 770 0.78 -27.96 6.07
C ILE B 770 -0.04 -29.05 6.74
N ALA B 771 -1.36 -29.07 6.48
CA ALA B 771 -2.22 -30.06 7.11
C ALA B 771 -1.86 -31.48 6.69
N VAL B 772 -1.64 -31.68 5.39
CA VAL B 772 -1.23 -32.99 4.90
C VAL B 772 0.11 -33.39 5.52
N GLU B 773 1.01 -32.42 5.70
CA GLU B 773 2.29 -32.71 6.34
C GLU B 773 2.12 -33.13 7.78
N GLN B 774 1.16 -32.53 8.51
CA GLN B 774 0.93 -32.94 9.88
C GLN B 774 0.41 -34.37 9.95
N ASP B 775 -0.51 -34.71 9.06
CA ASP B 775 -0.99 -36.09 9.02
C ASP B 775 0.14 -37.06 8.68
N LYS B 776 1.01 -36.67 7.75
CA LYS B 776 2.16 -37.50 7.40
C LYS B 776 3.10 -37.66 8.58
N ASN B 777 3.32 -36.59 9.34
CA ASN B 777 4.20 -36.65 10.51
C ASN B 777 3.67 -37.66 11.51
N THR B 778 2.38 -37.57 11.84
CA THR B 778 1.82 -38.49 12.82
C THR B 778 1.89 -39.93 12.32
N GLN B 779 1.55 -40.15 11.06
CA GLN B 779 1.55 -41.51 10.52
C GLN B 779 2.96 -42.08 10.45
N GLU B 780 3.94 -41.23 10.16
CA GLU B 780 5.33 -41.69 10.11
C GLU B 780 5.89 -42.00 11.48
N VAL B 781 5.53 -41.21 12.49
CA VAL B 781 6.05 -41.45 13.83
C VAL B 781 5.42 -42.71 14.43
N PHE B 782 4.10 -42.83 14.34
CA PHE B 782 3.44 -43.86 15.16
C PHE B 782 3.20 -45.18 14.43
N ALA B 783 2.88 -45.13 13.13
CA ALA B 783 2.57 -46.35 12.38
C ALA B 783 3.86 -47.05 11.92
N GLN B 784 4.60 -47.56 12.90
CA GLN B 784 5.83 -48.29 12.59
C GLN B 784 5.58 -49.77 12.34
N VAL B 785 4.47 -50.30 12.82
CA VAL B 785 4.18 -51.73 12.71
C VAL B 785 2.86 -51.92 11.99
N LYS B 786 2.78 -53.01 11.23
CA LYS B 786 1.58 -53.35 10.47
C LYS B 786 0.71 -54.38 11.18
N GLN B 787 1.12 -54.86 12.35
CA GLN B 787 0.33 -55.79 13.13
C GLN B 787 0.14 -55.22 14.52
N ILE B 788 -1.10 -55.22 15.01
CA ILE B 788 -1.42 -54.69 16.33
C ILE B 788 -1.22 -55.84 17.33
N TYR B 789 -0.01 -55.90 17.88
CA TYR B 789 0.31 -56.94 18.86
C TYR B 789 -0.40 -56.66 20.17
N LYS B 790 -0.72 -57.73 20.89
CA LYS B 790 -1.50 -57.66 22.11
C LYS B 790 -0.79 -58.41 23.22
N THR B 791 -0.80 -57.83 24.41
CA THR B 791 -0.21 -58.50 25.57
C THR B 791 -1.06 -59.71 25.95
N PRO B 792 -0.44 -60.77 26.45
CA PRO B 792 -1.22 -61.97 26.81
C PRO B 792 -1.97 -61.73 28.11
N PRO B 793 -3.03 -62.51 28.36
CA PRO B 793 -3.78 -62.34 29.62
C PRO B 793 -2.93 -62.57 30.86
N ILE B 794 -1.96 -63.47 30.80
CA ILE B 794 -1.10 -63.78 31.93
C ILE B 794 0.16 -62.94 31.83
N LYS B 795 0.47 -62.20 32.90
CA LYS B 795 1.58 -61.25 32.92
C LYS B 795 2.66 -61.81 33.84
N ASP B 796 3.68 -62.43 33.24
CA ASP B 796 4.83 -62.97 33.96
C ASP B 796 6.09 -62.48 33.25
N PHE B 797 6.57 -61.31 33.65
CA PHE B 797 7.71 -60.66 33.00
C PHE B 797 8.94 -60.64 33.91
N GLY B 798 9.15 -61.72 34.65
CA GLY B 798 10.35 -61.84 35.46
C GLY B 798 10.42 -60.89 36.62
N GLY B 799 9.28 -60.40 37.10
CA GLY B 799 9.24 -59.41 38.17
C GLY B 799 9.01 -58.00 37.70
N PHE B 800 9.21 -57.73 36.41
CA PHE B 800 8.96 -56.41 35.87
C PHE B 800 7.46 -56.13 35.82
N ASN B 801 7.10 -54.87 36.02
CA ASN B 801 5.70 -54.46 36.14
C ASN B 801 5.43 -53.36 35.13
N PHE B 802 4.57 -53.64 34.15
CA PHE B 802 4.20 -52.68 33.11
C PHE B 802 2.74 -52.28 33.20
N SER B 803 2.07 -52.59 34.30
CA SER B 803 0.63 -52.33 34.41
C SER B 803 0.31 -50.85 34.23
N GLN B 804 1.22 -49.97 34.65
CA GLN B 804 0.99 -48.55 34.59
C GLN B 804 1.41 -47.93 33.26
N ILE B 805 1.93 -48.73 32.33
CA ILE B 805 2.15 -48.26 30.96
C ILE B 805 1.32 -49.03 29.94
N LEU B 806 0.78 -50.19 30.29
CA LEU B 806 -0.16 -50.92 29.45
C LEU B 806 -1.57 -50.37 29.60
N PRO B 807 -2.42 -50.54 28.60
CA PRO B 807 -3.82 -50.14 28.74
C PRO B 807 -4.53 -51.06 29.72
N ASP B 808 -5.68 -50.59 30.20
CA ASP B 808 -6.46 -51.34 31.17
C ASP B 808 -7.92 -51.40 30.74
N PRO B 809 -8.65 -52.44 31.18
CA PRO B 809 -10.06 -52.58 30.77
C PRO B 809 -11.01 -51.61 31.44
N SER B 810 -10.53 -50.66 32.24
CA SER B 810 -11.41 -49.71 32.91
C SER B 810 -12.01 -48.68 31.97
N LYS B 811 -11.62 -48.68 30.70
CA LYS B 811 -12.10 -47.75 29.68
C LYS B 811 -11.86 -46.28 30.04
N PRO B 812 -10.59 -45.85 30.23
CA PRO B 812 -10.26 -44.42 30.16
C PRO B 812 -9.83 -44.01 28.76
N SER B 813 -10.69 -44.30 27.77
CA SER B 813 -10.36 -44.19 26.35
C SER B 813 -9.18 -45.09 25.99
N LYS B 814 -9.11 -46.25 26.66
CA LYS B 814 -8.09 -47.27 26.38
C LYS B 814 -6.68 -46.70 26.43
N ARG B 815 -6.43 -45.87 27.43
CA ARG B 815 -5.14 -45.22 27.62
C ARG B 815 -4.55 -45.63 28.95
N SER B 816 -3.23 -45.80 28.97
CA SER B 816 -2.54 -46.21 30.19
C SER B 816 -2.60 -45.08 31.22
N PHE B 817 -2.15 -45.41 32.43
CA PHE B 817 -2.14 -44.42 33.51
C PHE B 817 -1.25 -43.23 33.16
N ILE B 818 -0.05 -43.50 32.66
CA ILE B 818 0.87 -42.43 32.28
C ILE B 818 0.27 -41.59 31.16
N GLU B 819 -0.33 -42.24 30.16
CA GLU B 819 -0.97 -41.50 29.08
C GLU B 819 -2.14 -40.66 29.61
N ASP B 820 -2.88 -41.19 30.57
CA ASP B 820 -3.98 -40.42 31.16
C ASP B 820 -3.45 -39.16 31.83
N LEU B 821 -2.37 -39.29 32.61
CA LEU B 821 -1.76 -38.12 33.22
C LEU B 821 -1.28 -37.13 32.17
N LEU B 822 -0.64 -37.62 31.11
CA LEU B 822 -0.10 -36.72 30.09
C LEU B 822 -1.21 -35.95 29.39
N PHE B 823 -2.30 -36.62 29.03
CA PHE B 823 -3.42 -35.94 28.40
C PHE B 823 -4.15 -35.00 29.35
N ASN B 824 -4.21 -35.34 30.63
CA ASN B 824 -4.88 -34.46 31.60
C ASN B 824 -4.05 -33.21 31.86
N LYS B 825 -2.72 -33.34 31.87
CA LYS B 825 -1.88 -32.20 32.21
C LYS B 825 -1.89 -31.14 31.12
N VAL B 826 -1.98 -31.53 29.86
CA VAL B 826 -1.99 -30.58 28.75
C VAL B 826 -3.38 -29.96 28.68
N THR B 827 -3.48 -28.67 28.97
CA THR B 827 -4.74 -27.95 28.97
C THR B 827 -4.78 -26.98 27.79
N LEU B 828 -5.87 -27.01 27.03
CA LEU B 828 -6.02 -26.14 25.87
C LEU B 828 -6.15 -24.69 26.30
N PHE B 855 -14.76 -19.51 12.55
CA PHE B 855 -15.49 -18.49 13.28
C PHE B 855 -15.65 -17.23 12.44
N ASN B 856 -14.57 -16.81 11.80
CA ASN B 856 -14.57 -15.65 10.92
C ASN B 856 -13.78 -15.95 9.66
N GLY B 857 -13.94 -17.17 9.14
CA GLY B 857 -13.22 -17.62 7.96
C GLY B 857 -12.18 -18.68 8.25
N LEU B 858 -11.87 -18.94 9.52
CA LEU B 858 -10.86 -19.91 9.91
C LEU B 858 -11.53 -21.12 10.54
N THR B 859 -11.00 -22.31 10.24
CA THR B 859 -11.53 -23.54 10.80
C THR B 859 -10.40 -24.51 11.06
N VAL B 860 -10.65 -25.45 11.98
CA VAL B 860 -9.66 -26.44 12.38
C VAL B 860 -10.10 -27.80 11.85
N LEU B 861 -9.24 -28.44 11.11
CA LEU B 861 -9.51 -29.76 10.55
C LEU B 861 -9.05 -30.84 11.53
N PRO B 862 -9.93 -31.78 11.89
CA PRO B 862 -9.52 -32.82 12.84
C PRO B 862 -8.44 -33.71 12.24
N PRO B 863 -7.54 -34.24 13.06
CA PRO B 863 -6.51 -35.13 12.53
C PRO B 863 -7.10 -36.44 12.04
N LEU B 864 -6.39 -37.06 11.08
CA LEU B 864 -6.86 -38.32 10.51
C LEU B 864 -6.87 -39.42 11.56
N LEU B 865 -5.82 -39.51 12.37
CA LEU B 865 -5.74 -40.52 13.41
C LEU B 865 -6.25 -39.93 14.72
N THR B 866 -7.34 -40.50 15.25
CA THR B 866 -7.85 -40.06 16.53
C THR B 866 -6.94 -40.53 17.65
N ASP B 867 -7.11 -39.91 18.83
CA ASP B 867 -6.25 -40.22 19.96
C ASP B 867 -6.36 -41.68 20.37
N GLU B 868 -7.54 -42.28 20.23
CA GLU B 868 -7.69 -43.69 20.57
C GLU B 868 -6.86 -44.57 19.65
N MET B 869 -6.77 -44.22 18.37
CA MET B 869 -5.98 -45.03 17.44
C MET B 869 -4.48 -44.84 17.65
N ILE B 870 -4.05 -43.63 18.01
CA ILE B 870 -2.65 -43.43 18.37
C ILE B 870 -2.31 -44.20 19.63
N ALA B 871 -3.23 -44.23 20.59
CA ALA B 871 -3.02 -45.03 21.79
C ALA B 871 -2.94 -46.51 21.45
N GLN B 872 -3.77 -46.97 20.51
CA GLN B 872 -3.71 -48.37 20.08
C GLN B 872 -2.38 -48.68 19.40
N TYR B 873 -1.88 -47.77 18.56
CA TYR B 873 -0.56 -47.95 17.97
C TYR B 873 0.52 -48.04 19.03
N THR B 874 0.46 -47.15 20.02
CA THR B 874 1.44 -47.16 21.10
C THR B 874 1.39 -48.46 21.88
N SER B 875 0.18 -48.95 22.17
CA SER B 875 0.04 -50.21 22.88
C SER B 875 0.59 -51.37 22.05
N ALA B 876 0.35 -51.35 20.74
CA ALA B 876 0.90 -52.40 19.89
C ALA B 876 2.42 -52.39 19.92
N LEU B 877 3.02 -51.21 19.79
CA LEU B 877 4.48 -51.11 19.82
C LEU B 877 5.04 -51.59 21.15
N LEU B 878 4.40 -51.19 22.25
CA LEU B 878 4.95 -51.52 23.56
C LEU B 878 4.77 -53.01 23.86
N ALA B 879 3.63 -53.59 23.49
CA ALA B 879 3.42 -55.02 23.67
C ALA B 879 4.39 -55.83 22.84
N GLY B 880 4.62 -55.42 21.59
CA GLY B 880 5.64 -56.09 20.80
C GLY B 880 7.01 -55.99 21.42
N THR B 881 7.34 -54.82 21.99
CA THR B 881 8.63 -54.65 22.63
C THR B 881 8.79 -55.59 23.82
N ILE B 882 7.76 -55.70 24.66
CA ILE B 882 7.90 -56.50 25.87
C ILE B 882 7.69 -57.99 25.63
N THR B 883 7.12 -58.38 24.49
CA THR B 883 6.89 -59.80 24.24
C THR B 883 7.81 -60.42 23.21
N SER B 884 8.45 -59.61 22.34
CA SER B 884 9.31 -60.15 21.30
C SER B 884 10.66 -59.49 21.19
N GLY B 885 10.90 -58.36 21.85
CA GLY B 885 12.18 -57.70 21.78
C GLY B 885 12.30 -56.77 20.59
N TRP B 886 13.46 -56.77 19.94
CA TRP B 886 13.64 -56.01 18.72
C TRP B 886 13.32 -56.81 17.47
N THR B 887 12.85 -58.05 17.64
CA THR B 887 12.66 -58.91 16.49
C THR B 887 11.51 -58.43 15.61
N PHE B 888 10.44 -57.91 16.23
CA PHE B 888 9.30 -57.44 15.47
C PHE B 888 9.59 -56.18 14.66
N GLY B 889 10.72 -55.53 14.90
CA GLY B 889 11.11 -54.39 14.10
C GLY B 889 11.86 -54.73 12.84
N ALA B 890 12.23 -56.00 12.66
CA ALA B 890 12.97 -56.44 11.49
C ALA B 890 12.33 -57.64 10.82
N GLY B 891 11.04 -57.84 11.01
CA GLY B 891 10.34 -58.96 10.42
C GLY B 891 9.16 -59.36 11.28
N ALA B 892 8.98 -60.67 11.43
CA ALA B 892 7.87 -61.20 12.21
C ALA B 892 8.23 -61.27 13.68
N ALA B 893 7.26 -60.94 14.54
CA ALA B 893 7.51 -60.95 15.97
C ALA B 893 7.74 -62.37 16.46
N LEU B 894 8.83 -62.56 17.20
CA LEU B 894 9.19 -63.86 17.74
C LEU B 894 9.29 -63.74 19.26
N GLN B 895 8.49 -64.52 19.96
CA GLN B 895 8.40 -64.40 21.41
C GLN B 895 9.71 -64.80 22.07
N ILE B 896 9.95 -64.23 23.24
CA ILE B 896 11.12 -64.53 24.05
C ILE B 896 10.82 -64.07 25.47
N PRO B 897 11.19 -64.82 26.50
CA PRO B 897 10.96 -64.36 27.88
C PRO B 897 11.65 -63.03 28.13
N PHE B 898 10.99 -62.19 28.94
CA PHE B 898 11.50 -60.84 29.16
C PHE B 898 12.85 -60.86 29.84
N ALA B 899 13.08 -61.82 30.73
CA ALA B 899 14.39 -61.92 31.39
C ALA B 899 15.48 -62.17 30.36
N MET B 900 15.24 -63.04 29.39
CA MET B 900 16.27 -63.34 28.40
C MET B 900 16.46 -62.19 27.43
N GLN B 901 15.41 -61.46 27.10
CA GLN B 901 15.57 -60.24 26.31
C GLN B 901 16.41 -59.22 27.06
N MET B 902 16.18 -59.08 28.36
CA MET B 902 17.00 -58.18 29.16
C MET B 902 18.45 -58.67 29.20
N ALA B 903 18.65 -59.99 29.19
CA ALA B 903 20.00 -60.52 29.14
C ALA B 903 20.70 -60.15 27.84
N TYR B 904 19.98 -60.24 26.72
CA TYR B 904 20.55 -59.85 25.44
C TYR B 904 20.87 -58.36 25.42
N ARG B 905 19.99 -57.55 25.98
CA ARG B 905 20.25 -56.10 26.01
C ARG B 905 21.40 -55.76 26.95
N PHE B 906 21.59 -56.53 28.03
CA PHE B 906 22.77 -56.37 28.87
C PHE B 906 24.03 -56.73 28.11
N ASN B 907 24.01 -57.83 27.35
CA ASN B 907 25.12 -58.17 26.48
C ASN B 907 25.40 -57.06 25.49
N GLY B 908 24.36 -56.31 25.12
CA GLY B 908 24.55 -55.20 24.20
C GLY B 908 25.47 -54.11 24.74
N ILE B 909 25.47 -53.89 26.04
CA ILE B 909 26.23 -52.79 26.64
C ILE B 909 27.48 -53.30 27.35
N GLY B 910 27.96 -54.49 27.01
CA GLY B 910 29.21 -54.98 27.54
C GLY B 910 29.15 -55.61 28.91
N VAL B 911 27.96 -55.95 29.40
CA VAL B 911 27.79 -56.61 30.69
C VAL B 911 27.28 -58.02 30.42
N THR B 912 27.94 -59.01 31.02
CA THR B 912 27.54 -60.39 30.80
C THR B 912 26.18 -60.67 31.40
N GLN B 913 25.52 -61.70 30.87
CA GLN B 913 24.14 -61.99 31.20
C GLN B 913 23.99 -62.68 32.54
N ASN B 914 25.09 -63.22 33.09
CA ASN B 914 25.04 -63.75 34.44
C ASN B 914 24.73 -62.65 35.45
N VAL B 915 25.17 -61.42 35.17
CA VAL B 915 24.86 -60.30 36.05
C VAL B 915 23.35 -60.12 36.19
N LEU B 916 22.65 -60.12 35.05
CA LEU B 916 21.19 -60.05 35.09
C LEU B 916 20.58 -61.25 35.79
N TYR B 917 21.00 -62.46 35.39
CA TYR B 917 20.35 -63.63 35.96
C TYR B 917 20.61 -63.78 37.46
N GLU B 918 21.61 -63.08 37.99
CA GLU B 918 21.88 -63.09 39.42
C GLU B 918 21.25 -61.91 40.16
N ASN B 919 21.09 -60.76 39.51
CA ASN B 919 20.51 -59.58 40.15
C ASN B 919 19.13 -59.25 39.58
N GLN B 920 18.42 -60.26 39.09
CA GLN B 920 17.12 -60.04 38.48
C GLN B 920 16.13 -59.38 39.43
N LYS B 921 16.05 -59.85 40.68
CA LYS B 921 15.11 -59.28 41.61
C LYS B 921 15.42 -57.81 41.90
N LEU B 922 16.71 -57.50 42.11
CA LEU B 922 17.09 -56.13 42.35
C LEU B 922 16.79 -55.25 41.13
N ILE B 923 17.04 -55.76 39.93
CA ILE B 923 16.83 -54.98 38.72
C ILE B 923 15.34 -54.73 38.51
N ALA B 924 14.51 -55.75 38.74
CA ALA B 924 13.08 -55.58 38.63
C ALA B 924 12.56 -54.57 39.64
N ASN B 925 13.05 -54.65 40.88
CA ASN B 925 12.62 -53.70 41.90
C ASN B 925 13.05 -52.28 41.54
N GLN B 926 14.26 -52.12 41.01
CA GLN B 926 14.73 -50.79 40.62
C GLN B 926 13.92 -50.24 39.46
N PHE B 927 13.59 -51.08 38.48
CA PHE B 927 12.77 -50.60 37.37
C PHE B 927 11.38 -50.20 37.84
N ASN B 928 10.77 -51.02 38.71
CA ASN B 928 9.44 -50.70 39.20
C ASN B 928 9.46 -49.43 40.04
N SER B 929 10.49 -49.25 40.86
CA SER B 929 10.62 -48.03 41.64
C SER B 929 10.83 -46.82 40.73
N ALA B 930 11.58 -46.99 39.65
CA ALA B 930 11.79 -45.89 38.71
C ALA B 930 10.50 -45.50 38.01
N ILE B 931 9.67 -46.48 37.65
CA ILE B 931 8.39 -46.17 37.03
C ILE B 931 7.46 -45.51 38.04
N GLY B 932 7.50 -45.96 39.30
CA GLY B 932 6.75 -45.27 40.33
C GLY B 932 7.19 -43.83 40.50
N LYS B 933 8.49 -43.59 40.46
CA LYS B 933 8.99 -42.22 40.60
C LYS B 933 8.63 -41.38 39.39
N ILE B 934 8.60 -41.97 38.20
CA ILE B 934 8.25 -41.18 37.02
C ILE B 934 6.77 -40.80 37.05
N GLN B 935 5.92 -41.70 37.53
CA GLN B 935 4.52 -41.31 37.65
C GLN B 935 4.31 -40.31 38.78
N ASP B 936 5.09 -40.41 39.86
CA ASP B 936 5.00 -39.41 40.92
C ASP B 936 5.41 -38.03 40.41
N SER B 937 6.50 -37.97 39.63
CA SER B 937 6.94 -36.70 39.06
C SER B 937 5.90 -36.15 38.09
N LEU B 938 5.32 -37.03 37.26
CA LEU B 938 4.33 -36.55 36.30
C LEU B 938 3.04 -36.12 36.98
N SER B 939 2.71 -36.73 38.13
CA SER B 939 1.53 -36.32 38.88
C SER B 939 1.75 -34.99 39.59
N SER B 940 2.90 -34.81 40.23
CA SER B 940 3.14 -33.67 41.10
C SER B 940 3.94 -32.56 40.41
N THR B 941 5.13 -32.88 39.92
CA THR B 941 5.98 -31.88 39.31
C THR B 941 5.38 -31.41 37.99
N ALA B 942 5.26 -30.10 37.81
CA ALA B 942 4.73 -29.51 36.61
C ALA B 942 5.87 -29.00 35.74
N SER B 943 5.51 -28.30 34.66
CA SER B 943 6.48 -27.72 33.73
C SER B 943 7.40 -28.78 33.11
N ALA B 944 6.90 -30.00 32.98
CA ALA B 944 7.65 -31.08 32.34
C ALA B 944 7.29 -31.27 30.88
N LEU B 945 6.06 -30.91 30.50
CA LEU B 945 5.58 -31.00 29.12
C LEU B 945 5.62 -29.64 28.45
N GLY B 946 6.68 -28.88 28.69
CA GLY B 946 6.74 -27.50 28.22
C GLY B 946 6.71 -27.39 26.71
N LYS B 947 7.31 -28.37 26.02
CA LYS B 947 7.45 -28.27 24.56
C LYS B 947 6.10 -28.30 23.87
N LEU B 948 5.27 -29.30 24.20
CA LEU B 948 3.96 -29.40 23.57
C LEU B 948 3.08 -28.20 23.91
N GLN B 949 3.12 -27.76 25.17
CA GLN B 949 2.32 -26.60 25.56
C GLN B 949 2.79 -25.35 24.84
N ASP B 950 4.10 -25.19 24.65
CA ASP B 950 4.61 -24.06 23.90
C ASP B 950 4.13 -24.09 22.46
N VAL B 951 4.15 -25.28 21.83
CA VAL B 951 3.65 -25.38 20.47
C VAL B 951 2.19 -24.96 20.40
N VAL B 952 1.37 -25.46 21.33
CA VAL B 952 -0.04 -25.13 21.37
C VAL B 952 -0.24 -23.64 21.56
N ASN B 953 0.54 -23.05 22.48
CA ASN B 953 0.39 -21.63 22.78
C ASN B 953 0.78 -20.76 21.59
N GLN B 954 1.86 -21.11 20.90
CA GLN B 954 2.24 -20.34 19.73
C GLN B 954 1.17 -20.41 18.64
N ASN B 955 0.63 -21.61 18.39
CA ASN B 955 -0.41 -21.72 17.38
C ASN B 955 -1.64 -20.90 17.76
N ALA B 956 -2.10 -21.06 18.99
CA ALA B 956 -3.32 -20.37 19.43
C ALA B 956 -3.14 -18.86 19.40
N GLN B 957 -1.97 -18.38 19.83
CA GLN B 957 -1.78 -16.94 19.90
C GLN B 957 -1.58 -16.35 18.50
N ALA B 958 -0.96 -17.10 17.58
CA ALA B 958 -0.88 -16.62 16.20
C ALA B 958 -2.27 -16.47 15.60
N LEU B 959 -3.14 -17.47 15.83
CA LEU B 959 -4.52 -17.33 15.35
C LEU B 959 -5.22 -16.14 16.00
N ASN B 960 -5.01 -15.95 17.31
CA ASN B 960 -5.62 -14.82 18.00
C ASN B 960 -5.11 -13.50 17.45
N THR B 961 -3.82 -13.43 17.11
CA THR B 961 -3.26 -12.23 16.53
C THR B 961 -3.86 -11.94 15.17
N LEU B 962 -4.09 -12.99 14.38
CA LEU B 962 -4.78 -12.79 13.10
C LEU B 962 -6.17 -12.22 13.31
N VAL B 963 -6.92 -12.79 14.25
CA VAL B 963 -8.29 -12.32 14.50
C VAL B 963 -8.28 -10.88 14.99
N LYS B 964 -7.31 -10.53 15.84
CA LYS B 964 -7.23 -9.16 16.34
C LYS B 964 -6.84 -8.19 15.22
N GLN B 965 -5.87 -8.58 14.39
CA GLN B 965 -5.49 -7.78 13.23
C GLN B 965 -6.65 -7.58 12.28
N LEU B 966 -7.62 -8.49 12.30
CA LEU B 966 -8.82 -8.29 11.49
C LEU B 966 -9.61 -7.05 11.91
N SER B 967 -9.34 -6.49 13.08
CA SER B 967 -10.12 -5.39 13.63
C SER B 967 -9.31 -4.10 13.75
N SER B 968 -8.51 -3.78 12.73
CA SER B 968 -7.81 -2.51 12.67
C SER B 968 -8.00 -1.90 11.29
N ASN B 969 -7.99 -0.56 11.26
CA ASN B 969 -8.41 0.17 10.06
C ASN B 969 -7.37 0.16 8.95
N PHE B 970 -6.08 0.10 9.31
CA PHE B 970 -4.98 0.24 8.35
C PHE B 970 -5.04 1.57 7.61
N GLY B 971 -5.44 2.64 8.29
CA GLY B 971 -5.44 3.96 7.71
C GLY B 971 -6.77 4.42 7.15
N ALA B 972 -7.79 3.56 7.13
CA ALA B 972 -9.07 3.94 6.58
C ALA B 972 -9.98 4.55 7.64
N ILE B 973 -11.20 4.88 7.22
CA ILE B 973 -12.17 5.51 8.11
C ILE B 973 -12.55 4.56 9.24
N SER B 974 -12.84 3.30 8.91
CA SER B 974 -13.28 2.34 9.90
C SER B 974 -12.86 0.93 9.47
N SER B 975 -12.80 0.03 10.45
CA SER B 975 -12.44 -1.35 10.18
C SER B 975 -13.57 -2.11 9.52
N VAL B 976 -14.82 -1.84 9.92
CA VAL B 976 -15.96 -2.56 9.39
C VAL B 976 -16.29 -2.01 8.01
N LEU B 977 -16.50 -2.91 7.04
CA LEU B 977 -16.79 -2.49 5.67
C LEU B 977 -18.20 -1.93 5.52
N ASN B 978 -19.17 -2.45 6.29
CA ASN B 978 -20.56 -2.02 6.14
C ASN B 978 -20.70 -0.53 6.40
N ASP B 979 -20.04 -0.03 7.45
CA ASP B 979 -20.07 1.41 7.73
C ASP B 979 -19.42 2.19 6.60
N ILE B 980 -18.36 1.64 6.01
CA ILE B 980 -17.68 2.32 4.91
C ILE B 980 -18.63 2.46 3.72
N LEU B 981 -19.36 1.39 3.39
CA LEU B 981 -20.35 1.48 2.32
C LEU B 981 -21.46 2.47 2.67
N SER B 982 -21.92 2.45 3.92
CA SER B 982 -23.07 3.27 4.30
C SER B 982 -22.74 4.75 4.29
N ARG B 983 -21.63 5.15 4.90
CA ARG B 983 -21.35 6.54 5.19
C ARG B 983 -20.44 7.23 4.18
N LEU B 984 -20.00 6.53 3.14
CA LEU B 984 -19.04 7.10 2.21
C LEU B 984 -19.49 6.92 0.77
N ASP B 985 -19.09 7.87 -0.07
CA ASP B 985 -19.38 7.81 -1.49
C ASP B 985 -18.56 6.71 -2.16
N PRO B 986 -19.01 6.19 -3.30
CA PRO B 986 -18.37 5.00 -3.89
C PRO B 986 -16.88 5.16 -4.13
N PRO B 987 -16.37 6.32 -4.62
CA PRO B 987 -14.92 6.40 -4.86
C PRO B 987 -14.07 6.32 -3.60
N GLU B 988 -14.36 7.20 -2.63
CA GLU B 988 -13.58 7.20 -1.39
C GLU B 988 -13.79 5.90 -0.62
N ALA B 989 -15.02 5.39 -0.60
CA ALA B 989 -15.27 4.11 0.06
C ALA B 989 -14.48 3.00 -0.60
N GLU B 990 -14.40 3.02 -1.93
CA GLU B 990 -13.60 2.02 -2.65
C GLU B 990 -12.14 2.10 -2.27
N VAL B 991 -11.61 3.32 -2.17
CA VAL B 991 -10.19 3.48 -1.83
C VAL B 991 -9.93 2.98 -0.42
N GLN B 992 -10.78 3.35 0.54
CA GLN B 992 -10.58 2.89 1.91
C GLN B 992 -10.72 1.37 1.99
N ILE B 993 -11.71 0.81 1.30
CA ILE B 993 -11.86 -0.64 1.28
C ILE B 993 -10.60 -1.29 0.72
N ASP B 994 -10.04 -0.70 -0.33
CA ASP B 994 -8.84 -1.26 -0.94
C ASP B 994 -7.67 -1.27 0.04
N ARG B 995 -7.55 -0.22 0.85
CA ARG B 995 -6.45 -0.22 1.82
C ARG B 995 -6.68 -1.23 2.94
N LEU B 996 -7.93 -1.41 3.37
CA LEU B 996 -8.22 -2.58 4.22
C LEU B 996 -7.80 -3.87 3.54
N ILE B 997 -8.07 -4.00 2.24
CA ILE B 997 -7.79 -5.25 1.54
C ILE B 997 -6.30 -5.53 1.57
N THR B 998 -5.49 -4.53 1.24
CA THR B 998 -4.06 -4.74 1.20
C THR B 998 -3.51 -5.03 2.60
N GLY B 999 -3.99 -4.32 3.62
CA GLY B 999 -3.51 -4.58 4.97
C GLY B 999 -3.85 -5.98 5.45
N ARG B 1000 -5.11 -6.40 5.26
CA ARG B 1000 -5.55 -7.70 5.71
C ARG B 1000 -4.86 -8.82 4.95
N LEU B 1001 -4.68 -8.67 3.64
CA LEU B 1001 -3.98 -9.68 2.86
C LEU B 1001 -2.53 -9.78 3.29
N GLN B 1002 -1.89 -8.65 3.59
CA GLN B 1002 -0.51 -8.69 4.04
C GLN B 1002 -0.39 -9.37 5.40
N SER B 1003 -1.33 -9.11 6.31
CA SER B 1003 -1.32 -9.79 7.60
C SER B 1003 -1.53 -11.30 7.42
N LEU B 1004 -2.43 -11.69 6.53
CA LEU B 1004 -2.64 -13.10 6.26
C LEU B 1004 -1.38 -13.76 5.70
N GLN B 1005 -0.66 -13.05 4.83
CA GLN B 1005 0.60 -13.58 4.31
C GLN B 1005 1.62 -13.78 5.42
N THR B 1006 1.73 -12.81 6.32
CA THR B 1006 2.66 -12.96 7.44
C THR B 1006 2.29 -14.17 8.29
N TYR B 1007 1.00 -14.35 8.57
CA TYR B 1007 0.57 -15.50 9.36
C TYR B 1007 0.91 -16.81 8.66
N VAL B 1008 0.67 -16.88 7.34
CA VAL B 1008 0.95 -18.10 6.61
C VAL B 1008 2.45 -18.40 6.60
N THR B 1009 3.27 -17.37 6.45
CA THR B 1009 4.73 -17.59 6.45
C THR B 1009 5.20 -18.11 7.80
N GLN B 1010 4.73 -17.50 8.89
CA GLN B 1010 5.11 -18.01 10.22
C GLN B 1010 4.64 -19.43 10.41
N GLN B 1011 3.44 -19.76 9.94
CA GLN B 1011 2.94 -21.12 10.06
C GLN B 1011 3.79 -22.09 9.26
N LEU B 1012 4.26 -21.68 8.09
CA LEU B 1012 5.12 -22.55 7.28
C LEU B 1012 6.44 -22.82 7.99
N ILE B 1013 7.04 -21.79 8.57
CA ILE B 1013 8.30 -22.01 9.28
C ILE B 1013 8.08 -22.90 10.50
N ARG B 1014 7.00 -22.67 11.24
CA ARG B 1014 6.71 -23.50 12.40
C ARG B 1014 6.42 -24.94 11.98
N ALA B 1015 5.79 -25.12 10.82
CA ALA B 1015 5.56 -26.46 10.30
C ALA B 1015 6.87 -27.14 9.96
N ALA B 1016 7.83 -26.39 9.40
CA ALA B 1016 9.14 -26.97 9.14
C ALA B 1016 9.81 -27.43 10.42
N GLU B 1017 9.75 -26.61 11.47
CA GLU B 1017 10.34 -27.00 12.74
C GLU B 1017 9.65 -28.23 13.33
N ILE B 1018 8.32 -28.26 13.26
CA ILE B 1018 7.57 -29.40 13.79
C ILE B 1018 7.87 -30.65 13.00
N ARG B 1019 8.07 -30.52 11.69
CA ARG B 1019 8.41 -31.67 10.87
C ARG B 1019 9.81 -32.20 11.18
N ALA B 1020 10.75 -31.30 11.44
CA ALA B 1020 12.07 -31.76 11.89
C ALA B 1020 11.97 -32.51 13.21
N SER B 1021 11.19 -31.99 14.15
CA SER B 1021 11.00 -32.69 15.42
C SER B 1021 10.30 -34.03 15.24
N ALA B 1022 9.34 -34.09 14.33
CA ALA B 1022 8.64 -35.34 14.06
C ALA B 1022 9.58 -36.37 13.44
N ASN B 1023 10.48 -35.92 12.55
CA ASN B 1023 11.48 -36.83 11.98
C ASN B 1023 12.41 -37.35 13.06
N LEU B 1024 12.82 -36.48 14.00
CA LEU B 1024 13.64 -36.93 15.10
C LEU B 1024 12.91 -37.97 15.96
N ALA B 1025 11.62 -37.73 16.23
CA ALA B 1025 10.85 -38.68 17.03
C ALA B 1025 10.67 -40.00 16.30
N ALA B 1026 10.47 -39.95 14.98
CA ALA B 1026 10.39 -41.18 14.20
C ALA B 1026 11.69 -41.96 14.25
N THR B 1027 12.82 -41.25 14.15
CA THR B 1027 14.12 -41.92 14.26
C THR B 1027 14.30 -42.54 15.62
N LYS B 1028 13.86 -41.86 16.67
CA LYS B 1028 13.94 -42.41 18.02
C LYS B 1028 13.08 -43.66 18.14
N MET B 1029 11.87 -43.63 17.60
CA MET B 1029 10.98 -44.78 17.69
C MET B 1029 11.52 -45.97 16.92
N SER B 1030 12.20 -45.72 15.79
CA SER B 1030 12.79 -46.82 15.05
C SER B 1030 14.02 -47.38 15.77
N GLU B 1031 14.89 -46.51 16.27
CA GLU B 1031 16.19 -46.93 16.76
C GLU B 1031 16.23 -47.18 18.26
N CYS B 1032 15.15 -46.94 18.99
CA CYS B 1032 15.20 -47.12 20.44
C CYS B 1032 14.05 -47.96 20.97
N VAL B 1033 12.90 -47.88 20.32
CA VAL B 1033 11.77 -48.74 20.67
C VAL B 1033 11.83 -50.06 19.91
N LEU B 1034 12.11 -49.98 18.61
CA LEU B 1034 12.23 -51.17 17.76
C LEU B 1034 13.59 -51.82 17.86
N GLY B 1035 14.45 -51.35 18.76
CA GLY B 1035 15.79 -51.90 18.88
C GLY B 1035 16.55 -51.19 19.97
N GLN B 1036 17.82 -51.54 20.07
CA GLN B 1036 18.73 -50.97 21.06
C GLN B 1036 19.80 -50.16 20.35
N SER B 1037 19.98 -48.91 20.76
CA SER B 1037 20.90 -48.01 20.09
C SER B 1037 22.20 -47.88 20.87
N LYS B 1038 23.32 -47.91 20.16
CA LYS B 1038 24.63 -47.65 20.74
C LYS B 1038 25.04 -46.19 20.60
N ARG B 1039 24.22 -45.36 19.95
CA ARG B 1039 24.48 -43.93 19.92
C ARG B 1039 24.39 -43.36 21.32
N VAL B 1040 25.44 -42.68 21.75
CA VAL B 1040 25.52 -42.17 23.12
C VAL B 1040 24.60 -40.97 23.28
N ASP B 1041 23.84 -40.95 24.37
CA ASP B 1041 22.93 -39.88 24.73
C ASP B 1041 21.81 -39.65 23.74
N PHE B 1042 21.67 -40.54 22.74
CA PHE B 1042 20.53 -40.43 21.84
C PHE B 1042 19.23 -40.79 22.53
N CYS B 1043 19.29 -41.70 23.50
CA CYS B 1043 18.10 -42.15 24.20
C CYS B 1043 18.36 -42.20 25.71
N GLY B 1044 18.85 -41.09 26.24
CA GLY B 1044 19.01 -40.94 27.67
C GLY B 1044 20.46 -41.01 28.11
N LYS B 1045 20.73 -40.43 29.26
CA LYS B 1045 22.07 -40.48 29.84
C LYS B 1045 22.32 -41.86 30.42
N GLY B 1046 23.37 -42.52 29.94
CA GLY B 1046 23.71 -43.86 30.35
C GLY B 1046 23.61 -44.85 29.21
N TYR B 1047 24.11 -46.05 29.48
CA TYR B 1047 24.07 -47.12 28.48
C TYR B 1047 22.63 -47.54 28.25
N HIS B 1048 22.17 -47.44 27.01
CA HIS B 1048 20.77 -47.67 26.71
C HIS B 1048 20.40 -49.13 26.88
N LEU B 1049 19.24 -49.37 27.49
CA LEU B 1049 18.69 -50.72 27.62
C LEU B 1049 17.44 -50.88 26.77
N MET B 1050 16.44 -50.02 26.94
CA MET B 1050 15.24 -50.10 26.12
C MET B 1050 14.48 -48.78 26.20
N SER B 1051 13.33 -48.74 25.54
CA SER B 1051 12.49 -47.55 25.55
C SER B 1051 11.04 -47.96 25.34
N PHE B 1052 10.13 -47.18 25.92
CA PHE B 1052 8.70 -47.41 25.79
C PHE B 1052 8.04 -46.11 25.30
N PRO B 1053 7.16 -46.18 24.30
CA PRO B 1053 6.46 -44.99 23.86
C PRO B 1053 5.14 -44.79 24.58
N GLN B 1054 4.74 -43.52 24.66
CA GLN B 1054 3.42 -43.14 25.17
C GLN B 1054 2.94 -41.95 24.37
N SER B 1055 1.64 -41.88 24.13
CA SER B 1055 1.09 -40.80 23.33
C SER B 1055 0.97 -39.52 24.15
N ALA B 1056 0.74 -38.41 23.45
CA ALA B 1056 0.51 -37.12 24.08
C ALA B 1056 -0.24 -36.25 23.10
N PRO B 1057 -1.02 -35.25 23.57
CA PRO B 1057 -1.99 -34.57 22.71
C PRO B 1057 -1.53 -34.25 21.30
N HIS B 1058 -0.31 -33.75 21.14
CA HIS B 1058 0.26 -33.53 19.82
C HIS B 1058 1.71 -33.97 19.78
N GLY B 1059 2.04 -35.04 20.48
CA GLY B 1059 3.41 -35.46 20.53
C GLY B 1059 3.56 -36.84 21.15
N VAL B 1060 4.81 -37.19 21.43
CA VAL B 1060 5.13 -38.49 21.99
C VAL B 1060 6.05 -38.32 23.18
N VAL B 1061 5.98 -39.28 24.11
CA VAL B 1061 6.80 -39.30 25.31
C VAL B 1061 7.51 -40.65 25.35
N PHE B 1062 8.83 -40.62 25.36
CA PHE B 1062 9.63 -41.82 25.44
C PHE B 1062 10.11 -42.01 26.87
N LEU B 1063 9.90 -43.20 27.41
CA LEU B 1063 10.47 -43.60 28.70
C LEU B 1063 11.69 -44.45 28.37
N HIS B 1064 12.87 -43.87 28.58
CA HIS B 1064 14.13 -44.53 28.28
C HIS B 1064 14.62 -45.25 29.54
N VAL B 1065 14.81 -46.55 29.44
CA VAL B 1065 15.38 -47.36 30.50
C VAL B 1065 16.85 -47.56 30.19
N THR B 1066 17.72 -47.04 31.07
CA THR B 1066 19.16 -47.00 30.87
C THR B 1066 19.86 -47.57 32.08
N TYR B 1067 21.11 -47.99 31.86
CA TYR B 1067 21.95 -48.62 32.87
C TYR B 1067 23.01 -47.61 33.30
N VAL B 1068 23.01 -47.23 34.57
CA VAL B 1068 23.93 -46.23 35.10
C VAL B 1068 24.83 -46.92 36.12
N PRO B 1069 26.13 -47.06 35.85
CA PRO B 1069 27.03 -47.65 36.85
C PRO B 1069 27.12 -46.80 38.10
N ALA B 1070 27.36 -47.45 39.23
CA ALA B 1070 27.42 -46.74 40.51
C ALA B 1070 28.24 -47.58 41.48
N GLN B 1071 28.64 -46.93 42.57
CA GLN B 1071 29.45 -47.55 43.63
C GLN B 1071 30.75 -48.10 43.06
N GLU B 1072 31.57 -47.17 42.57
CA GLU B 1072 32.83 -47.51 41.95
C GLU B 1072 33.86 -47.91 42.99
N LYS B 1073 34.97 -48.48 42.51
CA LYS B 1073 36.06 -48.88 43.38
C LYS B 1073 37.37 -48.74 42.63
N ASN B 1074 38.41 -48.36 43.36
CA ASN B 1074 39.74 -48.20 42.78
C ASN B 1074 40.48 -49.53 42.71
N PHE B 1075 41.33 -49.64 41.69
CA PHE B 1075 42.17 -50.82 41.50
C PHE B 1075 43.45 -50.38 40.78
N THR B 1076 44.45 -51.24 40.84
CA THR B 1076 45.69 -51.05 40.09
C THR B 1076 45.70 -51.99 38.89
N THR B 1077 45.92 -51.44 37.70
CA THR B 1077 45.85 -52.22 36.48
C THR B 1077 47.22 -52.39 35.84
N ALA B 1078 47.22 -52.98 34.65
CA ALA B 1078 48.41 -53.26 33.87
C ALA B 1078 47.99 -53.64 32.46
N PRO B 1079 48.69 -53.15 31.43
CA PRO B 1079 48.30 -53.50 30.06
C PRO B 1079 48.38 -54.99 29.76
N ALA B 1080 49.33 -55.70 30.36
CA ALA B 1080 49.53 -57.11 30.01
C ALA B 1080 50.18 -57.81 31.19
N ILE B 1081 50.18 -59.14 31.13
CA ILE B 1081 50.78 -59.98 32.16
C ILE B 1081 51.95 -60.74 31.53
N CYS B 1082 53.13 -60.62 32.12
CA CYS B 1082 54.31 -61.30 31.61
C CYS B 1082 54.43 -62.67 32.29
N HIS B 1083 54.31 -63.72 31.49
CA HIS B 1083 54.45 -65.09 31.98
C HIS B 1083 55.24 -65.90 30.97
N ASP B 1084 56.32 -66.52 31.42
CA ASP B 1084 57.18 -67.34 30.58
C ASP B 1084 57.70 -66.55 29.38
N GLY B 1085 57.98 -65.28 29.59
CA GLY B 1085 58.47 -64.44 28.52
C GLY B 1085 57.43 -64.06 27.48
N LYS B 1086 56.15 -64.27 27.78
CA LYS B 1086 55.07 -63.94 26.87
C LYS B 1086 54.15 -62.93 27.51
N ALA B 1087 53.61 -62.03 26.69
CA ALA B 1087 52.71 -60.98 27.16
C ALA B 1087 51.28 -61.39 26.87
N HIS B 1088 50.49 -61.54 27.94
CA HIS B 1088 49.08 -61.91 27.84
C HIS B 1088 48.23 -60.66 27.95
N PHE B 1089 47.28 -60.53 27.04
CA PHE B 1089 46.30 -59.47 26.99
C PHE B 1089 44.90 -60.03 27.19
N PRO B 1090 44.00 -59.29 27.82
CA PRO B 1090 42.65 -59.81 28.05
C PRO B 1090 41.87 -59.91 26.75
N ARG B 1091 40.92 -60.86 26.73
CA ARG B 1091 40.05 -60.99 25.57
C ARG B 1091 38.97 -59.91 25.57
N GLU B 1092 38.14 -59.88 26.62
CA GLU B 1092 37.04 -58.93 26.70
C GLU B 1092 37.03 -58.16 28.02
N GLY B 1093 38.06 -58.29 28.84
CA GLY B 1093 38.08 -57.62 30.12
C GLY B 1093 39.26 -56.70 30.35
N VAL B 1094 39.76 -56.70 31.58
CA VAL B 1094 40.89 -55.86 31.97
C VAL B 1094 41.54 -56.50 33.19
N PHE B 1095 42.86 -56.39 33.27
CA PHE B 1095 43.61 -56.87 34.42
C PHE B 1095 43.52 -55.82 35.52
N VAL B 1096 43.13 -56.26 36.72
CA VAL B 1096 43.11 -55.38 37.89
C VAL B 1096 43.78 -56.09 39.05
N SER B 1097 44.16 -55.31 40.06
CA SER B 1097 44.74 -55.85 41.27
C SER B 1097 44.12 -55.15 42.47
N ASN B 1098 43.76 -55.93 43.48
CA ASN B 1098 43.23 -55.38 44.73
C ASN B 1098 44.35 -55.11 45.73
N GLY B 1099 45.59 -55.26 45.32
CA GLY B 1099 46.73 -55.01 46.19
C GLY B 1099 47.74 -56.14 46.18
N THR B 1100 47.27 -57.37 46.12
CA THR B 1100 48.16 -58.52 46.09
C THR B 1100 47.88 -59.47 44.94
N HIS B 1101 46.61 -59.69 44.61
CA HIS B 1101 46.22 -60.65 43.58
C HIS B 1101 45.81 -59.92 42.31
N TRP B 1102 46.02 -60.58 41.17
CA TRP B 1102 45.61 -60.06 39.88
C TRP B 1102 44.41 -60.84 39.39
N PHE B 1103 43.39 -60.12 38.93
CA PHE B 1103 42.16 -60.72 38.43
C PHE B 1103 41.82 -60.11 37.08
N VAL B 1104 40.90 -60.77 36.38
CA VAL B 1104 40.41 -60.32 35.07
C VAL B 1104 38.94 -59.97 35.25
N THR B 1105 38.59 -58.72 34.97
CA THR B 1105 37.23 -58.27 35.18
C THR B 1105 36.70 -57.58 33.93
N GLN B 1106 35.41 -57.77 33.67
CA GLN B 1106 34.74 -57.01 32.62
C GLN B 1106 34.74 -55.53 32.99
N ARG B 1107 34.79 -54.68 31.97
CA ARG B 1107 35.05 -53.26 32.19
C ARG B 1107 33.93 -52.59 32.97
N ASN B 1108 32.67 -52.94 32.70
CA ASN B 1108 31.53 -52.21 33.23
C ASN B 1108 30.95 -52.81 34.50
N PHE B 1109 31.55 -53.87 35.04
CA PHE B 1109 31.07 -54.47 36.28
C PHE B 1109 32.22 -55.25 36.90
N TYR B 1110 32.31 -55.22 38.22
CA TYR B 1110 33.44 -55.85 38.91
C TYR B 1110 33.05 -57.27 39.29
N GLU B 1111 33.47 -58.22 38.47
CA GLU B 1111 33.36 -59.66 38.77
C GLU B 1111 34.73 -60.26 38.54
N PRO B 1112 35.58 -60.29 39.57
CA PRO B 1112 36.95 -60.77 39.37
C PRO B 1112 37.00 -62.25 39.00
N GLN B 1113 38.00 -62.59 38.20
CA GLN B 1113 38.24 -63.97 37.80
C GLN B 1113 39.73 -64.23 37.76
N ILE B 1114 40.12 -65.47 38.08
CA ILE B 1114 41.52 -65.84 38.04
C ILE B 1114 42.03 -65.75 36.62
N ILE B 1115 43.23 -65.19 36.45
CA ILE B 1115 43.83 -65.09 35.12
C ILE B 1115 44.11 -66.49 34.59
N THR B 1116 43.74 -66.72 33.33
CA THR B 1116 43.80 -68.05 32.76
C THR B 1116 44.09 -67.91 31.27
N THR B 1117 44.62 -68.98 30.67
CA THR B 1117 44.77 -69.02 29.22
C THR B 1117 43.43 -68.89 28.51
N ASP B 1118 42.34 -69.25 29.18
CA ASP B 1118 41.01 -69.21 28.55
C ASP B 1118 40.52 -67.79 28.34
N ASN B 1119 40.92 -66.83 29.18
CA ASN B 1119 40.47 -65.45 29.03
C ASN B 1119 41.63 -64.49 28.75
N THR B 1120 42.76 -65.02 28.26
CA THR B 1120 43.91 -64.19 27.87
C THR B 1120 44.49 -64.75 26.58
N PHE B 1121 45.15 -63.88 25.81
CA PHE B 1121 45.85 -64.30 24.61
C PHE B 1121 47.26 -63.70 24.58
N VAL B 1122 48.22 -64.49 24.10
CA VAL B 1122 49.62 -64.10 24.06
C VAL B 1122 49.91 -63.39 22.75
N SER B 1123 50.75 -62.37 22.80
CA SER B 1123 51.07 -61.57 21.62
C SER B 1123 52.54 -61.17 21.59
N GLY B 1124 53.43 -62.11 21.88
CA GLY B 1124 54.85 -61.89 21.69
C GLY B 1124 55.61 -61.92 23.02
N ASN B 1125 56.60 -61.04 23.13
CA ASN B 1125 57.51 -61.00 24.25
C ASN B 1125 57.06 -59.97 25.28
N CYS B 1126 57.89 -59.78 26.31
CA CYS B 1126 57.60 -58.86 27.39
C CYS B 1126 58.40 -57.57 27.31
N ASP B 1127 59.23 -57.40 26.29
CA ASP B 1127 60.13 -56.26 26.20
C ASP B 1127 59.59 -55.16 25.29
N VAL B 1128 58.35 -55.27 24.83
CA VAL B 1128 57.78 -54.29 23.92
C VAL B 1128 56.59 -53.56 24.52
N VAL B 1129 55.98 -54.06 25.59
CA VAL B 1129 54.81 -53.45 26.20
C VAL B 1129 55.27 -52.57 27.36
N ILE B 1130 54.86 -51.31 27.35
CA ILE B 1130 55.18 -50.37 28.40
C ILE B 1130 54.16 -50.54 29.52
N GLY B 1131 54.65 -50.89 30.71
CA GLY B 1131 53.78 -51.11 31.84
C GLY B 1131 53.45 -52.56 32.13
N ILE B 1132 54.09 -53.51 31.45
CA ILE B 1132 53.83 -54.91 31.71
C ILE B 1132 54.28 -55.29 33.12
N VAL B 1133 53.57 -56.25 33.72
CA VAL B 1133 53.83 -56.68 35.07
C VAL B 1133 53.96 -58.20 35.11
N ASN B 1134 54.57 -58.69 36.19
CA ASN B 1134 54.78 -60.11 36.41
C ASN B 1134 53.58 -60.74 37.09
N ASN B 1135 53.23 -61.94 36.67
CA ASN B 1135 52.24 -62.79 37.34
C ASN B 1135 52.29 -64.16 36.68
N THR B 1136 51.46 -65.08 37.17
CA THR B 1136 51.28 -66.38 36.56
C THR B 1136 49.92 -66.46 35.89
N VAL B 1137 49.88 -67.07 34.71
CA VAL B 1137 48.65 -67.30 33.97
C VAL B 1137 48.29 -68.77 34.20
N TYR B 1138 47.30 -69.00 35.05
CA TYR B 1138 46.93 -70.36 35.42
C TYR B 1138 46.45 -71.13 34.20
N ASP B 1139 46.99 -72.34 34.03
CA ASP B 1139 46.65 -73.17 32.89
C ASP B 1139 45.70 -74.27 33.34
N PRO B 1140 44.48 -74.34 32.81
CA PRO B 1140 43.50 -75.35 33.22
C PRO B 1140 43.68 -76.70 32.52
N LEU B 1141 44.93 -77.15 32.45
CA LEU B 1141 45.24 -78.43 31.84
C LEU B 1141 46.09 -79.32 32.73
N GLN B 1142 47.02 -78.74 33.49
CA GLN B 1142 47.90 -79.55 34.34
C GLN B 1142 47.13 -80.35 35.39
N PRO B 1143 46.20 -79.78 36.16
CA PRO B 1143 45.47 -80.61 37.13
C PRO B 1143 44.71 -81.76 36.50
N GLU B 1144 44.17 -81.58 35.29
CA GLU B 1144 43.47 -82.67 34.62
C GLU B 1144 44.41 -83.82 34.29
N LEU B 1145 45.62 -83.51 33.86
CA LEU B 1145 46.56 -84.57 33.50
C LEU B 1145 46.95 -85.41 34.71
N ASP B 1146 47.17 -84.76 35.86
CA ASP B 1146 47.57 -85.47 37.06
C ASP B 1146 46.36 -86.07 37.79
N GLN C 14 38.03 47.75 -28.38
CA GLN C 14 37.74 47.14 -29.68
C GLN C 14 38.61 45.91 -29.92
N CYS C 15 38.04 44.92 -30.61
CA CYS C 15 38.73 43.68 -30.91
C CYS C 15 38.81 43.53 -32.43
N VAL C 16 39.97 43.08 -32.91
CA VAL C 16 40.23 42.92 -34.34
C VAL C 16 40.55 41.45 -34.61
N ASN C 17 40.07 40.96 -35.75
CA ASN C 17 40.32 39.58 -36.14
C ASN C 17 41.81 39.33 -36.34
N LEU C 18 42.31 38.23 -35.78
CA LEU C 18 43.72 37.87 -35.89
C LEU C 18 43.90 36.93 -37.08
N THR C 19 44.63 37.39 -38.09
CA THR C 19 44.91 36.61 -39.27
C THR C 19 46.17 35.78 -39.07
N THR C 20 46.68 35.18 -40.14
CA THR C 20 47.90 34.36 -40.13
C THR C 20 47.76 33.20 -39.15
N ARG C 21 46.86 32.29 -39.49
CA ARG C 21 46.60 31.10 -38.68
C ARG C 21 46.32 29.93 -39.61
N THR C 22 47.28 29.03 -39.74
CA THR C 22 47.10 27.86 -40.60
C THR C 22 46.19 26.85 -39.93
N GLN C 23 45.27 26.29 -40.72
CA GLN C 23 44.33 25.30 -40.21
C GLN C 23 44.98 23.91 -40.21
N LEU C 24 44.86 23.21 -39.09
CA LEU C 24 45.40 21.87 -38.92
C LEU C 24 44.32 20.95 -38.39
N PRO C 25 44.40 19.65 -38.68
CA PRO C 25 43.39 18.72 -38.16
C PRO C 25 43.46 18.68 -36.64
N PRO C 26 42.31 18.48 -35.99
CA PRO C 26 42.30 18.44 -34.53
C PRO C 26 43.07 17.25 -33.99
N ALA C 27 43.65 17.44 -32.81
CA ALA C 27 44.41 16.39 -32.12
C ALA C 27 43.60 15.87 -30.95
N TYR C 28 43.65 14.56 -30.74
CA TYR C 28 42.96 13.91 -29.64
C TYR C 28 43.99 13.25 -28.74
N THR C 29 43.77 13.30 -27.43
CA THR C 29 44.66 12.67 -26.47
C THR C 29 43.84 11.81 -25.51
N ASN C 30 44.54 11.04 -24.68
CA ASN C 30 43.92 10.03 -23.83
C ASN C 30 43.98 10.47 -22.38
N SER C 31 42.81 10.56 -21.76
CA SER C 31 42.69 10.80 -20.32
C SER C 31 42.74 9.47 -19.60
N PHE C 32 43.70 9.34 -18.68
CA PHE C 32 43.97 8.10 -17.96
C PHE C 32 43.50 8.29 -16.52
N THR C 33 42.28 7.85 -16.23
CA THR C 33 41.69 7.92 -14.89
C THR C 33 41.76 9.35 -14.34
N ARG C 34 41.23 10.29 -15.12
CA ARG C 34 41.14 11.69 -14.73
C ARG C 34 39.70 12.17 -14.83
N GLY C 35 39.44 13.32 -14.21
CA GLY C 35 38.12 13.90 -14.21
C GLY C 35 37.26 13.52 -13.04
N VAL C 36 37.84 12.95 -11.98
CA VAL C 36 37.09 12.52 -10.80
C VAL C 36 37.10 13.66 -9.80
N TYR C 37 35.92 13.98 -9.27
CA TYR C 37 35.77 15.07 -8.31
C TYR C 37 34.88 14.62 -7.16
N TYR C 38 34.75 15.50 -6.16
CA TYR C 38 33.95 15.24 -4.97
C TYR C 38 32.49 15.55 -5.27
N PRO C 39 31.63 14.54 -5.38
CA PRO C 39 30.25 14.80 -5.81
C PRO C 39 29.39 15.46 -4.75
N ASP C 40 29.80 15.45 -3.48
CA ASP C 40 28.95 15.93 -2.41
C ASP C 40 29.81 16.62 -1.36
N LYS C 41 29.12 17.21 -0.38
CA LYS C 41 29.75 17.97 0.70
C LYS C 41 29.88 17.13 1.96
N VAL C 42 30.08 15.82 1.80
CA VAL C 42 29.98 14.86 2.89
C VAL C 42 31.34 14.21 3.13
N PHE C 43 31.78 14.22 4.38
CA PHE C 43 33.01 13.53 4.76
C PHE C 43 32.75 12.03 4.85
N ARG C 44 33.71 11.25 4.36
CA ARG C 44 33.70 9.80 4.50
C ARG C 44 35.13 9.33 4.70
N SER C 45 35.32 8.36 5.60
CA SER C 45 36.64 7.91 6.00
C SER C 45 36.81 6.42 5.72
N SER C 46 37.87 6.07 5.00
CA SER C 46 38.28 4.69 4.78
C SER C 46 37.12 3.82 4.32
N VAL C 47 36.40 4.30 3.29
CA VAL C 47 35.19 3.65 2.83
C VAL C 47 35.24 3.59 1.30
N LEU C 48 34.37 2.77 0.74
CA LEU C 48 34.18 2.69 -0.72
C LEU C 48 32.74 3.10 -1.01
N HIS C 49 32.58 4.26 -1.63
CA HIS C 49 31.26 4.83 -1.91
C HIS C 49 30.97 4.76 -3.40
N SER C 50 29.82 4.20 -3.74
CA SER C 50 29.38 4.10 -5.13
C SER C 50 28.34 5.18 -5.39
N THR C 51 28.63 6.04 -6.36
CA THR C 51 27.76 7.18 -6.64
C THR C 51 27.50 7.31 -8.14
N GLN C 52 26.30 7.74 -8.49
CA GLN C 52 25.89 7.95 -9.87
C GLN C 52 25.74 9.44 -10.11
N ASP C 53 26.52 9.98 -11.04
CA ASP C 53 26.48 11.41 -11.34
C ASP C 53 27.21 11.63 -12.65
N LEU C 54 27.40 12.89 -13.03
CA LEU C 54 28.07 13.24 -14.28
C LEU C 54 29.57 13.22 -14.06
N PHE C 55 30.25 12.25 -14.66
CA PHE C 55 31.70 12.15 -14.57
C PHE C 55 32.29 11.98 -15.96
N LEU C 56 33.61 12.15 -16.04
CA LEU C 56 34.36 11.87 -17.25
C LEU C 56 34.75 10.40 -17.27
N PRO C 57 34.36 9.64 -18.27
CA PRO C 57 34.68 8.21 -18.29
C PRO C 57 36.19 8.00 -18.35
N PHE C 58 36.63 6.91 -17.71
CA PHE C 58 38.05 6.59 -17.65
C PHE C 58 38.58 6.27 -19.04
N PHE C 59 39.87 6.52 -19.24
CA PHE C 59 40.59 6.14 -20.45
C PHE C 59 39.87 6.65 -21.70
N SER C 60 39.64 7.96 -21.72
CA SER C 60 38.76 8.54 -22.72
C SER C 60 39.54 9.42 -23.69
N ASN C 61 38.90 9.78 -24.80
CA ASN C 61 39.52 10.65 -25.78
C ASN C 61 39.01 12.07 -25.58
N VAL C 62 39.95 13.00 -25.39
CA VAL C 62 39.63 14.41 -25.14
C VAL C 62 40.42 15.26 -26.10
N THR C 63 39.79 16.33 -26.59
CA THR C 63 40.41 17.18 -27.59
C THR C 63 41.57 17.96 -27.01
N TRP C 64 42.64 18.10 -27.79
CA TRP C 64 43.86 18.78 -27.39
C TRP C 64 44.04 20.00 -28.27
N PHE C 65 44.27 21.15 -27.66
CA PHE C 65 44.52 22.40 -28.38
C PHE C 65 45.85 22.98 -27.92
N HIS C 66 46.70 23.32 -28.89
CA HIS C 66 48.05 23.78 -28.61
C HIS C 66 48.15 25.30 -28.68
N ALA C 67 49.28 25.82 -28.23
CA ALA C 67 49.65 27.22 -28.45
C ALA C 67 51.17 27.28 -28.44
N ILE C 68 51.77 27.32 -29.62
CA ILE C 68 53.22 27.25 -29.76
C ILE C 68 53.65 28.17 -30.89
N HIS C 69 54.83 28.80 -30.71
CA HIS C 69 55.36 29.69 -31.75
C HIS C 69 55.69 28.91 -33.02
N VAL C 70 56.32 27.75 -32.87
CA VAL C 70 56.81 26.89 -33.97
C VAL C 70 57.27 27.69 -35.19
N THR C 76 51.23 30.17 -38.74
CA THR C 76 50.48 29.25 -37.88
C THR C 76 50.28 29.84 -36.49
N LYS C 77 51.26 29.58 -35.61
CA LYS C 77 51.34 30.09 -34.25
C LYS C 77 50.30 29.42 -33.35
N ARG C 78 49.41 28.62 -33.95
CA ARG C 78 48.43 27.80 -33.24
C ARG C 78 47.69 28.61 -32.17
N PHE C 79 46.91 29.59 -32.65
CA PHE C 79 46.03 30.38 -31.79
C PHE C 79 44.61 29.89 -32.00
N ASP C 80 44.28 28.76 -31.36
CA ASP C 80 43.03 28.06 -31.58
C ASP C 80 42.08 28.34 -30.42
N ASN C 81 40.95 28.97 -30.72
CA ASN C 81 39.87 29.17 -29.74
C ASN C 81 38.53 28.84 -30.37
N PRO C 82 38.27 27.55 -30.62
CA PRO C 82 36.95 27.18 -31.16
C PRO C 82 35.82 27.60 -30.23
N VAL C 83 34.62 27.63 -30.78
CA VAL C 83 33.41 27.83 -30.01
C VAL C 83 32.72 26.48 -29.85
N LEU C 84 32.79 25.92 -28.65
CA LEU C 84 32.50 24.52 -28.41
C LEU C 84 31.18 24.36 -27.68
N PRO C 85 30.34 23.39 -28.08
CA PRO C 85 29.08 23.17 -27.39
C PRO C 85 29.28 22.70 -25.95
N PHE C 86 28.33 23.07 -25.09
CA PHE C 86 28.35 22.74 -23.67
C PHE C 86 27.07 21.96 -23.38
N ASN C 87 27.15 20.64 -23.43
CA ASN C 87 25.95 19.81 -23.34
C ASN C 87 25.49 19.61 -21.91
N ASP C 88 26.32 18.96 -21.09
CA ASP C 88 25.96 18.68 -19.71
C ASP C 88 27.07 18.92 -18.71
N GLY C 89 28.31 19.08 -19.14
CA GLY C 89 29.43 19.25 -18.23
C GLY C 89 30.75 19.08 -18.97
N VAL C 90 31.74 19.90 -18.62
CA VAL C 90 32.99 19.93 -19.36
C VAL C 90 34.16 19.82 -18.40
N TYR C 91 35.04 18.85 -18.66
CA TYR C 91 36.34 18.79 -18.03
C TYR C 91 37.33 19.58 -18.87
N PHE C 92 38.19 20.35 -18.21
CA PHE C 92 39.09 21.29 -18.87
C PHE C 92 40.43 21.23 -18.16
N ALA C 93 41.42 20.63 -18.80
CA ALA C 93 42.77 20.60 -18.26
C ALA C 93 43.64 21.62 -18.99
N SER C 94 44.64 22.14 -18.29
CA SER C 94 45.50 23.16 -18.87
C SER C 94 46.93 22.95 -18.37
N THR C 95 47.84 22.68 -19.30
CA THR C 95 49.26 22.57 -19.01
C THR C 95 49.95 23.84 -19.51
N GLU C 96 50.51 24.60 -18.57
CA GLU C 96 51.15 25.87 -18.89
C GLU C 96 52.37 26.08 -17.99
N LYS C 97 53.25 26.97 -18.45
CA LYS C 97 54.39 27.41 -17.68
C LYS C 97 54.47 28.93 -17.54
N SER C 98 53.64 29.68 -18.26
CA SER C 98 53.69 31.14 -18.21
C SER C 98 52.32 31.78 -18.13
N ASN C 99 51.29 31.01 -17.76
CA ASN C 99 49.92 31.52 -17.58
C ASN C 99 49.41 32.19 -18.86
N ILE C 100 49.28 31.37 -19.92
CA ILE C 100 48.82 31.88 -21.20
C ILE C 100 47.30 32.03 -21.21
N ILE C 101 46.57 30.94 -20.96
CA ILE C 101 45.12 31.04 -20.92
C ILE C 101 44.68 31.69 -19.61
N ARG C 102 43.57 32.40 -19.66
CA ARG C 102 43.16 33.20 -18.51
C ARG C 102 41.77 32.85 -18.02
N GLY C 103 40.81 32.65 -18.92
CA GLY C 103 39.45 32.52 -18.49
C GLY C 103 38.56 31.88 -19.53
N TRP C 104 37.25 32.04 -19.31
CA TRP C 104 36.25 31.35 -20.10
C TRP C 104 35.04 32.23 -20.33
N ILE C 105 34.28 31.88 -21.37
CA ILE C 105 33.03 32.52 -21.73
C ILE C 105 31.99 31.43 -21.88
N PHE C 106 30.82 31.62 -21.27
CA PHE C 106 29.73 30.68 -21.38
C PHE C 106 28.46 31.40 -21.80
N GLY C 107 27.59 30.68 -22.50
CA GLY C 107 26.32 31.25 -22.91
C GLY C 107 25.64 30.34 -23.93
N THR C 108 24.66 30.93 -24.63
CA THR C 108 23.90 30.23 -25.66
C THR C 108 24.13 30.82 -27.04
N THR C 109 23.99 32.14 -27.18
CA THR C 109 24.22 32.81 -28.45
C THR C 109 25.51 33.62 -28.47
N LEU C 110 25.93 34.13 -27.31
CA LEU C 110 27.16 34.93 -27.19
C LEU C 110 27.13 36.16 -28.09
N ASP C 111 25.95 36.72 -28.33
CA ASP C 111 25.80 37.88 -29.20
C ASP C 111 24.82 38.89 -28.60
N SER C 112 24.95 39.13 -27.29
CA SER C 112 24.16 40.12 -26.56
C SER C 112 22.67 39.84 -26.59
N LYS C 113 22.25 38.64 -26.98
CA LYS C 113 20.83 38.28 -27.00
C LYS C 113 20.42 37.42 -25.82
N THR C 114 21.36 37.02 -24.97
CA THR C 114 21.04 36.23 -23.79
C THR C 114 22.15 36.41 -22.77
N GLN C 115 21.84 36.07 -21.52
CA GLN C 115 22.81 36.19 -20.44
C GLN C 115 24.04 35.35 -20.74
N SER C 116 25.22 35.95 -20.56
CA SER C 116 26.48 35.27 -20.80
C SER C 116 27.35 35.36 -19.57
N LEU C 117 27.92 34.22 -19.16
CA LEU C 117 28.85 34.18 -18.04
C LEU C 117 30.26 34.45 -18.55
N LEU C 118 31.03 35.19 -17.76
CA LEU C 118 32.39 35.58 -18.12
C LEU C 118 33.27 35.38 -16.90
N ILE C 119 34.36 34.64 -17.06
CA ILE C 119 35.39 34.54 -16.03
C ILE C 119 36.70 35.00 -16.66
N VAL C 120 37.28 36.05 -16.11
CA VAL C 120 38.53 36.60 -16.63
C VAL C 120 39.48 36.88 -15.48
N ASN C 121 40.68 36.33 -15.56
CA ASN C 121 41.78 36.64 -14.65
C ASN C 121 42.86 37.28 -15.51
N ASN C 122 42.79 38.60 -15.70
CA ASN C 122 43.74 39.23 -16.59
C ASN C 122 45.07 39.53 -15.89
N ALA C 123 45.05 40.40 -14.90
CA ALA C 123 46.35 40.74 -14.30
C ALA C 123 46.37 40.62 -12.78
N THR C 124 45.31 41.04 -12.08
CA THR C 124 45.36 41.18 -10.64
C THR C 124 44.32 40.33 -9.92
N ASN C 125 43.05 40.41 -10.32
CA ASN C 125 42.01 39.68 -9.62
C ASN C 125 41.26 38.74 -10.55
N VAL C 126 40.20 38.12 -10.06
CA VAL C 126 39.39 37.17 -10.82
C VAL C 126 37.98 37.75 -10.92
N VAL C 127 37.50 37.91 -12.15
CA VAL C 127 36.20 38.52 -12.40
C VAL C 127 35.24 37.45 -12.90
N ILE C 128 34.12 37.29 -12.18
CA ILE C 128 33.01 36.44 -12.60
C ILE C 128 31.81 37.36 -12.76
N LYS C 129 31.33 37.51 -13.99
CA LYS C 129 30.24 38.42 -14.29
C LYS C 129 29.22 37.74 -15.18
N VAL C 130 27.96 38.16 -15.07
CA VAL C 130 26.85 37.53 -15.78
C VAL C 130 26.04 38.61 -16.50
N CYS C 131 26.29 38.77 -17.79
CA CYS C 131 25.47 39.65 -18.63
C CYS C 131 25.82 39.46 -20.09
N GLU C 132 25.26 40.33 -20.93
CA GLU C 132 25.29 40.20 -22.38
C GLU C 132 26.44 41.03 -22.93
N PHE C 133 27.35 40.37 -23.64
CA PHE C 133 28.47 41.03 -24.28
C PHE C 133 28.42 40.81 -25.79
N GLN C 134 28.90 41.81 -26.54
CA GLN C 134 29.03 41.68 -27.99
C GLN C 134 30.34 40.98 -28.31
N PHE C 135 30.35 39.67 -28.01
CA PHE C 135 31.54 38.87 -28.25
C PHE C 135 31.87 38.81 -29.73
N CYS C 136 33.15 38.94 -30.05
CA CYS C 136 33.63 38.83 -31.41
C CYS C 136 34.36 37.50 -31.60
N ASN C 137 34.93 37.32 -32.78
CA ASN C 137 35.55 36.04 -33.12
C ASN C 137 36.81 35.79 -32.29
N ASP C 138 37.56 36.84 -31.96
CA ASP C 138 38.86 36.71 -31.31
C ASP C 138 38.90 37.56 -30.04
N PRO C 139 38.31 37.08 -28.94
CA PRO C 139 38.51 37.76 -27.66
C PRO C 139 39.72 37.21 -26.92
N PHE C 140 40.61 38.08 -26.45
CA PHE C 140 41.86 37.63 -25.84
C PHE C 140 42.50 38.80 -25.08
N LEU C 141 43.72 38.56 -24.62
CA LEU C 141 44.54 39.52 -23.90
C LEU C 141 45.90 39.65 -24.57
N GLY C 142 46.66 40.65 -24.14
CA GLY C 142 48.00 40.84 -24.65
C GLY C 142 48.91 41.52 -23.64
N VAL C 143 50.05 40.90 -23.35
CA VAL C 143 51.02 41.39 -22.38
C VAL C 143 52.27 41.82 -23.14
N TYR C 144 52.66 43.07 -22.98
CA TYR C 144 53.83 43.59 -23.67
C TYR C 144 55.11 43.14 -22.98
N TYR C 145 56.14 42.88 -23.79
CA TYR C 145 57.48 42.60 -23.31
C TYR C 145 58.41 43.70 -23.80
N HIS C 146 59.22 44.24 -22.89
CA HIS C 146 60.13 45.34 -23.20
C HIS C 146 61.56 44.87 -23.00
N LYS C 147 62.43 45.18 -23.98
CA LYS C 147 63.82 44.76 -23.90
C LYS C 147 64.67 45.70 -23.06
N ASN C 148 64.22 46.94 -22.83
CA ASN C 148 65.00 47.88 -22.03
C ASN C 148 64.95 47.54 -20.54
N ASN C 149 63.77 47.12 -20.05
CA ASN C 149 63.61 46.74 -18.66
C ASN C 149 63.00 45.34 -18.58
N LYS C 150 63.50 44.54 -17.64
CA LYS C 150 63.03 43.16 -17.48
C LYS C 150 61.74 43.18 -16.68
N SER C 151 60.65 43.55 -17.37
CA SER C 151 59.34 43.63 -16.73
C SER C 151 58.26 43.33 -17.76
N TRP C 152 57.23 42.61 -17.32
CA TRP C 152 56.08 42.28 -18.16
C TRP C 152 54.83 42.88 -17.53
N MET C 153 54.03 43.55 -18.35
CA MET C 153 52.80 44.17 -17.88
C MET C 153 51.71 44.00 -18.92
N GLU C 154 50.51 43.64 -18.45
CA GLU C 154 49.38 43.46 -19.36
C GLU C 154 49.00 44.78 -20.00
N SER C 155 48.77 44.75 -21.31
CA SER C 155 48.47 45.96 -22.07
C SER C 155 47.10 45.92 -22.73
N GLU C 156 46.80 44.87 -23.49
CA GLU C 156 45.59 44.82 -24.30
C GLU C 156 44.58 43.85 -23.72
N PHE C 157 43.29 44.23 -23.79
CA PHE C 157 42.17 43.43 -23.30
C PHE C 157 41.04 43.59 -24.30
N ARG C 158 40.95 42.66 -25.25
CA ARG C 158 39.97 42.76 -26.33
C ARG C 158 39.05 41.55 -26.25
N VAL C 159 38.02 41.64 -25.42
CA VAL C 159 37.08 40.56 -25.18
C VAL C 159 35.65 40.97 -25.55
N TYR C 160 35.19 42.09 -24.99
CA TYR C 160 33.84 42.58 -25.26
C TYR C 160 33.89 44.09 -25.51
N SER C 161 32.87 44.58 -26.21
CA SER C 161 32.77 45.99 -26.53
C SER C 161 31.70 46.72 -25.72
N SER C 162 30.83 46.01 -25.02
CA SER C 162 29.77 46.65 -24.25
C SER C 162 29.39 45.76 -23.07
N ALA C 163 28.83 46.40 -22.05
CA ALA C 163 28.31 45.71 -20.87
C ALA C 163 27.15 46.54 -20.34
N ASN C 164 25.92 46.14 -20.69
CA ASN C 164 24.77 47.00 -20.50
C ASN C 164 23.93 46.62 -19.28
N ASN C 165 23.51 45.35 -19.20
CA ASN C 165 22.53 44.90 -18.21
C ASN C 165 23.08 43.69 -17.47
N CYS C 166 23.85 43.93 -16.40
CA CYS C 166 24.59 42.87 -15.74
C CYS C 166 23.97 42.52 -14.40
N THR C 167 23.89 41.22 -14.12
CA THR C 167 23.22 40.70 -12.93
C THR C 167 24.19 40.38 -11.80
N PHE C 168 25.22 39.59 -12.07
CA PHE C 168 26.17 39.19 -11.04
C PHE C 168 27.56 39.66 -11.42
N GLU C 169 28.37 39.97 -10.39
CA GLU C 169 29.74 40.42 -10.59
C GLU C 169 30.53 39.99 -9.37
N TYR C 170 31.81 39.68 -9.58
CA TYR C 170 32.66 39.24 -8.48
C TYR C 170 34.10 39.61 -8.79
N VAL C 171 34.83 40.02 -7.75
CA VAL C 171 36.25 40.34 -7.84
C VAL C 171 36.94 39.75 -6.62
N SER C 172 38.03 39.03 -6.86
CA SER C 172 38.80 38.42 -5.78
C SER C 172 39.85 39.41 -5.28
N GLN C 173 40.72 38.96 -4.37
CA GLN C 173 41.79 39.81 -3.89
C GLN C 173 42.88 39.95 -4.96
N PRO C 174 43.50 41.12 -5.07
CA PRO C 174 44.52 41.32 -6.10
C PRO C 174 45.78 40.51 -5.81
N PHE C 175 46.49 40.18 -6.88
CA PHE C 175 47.77 39.49 -6.78
C PHE C 175 48.60 39.83 -8.01
N LEU C 176 49.79 39.24 -8.08
CA LEU C 176 50.70 39.49 -9.19
C LEU C 176 51.64 38.30 -9.34
N MET C 177 51.55 37.62 -10.48
CA MET C 177 52.43 36.51 -10.78
C MET C 177 53.53 36.95 -11.76
N ASP C 178 54.33 35.99 -12.21
CA ASP C 178 55.58 36.31 -12.90
C ASP C 178 55.34 36.99 -14.25
N LEU C 179 54.37 36.50 -15.03
CA LEU C 179 54.11 36.94 -16.40
C LEU C 179 55.28 36.68 -17.34
N GLU C 180 56.20 35.79 -16.98
CA GLU C 180 57.37 35.52 -17.79
C GLU C 180 57.32 34.11 -18.34
N GLY C 181 57.86 33.94 -19.54
CA GLY C 181 57.90 32.63 -20.18
C GLY C 181 59.18 31.88 -19.91
N LYS C 182 59.14 30.94 -18.97
CA LYS C 182 60.32 30.15 -18.64
C LYS C 182 60.64 29.18 -19.79
N GLN C 183 61.90 28.75 -19.82
CA GLN C 183 62.38 27.82 -20.84
C GLN C 183 62.43 26.42 -20.24
N GLY C 184 61.76 25.47 -20.90
CA GLY C 184 61.72 24.09 -20.47
C GLY C 184 60.30 23.57 -20.53
N ASN C 185 60.08 22.44 -19.84
CA ASN C 185 58.76 21.85 -19.77
C ASN C 185 57.84 22.69 -18.89
N PHE C 186 56.53 22.49 -19.08
CA PHE C 186 55.55 23.21 -18.27
C PHE C 186 55.65 22.77 -16.81
N LYS C 187 55.31 23.69 -15.92
CA LYS C 187 55.38 23.43 -14.48
C LYS C 187 54.04 23.65 -13.77
N ASN C 188 52.96 23.88 -14.51
CA ASN C 188 51.64 24.05 -13.91
C ASN C 188 50.62 23.24 -14.71
N LEU C 189 49.80 22.47 -14.00
CA LEU C 189 48.70 21.74 -14.60
C LEU C 189 47.45 22.00 -13.77
N ARG C 190 46.46 22.63 -14.38
CA ARG C 190 45.24 23.02 -13.69
C ARG C 190 44.06 22.26 -14.29
N GLU C 191 43.31 21.56 -13.45
CA GLU C 191 42.17 20.76 -13.89
C GLU C 191 40.90 21.38 -13.33
N PHE C 192 39.95 21.69 -14.21
CA PHE C 192 38.69 22.29 -13.83
C PHE C 192 37.54 21.46 -14.40
N VAL C 193 36.39 21.57 -13.76
CA VAL C 193 35.15 20.96 -14.24
C VAL C 193 34.04 21.98 -14.12
N PHE C 194 33.33 22.22 -15.21
CA PHE C 194 32.21 23.15 -15.25
C PHE C 194 30.94 22.35 -15.46
N LYS C 195 29.97 22.55 -14.56
CA LYS C 195 28.70 21.83 -14.59
C LYS C 195 27.58 22.82 -14.45
N ASN C 196 26.41 22.47 -14.98
CA ASN C 196 25.21 23.30 -14.82
C ASN C 196 24.02 22.38 -14.62
N ILE C 197 23.45 22.41 -13.41
CA ILE C 197 22.32 21.54 -13.10
C ILE C 197 21.53 22.17 -11.96
N ASP C 198 20.21 21.94 -11.97
CA ASP C 198 19.31 22.44 -10.94
C ASP C 198 19.39 23.95 -10.80
N GLY C 199 19.55 24.64 -11.92
CA GLY C 199 19.69 26.08 -11.91
C GLY C 199 20.93 26.60 -11.24
N TYR C 200 21.91 25.74 -10.97
CA TYR C 200 23.15 26.12 -10.33
C TYR C 200 24.31 25.81 -11.26
N PHE C 201 25.23 26.76 -11.37
CA PHE C 201 26.44 26.58 -12.17
C PHE C 201 27.59 26.25 -11.22
N LYS C 202 28.04 25.02 -11.25
CA LYS C 202 29.07 24.53 -10.33
C LYS C 202 30.43 24.51 -11.02
N ILE C 203 31.45 24.98 -10.31
CA ILE C 203 32.82 24.97 -10.80
C ILE C 203 33.66 24.23 -9.78
N TYR C 204 34.38 23.20 -10.24
CA TYR C 204 35.33 22.45 -9.44
C TYR C 204 36.72 22.69 -10.01
N SER C 205 37.73 22.69 -9.14
CA SER C 205 39.07 23.06 -9.57
C SER C 205 40.11 22.26 -8.80
N LYS C 206 41.32 22.24 -9.35
CA LYS C 206 42.49 21.65 -8.72
C LYS C 206 43.73 22.10 -9.46
N HIS C 207 44.83 22.26 -8.73
CA HIS C 207 46.12 22.62 -9.29
C HIS C 207 47.14 21.54 -8.98
N THR C 208 48.18 21.45 -9.81
CA THR C 208 49.22 20.45 -9.62
C THR C 208 50.52 20.92 -10.24
N PRO C 209 51.65 20.70 -9.57
CA PRO C 209 52.94 20.88 -10.24
C PRO C 209 53.22 19.72 -11.18
N ILE C 210 53.82 20.04 -12.33
CA ILE C 210 54.11 19.05 -13.36
C ILE C 210 55.56 19.18 -13.80
N ASN C 211 56.23 18.04 -13.95
CA ASN C 211 57.55 17.95 -14.59
C ASN C 211 57.48 16.81 -15.62
N LEU C 212 56.98 17.14 -16.81
CA LEU C 212 56.86 16.17 -17.89
C LEU C 212 56.53 16.95 -19.16
N VAL C 213 56.84 16.34 -20.31
CA VAL C 213 56.85 17.09 -21.57
C VAL C 213 55.43 17.42 -22.03
N ARG C 214 54.65 16.40 -22.37
CA ARG C 214 53.37 16.61 -23.05
C ARG C 214 52.41 15.47 -22.71
N ASP C 215 51.23 15.55 -23.32
CA ASP C 215 50.28 14.43 -23.41
C ASP C 215 49.64 14.07 -22.07
N LEU C 216 49.43 15.08 -21.21
CA LEU C 216 48.58 14.97 -20.02
C LEU C 216 48.97 13.75 -19.21
N PRO C 217 50.06 13.82 -18.44
CA PRO C 217 50.65 12.61 -17.84
C PRO C 217 49.68 11.89 -16.91
N GLN C 218 49.89 10.58 -16.81
CA GLN C 218 49.02 9.72 -16.01
C GLN C 218 49.09 10.10 -14.53
N GLY C 219 47.96 9.95 -13.85
CA GLY C 219 47.89 10.25 -12.43
C GLY C 219 46.45 10.47 -12.02
N PHE C 220 46.26 10.51 -10.70
CA PHE C 220 44.94 10.70 -10.12
C PHE C 220 44.96 11.88 -9.15
N SER C 221 43.93 12.72 -9.25
CA SER C 221 43.78 13.86 -8.35
C SER C 221 42.32 14.27 -8.36
N ALA C 222 41.65 14.17 -7.22
CA ALA C 222 40.25 14.55 -7.12
C ALA C 222 40.10 16.06 -7.09
N LEU C 223 39.03 16.55 -7.71
CA LEU C 223 38.81 17.98 -7.88
C LEU C 223 37.88 18.49 -6.79
N GLU C 224 38.39 19.33 -5.90
CA GLU C 224 37.56 19.93 -4.87
C GLU C 224 36.60 20.92 -5.48
N PRO C 225 35.38 21.06 -4.94
CA PRO C 225 34.47 22.11 -5.42
C PRO C 225 35.05 23.48 -5.17
N LEU C 226 34.81 24.39 -6.10
CA LEU C 226 35.30 25.76 -6.01
C LEU C 226 34.18 26.77 -5.80
N VAL C 227 33.06 26.64 -6.51
CA VAL C 227 31.96 27.58 -6.37
C VAL C 227 30.69 26.93 -6.90
N ASP C 228 29.54 27.40 -6.40
CA ASP C 228 28.23 26.97 -6.90
C ASP C 228 27.39 28.23 -7.08
N LEU C 229 27.52 28.85 -8.25
CA LEU C 229 26.85 30.11 -8.50
C LEU C 229 25.36 29.88 -8.74
N PRO C 230 24.48 30.64 -8.07
CA PRO C 230 23.04 30.57 -8.34
C PRO C 230 22.62 31.48 -9.49
N ILE C 231 23.35 31.40 -10.61
CA ILE C 231 23.08 32.31 -11.72
C ILE C 231 21.75 31.99 -12.39
N GLY C 232 21.43 30.72 -12.54
CA GLY C 232 20.16 30.33 -13.14
C GLY C 232 20.00 30.68 -14.60
N ILE C 233 21.03 30.49 -15.41
CA ILE C 233 20.94 30.73 -16.84
C ILE C 233 21.11 29.41 -17.58
N ASN C 234 20.92 29.42 -18.89
CA ASN C 234 21.15 28.25 -19.73
C ASN C 234 22.48 28.42 -20.44
N ILE C 235 23.36 27.42 -20.30
CA ILE C 235 24.65 27.41 -20.98
C ILE C 235 24.67 26.20 -21.91
N THR C 236 24.83 26.47 -23.21
CA THR C 236 24.89 25.43 -24.21
C THR C 236 26.15 25.47 -25.06
N ARG C 237 26.99 26.49 -24.89
CA ARG C 237 28.18 26.64 -25.72
C ARG C 237 29.15 27.56 -25.00
N PHE C 238 30.44 27.35 -25.24
CA PHE C 238 31.44 28.07 -24.47
C PHE C 238 32.70 28.26 -25.29
N GLN C 239 33.53 29.20 -24.85
CA GLN C 239 34.81 29.50 -25.48
C GLN C 239 35.87 29.66 -24.39
N THR C 240 37.11 29.82 -24.84
CA THR C 240 38.24 30.04 -23.95
C THR C 240 39.02 31.26 -24.42
N LEU C 241 39.71 31.91 -23.47
CA LEU C 241 40.48 33.12 -23.73
C LEU C 241 41.90 32.93 -23.24
N LEU C 242 42.87 33.44 -24.00
CA LEU C 242 44.27 33.34 -23.62
C LEU C 242 44.99 34.62 -24.01
N ALA C 243 46.12 34.85 -23.33
CA ALA C 243 46.92 36.06 -23.51
C ALA C 243 48.15 35.74 -24.35
N LEU C 244 48.39 36.57 -25.36
CA LEU C 244 49.54 36.42 -26.24
C LEU C 244 50.70 37.31 -25.76
N HIS C 245 51.82 37.21 -26.46
CA HIS C 245 53.03 37.96 -26.13
C HIS C 245 53.40 38.87 -27.29
N ARG C 246 53.73 40.12 -26.96
CA ARG C 246 54.12 41.12 -27.96
C ARG C 246 55.43 41.75 -27.56
N SER C 247 56.32 41.92 -28.53
CA SER C 247 57.63 42.52 -28.27
C SER C 247 58.06 43.42 -29.42
N GLY C 252 55.76 43.24 -35.58
CA GLY C 252 55.47 44.40 -36.41
C GLY C 252 54.08 44.97 -36.19
N ASP C 253 53.15 44.62 -37.08
CA ASP C 253 51.78 45.09 -36.96
C ASP C 253 51.08 44.40 -35.78
N SER C 254 49.99 45.02 -35.33
CA SER C 254 49.23 44.48 -34.20
C SER C 254 48.64 43.12 -34.53
N SER C 255 48.15 42.94 -35.75
CA SER C 255 47.54 41.69 -36.17
C SER C 255 48.56 40.66 -36.65
N SER C 256 49.84 40.99 -36.68
CA SER C 256 50.87 40.06 -37.12
C SER C 256 51.99 39.86 -36.11
N GLY C 257 52.35 40.91 -35.37
CA GLY C 257 53.43 40.81 -34.42
C GLY C 257 52.99 40.33 -33.05
N TRP C 258 52.63 39.05 -32.94
CA TRP C 258 52.21 38.47 -31.67
C TRP C 258 52.86 37.11 -31.50
N THR C 259 53.15 36.76 -30.24
CA THR C 259 53.68 35.45 -29.89
C THR C 259 52.68 34.75 -28.98
N ALA C 260 52.27 33.55 -29.37
CA ALA C 260 51.25 32.82 -28.61
C ALA C 260 51.77 32.41 -27.24
N GLY C 261 53.00 31.90 -27.18
CA GLY C 261 53.53 31.36 -25.94
C GLY C 261 53.10 29.93 -25.74
N ALA C 262 54.04 29.07 -25.34
CA ALA C 262 53.75 27.64 -25.26
C ALA C 262 52.75 27.34 -24.17
N ALA C 263 51.69 26.62 -24.53
CA ALA C 263 50.65 26.20 -23.60
C ALA C 263 49.81 25.13 -24.30
N ALA C 264 49.03 24.40 -23.50
CA ALA C 264 48.12 23.42 -24.06
C ALA C 264 46.90 23.30 -23.18
N TYR C 265 45.73 23.10 -23.81
CA TYR C 265 44.53 22.87 -23.04
C TYR C 265 43.70 21.75 -23.67
N TYR C 266 43.13 20.92 -22.82
CA TYR C 266 42.40 19.73 -23.22
C TYR C 266 40.97 19.84 -22.74
N VAL C 267 40.03 19.44 -23.59
CA VAL C 267 38.60 19.55 -23.29
C VAL C 267 37.96 18.17 -23.45
N GLY C 268 37.21 17.75 -22.44
CA GLY C 268 36.43 16.54 -22.51
C GLY C 268 35.03 16.79 -21.98
N TYR C 269 34.13 15.84 -22.25
CA TYR C 269 32.74 15.98 -21.87
C TYR C 269 32.38 15.01 -20.75
N LEU C 270 31.32 15.37 -20.02
CA LEU C 270 30.88 14.62 -18.85
C LEU C 270 29.59 13.89 -19.18
N GLN C 271 29.49 12.65 -18.73
CA GLN C 271 28.35 11.79 -19.00
C GLN C 271 27.84 11.19 -17.70
N PRO C 272 26.55 10.83 -17.65
CA PRO C 272 26.02 10.19 -16.44
C PRO C 272 26.51 8.77 -16.27
N ARG C 273 27.28 8.53 -15.22
CA ARG C 273 27.87 7.22 -14.97
C ARG C 273 27.96 6.99 -13.46
N THR C 274 28.19 5.73 -13.11
CA THR C 274 28.40 5.31 -11.72
C THR C 274 29.88 5.08 -11.49
N PHE C 275 30.38 5.58 -10.37
CA PHE C 275 31.78 5.42 -10.00
C PHE C 275 31.86 4.81 -8.60
N LEU C 276 32.97 4.12 -8.35
CA LEU C 276 33.29 3.60 -7.03
C LEU C 276 34.52 4.36 -6.53
N LEU C 277 34.33 5.19 -5.51
CA LEU C 277 35.37 6.09 -5.02
C LEU C 277 35.89 5.58 -3.69
N LYS C 278 37.21 5.59 -3.52
CA LYS C 278 37.86 5.10 -2.31
C LYS C 278 38.22 6.30 -1.44
N TYR C 279 37.42 6.53 -0.40
CA TYR C 279 37.68 7.61 0.55
C TYR C 279 38.70 7.13 1.57
N ASN C 280 39.81 7.85 1.66
CA ASN C 280 40.87 7.50 2.60
C ASN C 280 40.44 7.84 4.03
N GLU C 281 41.34 7.60 4.98
CA GLU C 281 41.05 7.92 6.37
C GLU C 281 41.10 9.42 6.62
N ASN C 282 41.90 10.16 5.87
CA ASN C 282 41.90 11.62 5.96
C ASN C 282 40.64 12.25 5.37
N GLY C 283 39.85 11.49 4.63
CA GLY C 283 38.69 12.02 3.96
C GLY C 283 38.90 12.40 2.51
N THR C 284 40.06 12.08 1.94
CA THR C 284 40.38 12.44 0.57
C THR C 284 40.20 11.24 -0.35
N ILE C 285 39.86 11.53 -1.60
CA ILE C 285 39.68 10.49 -2.61
C ILE C 285 41.05 10.13 -3.19
N THR C 286 41.36 8.84 -3.20
CA THR C 286 42.64 8.37 -3.73
C THR C 286 42.52 7.48 -4.94
N ASP C 287 41.49 6.63 -5.03
CA ASP C 287 41.30 5.75 -6.17
C ASP C 287 39.85 5.76 -6.60
N ALA C 288 39.61 5.42 -7.87
CA ALA C 288 38.27 5.35 -8.39
C ALA C 288 38.18 4.22 -9.41
N VAL C 289 36.96 3.70 -9.56
CA VAL C 289 36.66 2.64 -10.53
C VAL C 289 35.46 3.09 -11.36
N ASP C 290 35.57 2.96 -12.67
CA ASP C 290 34.58 3.53 -13.58
C ASP C 290 33.26 2.76 -13.56
N CYS C 291 33.27 1.49 -13.13
CA CYS C 291 32.05 0.70 -12.94
C CYS C 291 31.33 0.46 -14.27
N ALA C 292 31.87 0.97 -15.37
CA ALA C 292 31.23 0.79 -16.66
C ALA C 292 32.22 0.58 -17.80
N LEU C 293 33.52 0.50 -17.52
CA LEU C 293 34.53 0.39 -18.57
C LEU C 293 34.88 -1.06 -18.86
N ASP C 294 35.43 -1.76 -17.88
CA ASP C 294 35.92 -3.12 -18.03
C ASP C 294 35.04 -4.10 -17.27
N PRO C 295 34.99 -5.36 -17.72
CA PRO C 295 34.29 -6.38 -16.92
C PRO C 295 34.85 -6.50 -15.51
N LEU C 296 36.16 -6.39 -15.34
CA LEU C 296 36.72 -6.40 -13.99
C LEU C 296 36.31 -5.15 -13.21
N SER C 297 36.24 -4.00 -13.89
CA SER C 297 35.81 -2.78 -13.22
C SER C 297 34.38 -2.88 -12.74
N GLU C 298 33.48 -3.41 -13.58
CA GLU C 298 32.10 -3.56 -13.16
C GLU C 298 31.95 -4.65 -12.11
N THR C 299 32.82 -5.66 -12.14
CA THR C 299 32.82 -6.65 -11.07
C THR C 299 33.20 -6.01 -9.73
N LYS C 300 34.25 -5.20 -9.73
CA LYS C 300 34.64 -4.48 -8.52
C LYS C 300 33.52 -3.58 -8.04
N CYS C 301 32.86 -2.90 -8.97
CA CYS C 301 31.72 -2.05 -8.62
C CYS C 301 30.58 -2.84 -8.00
N THR C 302 30.28 -4.02 -8.55
CA THR C 302 29.22 -4.84 -8.01
C THR C 302 29.56 -5.34 -6.60
N LEU C 303 30.81 -5.74 -6.39
CA LEU C 303 31.20 -6.20 -5.05
C LEU C 303 31.49 -5.06 -4.09
N LYS C 304 31.48 -3.82 -4.57
CA LYS C 304 31.84 -2.65 -3.75
C LYS C 304 33.19 -2.86 -3.08
N SER C 305 34.14 -3.37 -3.86
CA SER C 305 35.47 -3.66 -3.34
C SER C 305 36.48 -3.54 -4.47
N PHE C 306 37.62 -2.90 -4.17
CA PHE C 306 38.66 -2.75 -5.18
C PHE C 306 39.35 -4.05 -5.52
N THR C 307 39.24 -5.07 -4.68
CA THR C 307 39.85 -6.36 -4.93
C THR C 307 38.78 -7.43 -4.96
N VAL C 308 38.99 -8.43 -5.81
CA VAL C 308 38.05 -9.55 -5.96
C VAL C 308 38.82 -10.86 -5.87
N GLU C 309 38.25 -11.82 -5.14
CA GLU C 309 38.81 -13.15 -5.09
C GLU C 309 38.37 -13.96 -6.32
N LYS C 310 39.02 -15.09 -6.53
CA LYS C 310 38.70 -15.91 -7.69
C LYS C 310 37.27 -16.45 -7.59
N GLY C 311 36.63 -16.59 -8.73
CA GLY C 311 35.28 -17.10 -8.79
C GLY C 311 34.55 -16.52 -9.98
N ILE C 312 33.26 -16.82 -10.04
CA ILE C 312 32.36 -16.33 -11.07
C ILE C 312 31.32 -15.45 -10.39
N TYR C 313 31.21 -14.21 -10.85
CA TYR C 313 30.33 -13.22 -10.23
C TYR C 313 29.26 -12.82 -11.22
N GLN C 314 27.99 -12.98 -10.82
CA GLN C 314 26.88 -12.60 -11.69
C GLN C 314 26.83 -11.08 -11.75
N THR C 315 27.48 -10.51 -12.75
CA THR C 315 27.71 -9.07 -12.75
C THR C 315 26.46 -8.28 -13.15
N SER C 316 25.96 -8.49 -14.36
CA SER C 316 24.85 -7.64 -14.81
C SER C 316 24.00 -8.44 -15.79
N ASN C 317 23.19 -7.73 -16.58
CA ASN C 317 22.28 -8.35 -17.52
C ASN C 317 22.61 -7.90 -18.93
N PHE C 318 22.47 -8.83 -19.88
CA PHE C 318 22.65 -8.56 -21.30
C PHE C 318 21.29 -8.50 -21.98
N ARG C 319 21.06 -7.44 -22.75
CA ARG C 319 19.79 -7.23 -23.41
C ARG C 319 20.04 -6.67 -24.80
N VAL C 320 19.23 -7.13 -25.76
CA VAL C 320 19.30 -6.67 -27.14
C VAL C 320 18.17 -5.67 -27.36
N GLN C 321 18.52 -4.42 -27.61
CA GLN C 321 17.52 -3.38 -27.76
C GLN C 321 16.89 -3.44 -29.15
N PRO C 322 15.60 -3.15 -29.25
CA PRO C 322 14.98 -3.01 -30.58
C PRO C 322 15.46 -1.75 -31.27
N THR C 323 15.53 -1.83 -32.60
CA THR C 323 16.03 -0.73 -33.41
C THR C 323 14.98 -0.11 -34.32
N GLU C 324 13.73 -0.56 -34.25
CA GLU C 324 12.70 -0.04 -35.15
C GLU C 324 11.34 -0.32 -34.52
N SER C 325 10.31 0.31 -35.07
CA SER C 325 8.93 0.08 -34.70
C SER C 325 8.13 -0.26 -35.95
N ILE C 326 7.35 -1.34 -35.90
CA ILE C 326 6.55 -1.79 -37.02
C ILE C 326 5.09 -1.87 -36.59
N VAL C 327 4.20 -1.38 -37.44
CA VAL C 327 2.76 -1.48 -37.23
C VAL C 327 2.15 -2.10 -38.48
N ARG C 328 1.21 -3.02 -38.29
CA ARG C 328 0.62 -3.81 -39.36
C ARG C 328 -0.90 -3.85 -39.24
N PHE C 329 -1.51 -2.68 -39.09
CA PHE C 329 -2.96 -2.59 -39.09
C PHE C 329 -3.51 -3.03 -40.45
N PRO C 330 -4.72 -3.61 -40.48
CA PRO C 330 -5.19 -4.27 -41.71
C PRO C 330 -5.50 -3.32 -42.87
N ASN C 331 -5.97 -3.89 -43.98
CA ASN C 331 -6.24 -3.07 -45.19
C ASN C 331 -7.26 -1.97 -44.89
N ILE C 332 -7.04 -0.77 -45.41
CA ILE C 332 -8.03 0.34 -45.25
C ILE C 332 -8.93 0.33 -46.49
N THR C 333 -10.20 -0.07 -46.32
CA THR C 333 -11.11 -0.19 -47.49
C THR C 333 -12.44 0.48 -47.14
N ASN C 334 -13.31 0.72 -48.14
CA ASN C 334 -14.60 1.40 -47.90
C ASN C 334 -14.30 2.75 -47.24
N LEU C 335 -13.39 3.52 -47.82
CA LEU C 335 -13.01 4.84 -47.24
C LEU C 335 -14.23 5.75 -47.20
N CYS C 336 -14.30 6.63 -46.20
CA CYS C 336 -15.50 7.50 -46.05
C CYS C 336 -15.67 8.38 -47.28
N PRO C 337 -16.91 8.61 -47.76
CA PRO C 337 -17.12 9.36 -49.00
C PRO C 337 -17.13 10.89 -48.80
N PHE C 338 -15.95 11.46 -48.55
CA PHE C 338 -15.86 12.95 -48.43
C PHE C 338 -16.24 13.55 -49.79
N GLY C 339 -15.84 12.88 -50.88
CA GLY C 339 -16.11 13.42 -52.23
C GLY C 339 -17.58 13.60 -52.50
N GLU C 340 -18.42 12.67 -52.04
CA GLU C 340 -19.89 12.86 -52.22
C GLU C 340 -20.33 14.12 -51.47
N VAL C 341 -19.86 14.32 -50.25
CA VAL C 341 -20.23 15.51 -49.43
C VAL C 341 -19.70 16.80 -50.08
N PHE C 342 -18.47 16.78 -50.59
CA PHE C 342 -17.84 18.02 -51.12
C PHE C 342 -18.13 18.19 -52.61
N ASN C 343 -17.73 17.22 -53.44
CA ASN C 343 -17.92 17.33 -54.88
C ASN C 343 -19.38 17.03 -55.23
N ALA C 344 -20.24 17.95 -54.81
CA ALA C 344 -21.66 17.91 -55.13
C ALA C 344 -22.02 19.09 -56.02
N THR C 345 -22.86 18.85 -57.01
CA THR C 345 -23.23 19.90 -57.96
C THR C 345 -23.94 21.06 -57.26
N ARG C 346 -24.84 20.75 -56.33
CA ARG C 346 -25.65 21.76 -55.67
C ARG C 346 -25.57 21.60 -54.16
N PHE C 347 -25.46 22.74 -53.47
CA PHE C 347 -25.64 22.82 -52.03
C PHE C 347 -26.91 23.60 -51.72
N ALA C 348 -27.63 23.15 -50.70
CA ALA C 348 -28.84 23.85 -50.29
C ALA C 348 -28.48 25.18 -49.65
N SER C 349 -29.46 26.07 -49.59
CA SER C 349 -29.23 27.40 -49.05
C SER C 349 -28.96 27.33 -47.55
N VAL C 350 -28.46 28.43 -47.01
CA VAL C 350 -28.08 28.46 -45.60
C VAL C 350 -29.29 28.32 -44.69
N TYR C 351 -30.44 28.88 -45.09
CA TYR C 351 -31.62 28.82 -44.24
C TYR C 351 -32.08 27.38 -44.01
N ALA C 352 -31.87 26.49 -44.98
CA ALA C 352 -32.18 25.07 -44.85
C ALA C 352 -30.93 24.31 -45.29
N TRP C 353 -29.99 24.13 -44.35
CA TRP C 353 -28.74 23.46 -44.66
C TRP C 353 -28.94 21.95 -44.72
N ASN C 354 -28.29 21.30 -45.68
CA ASN C 354 -28.38 19.86 -45.82
C ASN C 354 -27.38 19.16 -44.93
N ARG C 355 -27.86 18.17 -44.18
CA ARG C 355 -27.06 17.42 -43.22
C ARG C 355 -26.97 15.97 -43.67
N LYS C 356 -25.76 15.42 -43.68
CA LYS C 356 -25.53 14.04 -44.05
C LYS C 356 -24.64 13.38 -43.00
N ARG C 357 -24.87 12.09 -42.78
CA ARG C 357 -24.17 11.33 -41.73
C ARG C 357 -23.08 10.46 -42.35
N ILE C 358 -21.89 10.52 -41.77
CA ILE C 358 -20.76 9.67 -42.12
C ILE C 358 -20.48 8.77 -40.92
N SER C 359 -20.47 7.47 -41.15
CA SER C 359 -20.24 6.50 -40.08
C SER C 359 -19.88 5.15 -40.72
N ASN C 360 -19.38 4.25 -39.88
CA ASN C 360 -19.08 2.88 -40.29
C ASN C 360 -18.09 2.85 -41.45
N CYS C 361 -17.15 3.80 -41.45
CA CYS C 361 -16.10 3.82 -42.46
C CYS C 361 -14.86 4.46 -41.86
N VAL C 362 -13.70 4.18 -42.48
CA VAL C 362 -12.41 4.78 -42.02
C VAL C 362 -12.24 6.11 -42.78
N ALA C 363 -11.87 7.18 -42.07
CA ALA C 363 -11.80 8.50 -42.72
C ALA C 363 -10.37 9.04 -42.73
N ASP C 364 -9.89 9.50 -43.89
CA ASP C 364 -8.54 10.13 -43.95
C ASP C 364 -8.75 11.64 -44.00
N TYR C 365 -8.41 12.35 -42.92
CA TYR C 365 -8.54 13.82 -42.89
C TYR C 365 -7.24 14.47 -43.36
N SER C 366 -6.16 13.68 -43.44
CA SER C 366 -4.84 14.28 -43.81
C SER C 366 -4.89 14.83 -45.23
N VAL C 367 -5.45 14.06 -46.17
CA VAL C 367 -5.58 14.55 -47.57
C VAL C 367 -6.52 15.75 -47.58
N LEU C 368 -7.61 15.68 -46.82
CA LEU C 368 -8.61 16.78 -46.78
C LEU C 368 -7.97 18.05 -46.24
N TYR C 369 -7.09 17.92 -45.23
CA TYR C 369 -6.50 19.12 -44.58
C TYR C 369 -5.34 19.67 -45.42
N ASN C 370 -4.59 18.80 -46.12
CA ASN C 370 -3.52 19.29 -46.99
C ASN C 370 -4.04 19.41 -48.41
N SER C 371 -4.96 20.36 -48.59
CA SER C 371 -5.54 20.66 -49.89
C SER C 371 -5.52 22.16 -50.12
N ALA C 372 -4.97 22.56 -51.28
CA ALA C 372 -4.89 23.98 -51.60
C ALA C 372 -6.26 24.57 -51.94
N SER C 373 -7.24 23.74 -52.29
CA SER C 373 -8.56 24.24 -52.66
C SER C 373 -9.25 24.91 -51.48
N PHE C 374 -9.11 24.34 -50.29
CA PHE C 374 -9.83 24.82 -49.11
C PHE C 374 -9.07 25.99 -48.52
N SER C 375 -9.55 27.21 -48.79
CA SER C 375 -8.86 28.40 -48.32
C SER C 375 -9.01 28.59 -46.82
N THR C 376 -10.23 28.41 -46.30
CA THR C 376 -10.51 28.64 -44.89
C THR C 376 -10.64 27.32 -44.15
N PHE C 377 -9.75 27.10 -43.19
CA PHE C 377 -9.69 25.87 -42.41
C PHE C 377 -9.30 26.24 -40.97
N LYS C 378 -10.29 26.39 -40.11
CA LYS C 378 -10.07 26.64 -38.69
C LYS C 378 -10.75 25.53 -37.91
N CYS C 379 -10.01 24.88 -37.01
CA CYS C 379 -10.55 23.74 -36.29
C CYS C 379 -10.36 23.89 -34.79
N TYR C 380 -11.37 23.48 -34.02
CA TYR C 380 -11.36 23.69 -32.56
C TYR C 380 -12.01 22.48 -31.87
N GLY C 381 -11.44 22.05 -30.73
CA GLY C 381 -11.96 20.85 -30.04
C GLY C 381 -11.40 19.60 -30.69
N VAL C 382 -10.54 19.77 -31.71
CA VAL C 382 -9.91 18.62 -32.41
C VAL C 382 -8.43 18.97 -32.61
N SER C 383 -7.57 17.96 -32.74
CA SER C 383 -6.13 18.22 -32.99
C SER C 383 -5.80 17.89 -34.45
N PRO C 384 -5.26 18.85 -35.24
CA PRO C 384 -4.87 18.57 -36.62
C PRO C 384 -3.77 17.50 -36.62
N THR C 385 -2.85 17.57 -35.66
CA THR C 385 -1.76 16.57 -35.58
C THR C 385 -2.31 15.17 -35.30
N LYS C 386 -3.33 15.04 -34.44
CA LYS C 386 -3.80 13.68 -34.03
C LYS C 386 -5.21 13.36 -34.56
N LEU C 387 -5.68 14.01 -35.61
CA LEU C 387 -7.09 13.74 -36.05
C LEU C 387 -7.25 12.26 -36.43
N ASN C 388 -6.24 11.67 -37.07
CA ASN C 388 -6.29 10.23 -37.43
C ASN C 388 -6.38 9.39 -36.16
N ASP C 389 -5.62 9.73 -35.13
CA ASP C 389 -5.61 8.93 -33.88
C ASP C 389 -7.01 8.98 -33.25
N LEU C 390 -7.67 10.14 -33.30
CA LEU C 390 -9.00 10.31 -32.66
C LEU C 390 -10.07 9.51 -33.41
N CYS C 391 -11.00 8.88 -32.68
CA CYS C 391 -12.07 8.14 -33.28
C CYS C 391 -13.41 8.70 -32.82
N PHE C 392 -14.40 8.62 -33.70
CA PHE C 392 -15.71 9.23 -33.48
C PHE C 392 -16.81 8.27 -33.92
N THR C 393 -17.90 8.25 -33.15
CA THR C 393 -19.02 7.37 -33.49
C THR C 393 -19.73 7.86 -34.75
N ASN C 394 -20.05 9.15 -34.81
CA ASN C 394 -20.80 9.71 -35.93
C ASN C 394 -20.16 11.00 -36.39
N VAL C 395 -20.29 11.30 -37.69
CA VAL C 395 -19.87 12.57 -38.25
C VAL C 395 -21.09 13.17 -38.95
N TYR C 396 -21.38 14.43 -38.65
CA TYR C 396 -22.48 15.12 -39.30
C TYR C 396 -21.92 16.27 -40.13
N ALA C 397 -22.16 16.25 -41.43
CA ALA C 397 -21.67 17.26 -42.35
C ALA C 397 -22.86 18.10 -42.81
N ASP C 398 -22.81 19.39 -42.53
CA ASP C 398 -23.82 20.35 -42.95
C ASP C 398 -23.23 21.24 -44.03
N SER C 399 -23.85 21.26 -45.20
CA SER C 399 -23.31 21.94 -46.36
C SER C 399 -24.24 23.10 -46.76
N PHE C 400 -23.64 24.24 -47.09
CA PHE C 400 -24.41 25.37 -47.59
C PHE C 400 -23.45 26.35 -48.27
N VAL C 401 -24.01 27.48 -48.70
CA VAL C 401 -23.25 28.54 -49.36
C VAL C 401 -23.60 29.86 -48.70
N ILE C 402 -22.59 30.69 -48.46
CA ILE C 402 -22.78 31.98 -47.80
C ILE C 402 -21.88 33.03 -48.47
N ARG C 403 -21.93 34.24 -47.93
CA ARG C 403 -21.08 35.32 -48.40
C ARG C 403 -19.68 35.20 -47.81
N GLY C 404 -18.77 36.03 -48.32
CA GLY C 404 -17.42 36.03 -47.80
C GLY C 404 -17.34 36.53 -46.37
N ASP C 405 -18.10 37.57 -46.04
CA ASP C 405 -18.07 38.11 -44.69
C ASP C 405 -18.72 37.17 -43.70
N GLU C 406 -19.78 36.48 -44.11
CA GLU C 406 -20.54 35.62 -43.18
C GLU C 406 -19.79 34.37 -42.77
N VAL C 407 -18.66 34.05 -43.42
CA VAL C 407 -17.88 32.89 -43.01
C VAL C 407 -17.33 33.09 -41.60
N ARG C 408 -16.83 34.28 -41.31
CA ARG C 408 -16.36 34.58 -39.96
C ARG C 408 -17.49 34.51 -38.94
N GLN C 409 -18.73 34.79 -39.37
CA GLN C 409 -19.85 34.71 -38.46
C GLN C 409 -20.12 33.28 -38.00
N ILE C 410 -19.86 32.30 -38.86
CA ILE C 410 -20.08 30.90 -38.51
C ILE C 410 -18.91 30.40 -37.68
N ALA C 411 -19.02 30.52 -36.36
CA ALA C 411 -17.99 30.09 -35.45
C ALA C 411 -18.61 29.94 -34.06
N PRO C 412 -18.08 29.03 -33.23
CA PRO C 412 -18.64 28.88 -31.88
C PRO C 412 -18.53 30.17 -31.09
N GLY C 413 -19.57 30.48 -30.32
CA GLY C 413 -19.59 31.68 -29.52
C GLY C 413 -19.59 32.97 -30.31
N GLN C 414 -19.92 32.91 -31.60
CA GLN C 414 -19.96 34.07 -32.47
C GLN C 414 -21.39 34.33 -32.90
N THR C 415 -21.81 35.59 -32.83
CA THR C 415 -23.17 35.99 -33.19
C THR C 415 -23.16 36.86 -34.43
N GLY C 416 -24.23 36.75 -35.21
CA GLY C 416 -24.37 37.51 -36.43
C GLY C 416 -25.73 37.31 -37.02
N LYS C 417 -25.98 37.99 -38.15
CA LYS C 417 -27.27 37.86 -38.82
C LYS C 417 -27.50 36.45 -39.31
N ILE C 418 -26.49 35.86 -39.96
CA ILE C 418 -26.61 34.48 -40.43
C ILE C 418 -26.57 33.51 -39.25
N ALA C 419 -25.67 33.74 -38.29
CA ALA C 419 -25.48 32.78 -37.22
C ALA C 419 -26.73 32.66 -36.34
N ASP C 420 -27.37 33.79 -36.04
CA ASP C 420 -28.49 33.75 -35.11
C ASP C 420 -29.73 33.12 -35.73
N TYR C 421 -29.99 33.39 -37.01
CA TYR C 421 -31.25 33.02 -37.63
C TYR C 421 -31.14 31.88 -38.64
N ASN C 422 -29.95 31.49 -39.05
CA ASN C 422 -29.80 30.42 -40.04
C ASN C 422 -29.06 29.21 -39.51
N TYR C 423 -27.87 29.40 -38.94
CA TYR C 423 -27.05 28.27 -38.48
C TYR C 423 -26.38 28.68 -37.17
N LYS C 424 -26.75 28.00 -36.08
CA LYS C 424 -26.19 28.27 -34.76
C LYS C 424 -25.23 27.15 -34.39
N LEU C 425 -24.06 27.52 -33.87
CA LEU C 425 -23.04 26.57 -33.47
C LEU C 425 -22.98 26.48 -31.95
N PRO C 426 -22.95 25.28 -31.39
CA PRO C 426 -22.88 25.16 -29.93
C PRO C 426 -21.56 25.65 -29.38
N ASP C 427 -21.59 26.07 -28.10
CA ASP C 427 -20.39 26.56 -27.44
C ASP C 427 -19.33 25.48 -27.32
N ASP C 428 -19.75 24.25 -26.98
CA ASP C 428 -18.84 23.12 -26.84
C ASP C 428 -18.71 22.31 -28.14
N PHE C 429 -18.84 22.98 -29.28
CA PHE C 429 -18.86 22.28 -30.56
C PHE C 429 -17.56 21.52 -30.79
N THR C 430 -17.70 20.27 -31.23
CA THR C 430 -16.57 19.42 -31.58
C THR C 430 -16.62 19.16 -33.09
N GLY C 431 -15.52 19.44 -33.76
CA GLY C 431 -15.45 19.43 -35.21
C GLY C 431 -14.97 20.77 -35.69
N CYS C 432 -15.19 21.05 -36.98
CA CYS C 432 -14.75 22.33 -37.53
C CYS C 432 -15.34 22.54 -38.92
N VAL C 433 -14.99 23.68 -39.51
CA VAL C 433 -15.63 24.21 -40.70
C VAL C 433 -14.60 24.32 -41.82
N ILE C 434 -15.06 24.15 -43.05
CA ILE C 434 -14.23 24.25 -44.25
C ILE C 434 -14.92 25.20 -45.21
N ALA C 435 -14.17 26.16 -45.74
CA ALA C 435 -14.73 27.14 -46.67
C ALA C 435 -13.79 27.34 -47.84
N TRP C 436 -14.36 27.48 -49.04
CA TRP C 436 -13.58 27.77 -50.23
C TRP C 436 -14.44 28.56 -51.22
N ASN C 437 -13.74 29.31 -52.08
CA ASN C 437 -14.41 30.17 -53.04
C ASN C 437 -14.99 29.36 -54.19
N SER C 438 -16.19 29.76 -54.65
CA SER C 438 -16.88 29.10 -55.74
C SER C 438 -17.50 30.13 -56.68
N ASN C 439 -16.76 31.19 -56.98
CA ASN C 439 -17.29 32.23 -57.85
C ASN C 439 -17.52 31.73 -59.26
N ASN C 440 -16.81 30.69 -59.69
CA ASN C 440 -16.98 30.17 -61.05
C ASN C 440 -18.36 29.54 -61.24
N LEU C 441 -18.87 28.86 -60.21
CA LEU C 441 -20.17 28.20 -60.34
C LEU C 441 -21.29 29.21 -60.53
N ASP C 442 -21.28 30.31 -59.77
CA ASP C 442 -22.29 31.36 -59.91
C ASP C 442 -21.81 32.37 -60.96
N SER C 443 -21.83 31.91 -62.21
CA SER C 443 -21.32 32.68 -63.34
C SER C 443 -22.38 33.52 -64.03
N LYS C 444 -23.62 33.53 -63.53
CA LYS C 444 -24.65 34.37 -64.12
C LYS C 444 -24.28 35.84 -63.96
N VAL C 445 -24.45 36.60 -65.04
CA VAL C 445 -23.95 37.98 -65.07
C VAL C 445 -24.66 38.83 -64.01
N GLY C 446 -25.99 38.73 -63.93
CA GLY C 446 -26.73 39.51 -62.97
C GLY C 446 -28.19 39.12 -62.85
N GLY C 447 -28.66 38.96 -61.63
CA GLY C 447 -30.04 38.59 -61.39
C GLY C 447 -30.22 37.97 -60.03
N ASN C 448 -31.48 37.74 -59.69
CA ASN C 448 -31.81 37.11 -58.42
C ASN C 448 -31.59 35.59 -58.50
N TYR C 449 -31.24 35.00 -57.37
CA TYR C 449 -30.96 33.58 -57.28
C TYR C 449 -31.91 32.91 -56.29
N ASN C 450 -32.00 31.58 -56.41
CA ASN C 450 -32.81 30.81 -55.48
C ASN C 450 -32.20 30.75 -54.09
N TYR C 451 -30.93 31.10 -53.95
CA TYR C 451 -30.29 31.12 -52.63
C TYR C 451 -30.92 32.20 -51.77
N LEU C 452 -31.33 31.81 -50.56
CA LEU C 452 -32.02 32.73 -49.66
C LEU C 452 -31.53 32.52 -48.24
N TYR C 453 -31.64 33.57 -47.43
CA TYR C 453 -31.31 33.49 -46.02
C TYR C 453 -32.39 34.19 -45.20
N ARG C 454 -32.58 33.73 -43.98
CA ARG C 454 -33.62 34.23 -43.09
C ARG C 454 -33.10 35.48 -42.39
N LEU C 455 -33.36 36.65 -43.00
CA LEU C 455 -32.91 37.91 -42.41
C LEU C 455 -33.78 38.35 -41.25
N PHE C 456 -35.03 37.89 -41.19
CA PHE C 456 -35.94 38.14 -40.07
C PHE C 456 -36.31 36.84 -39.39
N ARG C 457 -36.41 36.89 -38.06
CA ARG C 457 -36.94 35.78 -37.26
C ARG C 457 -37.41 36.34 -35.93
N LYS C 458 -38.37 35.63 -35.32
CA LYS C 458 -38.92 36.08 -34.04
C LYS C 458 -37.87 36.06 -32.94
N SER C 459 -37.03 35.03 -32.91
CA SER C 459 -36.01 34.91 -31.88
C SER C 459 -34.85 34.08 -32.42
N ASN C 460 -33.74 34.10 -31.70
CA ASN C 460 -32.56 33.38 -32.13
C ASN C 460 -32.78 31.87 -32.09
N LEU C 461 -32.01 31.16 -32.91
CA LEU C 461 -32.12 29.71 -33.00
C LEU C 461 -31.45 29.03 -31.82
N LYS C 462 -31.97 27.86 -31.47
CA LYS C 462 -31.25 26.95 -30.60
C LYS C 462 -30.09 26.33 -31.38
N PRO C 463 -29.06 25.84 -30.69
CA PRO C 463 -27.94 25.22 -31.41
C PRO C 463 -28.39 24.06 -32.28
N PHE C 464 -27.89 24.04 -33.52
CA PHE C 464 -28.19 22.99 -34.49
C PHE C 464 -29.70 22.84 -34.71
N GLU C 465 -30.35 23.97 -34.96
CA GLU C 465 -31.78 24.01 -35.22
C GLU C 465 -32.04 24.48 -36.64
N ARG C 466 -32.98 23.83 -37.32
CA ARG C 466 -33.33 24.13 -38.70
C ARG C 466 -34.77 24.65 -38.75
N ASP C 467 -34.98 25.73 -39.48
CA ASP C 467 -36.28 26.38 -39.60
C ASP C 467 -36.77 26.24 -41.04
N ILE C 468 -37.58 25.20 -41.28
CA ILE C 468 -38.12 24.99 -42.63
C ILE C 468 -39.16 26.04 -42.97
N SER C 469 -39.99 26.42 -41.99
CA SER C 469 -41.12 27.31 -42.26
C SER C 469 -40.63 28.66 -42.76
N THR C 470 -41.36 29.21 -43.73
CA THR C 470 -41.05 30.50 -44.34
C THR C 470 -42.26 31.42 -44.30
N GLU C 471 -43.01 31.39 -43.20
CA GLU C 471 -44.17 32.25 -43.06
C GLU C 471 -43.74 33.70 -42.91
N ILE C 472 -44.66 34.62 -43.25
CA ILE C 472 -44.35 36.03 -43.22
C ILE C 472 -44.07 36.48 -41.79
N TYR C 473 -43.06 37.32 -41.63
CA TYR C 473 -42.67 37.85 -40.32
C TYR C 473 -43.49 39.10 -40.04
N GLN C 474 -44.31 39.04 -38.99
CA GLN C 474 -45.19 40.16 -38.61
C GLN C 474 -44.35 41.18 -37.84
N ALA C 475 -43.66 42.03 -38.61
CA ALA C 475 -42.80 43.04 -38.00
C ALA C 475 -43.61 44.12 -37.31
N GLY C 476 -44.64 44.64 -38.00
CA GLY C 476 -45.44 45.70 -37.41
C GLY C 476 -46.28 45.19 -36.26
N SER C 477 -46.41 46.02 -35.22
CA SER C 477 -47.27 45.67 -34.10
C SER C 477 -48.72 45.55 -34.52
N THR C 478 -49.12 46.32 -35.52
CA THR C 478 -50.46 46.18 -36.08
C THR C 478 -50.64 44.78 -36.65
N PRO C 479 -51.77 44.13 -36.40
CA PRO C 479 -51.99 42.78 -36.95
C PRO C 479 -51.91 42.78 -38.47
N CYS C 480 -50.92 42.06 -39.01
CA CYS C 480 -50.78 41.95 -40.45
C CYS C 480 -51.95 41.20 -41.09
N ASN C 481 -52.63 40.34 -40.32
CA ASN C 481 -53.78 39.58 -40.80
C ASN C 481 -53.41 38.74 -42.02
N GLY C 482 -52.18 38.23 -42.03
CA GLY C 482 -51.72 37.38 -43.13
C GLY C 482 -51.68 38.09 -44.47
N VAL C 483 -51.25 39.35 -44.48
CA VAL C 483 -51.14 40.13 -45.71
C VAL C 483 -49.69 40.51 -45.90
N GLU C 484 -49.13 40.12 -47.04
CA GLU C 484 -47.74 40.46 -47.36
C GLU C 484 -47.66 41.91 -47.80
N GLY C 485 -46.70 42.64 -47.25
CA GLY C 485 -46.52 44.04 -47.60
C GLY C 485 -45.67 44.75 -46.56
N PHE C 486 -45.88 46.06 -46.47
CA PHE C 486 -45.14 46.88 -45.52
C PHE C 486 -45.46 46.43 -44.10
N ASN C 487 -44.43 46.46 -43.23
CA ASN C 487 -44.49 46.00 -41.85
C ASN C 487 -44.77 44.52 -41.72
N CYS C 488 -44.82 43.79 -42.85
CA CYS C 488 -45.02 42.35 -42.89
C CYS C 488 -44.01 41.74 -43.85
N TYR C 489 -42.75 42.12 -43.70
CA TYR C 489 -41.71 41.76 -44.66
C TYR C 489 -41.50 40.26 -44.71
N PHE C 490 -41.15 39.78 -45.90
CA PHE C 490 -40.87 38.36 -46.09
C PHE C 490 -39.56 37.99 -45.41
N PRO C 491 -39.52 36.92 -44.61
CA PRO C 491 -38.28 36.59 -43.90
C PRO C 491 -37.12 36.26 -44.82
N LEU C 492 -37.38 35.63 -45.97
CA LEU C 492 -36.31 35.20 -46.86
C LEU C 492 -35.81 36.37 -47.69
N GLN C 493 -34.48 36.46 -47.82
CA GLN C 493 -33.83 37.49 -48.61
C GLN C 493 -32.82 36.82 -49.53
N SER C 494 -32.78 37.26 -50.78
CA SER C 494 -31.86 36.70 -51.76
C SER C 494 -30.44 37.22 -51.51
N TYR C 495 -29.48 36.60 -52.21
CA TYR C 495 -28.08 36.94 -52.05
C TYR C 495 -27.57 37.85 -53.16
N GLY C 496 -27.73 37.45 -54.41
CA GLY C 496 -27.23 38.22 -55.53
C GLY C 496 -25.74 38.09 -55.74
N PHE C 497 -25.29 36.88 -56.05
CA PHE C 497 -23.87 36.58 -56.22
C PHE C 497 -23.45 36.94 -57.64
N GLN C 498 -22.87 38.12 -57.81
CA GLN C 498 -22.42 38.46 -59.14
C GLN C 498 -20.91 38.27 -59.27
N PRO C 499 -20.43 37.87 -60.45
CA PRO C 499 -18.98 37.69 -60.62
C PRO C 499 -18.17 38.96 -60.39
N THR C 500 -18.74 40.12 -60.73
CA THR C 500 -18.04 41.39 -60.57
C THR C 500 -18.00 41.85 -59.12
N ASN C 501 -18.79 41.25 -58.24
CA ASN C 501 -18.86 41.67 -56.85
C ASN C 501 -17.51 41.52 -56.16
N GLY C 502 -17.34 42.26 -55.07
CA GLY C 502 -16.09 42.25 -54.34
C GLY C 502 -15.84 40.95 -53.62
N VAL C 503 -14.64 40.87 -53.03
CA VAL C 503 -14.21 39.63 -52.38
C VAL C 503 -15.12 39.29 -51.20
N GLY C 504 -15.67 40.31 -50.54
CA GLY C 504 -16.58 40.08 -49.44
C GLY C 504 -17.92 39.51 -49.86
N TYR C 505 -18.33 39.72 -51.11
CA TYR C 505 -19.60 39.24 -51.62
C TYR C 505 -19.47 37.98 -52.46
N GLN C 506 -18.27 37.44 -52.63
CA GLN C 506 -18.09 36.24 -53.42
C GLN C 506 -18.72 35.05 -52.70
N PRO C 507 -19.30 34.10 -53.42
CA PRO C 507 -19.89 32.93 -52.76
C PRO C 507 -18.82 32.01 -52.19
N TYR C 508 -19.04 31.57 -50.96
CA TYR C 508 -18.16 30.62 -50.29
C TYR C 508 -18.97 29.38 -49.95
N ARG C 509 -18.45 28.21 -50.35
CA ARG C 509 -19.13 26.94 -50.11
C ARG C 509 -18.64 26.38 -48.79
N VAL C 510 -19.47 26.48 -47.76
CA VAL C 510 -19.09 26.20 -46.38
C VAL C 510 -19.70 24.87 -45.95
N VAL C 511 -18.84 23.97 -45.47
CA VAL C 511 -19.28 22.69 -44.93
C VAL C 511 -18.74 22.55 -43.51
N VAL C 512 -19.62 22.23 -42.57
CA VAL C 512 -19.29 22.11 -41.16
C VAL C 512 -19.41 20.66 -40.76
N LEU C 513 -18.33 20.09 -40.21
CA LEU C 513 -18.31 18.73 -39.73
C LEU C 513 -18.35 18.74 -38.21
N SER C 514 -19.28 17.99 -37.65
CA SER C 514 -19.42 17.83 -36.20
C SER C 514 -19.21 16.36 -35.85
N PHE C 515 -18.36 16.12 -34.85
CA PHE C 515 -17.97 14.77 -34.47
C PHE C 515 -18.65 14.41 -33.16
N GLU C 516 -19.30 13.25 -33.13
CA GLU C 516 -20.06 12.83 -31.97
C GLU C 516 -19.59 11.46 -31.49
N LEU C 517 -19.35 11.36 -30.18
CA LEU C 517 -19.02 10.11 -29.51
C LEU C 517 -20.17 9.79 -28.57
N LEU C 518 -21.08 8.94 -29.01
CA LEU C 518 -22.25 8.59 -28.21
C LEU C 518 -21.86 7.54 -27.18
N HIS C 519 -22.85 6.94 -26.52
CA HIS C 519 -22.60 5.89 -25.54
C HIS C 519 -22.35 4.56 -26.24
N ALA C 520 -21.39 4.53 -27.16
CA ALA C 520 -21.08 3.35 -27.93
C ALA C 520 -19.68 3.50 -28.48
N PRO C 521 -19.01 2.41 -28.85
CA PRO C 521 -17.69 2.53 -29.46
C PRO C 521 -17.75 3.26 -30.80
N ALA C 522 -16.67 3.97 -31.10
CA ALA C 522 -16.63 4.78 -32.32
C ALA C 522 -16.64 3.90 -33.57
N THR C 523 -17.20 4.46 -34.64
CA THR C 523 -17.28 3.76 -35.92
C THR C 523 -16.39 4.38 -36.99
N VAL C 524 -15.81 5.55 -36.73
CA VAL C 524 -14.92 6.23 -37.67
C VAL C 524 -13.57 6.41 -37.00
N CYS C 525 -12.52 5.96 -37.66
CA CYS C 525 -11.17 6.05 -37.12
C CYS C 525 -10.22 6.50 -38.24
N GLY C 526 -8.97 6.77 -37.87
CA GLY C 526 -7.98 7.26 -38.86
C GLY C 526 -7.38 6.12 -39.67
N PRO C 527 -6.69 6.41 -40.80
CA PRO C 527 -6.15 5.35 -41.66
C PRO C 527 -5.09 4.50 -40.93
N LYS C 528 -4.20 5.14 -40.18
CA LYS C 528 -3.21 4.36 -39.40
C LYS C 528 -2.55 3.38 -40.38
N LYS C 529 -2.08 3.88 -41.52
CA LYS C 529 -1.54 2.98 -42.58
C LYS C 529 -0.38 2.15 -42.03
N SER C 530 -0.37 0.85 -42.35
CA SER C 530 0.69 -0.08 -41.85
C SER C 530 2.03 0.20 -42.52
N THR C 531 3.14 -0.04 -41.82
CA THR C 531 4.48 0.10 -42.44
C THR C 531 4.95 -1.29 -42.89
N ASN C 532 6.20 -1.43 -43.35
CA ASN C 532 6.68 -2.70 -43.84
C ASN C 532 6.92 -3.68 -42.70
N LEU C 533 6.86 -4.96 -43.02
CA LEU C 533 7.07 -6.02 -42.05
C LEU C 533 8.54 -6.46 -42.05
N VAL C 534 9.11 -6.56 -40.86
CA VAL C 534 10.51 -6.93 -40.68
C VAL C 534 10.57 -8.15 -39.77
N LYS C 535 11.32 -9.17 -40.18
CA LYS C 535 11.46 -10.40 -39.44
C LYS C 535 12.93 -10.71 -39.23
N ASN C 536 13.20 -11.81 -38.52
CA ASN C 536 14.55 -12.30 -38.24
C ASN C 536 15.38 -11.29 -37.46
N LYS C 537 14.73 -10.37 -36.76
CA LYS C 537 15.42 -9.40 -35.92
C LYS C 537 14.40 -8.82 -34.95
N CYS C 538 14.74 -8.76 -33.67
CA CYS C 538 13.75 -8.39 -32.66
C CYS C 538 13.45 -6.90 -32.77
N VAL C 539 12.16 -6.60 -32.96
CA VAL C 539 11.69 -5.27 -33.28
C VAL C 539 10.45 -5.00 -32.44
N ASN C 540 10.09 -3.72 -32.34
CA ASN C 540 8.88 -3.30 -31.65
C ASN C 540 7.71 -3.40 -32.62
N PHE C 541 6.72 -4.24 -32.27
CA PHE C 541 5.58 -4.49 -33.12
C PHE C 541 4.29 -4.06 -32.43
N ASN C 542 3.32 -3.64 -33.25
CA ASN C 542 1.99 -3.26 -32.79
C ASN C 542 1.00 -3.77 -33.83
N PHE C 543 0.46 -4.95 -33.58
CA PHE C 543 -0.44 -5.64 -34.52
C PHE C 543 -1.86 -5.56 -33.97
N ASN C 544 -2.69 -4.72 -34.60
CA ASN C 544 -4.10 -4.59 -34.25
C ASN C 544 -4.28 -4.23 -32.78
N GLY C 545 -3.42 -3.36 -32.27
CA GLY C 545 -3.45 -2.95 -30.88
C GLY C 545 -2.68 -3.85 -29.93
N LEU C 546 -2.18 -4.99 -30.40
CA LEU C 546 -1.36 -5.87 -29.60
C LEU C 546 0.10 -5.41 -29.72
N THR C 547 0.63 -4.85 -28.65
CA THR C 547 1.97 -4.29 -28.64
C THR C 547 2.96 -5.26 -28.01
N GLY C 548 4.20 -5.20 -28.47
CA GLY C 548 5.24 -6.03 -27.89
C GLY C 548 6.55 -5.80 -28.60
N THR C 549 7.57 -6.53 -28.15
CA THR C 549 8.88 -6.49 -28.78
C THR C 549 9.39 -7.91 -28.93
N GLY C 550 10.01 -8.20 -30.06
CA GLY C 550 10.63 -9.50 -30.24
C GLY C 550 10.87 -9.83 -31.69
N VAL C 551 11.40 -11.03 -31.90
CA VAL C 551 11.71 -11.54 -33.23
C VAL C 551 10.46 -12.16 -33.84
N LEU C 552 10.15 -11.79 -35.07
CA LEU C 552 9.10 -12.43 -35.83
C LEU C 552 9.72 -13.50 -36.72
N THR C 553 9.17 -14.71 -36.66
CA THR C 553 9.74 -15.86 -37.34
C THR C 553 8.65 -16.57 -38.12
N GLU C 554 9.04 -17.19 -39.24
CA GLU C 554 8.10 -17.96 -40.05
C GLU C 554 7.49 -19.08 -39.22
N SER C 555 6.20 -19.31 -39.42
CA SER C 555 5.42 -20.20 -38.58
C SER C 555 5.09 -21.50 -39.29
N ASN C 556 5.03 -22.58 -38.51
CA ASN C 556 4.53 -23.86 -38.98
C ASN C 556 3.15 -24.19 -38.44
N LYS C 557 2.79 -23.66 -37.27
CA LYS C 557 1.48 -23.90 -36.69
C LYS C 557 0.39 -23.25 -37.55
N LYS C 558 -0.73 -23.95 -37.67
CA LYS C 558 -1.86 -23.49 -38.48
C LYS C 558 -2.96 -23.00 -37.55
N PHE C 559 -3.40 -21.77 -37.77
CA PHE C 559 -4.45 -21.16 -36.97
C PHE C 559 -5.81 -21.58 -37.51
N LEU C 560 -6.87 -20.97 -36.98
CA LEU C 560 -8.21 -21.08 -37.53
C LEU C 560 -8.58 -19.78 -38.24
N PRO C 561 -9.51 -19.83 -39.20
CA PRO C 561 -9.78 -18.63 -40.01
C PRO C 561 -10.09 -17.38 -39.21
N PHE C 562 -10.82 -17.48 -38.11
CA PHE C 562 -11.20 -16.31 -37.34
C PHE C 562 -10.15 -15.90 -36.31
N GLN C 563 -9.16 -16.75 -36.05
CA GLN C 563 -8.22 -16.53 -34.97
C GLN C 563 -7.15 -15.53 -35.38
N GLN C 564 -6.84 -14.58 -34.50
CA GLN C 564 -5.87 -13.54 -34.77
C GLN C 564 -4.60 -13.68 -33.95
N PHE C 565 -4.71 -13.71 -32.63
CA PHE C 565 -3.56 -13.78 -31.76
C PHE C 565 -3.19 -15.25 -31.52
N GLY C 566 -2.23 -15.49 -30.63
CA GLY C 566 -1.87 -16.83 -30.24
C GLY C 566 -1.18 -16.84 -28.89
N ARG C 567 -1.65 -17.68 -27.98
CA ARG C 567 -1.11 -17.74 -26.63
C ARG C 567 -0.76 -19.19 -26.28
N ASP C 568 0.40 -19.35 -25.65
CA ASP C 568 0.84 -20.63 -25.15
C ASP C 568 0.50 -20.74 -23.66
N ILE C 569 1.04 -21.77 -23.01
CA ILE C 569 0.85 -21.92 -21.57
C ILE C 569 1.35 -20.66 -20.86
N ALA C 570 0.65 -20.30 -19.78
CA ALA C 570 0.87 -19.12 -18.93
C ALA C 570 0.34 -17.85 -19.57
N ASP C 571 -0.39 -17.96 -20.68
CA ASP C 571 -1.14 -16.85 -21.27
C ASP C 571 -0.21 -15.69 -21.65
N THR C 572 0.73 -15.98 -22.54
CA THR C 572 1.58 -14.96 -23.12
C THR C 572 1.67 -15.20 -24.63
N THR C 573 1.81 -14.11 -25.38
CA THR C 573 1.72 -14.18 -26.82
C THR C 573 2.93 -14.92 -27.40
N ASP C 574 2.66 -15.92 -28.23
CA ASP C 574 3.70 -16.71 -28.87
C ASP C 574 3.62 -16.73 -30.39
N ALA C 575 2.48 -16.35 -30.96
CA ALA C 575 2.31 -16.29 -32.39
C ALA C 575 1.33 -15.18 -32.73
N VAL C 576 1.36 -14.74 -33.98
CA VAL C 576 0.52 -13.63 -34.41
C VAL C 576 0.25 -13.79 -35.91
N ARG C 577 -0.87 -13.21 -36.35
CA ARG C 577 -1.26 -13.29 -37.76
C ARG C 577 -1.09 -11.92 -38.44
N ILE C 584 1.04 -15.73 -40.74
CA ILE C 584 1.21 -16.13 -39.35
C ILE C 584 2.69 -16.14 -38.99
N LEU C 585 3.04 -15.44 -37.92
CA LEU C 585 4.41 -15.31 -37.47
C LEU C 585 4.51 -15.60 -35.98
N ASP C 586 5.56 -16.30 -35.59
CA ASP C 586 5.85 -16.53 -34.18
C ASP C 586 6.65 -15.37 -33.60
N ILE C 587 6.31 -15.00 -32.37
CA ILE C 587 6.97 -13.93 -31.64
C ILE C 587 7.86 -14.56 -30.58
N THR C 588 9.16 -14.43 -30.75
CA THR C 588 10.14 -14.96 -29.81
C THR C 588 11.05 -13.84 -29.35
N PRO C 589 11.05 -13.47 -28.07
CA PRO C 589 11.86 -12.32 -27.64
C PRO C 589 13.34 -12.60 -27.80
N CYS C 590 14.07 -11.62 -28.33
CA CYS C 590 15.45 -11.86 -28.70
C CYS C 590 16.31 -12.05 -27.45
N SER C 591 17.53 -12.56 -27.69
CA SER C 591 18.37 -13.10 -26.63
C SER C 591 18.64 -12.09 -25.52
N PHE C 592 18.10 -12.37 -24.35
CA PHE C 592 18.41 -11.64 -23.13
C PHE C 592 18.84 -12.63 -22.07
N GLY C 593 19.69 -12.18 -21.16
CA GLY C 593 20.17 -13.08 -20.14
C GLY C 593 21.05 -12.36 -19.15
N GLY C 594 21.82 -13.14 -18.41
CA GLY C 594 22.78 -12.62 -17.46
C GLY C 594 24.18 -12.65 -18.03
N VAL C 595 25.03 -11.76 -17.54
CA VAL C 595 26.45 -11.74 -17.89
C VAL C 595 27.24 -11.78 -16.59
N SER C 596 28.14 -12.75 -16.51
CA SER C 596 28.99 -12.96 -15.35
C SER C 596 30.45 -12.86 -15.77
N VAL C 597 31.31 -12.46 -14.83
CA VAL C 597 32.71 -12.22 -15.10
C VAL C 597 33.52 -13.24 -14.32
N ILE C 598 34.25 -14.09 -15.03
CA ILE C 598 35.10 -15.11 -14.43
C ILE C 598 36.49 -14.53 -14.27
N THR C 599 36.95 -14.41 -13.04
CA THR C 599 38.25 -13.83 -12.78
C THR C 599 39.07 -14.78 -11.90
N PRO C 600 40.37 -14.88 -12.15
CA PRO C 600 41.23 -15.66 -11.25
C PRO C 600 41.55 -14.93 -9.96
N GLY C 601 41.04 -13.72 -9.77
CA GLY C 601 41.39 -12.90 -8.65
C GLY C 601 42.34 -11.79 -9.05
N THR C 602 42.07 -10.57 -8.63
CA THR C 602 42.96 -9.46 -8.94
C THR C 602 44.35 -9.70 -8.34
N ASN C 603 44.42 -10.46 -7.25
CA ASN C 603 45.69 -10.73 -6.59
C ASN C 603 46.68 -11.44 -7.52
N THR C 604 46.20 -12.29 -8.41
CA THR C 604 47.08 -13.07 -9.28
C THR C 604 47.10 -12.62 -10.73
N SER C 605 46.05 -11.98 -11.22
CA SER C 605 46.00 -11.56 -12.61
C SER C 605 45.03 -10.40 -12.75
N ASN C 606 44.89 -9.93 -13.98
CA ASN C 606 44.01 -8.80 -14.28
C ASN C 606 43.03 -9.12 -15.40
N GLN C 607 43.37 -10.01 -16.32
CA GLN C 607 42.47 -10.37 -17.40
C GLN C 607 41.36 -11.30 -16.90
N VAL C 608 40.19 -11.17 -17.51
CA VAL C 608 39.00 -11.90 -17.09
C VAL C 608 38.32 -12.48 -18.32
N ALA C 609 37.51 -13.51 -18.10
CA ALA C 609 36.62 -14.05 -19.10
C ALA C 609 35.20 -13.61 -18.79
N VAL C 610 34.31 -13.71 -19.77
CA VAL C 610 32.94 -13.26 -19.63
C VAL C 610 32.01 -14.34 -20.14
N LEU C 611 31.05 -14.73 -19.31
CA LEU C 611 30.03 -15.72 -19.67
C LEU C 611 28.71 -15.01 -19.88
N TYR C 612 28.16 -15.12 -21.09
CA TYR C 612 26.79 -14.70 -21.37
C TYR C 612 25.92 -15.95 -21.25
N GLN C 613 25.10 -15.99 -20.21
CA GLN C 613 24.35 -17.20 -19.91
C GLN C 613 23.15 -17.36 -20.83
N ASP C 614 22.94 -18.60 -21.29
CA ASP C 614 21.77 -18.96 -22.10
C ASP C 614 21.65 -18.10 -23.35
N VAL C 615 22.79 -17.79 -23.97
CA VAL C 615 22.84 -16.99 -25.18
C VAL C 615 23.64 -17.75 -26.23
N ASN C 616 23.02 -17.99 -27.38
CA ASN C 616 23.73 -18.56 -28.52
C ASN C 616 24.60 -17.45 -29.10
N CYS C 617 25.87 -17.44 -28.73
CA CYS C 617 26.74 -16.31 -29.04
C CYS C 617 27.18 -16.27 -30.50
N THR C 618 26.58 -17.09 -31.37
CA THR C 618 26.70 -16.82 -32.80
C THR C 618 26.04 -15.50 -33.16
N GLU C 619 25.22 -14.96 -32.27
CA GLU C 619 24.58 -13.66 -32.46
C GLU C 619 25.49 -12.52 -32.00
N VAL C 620 25.87 -12.53 -30.73
CA VAL C 620 26.68 -11.44 -30.17
C VAL C 620 28.09 -11.50 -30.73
N ASN C 641 39.00 -17.24 -29.18
CA ASN C 641 38.86 -17.46 -27.75
C ASN C 641 37.40 -17.41 -27.31
N VAL C 642 36.50 -17.87 -28.17
CA VAL C 642 35.08 -17.92 -27.90
C VAL C 642 34.65 -19.37 -27.88
N PHE C 643 34.00 -19.79 -26.79
CA PHE C 643 33.63 -21.19 -26.58
C PHE C 643 32.16 -21.25 -26.24
N GLN C 644 31.46 -22.27 -26.73
CA GLN C 644 30.03 -22.42 -26.52
C GLN C 644 29.78 -23.58 -25.57
N THR C 645 29.26 -23.27 -24.39
CA THR C 645 28.89 -24.27 -23.40
C THR C 645 27.37 -24.33 -23.27
N ARG C 646 26.89 -25.41 -22.67
CA ARG C 646 25.45 -25.54 -22.45
C ARG C 646 24.93 -24.45 -21.51
N ALA C 647 25.81 -23.83 -20.73
CA ALA C 647 25.43 -22.74 -19.85
C ALA C 647 25.52 -21.37 -20.52
N GLY C 648 25.93 -21.31 -21.77
CA GLY C 648 26.04 -20.03 -22.46
C GLY C 648 27.24 -19.91 -23.36
N CYS C 649 27.80 -18.72 -23.47
CA CYS C 649 29.01 -18.50 -24.25
C CYS C 649 30.08 -17.85 -23.40
N LEU C 650 31.28 -18.41 -23.45
CA LEU C 650 32.41 -17.95 -22.66
C LEU C 650 33.42 -17.31 -23.60
N ILE C 651 33.72 -16.04 -23.38
CA ILE C 651 34.60 -15.26 -24.24
C ILE C 651 35.79 -14.81 -23.39
N GLY C 652 36.99 -15.14 -23.85
CA GLY C 652 38.21 -14.81 -23.14
C GLY C 652 38.98 -16.00 -22.62
N ALA C 653 38.48 -17.22 -22.79
CA ALA C 653 39.12 -18.42 -22.29
C ALA C 653 39.33 -19.41 -23.42
N GLU C 654 40.50 -20.02 -23.45
CA GLU C 654 40.83 -21.02 -24.47
C GLU C 654 40.41 -22.39 -24.00
N HIS C 655 39.65 -23.10 -24.85
CA HIS C 655 39.14 -24.44 -24.44
C HIS C 655 40.25 -25.47 -24.47
N VAL C 656 40.87 -25.76 -23.33
CA VAL C 656 41.90 -26.84 -23.26
C VAL C 656 41.17 -28.19 -23.43
N ASN C 657 41.71 -29.24 -24.13
CA ASN C 657 41.07 -30.54 -24.28
C ASN C 657 41.46 -31.53 -23.19
N ASN C 658 42.02 -31.01 -22.07
CA ASN C 658 42.31 -31.93 -20.93
C ASN C 658 41.25 -31.81 -19.83
N SER C 659 41.37 -32.63 -18.78
CA SER C 659 40.42 -32.62 -17.64
C SER C 659 41.15 -32.43 -16.31
N TYR C 660 40.88 -31.34 -15.60
CA TYR C 660 41.48 -31.13 -14.29
C TYR C 660 40.39 -30.91 -13.25
N GLU C 661 40.71 -31.23 -12.00
CA GLU C 661 39.85 -30.87 -10.88
C GLU C 661 39.88 -29.36 -10.73
N CYS C 662 38.77 -28.69 -11.08
CA CYS C 662 38.77 -27.26 -11.30
C CYS C 662 38.26 -26.50 -10.07
N ASP C 663 38.36 -25.18 -10.16
CA ASP C 663 38.09 -24.27 -9.05
C ASP C 663 36.99 -23.27 -9.33
N ILE C 664 36.87 -22.77 -10.56
CA ILE C 664 35.81 -21.82 -10.89
C ILE C 664 34.77 -22.53 -11.72
N PRO C 665 33.62 -22.90 -11.14
CA PRO C 665 32.63 -23.67 -11.88
C PRO C 665 31.73 -22.78 -12.73
N ILE C 666 31.47 -23.24 -13.95
CA ILE C 666 30.65 -22.50 -14.90
C ILE C 666 29.29 -23.17 -15.02
N GLY C 667 29.29 -24.43 -15.43
CA GLY C 667 28.05 -25.18 -15.54
C GLY C 667 28.15 -26.26 -16.59
N ALA C 668 27.24 -27.21 -16.50
CA ALA C 668 27.15 -28.34 -17.43
C ALA C 668 28.46 -29.14 -17.47
N GLY C 669 29.15 -29.22 -16.34
CA GLY C 669 30.40 -29.92 -16.27
C GLY C 669 31.59 -29.15 -16.76
N ILE C 670 31.39 -27.94 -17.28
CA ILE C 670 32.45 -27.11 -17.83
C ILE C 670 32.83 -26.05 -16.80
N CYS C 671 34.12 -25.85 -16.60
CA CYS C 671 34.60 -24.89 -15.62
C CYS C 671 35.94 -24.34 -16.07
N ALA C 672 36.31 -23.20 -15.50
CA ALA C 672 37.45 -22.43 -15.93
C ALA C 672 38.51 -22.38 -14.83
N SER C 673 39.74 -22.12 -15.24
CA SER C 673 40.87 -22.02 -14.33
C SER C 673 41.95 -21.17 -14.99
N TYR C 674 43.09 -21.03 -14.31
CA TYR C 674 44.18 -20.19 -14.79
C TYR C 674 45.43 -21.03 -15.04
N SER C 691 46.95 -17.33 -18.51
CA SER C 691 45.86 -17.51 -19.46
C SER C 691 44.70 -18.30 -18.84
N ILE C 692 43.49 -17.85 -19.09
CA ILE C 692 42.30 -18.53 -18.58
C ILE C 692 41.93 -19.66 -19.54
N ILE C 693 41.68 -20.84 -19.00
CA ILE C 693 41.32 -22.00 -19.80
C ILE C 693 39.99 -22.55 -19.30
N ALA C 694 39.25 -23.18 -20.22
CA ALA C 694 37.97 -23.79 -19.92
C ALA C 694 38.02 -25.26 -20.30
N TYR C 695 37.46 -26.11 -19.44
CA TYR C 695 37.60 -27.55 -19.64
C TYR C 695 36.52 -28.27 -18.84
N THR C 696 36.31 -29.53 -19.19
CA THR C 696 35.35 -30.37 -18.51
C THR C 696 35.95 -30.92 -17.22
N MET C 697 35.15 -30.97 -16.16
CA MET C 697 35.60 -31.42 -14.86
C MET C 697 36.17 -32.83 -14.95
N SER C 698 37.10 -33.13 -14.04
CA SER C 698 37.62 -34.47 -13.86
C SER C 698 37.18 -34.96 -12.49
N LEU C 699 36.52 -36.11 -12.45
CA LEU C 699 35.97 -36.62 -11.19
C LEU C 699 37.07 -37.08 -10.23
N GLY C 700 38.25 -37.39 -10.74
CA GLY C 700 39.35 -37.77 -9.90
C GLY C 700 40.21 -38.82 -10.58
N ALA C 701 41.04 -39.47 -9.77
CA ALA C 701 41.92 -40.52 -10.28
C ALA C 701 41.09 -41.66 -10.85
N GLU C 702 41.58 -42.24 -11.94
CA GLU C 702 40.90 -43.30 -12.65
C GLU C 702 41.62 -44.61 -12.35
N ASN C 703 41.21 -45.28 -11.28
CA ASN C 703 41.86 -46.51 -10.84
C ASN C 703 40.84 -47.62 -10.70
N SER C 704 41.23 -48.82 -11.13
CA SER C 704 40.39 -50.01 -11.00
C SER C 704 41.08 -50.98 -10.05
N VAL C 705 40.38 -51.35 -8.98
CA VAL C 705 40.93 -52.28 -8.01
C VAL C 705 41.14 -53.63 -8.66
N ALA C 706 42.22 -54.31 -8.31
CA ALA C 706 42.56 -55.60 -8.90
C ALA C 706 41.69 -56.71 -8.31
N TYR C 707 40.38 -56.58 -8.54
CA TYR C 707 39.45 -57.56 -8.01
C TYR C 707 39.65 -58.91 -8.65
N SER C 708 39.47 -59.95 -7.84
CA SER C 708 39.64 -61.32 -8.31
C SER C 708 39.04 -62.26 -7.28
N ASN C 709 38.93 -63.52 -7.67
CA ASN C 709 38.71 -64.57 -6.69
C ASN C 709 39.97 -64.75 -5.85
N ASN C 710 39.78 -65.33 -4.67
CA ASN C 710 40.87 -65.74 -3.75
C ASN C 710 42.04 -64.76 -3.73
N SER C 711 41.72 -63.48 -3.62
CA SER C 711 42.76 -62.45 -3.53
C SER C 711 42.25 -61.33 -2.63
N ILE C 712 42.99 -61.05 -1.56
CA ILE C 712 42.63 -60.00 -0.63
C ILE C 712 43.81 -59.05 -0.49
N ALA C 713 43.51 -57.83 -0.05
CA ALA C 713 44.51 -56.81 0.25
C ALA C 713 44.34 -56.41 1.70
N ILE C 714 45.35 -56.70 2.51
CA ILE C 714 45.31 -56.46 3.95
C ILE C 714 46.35 -55.38 4.28
N PRO C 715 45.98 -54.35 5.03
CA PRO C 715 46.97 -53.33 5.41
C PRO C 715 47.98 -53.90 6.38
N THR C 716 49.21 -53.40 6.29
CA THR C 716 50.28 -53.78 7.19
C THR C 716 50.75 -52.63 8.05
N ASN C 717 50.10 -51.46 7.98
CA ASN C 717 50.48 -50.31 8.77
C ASN C 717 49.27 -49.40 8.90
N PHE C 718 49.44 -48.30 9.63
CA PHE C 718 48.33 -47.39 9.87
C PHE C 718 48.86 -45.98 10.06
N THR C 719 47.96 -45.02 9.89
CA THR C 719 48.24 -43.61 10.16
C THR C 719 47.14 -43.06 11.06
N ILE C 720 47.56 -42.31 12.08
CA ILE C 720 46.63 -41.68 13.01
C ILE C 720 46.39 -40.26 12.50
N SER C 721 45.26 -40.07 11.85
CA SER C 721 44.91 -38.81 11.22
C SER C 721 44.08 -37.95 12.16
N VAL C 722 44.22 -36.63 12.02
CA VAL C 722 43.40 -35.68 12.76
C VAL C 722 42.77 -34.71 11.76
N THR C 723 41.46 -34.57 11.82
CA THR C 723 40.70 -33.77 10.87
C THR C 723 39.89 -32.72 11.62
N THR C 724 39.85 -31.51 11.09
CA THR C 724 39.16 -30.40 11.70
C THR C 724 37.81 -30.18 11.03
N GLU C 725 36.74 -30.20 11.84
CA GLU C 725 35.38 -29.97 11.35
C GLU C 725 34.77 -28.82 12.14
N ILE C 726 34.33 -27.78 11.44
CA ILE C 726 33.90 -26.55 12.08
C ILE C 726 32.40 -26.39 11.87
N LEU C 727 31.66 -26.25 12.97
CA LEU C 727 30.21 -26.20 12.93
C LEU C 727 29.71 -24.95 13.65
N PRO C 728 28.92 -24.10 13.00
CA PRO C 728 28.28 -22.99 13.72
C PRO C 728 27.34 -23.52 14.79
N VAL C 729 27.31 -22.83 15.93
CA VAL C 729 26.48 -23.25 17.04
C VAL C 729 25.41 -22.21 17.32
N SER C 730 25.74 -20.93 17.09
CA SER C 730 24.79 -19.86 17.35
C SER C 730 25.17 -18.66 16.51
N MET C 731 24.23 -17.72 16.41
CA MET C 731 24.46 -16.46 15.72
C MET C 731 24.14 -15.31 16.66
N THR C 732 24.55 -14.10 16.28
CA THR C 732 24.41 -12.95 17.14
C THR C 732 22.94 -12.65 17.42
N LYS C 733 22.66 -12.24 18.65
CA LYS C 733 21.30 -11.95 19.10
C LYS C 733 21.02 -10.48 18.80
N THR C 734 20.23 -10.24 17.75
CA THR C 734 19.90 -8.88 17.33
C THR C 734 18.42 -8.63 17.55
N SER C 735 18.11 -7.53 18.23
CA SER C 735 16.73 -7.15 18.50
C SER C 735 16.50 -5.73 18.02
N VAL C 736 15.48 -5.55 17.18
CA VAL C 736 15.14 -4.25 16.61
C VAL C 736 13.72 -3.92 17.01
N ASP C 737 13.54 -2.85 17.77
CA ASP C 737 12.20 -2.39 18.11
C ASP C 737 11.56 -1.70 16.91
N CYS C 738 10.37 -2.16 16.54
CA CYS C 738 9.71 -1.65 15.34
C CYS C 738 9.26 -0.20 15.54
N THR C 739 8.78 0.13 16.74
CA THR C 739 8.14 1.42 16.96
C THR C 739 9.09 2.57 16.69
N MET C 740 10.34 2.47 17.15
CA MET C 740 11.29 3.56 16.97
C MET C 740 12.12 3.42 15.72
N TYR C 741 12.24 2.22 15.16
CA TYR C 741 12.93 2.09 13.88
C TYR C 741 12.09 2.65 12.74
N ILE C 742 10.78 2.42 12.76
CA ILE C 742 9.95 2.85 11.64
C ILE C 742 9.78 4.36 11.66
N CYS C 743 9.43 4.92 12.82
CA CYS C 743 9.10 6.34 12.93
C CYS C 743 10.30 7.18 13.37
N GLY C 744 10.86 6.86 14.53
CA GLY C 744 12.00 7.61 15.01
C GLY C 744 11.65 8.94 15.69
N ASP C 745 10.96 8.85 16.82
CA ASP C 745 10.67 10.01 17.67
C ASP C 745 9.81 11.04 16.95
N SER C 746 8.61 10.61 16.56
CA SER C 746 7.59 11.49 16.02
C SER C 746 6.25 10.99 16.53
N THR C 747 5.63 11.72 17.45
CA THR C 747 4.45 11.21 18.14
C THR C 747 3.28 11.02 17.17
N GLU C 748 3.16 11.89 16.17
CA GLU C 748 2.10 11.72 15.18
C GLU C 748 2.38 10.53 14.27
N CYS C 749 3.65 10.27 13.94
CA CYS C 749 3.98 9.08 13.18
C CYS C 749 3.61 7.82 13.95
N SER C 750 3.93 7.77 15.23
CA SER C 750 3.54 6.61 16.05
C SER C 750 2.03 6.52 16.17
N ASN C 751 1.35 7.66 16.25
CA ASN C 751 -0.11 7.66 16.35
C ASN C 751 -0.73 7.06 15.09
N LEU C 752 -0.20 7.40 13.92
CA LEU C 752 -0.76 6.83 12.70
C LEU C 752 -0.19 5.45 12.39
N LEU C 753 0.84 5.02 13.09
CA LEU C 753 1.35 3.66 12.93
C LEU C 753 0.65 2.67 13.84
N LEU C 754 0.22 3.09 15.03
CA LEU C 754 -0.43 2.17 15.96
C LEU C 754 -1.77 1.67 15.44
N GLN C 755 -2.30 2.27 14.39
CA GLN C 755 -3.52 1.81 13.75
C GLN C 755 -3.27 0.76 12.68
N TYR C 756 -2.02 0.31 12.53
CA TYR C 756 -1.70 -0.83 11.68
C TYR C 756 -1.81 -2.16 12.41
N GLY C 757 -2.18 -2.14 13.69
CA GLY C 757 -2.36 -3.36 14.44
C GLY C 757 -1.11 -3.77 15.20
N SER C 758 -1.04 -5.06 15.51
CA SER C 758 0.06 -5.61 16.29
C SER C 758 1.19 -6.10 15.40
N PHE C 759 1.65 -5.24 14.48
CA PHE C 759 2.79 -5.59 13.64
C PHE C 759 4.09 -5.47 14.40
N CYS C 760 4.22 -4.47 15.27
CA CYS C 760 5.43 -4.33 16.07
C CYS C 760 5.59 -5.51 17.02
N THR C 761 4.50 -5.94 17.65
CA THR C 761 4.57 -7.00 18.65
C THR C 761 5.05 -8.31 18.03
N GLN C 762 4.51 -8.66 16.86
CA GLN C 762 4.92 -9.90 16.20
C GLN C 762 6.41 -9.90 15.88
N LEU C 763 6.91 -8.79 15.33
CA LEU C 763 8.32 -8.73 14.94
C LEU C 763 9.22 -8.78 16.16
N ASN C 764 8.88 -8.02 17.20
CA ASN C 764 9.71 -8.03 18.41
C ASN C 764 9.72 -9.40 19.05
N ARG C 765 8.56 -10.07 19.09
CA ARG C 765 8.51 -11.41 19.65
C ARG C 765 9.29 -12.41 18.82
N ALA C 766 9.24 -12.29 17.49
CA ALA C 766 10.03 -13.19 16.65
C ALA C 766 11.51 -13.02 16.93
N LEU C 767 11.98 -11.77 17.04
CA LEU C 767 13.39 -11.54 17.33
C LEU C 767 13.77 -12.07 18.71
N THR C 768 12.90 -11.87 19.71
CA THR C 768 13.19 -12.38 21.04
C THR C 768 13.25 -13.90 21.05
N GLY C 769 12.33 -14.55 20.34
CA GLY C 769 12.38 -16.00 20.23
C GLY C 769 13.64 -16.49 19.56
N ILE C 770 14.10 -15.77 18.53
CA ILE C 770 15.36 -16.12 17.89
C ILE C 770 16.51 -16.03 18.88
N ALA C 771 16.54 -14.97 19.68
CA ALA C 771 17.62 -14.81 20.67
C ALA C 771 17.61 -15.93 21.69
N VAL C 772 16.43 -16.25 22.23
CA VAL C 772 16.32 -17.34 23.20
C VAL C 772 16.74 -18.66 22.57
N GLU C 773 16.38 -18.85 21.30
CA GLU C 773 16.78 -20.06 20.58
C GLU C 773 18.29 -20.14 20.45
N GLN C 774 18.96 -19.01 20.21
CA GLN C 774 20.42 -19.02 20.13
C GLN C 774 21.04 -19.42 21.46
N ASP C 775 20.52 -18.86 22.56
CA ASP C 775 21.04 -19.25 23.88
C ASP C 775 20.81 -20.72 24.14
N LYS C 776 19.64 -21.24 23.75
CA LYS C 776 19.36 -22.66 23.91
C LYS C 776 20.31 -23.51 23.09
N ASN C 777 20.61 -23.08 21.86
CA ASN C 777 21.56 -23.81 21.03
C ASN C 777 22.92 -23.91 21.69
N THR C 778 23.43 -22.79 22.18
CA THR C 778 24.75 -22.79 22.82
C THR C 778 24.76 -23.70 24.04
N GLN C 779 23.73 -23.60 24.89
CA GLN C 779 23.67 -24.42 26.09
C GLN C 779 23.54 -25.90 25.74
N GLU C 780 22.73 -26.23 24.74
CA GLU C 780 22.55 -27.62 24.34
C GLU C 780 23.84 -28.22 23.81
N VAL C 781 24.60 -27.45 23.03
CA VAL C 781 25.84 -27.99 22.47
C VAL C 781 26.90 -28.15 23.56
N PHE C 782 27.04 -27.16 24.44
CA PHE C 782 28.23 -27.11 25.29
C PHE C 782 28.01 -27.59 26.71
N ALA C 783 26.77 -27.71 27.19
CA ALA C 783 26.50 -28.10 28.57
C ALA C 783 26.21 -29.58 28.70
N GLN C 784 26.90 -30.42 27.92
CA GLN C 784 26.72 -31.86 28.04
C GLN C 784 27.13 -32.37 29.42
N VAL C 785 28.25 -31.87 29.93
CA VAL C 785 28.75 -32.32 31.23
C VAL C 785 27.98 -31.62 32.35
N LYS C 786 27.98 -32.27 33.52
CA LYS C 786 27.42 -31.68 34.73
C LYS C 786 28.48 -31.22 35.72
N GLN C 787 29.74 -31.59 35.51
CA GLN C 787 30.82 -31.24 36.42
C GLN C 787 31.97 -30.65 35.62
N ILE C 788 32.78 -29.83 36.29
CA ILE C 788 33.92 -29.17 35.67
C ILE C 788 35.16 -29.95 36.09
N TYR C 789 35.59 -30.87 35.24
CA TYR C 789 36.75 -31.70 35.54
C TYR C 789 38.05 -30.94 35.29
N LYS C 790 39.13 -31.45 35.86
CA LYS C 790 40.47 -30.94 35.61
C LYS C 790 41.40 -32.10 35.31
N THR C 791 42.37 -31.85 34.42
CA THR C 791 43.45 -32.79 34.21
C THR C 791 44.42 -32.76 35.38
N PRO C 792 45.10 -33.86 35.65
CA PRO C 792 46.03 -33.90 36.79
C PRO C 792 47.23 -33.00 36.54
N PRO C 793 47.91 -32.54 37.59
CA PRO C 793 49.08 -31.67 37.38
C PRO C 793 50.17 -32.30 36.54
N ILE C 794 50.39 -33.59 36.68
CA ILE C 794 51.41 -34.30 35.91
C ILE C 794 50.76 -34.89 34.66
N LYS C 795 51.28 -34.50 33.50
CA LYS C 795 50.67 -34.86 32.22
C LYS C 795 51.40 -36.08 31.66
N ASP C 796 51.05 -37.25 32.16
CA ASP C 796 51.64 -38.52 31.72
C ASP C 796 50.58 -39.38 31.05
N PHE C 797 50.34 -39.12 29.76
CA PHE C 797 49.31 -39.80 29.00
C PHE C 797 49.90 -40.82 28.03
N GLY C 798 50.96 -41.52 28.46
CA GLY C 798 51.57 -42.53 27.64
C GLY C 798 52.23 -42.01 26.38
N GLY C 799 52.83 -40.82 26.43
CA GLY C 799 53.51 -40.25 25.30
C GLY C 799 52.70 -39.24 24.51
N PHE C 800 51.39 -39.16 24.74
CA PHE C 800 50.55 -38.26 23.97
C PHE C 800 50.65 -36.84 24.52
N ASN C 801 50.59 -35.87 23.61
CA ASN C 801 50.76 -34.46 23.94
C ASN C 801 49.48 -33.72 23.66
N PHE C 802 48.82 -33.23 24.71
CA PHE C 802 47.60 -32.44 24.60
C PHE C 802 47.81 -31.00 25.00
N SER C 803 49.05 -30.51 24.93
CA SER C 803 49.34 -29.16 25.40
C SER C 803 48.59 -28.11 24.58
N GLN C 804 48.47 -28.33 23.26
CA GLN C 804 47.85 -27.34 22.40
C GLN C 804 46.34 -27.25 22.60
N ILE C 805 45.70 -28.34 23.02
CA ILE C 805 44.25 -28.36 23.14
C ILE C 805 43.78 -28.25 24.58
N LEU C 806 44.69 -28.09 25.53
CA LEU C 806 44.34 -27.90 26.93
C LEU C 806 44.63 -26.48 27.36
N PRO C 807 43.95 -25.98 28.38
CA PRO C 807 44.25 -24.63 28.87
C PRO C 807 45.67 -24.53 29.37
N ASP C 808 46.27 -23.37 29.16
CA ASP C 808 47.68 -23.11 29.44
C ASP C 808 47.85 -22.23 30.67
N PRO C 809 48.96 -22.38 31.40
CA PRO C 809 49.17 -21.57 32.61
C PRO C 809 49.32 -20.09 32.34
N SER C 810 49.64 -19.68 31.11
CA SER C 810 49.80 -18.26 30.82
C SER C 810 48.50 -17.48 30.97
N LYS C 811 47.37 -18.18 30.95
CA LYS C 811 46.03 -17.60 31.15
C LYS C 811 45.73 -16.47 30.18
N PRO C 812 45.69 -16.71 28.86
CA PRO C 812 45.10 -15.71 27.95
C PRO C 812 43.60 -15.96 27.85
N SER C 813 42.89 -15.49 28.88
CA SER C 813 41.47 -15.81 29.10
C SER C 813 41.24 -17.29 29.32
N LYS C 814 42.24 -17.97 29.90
CA LYS C 814 42.18 -19.39 30.23
C LYS C 814 41.85 -20.22 28.98
N ARG C 815 42.42 -19.83 27.85
CA ARG C 815 42.08 -20.37 26.56
C ARG C 815 43.27 -21.10 25.96
N SER C 816 43.02 -22.16 25.23
CA SER C 816 44.09 -23.01 24.72
C SER C 816 44.75 -22.38 23.50
N PHE C 817 45.77 -23.06 23.00
CA PHE C 817 46.54 -22.57 21.86
C PHE C 817 45.70 -22.59 20.58
N ILE C 818 45.06 -23.72 20.30
CA ILE C 818 44.22 -23.84 19.11
C ILE C 818 43.01 -22.92 19.21
N GLU C 819 42.40 -22.84 20.39
CA GLU C 819 41.28 -21.94 20.58
C GLU C 819 41.70 -20.48 20.43
N ASP C 820 42.92 -20.15 20.87
CA ASP C 820 43.44 -18.80 20.65
C ASP C 820 43.58 -18.51 19.16
N LEU C 821 44.12 -19.47 18.41
CA LEU C 821 44.19 -19.32 16.96
C LEU C 821 42.82 -19.11 16.35
N LEU C 822 41.82 -19.87 16.81
CA LEU C 822 40.50 -19.79 16.21
C LEU C 822 39.80 -18.48 16.55
N PHE C 823 40.03 -17.95 17.76
CA PHE C 823 39.47 -16.65 18.11
C PHE C 823 40.18 -15.50 17.43
N ASN C 824 41.48 -15.66 17.13
CA ASN C 824 42.20 -14.62 16.39
C ASN C 824 41.86 -14.66 14.91
N LYS C 825 41.62 -15.85 14.35
CA LYS C 825 41.37 -15.98 12.91
C LYS C 825 40.07 -15.32 12.48
N VAL C 826 39.06 -15.27 13.34
CA VAL C 826 37.77 -14.67 13.01
C VAL C 826 37.80 -13.22 13.49
N THR C 827 37.64 -12.30 12.54
CA THR C 827 37.62 -10.87 12.83
C THR C 827 36.24 -10.32 12.50
N LEU C 828 35.65 -9.60 13.45
CA LEU C 828 34.31 -9.04 13.27
C LEU C 828 34.36 -7.82 12.36
N PHE C 855 22.35 1.98 14.82
CA PHE C 855 21.93 2.76 15.98
C PHE C 855 20.60 3.45 15.71
N ASN C 856 19.73 2.77 14.97
CA ASN C 856 18.41 3.26 14.63
C ASN C 856 17.31 2.38 15.22
N GLY C 857 17.48 1.98 16.48
CA GLY C 857 16.57 1.08 17.15
C GLY C 857 17.06 -0.34 17.27
N LEU C 858 18.16 -0.68 16.61
CA LEU C 858 18.70 -2.02 16.65
C LEU C 858 19.72 -2.14 17.78
N THR C 859 19.69 -3.29 18.45
CA THR C 859 20.63 -3.59 19.53
C THR C 859 21.09 -5.03 19.41
N VAL C 860 22.23 -5.32 20.01
CA VAL C 860 22.80 -6.66 20.04
C VAL C 860 22.86 -7.09 21.50
N LEU C 861 22.06 -8.06 21.86
CA LEU C 861 22.04 -8.57 23.22
C LEU C 861 23.22 -9.52 23.45
N PRO C 862 23.94 -9.37 24.57
CA PRO C 862 25.06 -10.27 24.82
C PRO C 862 24.57 -11.68 25.10
N PRO C 863 25.34 -12.70 24.74
CA PRO C 863 24.95 -14.07 25.05
C PRO C 863 25.00 -14.34 26.55
N LEU C 864 24.18 -15.31 26.98
CA LEU C 864 24.15 -15.67 28.39
C LEU C 864 25.48 -16.24 28.84
N LEU C 865 26.08 -17.10 28.03
CA LEU C 865 27.36 -17.72 28.36
C LEU C 865 28.48 -16.96 27.64
N THR C 866 29.39 -16.40 28.42
CA THR C 866 30.54 -15.74 27.83
C THR C 866 31.47 -16.76 27.19
N ASP C 867 32.36 -16.26 26.32
CA ASP C 867 33.30 -17.15 25.64
C ASP C 867 34.22 -17.85 26.64
N GLU C 868 34.50 -17.21 27.77
CA GLU C 868 35.29 -17.86 28.82
C GLU C 868 34.56 -19.07 29.39
N MET C 869 33.24 -18.96 29.57
CA MET C 869 32.48 -20.08 30.10
C MET C 869 32.41 -21.22 29.10
N ILE C 870 32.29 -20.91 27.81
CA ILE C 870 32.34 -21.95 26.79
C ILE C 870 33.71 -22.62 26.78
N ALA C 871 34.78 -21.83 26.95
CA ALA C 871 36.11 -22.41 27.04
C ALA C 871 36.23 -23.33 28.26
N GLN C 872 35.60 -22.95 29.36
CA GLN C 872 35.63 -23.80 30.55
C GLN C 872 34.86 -25.11 30.32
N TYR C 873 33.71 -25.04 29.65
CA TYR C 873 33.02 -26.26 29.23
C TYR C 873 33.91 -27.16 28.38
N THR C 874 34.59 -26.57 27.39
CA THR C 874 35.44 -27.38 26.53
C THR C 874 36.60 -27.99 27.31
N SER C 875 37.17 -27.24 28.25
CA SER C 875 38.23 -27.77 29.09
C SER C 875 37.72 -28.94 29.93
N ALA C 876 36.51 -28.83 30.47
CA ALA C 876 35.92 -29.93 31.22
C ALA C 876 35.74 -31.15 30.34
N LEU C 877 35.29 -30.94 29.10
CA LEU C 877 35.10 -32.06 28.17
C LEU C 877 36.41 -32.74 27.84
N LEU C 878 37.46 -31.96 27.57
CA LEU C 878 38.78 -32.54 27.35
C LEU C 878 39.27 -33.32 28.57
N ALA C 879 39.12 -32.74 29.76
CA ALA C 879 39.60 -33.43 30.95
C ALA C 879 38.87 -34.74 31.15
N GLY C 880 37.54 -34.74 30.97
CA GLY C 880 36.79 -35.96 31.10
C GLY C 880 37.18 -37.01 30.08
N THR C 881 37.33 -36.59 28.82
CA THR C 881 37.68 -37.54 27.77
C THR C 881 39.06 -38.14 28.00
N ILE C 882 40.03 -37.31 28.41
CA ILE C 882 41.38 -37.79 28.60
C ILE C 882 41.48 -38.70 29.82
N THR C 883 40.84 -38.33 30.93
CA THR C 883 41.04 -39.05 32.17
C THR C 883 40.06 -40.19 32.40
N SER C 884 38.94 -40.24 31.68
CA SER C 884 37.93 -41.27 31.92
C SER C 884 37.43 -41.98 30.68
N GLY C 885 37.61 -41.42 29.49
CA GLY C 885 37.10 -42.07 28.29
C GLY C 885 35.67 -41.69 28.05
N TRP C 886 34.84 -42.69 27.73
CA TRP C 886 33.42 -42.47 27.54
C TRP C 886 32.62 -42.62 28.82
N THR C 887 33.26 -42.92 29.94
CA THR C 887 32.54 -43.24 31.17
C THR C 887 31.91 -42.01 31.82
N PHE C 888 32.36 -40.80 31.49
CA PHE C 888 31.81 -39.61 32.11
C PHE C 888 30.58 -39.08 31.40
N GLY C 889 30.33 -39.52 30.16
CA GLY C 889 29.10 -39.19 29.48
C GLY C 889 27.97 -40.14 29.76
N ALA C 890 28.23 -41.22 30.50
CA ALA C 890 27.23 -42.20 30.86
C ALA C 890 27.10 -42.35 32.37
N GLY C 891 27.55 -41.37 33.13
CA GLY C 891 27.53 -41.44 34.58
C GLY C 891 28.63 -40.64 35.22
N ALA C 892 29.40 -41.26 36.11
CA ALA C 892 30.50 -40.60 36.79
C ALA C 892 31.82 -40.92 36.09
N ALA C 893 32.73 -39.96 36.12
CA ALA C 893 34.04 -40.15 35.49
C ALA C 893 34.83 -41.20 36.24
N LEU C 894 35.35 -42.17 35.50
CA LEU C 894 36.12 -43.29 36.07
C LEU C 894 37.51 -43.24 35.48
N GLN C 895 38.50 -42.92 36.33
CA GLN C 895 39.85 -42.76 35.83
C GLN C 895 40.36 -44.04 35.20
N ILE C 896 41.10 -43.91 34.11
CA ILE C 896 41.65 -45.03 33.36
C ILE C 896 42.87 -44.54 32.60
N PRO C 897 43.97 -45.28 32.57
CA PRO C 897 45.16 -44.81 31.84
C PRO C 897 44.84 -44.59 30.38
N PHE C 898 45.49 -43.55 29.81
CA PHE C 898 45.18 -43.18 28.43
C PHE C 898 45.57 -44.27 27.46
N ALA C 899 46.67 -44.97 27.72
CA ALA C 899 47.06 -46.07 26.86
C ALA C 899 45.99 -47.16 26.86
N MET C 900 45.41 -47.45 28.02
CA MET C 900 44.36 -48.46 28.09
C MET C 900 43.09 -48.00 27.38
N GLN C 901 42.74 -46.72 27.51
CA GLN C 901 41.57 -46.21 26.82
C GLN C 901 41.76 -46.29 25.30
N MET C 902 42.95 -45.93 24.82
CA MET C 902 43.21 -46.01 23.39
C MET C 902 43.26 -47.46 22.92
N ALA C 903 43.69 -48.38 23.79
CA ALA C 903 43.62 -49.80 23.46
C ALA C 903 42.17 -50.26 23.32
N TYR C 904 41.30 -49.83 24.23
CA TYR C 904 39.88 -50.12 24.08
C TYR C 904 39.33 -49.53 22.79
N ARG C 905 39.81 -48.35 22.42
CA ARG C 905 39.28 -47.71 21.23
C ARG C 905 39.75 -48.40 19.95
N PHE C 906 40.97 -48.93 19.94
CA PHE C 906 41.35 -49.84 18.85
C PHE C 906 40.49 -51.10 18.86
N ASN C 907 40.24 -51.68 20.03
CA ASN C 907 39.41 -52.87 20.09
C ASN C 907 38.00 -52.59 19.57
N GLY C 908 37.56 -51.33 19.67
CA GLY C 908 36.26 -50.97 19.16
C GLY C 908 36.16 -51.08 17.64
N ILE C 909 37.23 -50.74 16.93
CA ILE C 909 37.22 -50.73 15.48
C ILE C 909 37.77 -52.04 14.91
N GLY C 910 37.90 -53.07 15.72
CA GLY C 910 38.30 -54.37 15.24
C GLY C 910 39.78 -54.64 15.22
N VAL C 911 40.57 -53.88 15.96
CA VAL C 911 42.02 -54.06 16.02
C VAL C 911 42.39 -54.46 17.44
N THR C 912 43.16 -55.54 17.57
CA THR C 912 43.50 -56.07 18.87
C THR C 912 44.38 -55.08 19.64
N GLN C 913 44.41 -55.28 20.97
CA GLN C 913 45.14 -54.35 21.84
C GLN C 913 46.64 -54.44 21.64
N ASN C 914 47.15 -55.61 21.24
CA ASN C 914 48.59 -55.75 21.08
C ASN C 914 49.12 -54.81 20.02
N VAL C 915 48.28 -54.42 19.06
CA VAL C 915 48.72 -53.47 18.03
C VAL C 915 49.11 -52.14 18.68
N LEU C 916 48.27 -51.64 19.58
CA LEU C 916 48.62 -50.43 20.30
C LEU C 916 49.80 -50.66 21.25
N TYR C 917 49.72 -51.70 22.08
CA TYR C 917 50.73 -51.87 23.11
C TYR C 917 52.09 -52.25 22.57
N GLU C 918 52.18 -52.62 21.29
CA GLU C 918 53.45 -52.99 20.69
C GLU C 918 54.12 -51.83 19.97
N ASN C 919 53.36 -50.92 19.39
CA ASN C 919 53.90 -49.75 18.72
C ASN C 919 53.21 -48.50 19.23
N GLN C 920 53.13 -48.37 20.56
CA GLN C 920 52.54 -47.20 21.17
C GLN C 920 53.34 -45.93 20.85
N LYS C 921 54.66 -46.05 20.75
CA LYS C 921 55.49 -44.89 20.44
C LYS C 921 55.16 -44.35 19.05
N LEU C 922 54.98 -45.25 18.08
CA LEU C 922 54.62 -44.81 16.73
C LEU C 922 53.27 -44.11 16.71
N ILE C 923 52.30 -44.64 17.45
CA ILE C 923 50.98 -44.02 17.50
C ILE C 923 51.05 -42.64 18.14
N ALA C 924 51.81 -42.52 19.24
CA ALA C 924 51.95 -41.22 19.89
C ALA C 924 52.64 -40.22 18.99
N ASN C 925 53.70 -40.64 18.29
CA ASN C 925 54.40 -39.75 17.39
C ASN C 925 53.49 -39.30 16.25
N GLN C 926 52.70 -40.23 15.70
CA GLN C 926 51.77 -39.86 14.63
C GLN C 926 50.74 -38.87 15.13
N PHE C 927 50.20 -39.09 16.34
CA PHE C 927 49.20 -38.17 16.88
C PHE C 927 49.79 -36.78 17.09
N ASN C 928 51.00 -36.71 17.67
CA ASN C 928 51.62 -35.42 17.92
C ASN C 928 51.92 -34.69 16.61
N SER C 929 52.42 -35.41 15.61
CA SER C 929 52.68 -34.78 14.31
C SER C 929 51.38 -34.30 13.68
N ALA C 930 50.29 -35.05 13.83
CA ALA C 930 49.02 -34.63 13.29
C ALA C 930 48.52 -33.35 13.95
N ILE C 931 48.67 -33.26 15.28
CA ILE C 931 48.27 -32.05 15.99
C ILE C 931 49.11 -30.86 15.53
N GLY C 932 50.41 -31.07 15.36
CA GLY C 932 51.26 -30.01 14.86
C GLY C 932 50.85 -29.55 13.47
N LYS C 933 50.50 -30.51 12.60
CA LYS C 933 50.03 -30.14 11.27
C LYS C 933 48.71 -29.38 11.32
N ILE C 934 47.83 -29.72 12.26
CA ILE C 934 46.58 -28.98 12.40
C ILE C 934 46.87 -27.54 12.81
N GLN C 935 47.76 -27.34 13.77
CA GLN C 935 48.03 -25.97 14.21
C GLN C 935 48.76 -25.18 13.12
N ASP C 936 49.63 -25.83 12.35
CA ASP C 936 50.22 -25.15 11.20
C ASP C 936 49.17 -24.77 10.17
N SER C 937 48.22 -25.67 9.89
CA SER C 937 47.15 -25.36 8.94
C SER C 937 46.32 -24.18 9.41
N LEU C 938 45.99 -24.15 10.70
CA LEU C 938 45.20 -23.04 11.23
C LEU C 938 45.99 -21.74 11.23
N SER C 939 47.30 -21.80 11.48
CA SER C 939 48.11 -20.59 11.49
C SER C 939 48.28 -20.01 10.09
N SER C 940 48.61 -20.86 9.12
CA SER C 940 48.99 -20.39 7.79
C SER C 940 47.81 -20.37 6.82
N THR C 941 47.20 -21.53 6.60
CA THR C 941 46.13 -21.64 5.60
C THR C 941 44.92 -20.83 6.02
N ALA C 942 44.34 -20.11 5.06
CA ALA C 942 43.18 -19.26 5.30
C ALA C 942 41.91 -19.96 4.84
N SER C 943 40.76 -19.33 5.12
CA SER C 943 39.44 -19.82 4.73
C SER C 943 39.09 -21.16 5.36
N ALA C 944 39.80 -21.54 6.43
CA ALA C 944 39.47 -22.78 7.12
C ALA C 944 38.15 -22.66 7.87
N LEU C 945 37.91 -21.51 8.49
CA LEU C 945 36.70 -21.27 9.29
C LEU C 945 35.65 -20.54 8.48
N GLY C 946 35.52 -20.89 7.20
CA GLY C 946 34.69 -20.11 6.30
C GLY C 946 33.22 -20.10 6.67
N LYS C 947 32.73 -21.15 7.33
CA LYS C 947 31.31 -21.22 7.64
C LYS C 947 30.91 -20.18 8.68
N LEU C 948 31.69 -20.03 9.74
CA LEU C 948 31.40 -19.03 10.75
C LEU C 948 31.49 -17.62 10.18
N GLN C 949 32.50 -17.37 9.34
CA GLN C 949 32.63 -16.08 8.68
C GLN C 949 31.44 -15.82 7.78
N ASP C 950 30.95 -16.86 7.08
CA ASP C 950 29.77 -16.69 6.24
C ASP C 950 28.56 -16.31 7.06
N VAL C 951 28.37 -16.96 8.21
CA VAL C 951 27.22 -16.67 9.05
C VAL C 951 27.26 -15.22 9.52
N VAL C 952 28.40 -14.79 10.05
CA VAL C 952 28.49 -13.44 10.58
C VAL C 952 28.38 -12.43 9.43
N ASN C 953 28.92 -12.75 8.26
CA ASN C 953 28.83 -11.85 7.12
C ASN C 953 27.40 -11.68 6.64
N GLN C 954 26.63 -12.76 6.58
CA GLN C 954 25.26 -12.62 6.11
C GLN C 954 24.39 -11.89 7.13
N ASN C 955 24.65 -12.10 8.43
CA ASN C 955 23.95 -11.30 9.43
C ASN C 955 24.28 -9.81 9.28
N ALA C 956 25.57 -9.50 9.06
CA ALA C 956 25.97 -8.12 8.89
C ALA C 956 25.37 -7.51 7.63
N GLN C 957 25.30 -8.28 6.55
CA GLN C 957 24.69 -7.78 5.32
C GLN C 957 23.21 -7.52 5.52
N ALA C 958 22.52 -8.38 6.27
CA ALA C 958 21.11 -8.13 6.56
C ALA C 958 20.94 -6.83 7.33
N LEU C 959 21.75 -6.62 8.38
CA LEU C 959 21.64 -5.38 9.15
C LEU C 959 21.95 -4.17 8.30
N ASN C 960 23.01 -4.26 7.48
CA ASN C 960 23.42 -3.13 6.66
C ASN C 960 22.38 -2.78 5.62
N THR C 961 21.77 -3.78 4.98
CA THR C 961 20.74 -3.48 3.99
C THR C 961 19.48 -2.95 4.65
N LEU C 962 19.17 -3.39 5.88
CA LEU C 962 18.05 -2.79 6.60
C LEU C 962 18.30 -1.31 6.86
N VAL C 963 19.49 -0.97 7.36
CA VAL C 963 19.77 0.43 7.65
C VAL C 963 19.82 1.26 6.37
N LYS C 964 20.32 0.66 5.28
CA LYS C 964 20.29 1.35 3.99
C LYS C 964 18.85 1.61 3.56
N GLN C 965 17.97 0.63 3.75
CA GLN C 965 16.56 0.82 3.40
C GLN C 965 15.93 1.92 4.24
N LEU C 966 16.44 2.14 5.45
CA LEU C 966 15.93 3.24 6.27
C LEU C 966 16.07 4.59 5.56
N SER C 967 17.04 4.71 4.64
CA SER C 967 17.30 5.95 3.93
C SER C 967 16.72 5.95 2.52
N SER C 968 15.71 5.14 2.27
CA SER C 968 15.01 5.14 0.98
C SER C 968 13.72 5.93 1.09
N ASN C 969 13.25 6.41 -0.06
CA ASN C 969 12.15 7.36 -0.08
C ASN C 969 10.79 6.66 -0.20
N PHE C 970 10.75 5.50 -0.87
CA PHE C 970 9.52 4.71 -1.04
C PHE C 970 8.44 5.51 -1.77
N GLY C 971 8.84 6.37 -2.69
CA GLY C 971 7.91 7.07 -3.54
C GLY C 971 7.41 8.40 -3.03
N ALA C 972 7.76 8.79 -1.82
CA ALA C 972 7.33 10.08 -1.30
C ALA C 972 8.27 11.18 -1.82
N ILE C 973 8.01 12.41 -1.37
CA ILE C 973 8.85 13.53 -1.80
C ILE C 973 10.24 13.43 -1.17
N SER C 974 10.29 13.13 0.13
CA SER C 974 11.56 13.03 0.84
C SER C 974 11.53 11.83 1.77
N SER C 975 12.71 11.24 1.98
CA SER C 975 12.84 10.03 2.79
C SER C 975 12.93 10.32 4.28
N VAL C 976 13.16 11.57 4.68
CA VAL C 976 13.30 11.93 6.08
C VAL C 976 11.96 12.44 6.59
N LEU C 977 11.56 11.97 7.77
CA LEU C 977 10.22 12.25 8.27
C LEU C 977 10.07 13.71 8.69
N ASN C 978 11.14 14.31 9.22
CA ASN C 978 11.04 15.67 9.76
C ASN C 978 10.72 16.68 8.65
N ASP C 979 11.35 16.52 7.49
CA ASP C 979 11.07 17.43 6.37
C ASP C 979 9.62 17.33 5.93
N ILE C 980 9.09 16.11 5.82
CA ILE C 980 7.69 15.92 5.44
C ILE C 980 6.78 16.56 6.49
N LEU C 981 7.14 16.39 7.77
CA LEU C 981 6.33 16.97 8.84
C LEU C 981 6.32 18.49 8.78
N SER C 982 7.47 19.10 8.51
CA SER C 982 7.62 20.55 8.57
C SER C 982 7.39 21.24 7.24
N ARG C 983 7.06 20.51 6.18
CA ARG C 983 6.91 21.12 4.87
C ARG C 983 5.49 21.10 4.32
N LEU C 984 4.69 20.07 4.61
CA LEU C 984 3.40 19.89 3.97
C LEU C 984 2.26 20.03 4.97
N ASP C 985 1.06 20.22 4.43
CA ASP C 985 -0.15 20.30 5.23
C ASP C 985 -0.51 18.91 5.77
N PRO C 986 -1.29 18.85 6.84
CA PRO C 986 -1.53 17.57 7.54
C PRO C 986 -2.04 16.46 6.64
N PRO C 987 -2.96 16.73 5.67
CA PRO C 987 -3.42 15.63 4.81
C PRO C 987 -2.32 15.01 3.94
N GLU C 988 -1.66 15.82 3.14
CA GLU C 988 -0.59 15.30 2.30
C GLU C 988 0.56 14.78 3.13
N ALA C 989 0.87 15.47 4.24
CA ALA C 989 1.94 15.02 5.13
C ALA C 989 1.65 13.62 5.66
N GLU C 990 0.42 13.39 6.13
CA GLU C 990 0.09 12.08 6.65
C GLU C 990 0.04 11.02 5.55
N VAL C 991 -0.30 11.43 4.31
CA VAL C 991 -0.24 10.48 3.20
C VAL C 991 1.19 10.00 2.97
N GLN C 992 2.12 10.95 2.88
CA GLN C 992 3.52 10.56 2.70
C GLN C 992 4.04 9.76 3.88
N ILE C 993 3.68 10.18 5.11
CA ILE C 993 4.11 9.43 6.29
C ILE C 993 3.58 8.00 6.22
N ASP C 994 2.34 7.83 5.79
CA ASP C 994 1.76 6.50 5.70
C ASP C 994 2.51 5.65 4.68
N ARG C 995 2.93 6.24 3.57
CA ARG C 995 3.61 5.42 2.57
C ARG C 995 5.03 5.06 3.02
N LEU C 996 5.71 5.96 3.73
CA LEU C 996 6.95 5.56 4.39
C LEU C 996 6.71 4.46 5.43
N ILE C 997 5.59 4.53 6.16
CA ILE C 997 5.27 3.50 7.14
C ILE C 997 5.13 2.16 6.44
N THR C 998 4.41 2.13 5.32
CA THR C 998 4.25 0.89 4.57
C THR C 998 5.59 0.34 4.11
N GLY C 999 6.41 1.20 3.51
CA GLY C 999 7.71 0.74 3.03
C GLY C 999 8.59 0.20 4.13
N ARG C 1000 8.66 0.90 5.25
CA ARG C 1000 9.56 0.49 6.33
C ARG C 1000 9.04 -0.75 7.05
N LEU C 1001 7.72 -0.86 7.23
CA LEU C 1001 7.15 -2.09 7.77
C LEU C 1001 7.46 -3.27 6.88
N GLN C 1002 7.32 -3.09 5.57
CA GLN C 1002 7.60 -4.17 4.63
C GLN C 1002 9.07 -4.58 4.71
N SER C 1003 9.98 -3.61 4.79
CA SER C 1003 11.41 -3.93 4.90
C SER C 1003 11.70 -4.67 6.21
N LEU C 1004 11.14 -4.21 7.32
CA LEU C 1004 11.38 -4.86 8.60
C LEU C 1004 10.84 -6.28 8.61
N GLN C 1005 9.67 -6.49 8.01
CA GLN C 1005 9.10 -7.84 7.97
C GLN C 1005 9.95 -8.76 7.10
N THR C 1006 10.50 -8.23 6.00
CA THR C 1006 11.44 -9.01 5.20
C THR C 1006 12.65 -9.42 6.03
N TYR C 1007 13.22 -8.47 6.78
CA TYR C 1007 14.39 -8.80 7.59
C TYR C 1007 14.04 -9.84 8.65
N VAL C 1008 12.86 -9.73 9.27
CA VAL C 1008 12.48 -10.68 10.31
C VAL C 1008 12.28 -12.07 9.74
N THR C 1009 11.62 -12.17 8.58
CA THR C 1009 11.43 -13.49 7.97
C THR C 1009 12.76 -14.12 7.58
N GLN C 1010 13.66 -13.32 7.00
CA GLN C 1010 14.96 -13.86 6.63
C GLN C 1010 15.74 -14.31 7.86
N GLN C 1011 15.63 -13.55 8.95
CA GLN C 1011 16.28 -13.94 10.20
C GLN C 1011 15.69 -15.23 10.74
N LEU C 1012 14.38 -15.42 10.61
CA LEU C 1012 13.77 -16.67 11.05
C LEU C 1012 14.30 -17.86 10.27
N ILE C 1013 14.43 -17.71 8.95
CA ILE C 1013 14.96 -18.80 8.14
C ILE C 1013 16.41 -19.10 8.51
N ARG C 1014 17.23 -18.05 8.66
CA ARG C 1014 18.61 -18.25 9.07
C ARG C 1014 18.71 -18.90 10.45
N ALA C 1015 17.81 -18.53 11.36
CA ALA C 1015 17.78 -19.14 12.68
C ALA C 1015 17.44 -20.62 12.60
N ALA C 1016 16.51 -20.99 11.71
CA ALA C 1016 16.19 -22.40 11.54
C ALA C 1016 17.40 -23.17 11.03
N GLU C 1017 18.13 -22.60 10.06
CA GLU C 1017 19.33 -23.27 9.57
C GLU C 1017 20.39 -23.41 10.66
N ILE C 1018 20.59 -22.34 11.45
CA ILE C 1018 21.57 -22.38 12.52
C ILE C 1018 21.16 -23.39 13.59
N ARG C 1019 19.87 -23.51 13.85
CA ARG C 1019 19.40 -24.50 14.81
C ARG C 1019 19.67 -25.91 14.31
N ALA C 1020 19.47 -26.16 13.01
CA ALA C 1020 19.82 -27.45 12.45
C ALA C 1020 21.31 -27.73 12.64
N SER C 1021 22.15 -26.75 12.37
CA SER C 1021 23.60 -26.93 12.54
C SER C 1021 23.95 -27.20 13.99
N ALA C 1022 23.32 -26.49 14.92
CA ALA C 1022 23.61 -26.69 16.34
C ALA C 1022 23.10 -28.02 16.85
N ASN C 1023 21.98 -28.52 16.30
CA ASN C 1023 21.51 -29.85 16.64
C ASN C 1023 22.52 -30.90 16.17
N LEU C 1024 23.04 -30.73 14.95
CA LEU C 1024 24.08 -31.63 14.47
C LEU C 1024 25.31 -31.57 15.36
N ALA C 1025 25.70 -30.36 15.77
CA ALA C 1025 26.87 -30.22 16.63
C ALA C 1025 26.66 -30.86 17.98
N ALA C 1026 25.46 -30.72 18.55
CA ALA C 1026 25.16 -31.37 19.83
C ALA C 1026 25.19 -32.88 19.68
N THR C 1027 24.68 -33.40 18.56
CA THR C 1027 24.76 -34.84 18.31
C THR C 1027 26.21 -35.30 18.22
N LYS C 1028 27.06 -34.54 17.53
CA LYS C 1028 28.46 -34.91 17.42
C LYS C 1028 29.15 -34.87 18.78
N MET C 1029 28.83 -33.86 19.59
CA MET C 1029 29.41 -33.78 20.93
C MET C 1029 28.98 -34.95 21.79
N SER C 1030 27.70 -35.31 21.73
CA SER C 1030 27.19 -36.39 22.57
C SER C 1030 27.58 -37.76 22.04
N GLU C 1031 28.01 -37.85 20.79
CA GLU C 1031 28.20 -39.13 20.12
C GLU C 1031 29.63 -39.41 19.71
N CYS C 1032 30.51 -38.41 19.77
CA CYS C 1032 31.89 -38.62 19.35
C CYS C 1032 32.89 -38.14 20.39
N VAL C 1033 32.49 -37.16 21.19
CA VAL C 1033 33.32 -36.71 22.30
C VAL C 1033 33.06 -37.55 23.55
N LEU C 1034 31.79 -37.79 23.86
CA LEU C 1034 31.42 -38.59 25.02
C LEU C 1034 31.43 -40.08 24.73
N GLY C 1035 31.75 -40.48 23.51
CA GLY C 1035 31.80 -41.88 23.19
C GLY C 1035 32.51 -42.11 21.87
N GLN C 1036 32.47 -43.36 21.42
CA GLN C 1036 33.05 -43.74 20.14
C GLN C 1036 31.94 -44.19 19.20
N SER C 1037 31.96 -43.66 17.98
CA SER C 1037 30.88 -43.85 17.03
C SER C 1037 31.30 -44.84 15.94
N LYS C 1038 30.44 -45.84 15.69
CA LYS C 1038 30.65 -46.77 14.59
C LYS C 1038 30.09 -46.26 13.27
N ARG C 1039 29.40 -45.13 13.29
CA ARG C 1039 28.87 -44.55 12.07
C ARG C 1039 30.01 -44.12 11.14
N VAL C 1040 29.85 -44.40 9.86
CA VAL C 1040 30.89 -44.12 8.89
C VAL C 1040 30.82 -42.66 8.48
N ASP C 1041 31.97 -41.98 8.48
CA ASP C 1041 32.11 -40.62 7.99
C ASP C 1041 31.32 -39.62 8.83
N PHE C 1042 30.71 -40.07 9.91
CA PHE C 1042 30.01 -39.14 10.79
C PHE C 1042 30.99 -38.26 11.54
N CYS C 1043 32.13 -38.81 11.92
CA CYS C 1043 33.12 -38.08 12.73
C CYS C 1043 34.52 -38.29 12.15
N GLY C 1044 34.66 -38.06 10.86
CA GLY C 1044 35.95 -38.10 10.20
C GLY C 1044 36.02 -39.16 9.12
N LYS C 1045 37.06 -39.03 8.31
CA LYS C 1045 37.33 -39.98 7.22
C LYS C 1045 38.20 -41.09 7.78
N GLY C 1046 37.60 -42.24 8.02
CA GLY C 1046 38.31 -43.39 8.54
C GLY C 1046 37.63 -43.96 9.75
N TYR C 1047 38.21 -45.04 10.27
CA TYR C 1047 37.70 -45.67 11.48
C TYR C 1047 37.91 -44.73 12.66
N HIS C 1048 36.81 -44.16 13.15
CA HIS C 1048 36.89 -43.14 14.18
C HIS C 1048 37.46 -43.71 15.47
N LEU C 1049 38.44 -42.99 16.04
CA LEU C 1049 39.02 -43.33 17.33
C LEU C 1049 38.45 -42.47 18.45
N MET C 1050 38.55 -41.15 18.30
CA MET C 1050 38.09 -40.24 19.34
C MET C 1050 37.99 -38.84 18.75
N SER C 1051 37.63 -37.87 19.58
CA SER C 1051 37.51 -36.50 19.10
C SER C 1051 37.71 -35.55 20.25
N PHE C 1052 38.12 -34.32 19.92
CA PHE C 1052 38.42 -33.30 20.91
C PHE C 1052 37.72 -32.01 20.50
N PRO C 1053 36.92 -31.39 21.37
CA PRO C 1053 36.23 -30.15 21.02
C PRO C 1053 37.02 -28.91 21.41
N GLN C 1054 36.83 -27.87 20.62
CA GLN C 1054 37.35 -26.54 20.92
C GLN C 1054 36.28 -25.52 20.62
N SER C 1055 36.30 -24.43 21.39
CA SER C 1055 35.32 -23.35 21.16
C SER C 1055 35.78 -22.49 19.99
N ALA C 1056 34.84 -21.86 19.30
CA ALA C 1056 35.16 -20.96 18.17
C ALA C 1056 34.32 -19.71 18.44
N PRO C 1057 34.49 -18.57 17.75
CA PRO C 1057 33.76 -17.37 18.13
C PRO C 1057 32.23 -17.53 18.16
N HIS C 1058 31.62 -18.19 17.18
CA HIS C 1058 30.15 -18.46 17.27
C HIS C 1058 29.87 -19.95 17.09
N GLY C 1059 30.87 -20.82 17.27
CA GLY C 1059 30.62 -22.24 17.00
C GLY C 1059 31.58 -23.19 17.70
N VAL C 1060 31.81 -24.36 17.12
CA VAL C 1060 32.67 -25.38 17.70
C VAL C 1060 33.57 -25.95 16.61
N VAL C 1061 34.74 -26.43 17.01
CA VAL C 1061 35.69 -27.08 16.12
C VAL C 1061 36.02 -28.44 16.70
N PHE C 1062 35.78 -29.48 15.92
CA PHE C 1062 36.04 -30.85 16.34
C PHE C 1062 37.32 -31.34 15.69
N LEU C 1063 38.26 -31.81 16.50
CA LEU C 1063 39.46 -32.47 16.02
C LEU C 1063 39.22 -33.97 16.15
N HIS C 1064 38.90 -34.59 15.02
CA HIS C 1064 38.62 -36.03 14.97
C HIS C 1064 39.94 -36.77 14.79
N VAL C 1065 40.22 -37.68 15.73
CA VAL C 1065 41.36 -38.58 15.64
C VAL C 1065 40.85 -39.91 15.12
N THR C 1066 41.34 -40.32 13.95
CA THR C 1066 40.86 -41.51 13.25
C THR C 1066 42.04 -42.36 12.81
N TYR C 1067 41.73 -43.61 12.48
CA TYR C 1067 42.71 -44.65 12.16
C TYR C 1067 42.55 -45.00 10.69
N VAL C 1068 43.58 -44.72 9.90
CA VAL C 1068 43.55 -44.93 8.46
C VAL C 1068 44.50 -46.07 8.12
N PRO C 1069 44.02 -47.21 7.62
CA PRO C 1069 44.93 -48.28 7.24
C PRO C 1069 45.79 -47.87 6.07
N ALA C 1070 46.99 -48.44 6.00
CA ALA C 1070 47.95 -48.03 4.99
C ALA C 1070 48.97 -49.14 4.77
N GLN C 1071 49.66 -49.04 3.64
CA GLN C 1071 50.73 -49.96 3.25
C GLN C 1071 50.20 -51.39 3.17
N GLU C 1072 49.32 -51.58 2.19
CA GLU C 1072 48.59 -52.82 2.02
C GLU C 1072 49.44 -53.87 1.29
N LYS C 1073 49.01 -55.12 1.38
CA LYS C 1073 49.72 -56.23 0.76
C LYS C 1073 48.70 -57.24 0.26
N ASN C 1074 49.00 -57.88 -0.87
CA ASN C 1074 48.11 -58.87 -1.45
C ASN C 1074 48.37 -60.25 -0.85
N PHE C 1075 47.32 -61.06 -0.81
CA PHE C 1075 47.40 -62.43 -0.33
C PHE C 1075 46.34 -63.26 -1.03
N THR C 1076 46.53 -64.57 -0.99
CA THR C 1076 45.56 -65.51 -1.55
C THR C 1076 44.71 -66.06 -0.41
N THR C 1077 43.39 -65.96 -0.55
CA THR C 1077 42.49 -66.30 0.54
C THR C 1077 41.60 -67.48 0.17
N ALA C 1078 40.71 -67.81 1.10
CA ALA C 1078 39.79 -68.93 0.97
C ALA C 1078 38.70 -68.80 2.03
N PRO C 1079 37.45 -69.12 1.71
CA PRO C 1079 36.40 -69.05 2.74
C PRO C 1079 36.65 -69.95 3.93
N ALA C 1080 37.20 -71.14 3.72
CA ALA C 1080 37.34 -72.09 4.82
C ALA C 1080 38.45 -73.08 4.50
N ILE C 1081 38.87 -73.81 5.53
CA ILE C 1081 39.95 -74.78 5.42
C ILE C 1081 39.36 -76.18 5.61
N CYS C 1082 39.72 -77.10 4.73
CA CYS C 1082 39.31 -78.49 4.88
C CYS C 1082 40.36 -79.24 5.67
N HIS C 1083 39.91 -79.93 6.73
CA HIS C 1083 40.82 -80.75 7.53
C HIS C 1083 40.02 -81.89 8.14
N ASP C 1084 40.52 -83.11 7.95
CA ASP C 1084 39.86 -84.31 8.45
C ASP C 1084 38.42 -84.42 7.92
N GLY C 1085 38.18 -83.92 6.72
CA GLY C 1085 36.85 -83.95 6.18
C GLY C 1085 35.88 -82.98 6.81
N LYS C 1086 36.38 -81.94 7.47
CA LYS C 1086 35.54 -80.93 8.09
C LYS C 1086 35.96 -79.55 7.63
N ALA C 1087 34.99 -78.64 7.60
CA ALA C 1087 35.20 -77.28 7.14
C ALA C 1087 35.39 -76.36 8.33
N HIS C 1088 36.49 -75.62 8.33
CA HIS C 1088 36.85 -74.73 9.42
C HIS C 1088 36.79 -73.29 8.94
N PHE C 1089 36.02 -72.46 9.64
CA PHE C 1089 35.89 -71.04 9.39
C PHE C 1089 36.54 -70.26 10.50
N PRO C 1090 37.19 -69.13 10.21
CA PRO C 1090 37.88 -68.38 11.26
C PRO C 1090 36.89 -67.72 12.20
N ARG C 1091 37.13 -67.87 13.50
CA ARG C 1091 36.21 -67.30 14.48
C ARG C 1091 36.14 -65.79 14.36
N GLU C 1092 37.31 -65.14 14.39
CA GLU C 1092 37.40 -63.70 14.15
C GLU C 1092 38.66 -63.45 13.35
N GLY C 1093 38.51 -63.14 12.07
CA GLY C 1093 39.64 -62.91 11.21
C GLY C 1093 39.38 -63.45 9.83
N VAL C 1094 40.47 -63.69 9.11
CA VAL C 1094 40.43 -64.08 7.71
C VAL C 1094 41.60 -65.01 7.43
N PHE C 1095 41.37 -66.02 6.59
CA PHE C 1095 42.43 -66.91 6.17
C PHE C 1095 43.21 -66.28 5.02
N VAL C 1096 44.54 -66.20 5.19
CA VAL C 1096 45.40 -65.61 4.18
C VAL C 1096 46.53 -66.58 3.87
N SER C 1097 47.14 -66.39 2.71
CA SER C 1097 48.27 -67.20 2.26
C SER C 1097 49.23 -66.32 1.48
N ASN C 1098 50.51 -66.38 1.86
CA ASN C 1098 51.56 -65.62 1.20
C ASN C 1098 52.15 -66.36 0.02
N GLY C 1099 51.53 -67.47 -0.41
CA GLY C 1099 52.02 -68.23 -1.52
C GLY C 1099 52.28 -69.68 -1.18
N THR C 1100 52.78 -69.93 0.02
CA THR C 1100 53.13 -71.28 0.45
C THR C 1100 52.36 -71.74 1.67
N HIS C 1101 52.32 -70.94 2.73
CA HIS C 1101 51.70 -71.33 3.99
C HIS C 1101 50.40 -70.57 4.19
N TRP C 1102 49.51 -71.15 4.99
CA TRP C 1102 48.23 -70.55 5.31
C TRP C 1102 48.21 -70.11 6.76
N PHE C 1103 47.81 -68.86 6.99
CA PHE C 1103 47.70 -68.28 8.32
C PHE C 1103 46.31 -67.70 8.50
N VAL C 1104 45.96 -67.40 9.74
CA VAL C 1104 44.72 -66.71 10.07
C VAL C 1104 45.08 -65.38 10.72
N THR C 1105 44.52 -64.30 10.20
CA THR C 1105 44.84 -62.98 10.71
C THR C 1105 43.57 -62.17 10.97
N GLN C 1106 43.73 -60.88 11.26
CA GLN C 1106 42.61 -59.98 11.43
C GLN C 1106 42.47 -59.06 10.22
N ARG C 1107 41.26 -58.54 10.05
CA ARG C 1107 40.91 -57.89 8.78
C ARG C 1107 41.67 -56.58 8.59
N ASN C 1108 41.81 -55.78 9.65
CA ASN C 1108 42.32 -54.42 9.52
C ASN C 1108 43.80 -54.28 9.83
N PHE C 1109 44.49 -55.39 10.08
CA PHE C 1109 45.92 -55.35 10.37
C PHE C 1109 46.50 -56.73 10.08
N TYR C 1110 47.71 -56.77 9.56
CA TYR C 1110 48.35 -58.03 9.18
C TYR C 1110 49.10 -58.57 10.39
N GLU C 1111 48.50 -59.53 11.08
CA GLU C 1111 49.14 -60.26 12.17
C GLU C 1111 48.93 -61.74 11.92
N PRO C 1112 49.76 -62.37 11.09
CA PRO C 1112 49.55 -63.78 10.75
C PRO C 1112 49.94 -64.69 11.90
N GLN C 1113 49.01 -65.54 12.30
CA GLN C 1113 49.24 -66.55 13.31
C GLN C 1113 48.73 -67.89 12.80
N ILE C 1114 49.41 -68.97 13.19
CA ILE C 1114 49.14 -70.28 12.60
C ILE C 1114 47.73 -70.73 12.94
N ILE C 1115 47.12 -71.48 12.03
CA ILE C 1115 45.73 -71.91 12.18
C ILE C 1115 45.66 -73.02 13.22
N THR C 1116 44.85 -72.82 14.24
CA THR C 1116 44.63 -73.79 15.29
C THR C 1116 43.13 -73.92 15.54
N THR C 1117 42.77 -74.92 16.35
CA THR C 1117 41.38 -75.04 16.78
C THR C 1117 40.98 -73.96 17.76
N ASP C 1118 41.93 -73.16 18.26
CA ASP C 1118 41.63 -72.09 19.18
C ASP C 1118 41.09 -70.85 18.48
N ASN C 1119 41.33 -70.69 17.17
CA ASN C 1119 40.86 -69.51 16.45
C ASN C 1119 39.99 -69.87 15.25
N THR C 1120 39.61 -71.13 15.09
CA THR C 1120 38.69 -71.56 14.04
C THR C 1120 37.58 -72.38 14.66
N PHE C 1121 36.46 -72.45 13.95
CA PHE C 1121 35.33 -73.28 14.37
C PHE C 1121 34.85 -74.11 13.19
N VAL C 1122 34.40 -75.32 13.49
CA VAL C 1122 34.01 -76.31 12.50
C VAL C 1122 32.52 -76.22 12.26
N SER C 1123 32.11 -76.31 11.00
CA SER C 1123 30.70 -76.19 10.63
C SER C 1123 30.33 -77.19 9.53
N GLY C 1124 30.76 -78.44 9.66
CA GLY C 1124 30.29 -79.47 8.75
C GLY C 1124 31.33 -80.07 7.84
N ASN C 1125 30.93 -80.44 6.63
CA ASN C 1125 31.80 -81.09 5.66
C ASN C 1125 32.40 -80.07 4.69
N CYS C 1126 33.32 -80.55 3.87
CA CYS C 1126 34.10 -79.70 2.98
C CYS C 1126 33.48 -79.48 1.60
N ASP C 1127 32.43 -80.21 1.26
CA ASP C 1127 31.90 -80.21 -0.10
C ASP C 1127 30.63 -79.38 -0.24
N VAL C 1128 30.51 -78.29 0.52
CA VAL C 1128 29.35 -77.42 0.42
C VAL C 1128 29.82 -76.00 0.14
N VAL C 1129 31.05 -75.70 0.54
CA VAL C 1129 31.60 -74.35 0.44
C VAL C 1129 32.42 -74.24 -0.83
N ILE C 1130 32.21 -73.14 -1.57
CA ILE C 1130 32.97 -72.86 -2.78
C ILE C 1130 34.22 -72.07 -2.40
N GLY C 1131 35.38 -72.61 -2.72
CA GLY C 1131 36.64 -72.02 -2.33
C GLY C 1131 37.41 -72.76 -1.26
N ILE C 1132 36.95 -73.96 -0.87
CA ILE C 1132 37.66 -74.76 0.10
C ILE C 1132 39.07 -75.06 -0.39
N VAL C 1133 40.05 -74.88 0.48
CA VAL C 1133 41.44 -75.22 0.20
C VAL C 1133 41.93 -76.16 1.30
N ASN C 1134 42.68 -77.18 0.90
CA ASN C 1134 43.18 -78.16 1.85
C ASN C 1134 44.35 -77.58 2.64
N ASN C 1135 44.29 -77.71 3.96
CA ASN C 1135 45.39 -77.33 4.83
C ASN C 1135 45.21 -78.04 6.17
N THR C 1136 46.29 -78.04 6.95
CA THR C 1136 46.26 -78.63 8.28
C THR C 1136 45.87 -77.58 9.32
N VAL C 1137 45.14 -78.03 10.33
CA VAL C 1137 44.70 -77.19 11.44
C VAL C 1137 45.34 -77.74 12.70
N TYR C 1138 46.33 -77.01 13.23
CA TYR C 1138 47.09 -77.48 14.38
C TYR C 1138 46.19 -77.65 15.59
N ASP C 1139 46.30 -78.80 16.25
CA ASP C 1139 45.58 -79.03 17.49
C ASP C 1139 46.55 -78.88 18.65
N PRO C 1140 46.40 -77.87 19.50
CA PRO C 1140 47.35 -77.63 20.60
C PRO C 1140 47.13 -78.56 21.79
N LEU C 1141 46.99 -79.85 21.51
CA LEU C 1141 46.82 -80.88 22.53
C LEU C 1141 47.81 -82.01 22.39
N GLN C 1142 48.15 -82.41 21.16
CA GLN C 1142 49.08 -83.51 20.96
C GLN C 1142 50.45 -83.26 21.57
N PRO C 1143 51.11 -82.11 21.37
CA PRO C 1143 52.42 -81.92 22.01
C PRO C 1143 52.39 -82.01 23.52
N GLU C 1144 51.30 -81.59 24.16
CA GLU C 1144 51.20 -81.72 25.61
C GLU C 1144 51.12 -83.18 26.04
N LEU C 1145 50.54 -84.04 25.20
CA LEU C 1145 50.48 -85.46 25.53
C LEU C 1145 51.87 -86.07 25.61
N ASP C 1146 52.75 -85.72 24.69
CA ASP C 1146 54.11 -86.25 24.68
C ASP C 1146 55.11 -85.18 25.11
N GLN D 1 -67.76 43.49 -1.03
CA GLN D 1 -68.58 44.37 -1.86
C GLN D 1 -68.69 45.75 -1.24
N VAL D 2 -67.79 46.04 -0.29
CA VAL D 2 -67.78 47.34 0.37
C VAL D 2 -67.42 48.40 -0.66
N GLN D 3 -68.32 49.36 -0.88
CA GLN D 3 -68.17 50.32 -1.95
C GLN D 3 -67.99 51.73 -1.38
N LEU D 4 -67.21 52.54 -2.08
CA LEU D 4 -66.96 53.93 -1.73
C LEU D 4 -67.18 54.80 -2.95
N VAL D 5 -67.60 56.04 -2.74
CA VAL D 5 -67.79 56.97 -3.85
C VAL D 5 -67.63 58.40 -3.32
N GLU D 6 -67.16 59.28 -4.20
CA GLU D 6 -66.98 60.70 -3.92
C GLU D 6 -67.83 61.50 -4.90
N THR D 7 -68.38 62.61 -4.44
CA THR D 7 -69.17 63.50 -5.29
C THR D 7 -68.98 64.95 -4.89
N GLY D 8 -69.24 65.83 -5.85
CA GLY D 8 -69.41 67.24 -5.58
C GLY D 8 -68.28 68.16 -5.98
N GLY D 9 -67.31 67.68 -6.76
CA GLY D 9 -66.23 68.55 -7.20
C GLY D 9 -66.78 69.73 -7.99
N GLY D 10 -66.30 70.92 -7.67
CA GLY D 10 -66.88 72.13 -8.21
C GLY D 10 -65.83 73.05 -8.78
N PHE D 11 -66.23 73.79 -9.81
CA PHE D 11 -65.35 74.73 -10.51
C PHE D 11 -65.85 76.14 -10.19
N VAL D 12 -64.93 77.00 -9.78
CA VAL D 12 -65.22 78.43 -9.63
C VAL D 12 -63.90 79.18 -9.53
N GLN D 13 -63.94 80.49 -9.75
CA GLN D 13 -62.83 81.41 -9.59
C GLN D 13 -62.23 81.33 -8.19
N PRO D 14 -61.05 81.93 -7.96
CA PRO D 14 -60.39 81.78 -6.65
C PRO D 14 -61.27 82.22 -5.48
N GLY D 15 -61.15 81.48 -4.38
CA GLY D 15 -61.77 81.82 -3.12
C GLY D 15 -63.17 81.27 -2.92
N GLY D 16 -63.61 80.33 -3.75
CA GLY D 16 -64.96 79.83 -3.66
C GLY D 16 -65.17 78.89 -2.49
N SER D 17 -66.35 78.28 -2.48
CA SER D 17 -66.80 77.42 -1.40
C SER D 17 -67.37 76.14 -2.00
N LEU D 18 -66.97 74.98 -1.49
CA LEU D 18 -67.42 73.73 -2.11
C LEU D 18 -67.70 72.65 -1.06
N ARG D 19 -68.50 71.68 -1.50
CA ARG D 19 -69.00 70.57 -0.70
C ARG D 19 -68.58 69.26 -1.35
N LEU D 20 -67.95 68.38 -0.57
CA LEU D 20 -67.53 67.06 -1.03
C LEU D 20 -68.24 66.00 -0.20
N SER D 21 -68.82 65.01 -0.87
CA SER D 21 -69.59 63.96 -0.24
C SER D 21 -68.88 62.63 -0.42
N CYS D 22 -68.67 61.91 0.69
CA CYS D 22 -68.08 60.58 0.69
C CYS D 22 -69.13 59.58 1.14
N ALA D 23 -69.72 58.87 0.18
CA ALA D 23 -70.79 57.93 0.44
C ALA D 23 -70.27 56.50 0.33
N ALA D 24 -70.56 55.69 1.34
CA ALA D 24 -70.14 54.30 1.37
C ALA D 24 -71.36 53.40 1.36
N SER D 25 -71.17 52.15 0.95
CA SER D 25 -72.24 51.17 0.92
C SER D 25 -71.73 49.79 1.34
N GLY D 26 -72.55 49.10 2.12
CA GLY D 26 -72.28 47.73 2.55
C GLY D 26 -71.01 47.57 3.37
N VAL D 27 -70.75 48.52 4.28
CA VAL D 27 -69.55 48.45 5.09
C VAL D 27 -69.78 47.51 6.27
N THR D 28 -68.95 46.49 6.39
CA THR D 28 -69.11 45.48 7.42
C THR D 28 -68.17 45.69 8.60
N LEU D 29 -67.47 46.82 8.65
CA LEU D 29 -66.56 47.16 9.73
C LEU D 29 -67.29 48.00 10.77
N ASP D 30 -67.17 47.60 12.04
CA ASP D 30 -67.72 48.41 13.12
C ASP D 30 -67.16 49.82 13.10
N TYR D 31 -65.85 49.95 13.31
CA TYR D 31 -65.19 51.24 13.38
C TYR D 31 -64.02 51.27 12.40
N TYR D 32 -63.91 52.37 11.65
CA TYR D 32 -63.02 52.46 10.51
C TYR D 32 -62.58 53.91 10.35
N ALA D 33 -61.45 54.10 9.66
CA ALA D 33 -60.89 55.42 9.42
C ALA D 33 -61.07 55.79 7.95
N ILE D 34 -61.62 56.98 7.72
CA ILE D 34 -61.91 57.47 6.38
C ILE D 34 -60.98 58.64 6.08
N GLY D 35 -60.32 58.61 4.93
CA GLY D 35 -59.36 59.65 4.56
C GLY D 35 -59.68 60.24 3.19
N TRP D 36 -59.24 61.47 2.98
CA TRP D 36 -59.31 62.14 1.69
C TRP D 36 -57.92 62.37 1.12
N PHE D 37 -57.66 61.87 -0.08
CA PHE D 37 -56.36 62.01 -0.72
C PHE D 37 -56.51 62.63 -2.10
N ARG D 38 -55.75 63.69 -2.37
CA ARG D 38 -55.88 64.45 -3.61
C ARG D 38 -54.96 63.86 -4.66
N GLN D 39 -55.37 63.95 -5.93
CA GLN D 39 -54.47 63.63 -7.05
C GLN D 39 -55.00 64.29 -8.31
N ALA D 40 -54.42 65.41 -8.70
CA ALA D 40 -54.56 65.88 -10.07
C ALA D 40 -53.36 65.42 -10.91
N PRO D 41 -53.35 65.71 -12.21
CA PRO D 41 -52.13 65.50 -12.99
C PRO D 41 -50.95 66.27 -12.42
N GLY D 42 -49.79 65.61 -12.41
CA GLY D 42 -48.57 66.14 -11.84
C GLY D 42 -48.54 66.20 -10.33
N LYS D 43 -49.52 65.59 -9.66
CA LYS D 43 -49.73 65.80 -8.23
C LYS D 43 -49.90 64.44 -7.56
N GLU D 44 -49.05 64.15 -6.59
CA GLU D 44 -48.91 62.81 -6.04
C GLU D 44 -49.96 62.57 -4.95
N ARG D 45 -49.75 61.51 -4.16
CA ARG D 45 -50.73 61.04 -3.20
C ARG D 45 -50.36 61.51 -1.80
N GLU D 46 -50.94 62.62 -1.37
CA GLU D 46 -50.64 63.23 -0.08
C GLU D 46 -51.96 63.46 0.64
N GLY D 47 -51.93 63.25 1.97
CA GLY D 47 -53.17 63.30 2.74
C GLY D 47 -53.57 64.72 3.08
N VAL D 48 -54.89 64.92 3.18
CA VAL D 48 -55.48 66.17 3.59
C VAL D 48 -56.29 66.01 4.88
N SER D 49 -56.96 64.87 5.03
CA SER D 49 -57.78 64.64 6.22
C SER D 49 -58.02 63.15 6.43
N CYS D 50 -58.18 62.79 7.70
CA CYS D 50 -58.56 61.44 8.08
C CYS D 50 -59.28 61.43 9.43
N ILE D 51 -60.29 60.57 9.55
CA ILE D 51 -61.31 60.69 10.58
C ILE D 51 -61.61 59.29 11.11
N GLY D 52 -61.80 59.17 12.42
CA GLY D 52 -62.15 57.90 13.04
C GLY D 52 -63.65 57.81 13.26
N SER D 53 -64.22 56.69 12.81
CA SER D 53 -65.68 56.60 12.78
C SER D 53 -66.30 56.26 14.14
N SER D 54 -65.50 55.80 15.11
CA SER D 54 -66.06 55.45 16.41
C SER D 54 -66.49 56.67 17.21
N ASP D 55 -65.71 57.75 17.16
CA ASP D 55 -66.02 58.95 17.93
C ASP D 55 -65.90 60.25 17.17
N GLY D 56 -65.11 60.32 16.11
CA GLY D 56 -64.99 61.55 15.36
C GLY D 56 -63.72 62.34 15.60
N ARG D 57 -62.67 61.71 16.14
CA ARG D 57 -61.39 62.39 16.26
C ARG D 57 -60.87 62.71 14.86
N THR D 58 -60.24 63.87 14.72
CA THR D 58 -59.93 64.40 13.40
C THR D 58 -58.46 64.76 13.25
N TYR D 59 -57.82 64.13 12.25
CA TYR D 59 -56.48 64.46 11.78
C TYR D 59 -56.51 65.23 10.46
N TYR D 60 -55.68 66.26 10.35
CA TYR D 60 -55.65 67.22 9.25
C TYR D 60 -54.29 67.88 9.14
N SER D 61 -54.00 68.34 7.93
CA SER D 61 -52.65 68.68 7.53
C SER D 61 -52.36 70.14 7.84
N ASP D 62 -51.26 70.65 7.27
CA ASP D 62 -50.90 72.02 7.53
C ASP D 62 -51.62 73.00 6.61
N SER D 63 -52.44 72.50 5.68
CA SER D 63 -53.18 73.33 4.74
C SER D 63 -54.67 73.40 5.04
N VAL D 64 -55.11 72.92 6.22
CA VAL D 64 -56.53 72.98 6.54
C VAL D 64 -56.99 74.42 6.75
N LYS D 65 -56.23 75.19 7.52
CA LYS D 65 -56.57 76.57 7.86
C LYS D 65 -57.94 76.69 8.50
N GLY D 66 -58.56 75.56 8.86
CA GLY D 66 -59.88 75.54 9.46
C GLY D 66 -61.04 75.51 8.49
N ARG D 67 -60.81 75.79 7.20
CA ARG D 67 -61.89 75.79 6.23
C ARG D 67 -62.30 74.40 5.74
N PHE D 68 -61.57 73.36 6.15
CA PHE D 68 -61.95 71.97 5.84
C PHE D 68 -62.71 71.44 7.05
N THR D 69 -64.04 71.47 6.99
CA THR D 69 -64.85 70.88 8.05
C THR D 69 -65.43 69.56 7.55
N ILE D 70 -65.19 68.48 8.29
CA ILE D 70 -65.72 67.17 7.94
C ILE D 70 -66.63 66.66 9.05
N SER D 71 -67.90 66.48 8.71
CA SER D 71 -68.90 65.98 9.65
C SER D 71 -69.14 64.51 9.34
N ARG D 72 -69.23 63.71 10.39
CA ARG D 72 -69.48 62.28 10.28
C ARG D 72 -70.98 62.05 10.23
N ASP D 73 -71.55 62.02 9.03
CA ASP D 73 -72.96 61.72 8.84
C ASP D 73 -73.15 60.26 9.23
N ASN D 74 -73.66 60.04 10.44
CA ASN D 74 -73.85 58.69 10.96
C ASN D 74 -75.04 58.00 10.30
N ALA D 75 -76.15 58.72 10.10
CA ALA D 75 -77.34 58.10 9.54
C ALA D 75 -77.14 57.68 8.10
N LYS D 76 -76.60 58.58 7.27
CA LYS D 76 -76.43 58.28 5.86
C LYS D 76 -75.05 57.73 5.52
N ASN D 77 -74.29 57.29 6.53
CA ASN D 77 -73.03 56.58 6.34
C ASN D 77 -72.05 57.40 5.49
N THR D 78 -72.01 58.70 5.73
CA THR D 78 -71.36 59.64 4.80
C THR D 78 -70.34 60.49 5.55
N VAL D 79 -69.33 60.94 4.81
CA VAL D 79 -68.44 62.02 5.25
C VAL D 79 -68.82 63.28 4.49
N TYR D 80 -69.29 64.30 5.22
CA TYR D 80 -69.66 65.58 4.64
C TYR D 80 -68.51 66.55 4.83
N LEU D 81 -67.68 66.73 3.81
CA LEU D 81 -66.56 67.67 3.85
C LEU D 81 -66.98 68.98 3.21
N GLN D 82 -66.59 70.10 3.81
CA GLN D 82 -66.72 71.39 3.15
C GLN D 82 -65.35 72.03 3.11
N MET D 83 -65.19 72.99 2.19
CA MET D 83 -63.98 73.81 2.13
C MET D 83 -64.26 75.09 1.36
N ASN D 84 -64.24 76.21 2.07
CA ASN D 84 -64.42 77.52 1.46
C ASN D 84 -63.05 78.19 1.31
N SER D 85 -63.06 79.41 0.76
CA SER D 85 -61.85 80.17 0.43
C SER D 85 -60.89 79.32 -0.41
N LEU D 86 -61.37 79.00 -1.61
CA LEU D 86 -60.70 78.02 -2.47
C LEU D 86 -59.28 78.44 -2.79
N LYS D 87 -58.36 77.47 -2.71
CA LYS D 87 -56.95 77.64 -3.02
C LYS D 87 -56.63 77.15 -4.43
N PRO D 88 -56.18 78.04 -5.31
CA PRO D 88 -55.98 77.67 -6.72
C PRO D 88 -55.02 76.52 -6.92
N GLU D 89 -54.13 76.25 -5.97
CA GLU D 89 -53.27 75.07 -6.10
C GLU D 89 -53.89 73.81 -5.50
N ASP D 90 -54.79 73.94 -4.52
CA ASP D 90 -55.47 72.76 -3.97
C ASP D 90 -56.40 72.10 -4.98
N THR D 91 -56.51 72.64 -6.19
CA THR D 91 -57.19 71.98 -7.29
C THR D 91 -56.64 70.57 -7.51
N ALA D 92 -57.52 69.58 -7.59
CA ALA D 92 -57.09 68.19 -7.67
C ALA D 92 -58.29 67.27 -7.80
N VAL D 93 -58.03 66.03 -8.20
CA VAL D 93 -59.03 64.96 -8.07
C VAL D 93 -58.88 64.31 -6.70
N TYR D 94 -60.00 64.06 -6.04
CA TYR D 94 -60.02 63.64 -4.65
C TYR D 94 -60.64 62.24 -4.55
N TYR D 95 -59.96 61.36 -3.80
CA TYR D 95 -60.42 60.02 -3.48
C TYR D 95 -60.72 59.95 -1.99
N CYS D 96 -61.88 59.41 -1.63
CA CYS D 96 -62.18 59.15 -0.22
C CYS D 96 -62.15 57.65 0.04
N ALA D 97 -61.38 57.24 1.06
CA ALA D 97 -60.93 55.86 1.19
C ALA D 97 -61.15 55.39 2.62
N LEU D 98 -61.33 54.07 2.77
CA LEU D 98 -61.73 53.45 4.02
C LEU D 98 -60.68 52.42 4.43
N THR D 99 -60.22 52.49 5.69
CA THR D 99 -59.33 51.50 6.27
C THR D 99 -59.86 51.01 7.61
N VAL D 100 -59.47 49.78 7.96
CA VAL D 100 -59.84 49.22 9.25
C VAL D 100 -59.18 50.00 10.38
N GLY D 101 -59.84 50.02 11.54
CA GLY D 101 -59.24 50.70 12.71
C GLY D 101 -58.15 49.83 13.31
N THR D 102 -57.17 50.45 13.98
CA THR D 102 -56.09 49.68 14.65
C THR D 102 -56.42 49.57 16.14
N TYR D 103 -56.47 48.35 16.67
CA TYR D 103 -56.77 48.16 18.12
C TYR D 103 -55.54 47.57 18.82
N TYR D 104 -54.90 48.37 19.69
CA TYR D 104 -53.70 47.87 20.42
C TYR D 104 -53.73 48.38 21.86
N SER D 105 -53.34 47.54 22.83
CA SER D 105 -53.27 47.94 24.26
C SER D 105 -54.63 48.45 24.76
N GLY D 106 -55.73 47.85 24.29
CA GLY D 106 -57.09 48.27 24.69
C GLY D 106 -57.38 49.70 24.27
N ASN D 107 -56.77 50.15 23.16
CA ASN D 107 -56.94 51.55 22.70
C ASN D 107 -57.21 51.54 21.19
N TYR D 108 -57.84 52.58 20.67
CA TYR D 108 -58.13 52.67 19.22
C TYR D 108 -57.18 53.68 18.55
N HIS D 109 -56.49 53.24 17.48
CA HIS D 109 -55.59 54.15 16.74
C HIS D 109 -56.10 54.26 15.30
N TYR D 110 -56.21 55.49 14.77
CA TYR D 110 -56.65 55.71 13.36
C TYR D 110 -55.45 56.17 12.51
N THR D 111 -54.93 55.28 11.67
CA THR D 111 -53.71 55.59 10.88
C THR D 111 -54.05 55.59 9.38
N CYS D 112 -53.58 56.61 8.64
CA CYS D 112 -53.82 56.67 7.18
C CYS D 112 -52.56 56.22 6.43
N SER D 113 -52.70 55.20 5.57
CA SER D 113 -51.54 54.72 4.78
C SER D 113 -51.66 55.22 3.34
N ASP D 114 -50.59 55.07 2.53
CA ASP D 114 -50.60 55.48 1.10
C ASP D 114 -51.60 54.58 0.36
N ASP D 115 -51.65 53.29 0.70
CA ASP D 115 -52.65 52.38 0.09
C ASP D 115 -53.69 52.00 1.15
N MET D 116 -54.98 52.19 0.83
CA MET D 116 -56.07 51.88 1.80
C MET D 116 -56.74 50.56 1.38
N ASP D 117 -57.56 49.99 2.27
CA ASP D 117 -58.29 48.74 1.95
C ASP D 117 -59.20 48.97 0.73
N TYR D 118 -59.87 50.12 0.66
CA TYR D 118 -60.81 50.39 -0.46
C TYR D 118 -60.63 51.81 -0.98
N TRP D 119 -60.99 52.05 -2.25
CA TRP D 119 -60.91 53.41 -2.85
C TRP D 119 -62.16 53.63 -3.71
N GLY D 120 -62.18 54.68 -4.54
CA GLY D 120 -63.30 54.91 -5.47
C GLY D 120 -62.98 55.98 -6.50
N LYS D 121 -63.77 56.08 -7.57
CA LYS D 121 -63.52 57.16 -8.54
C LYS D 121 -63.79 58.51 -7.91
N GLY D 122 -62.73 59.30 -7.76
CA GLY D 122 -62.78 60.59 -7.12
C GLY D 122 -63.28 61.69 -8.05
N THR D 123 -63.21 62.93 -7.56
CA THR D 123 -63.83 64.04 -8.26
C THR D 123 -62.85 65.19 -8.40
N GLN D 124 -62.90 65.85 -9.56
CA GLN D 124 -61.92 66.87 -9.93
C GLN D 124 -62.40 68.28 -9.56
N VAL D 125 -61.52 69.03 -8.92
CA VAL D 125 -61.80 70.41 -8.54
C VAL D 125 -60.81 71.28 -9.31
N THR D 126 -61.34 72.25 -10.06
CA THR D 126 -60.57 73.21 -10.85
C THR D 126 -60.90 74.61 -10.37
N VAL D 127 -59.89 75.35 -9.94
CA VAL D 127 -60.03 76.74 -9.49
C VAL D 127 -58.81 77.52 -9.96
N SER D 128 -59.01 78.45 -10.89
CA SER D 128 -57.91 79.28 -11.39
C SER D 128 -58.51 80.53 -12.02
N SER D 129 -57.64 81.52 -12.23
CA SER D 129 -58.04 82.78 -12.84
C SER D 129 -58.52 82.58 -14.27
N GLN E 1 -7.03 78.19 2.56
CA GLN E 1 -8.07 79.21 2.69
C GLN E 1 -8.06 80.14 1.48
N VAL E 2 -7.41 79.70 0.41
CA VAL E 2 -7.35 80.48 -0.82
C VAL E 2 -8.74 80.58 -1.41
N GLN E 3 -9.25 81.80 -1.55
CA GLN E 3 -10.64 82.01 -1.93
C GLN E 3 -10.72 82.67 -3.29
N LEU E 4 -11.78 82.34 -4.05
CA LEU E 4 -12.06 82.91 -5.35
C LEU E 4 -13.51 83.36 -5.39
N VAL E 5 -13.78 84.40 -6.17
CA VAL E 5 -15.14 84.91 -6.34
C VAL E 5 -15.25 85.58 -7.70
N GLU E 6 -16.46 85.55 -8.26
CA GLU E 6 -16.78 86.17 -9.53
C GLU E 6 -17.88 87.20 -9.31
N THR E 7 -17.83 88.30 -10.06
CA THR E 7 -18.85 89.33 -9.97
C THR E 7 -19.08 89.97 -11.34
N GLY E 8 -20.26 90.56 -11.49
CA GLY E 8 -20.55 91.47 -12.58
C GLY E 8 -21.42 90.94 -13.69
N GLY E 9 -22.09 89.80 -13.51
CA GLY E 9 -22.98 89.29 -14.53
C GLY E 9 -24.09 90.27 -14.85
N GLY E 10 -24.34 90.51 -16.12
CA GLY E 10 -25.23 91.58 -16.52
C GLY E 10 -26.27 91.13 -17.52
N PHE E 11 -27.44 91.77 -17.44
CA PHE E 11 -28.57 91.47 -18.31
C PHE E 11 -28.75 92.65 -19.26
N VAL E 12 -28.86 92.37 -20.55
CA VAL E 12 -29.24 93.38 -21.53
C VAL E 12 -29.64 92.69 -22.82
N GLN E 13 -30.34 93.43 -23.68
CA GLN E 13 -30.72 92.98 -25.01
C GLN E 13 -29.48 92.53 -25.81
N PRO E 14 -29.69 91.88 -26.96
CA PRO E 14 -28.55 91.34 -27.72
C PRO E 14 -27.52 92.41 -28.08
N GLY E 15 -26.25 92.03 -28.03
CA GLY E 15 -25.14 92.84 -28.48
C GLY E 15 -24.54 93.75 -27.43
N GLY E 16 -24.87 93.57 -26.16
CA GLY E 16 -24.40 94.47 -25.13
C GLY E 16 -22.94 94.26 -24.77
N SER E 17 -22.52 94.94 -23.72
CA SER E 17 -21.13 94.97 -23.26
C SER E 17 -21.10 94.75 -21.76
N LEU E 18 -20.24 93.84 -21.28
CA LEU E 18 -20.25 93.51 -19.86
C LEU E 18 -18.85 93.28 -19.33
N ARG E 19 -18.73 93.41 -18.01
CA ARG E 19 -17.50 93.31 -17.24
C ARG E 19 -17.62 92.21 -16.19
N LEU E 20 -16.66 91.29 -16.18
CA LEU E 20 -16.60 90.20 -15.22
C LEU E 20 -15.33 90.32 -14.40
N SER E 21 -15.47 90.22 -13.07
CA SER E 21 -14.35 90.37 -12.14
C SER E 21 -14.09 89.06 -11.42
N CYS E 22 -12.82 88.62 -11.44
CA CYS E 22 -12.36 87.42 -10.75
C CYS E 22 -11.41 87.85 -9.63
N ALA E 23 -11.93 87.89 -8.40
CA ALA E 23 -11.19 88.35 -7.24
C ALA E 23 -10.78 87.18 -6.35
N ALA E 24 -9.51 87.15 -5.98
CA ALA E 24 -8.95 86.09 -5.13
C ALA E 24 -8.49 86.69 -3.80
N SER E 25 -8.38 85.83 -2.78
CA SER E 25 -7.94 86.21 -1.45
C SER E 25 -7.03 85.15 -0.83
N GLY E 26 -6.02 85.63 -0.12
CA GLY E 26 -5.10 84.78 0.63
C GLY E 26 -4.31 83.79 -0.20
N VAL E 27 -3.81 84.21 -1.36
CA VAL E 27 -3.09 83.33 -2.26
C VAL E 27 -1.63 83.17 -1.83
N THR E 28 -1.22 81.93 -1.58
CA THR E 28 0.14 81.64 -1.10
C THR E 28 1.07 81.07 -2.17
N LEU E 29 0.66 81.08 -3.45
CA LEU E 29 1.52 80.58 -4.56
C LEU E 29 1.72 81.65 -5.63
N ASP E 30 2.98 81.90 -6.03
CA ASP E 30 3.31 82.96 -7.03
C ASP E 30 2.79 82.68 -8.44
N TYR E 31 2.91 81.44 -8.94
CA TYR E 31 2.53 81.16 -10.36
C TYR E 31 1.25 80.32 -10.43
N TYR E 32 0.32 80.71 -11.31
CA TYR E 32 -0.96 79.97 -11.44
C TYR E 32 -1.64 80.20 -12.80
N ALA E 33 -2.53 79.29 -13.20
CA ALA E 33 -3.31 79.50 -14.44
C ALA E 33 -4.78 79.74 -14.05
N ILE E 34 -5.38 80.83 -14.54
CA ILE E 34 -6.77 81.18 -14.13
C ILE E 34 -7.69 80.97 -15.34
N GLY E 35 -8.82 80.29 -15.14
CA GLY E 35 -9.71 79.99 -16.28
C GLY E 35 -11.14 80.42 -16.02
N TRP E 36 -11.89 80.73 -17.07
CA TRP E 36 -13.33 81.06 -16.93
C TRP E 36 -14.13 79.94 -17.58
N PHE E 37 -15.01 79.28 -16.81
CA PHE E 37 -15.83 78.17 -17.36
C PHE E 37 -17.32 78.52 -17.17
N ARG E 38 -18.11 78.42 -18.24
CA ARG E 38 -19.53 78.82 -18.15
C ARG E 38 -20.41 77.62 -17.82
N GLN E 39 -21.45 77.82 -17.03
CA GLN E 39 -22.43 76.73 -16.75
C GLN E 39 -23.79 77.31 -16.34
N ALA E 40 -24.73 77.42 -17.27
CA ALA E 40 -26.11 77.82 -16.91
C ALA E 40 -26.92 76.53 -17.02
N PRO E 41 -28.22 76.47 -16.65
CA PRO E 41 -29.00 75.25 -16.87
C PRO E 41 -29.05 74.82 -18.34
N GLY E 42 -28.93 73.51 -18.61
CA GLY E 42 -29.01 72.99 -19.99
C GLY E 42 -27.69 73.07 -20.72
N LYS E 43 -26.64 73.57 -20.05
CA LYS E 43 -25.33 73.75 -20.73
C LYS E 43 -24.28 72.88 -20.06
N GLU E 44 -23.57 72.06 -20.83
CA GLU E 44 -22.50 71.18 -20.28
C GLU E 44 -21.30 72.05 -19.91
N ARG E 45 -20.47 71.59 -18.96
CA ARG E 45 -19.26 72.35 -18.57
C ARG E 45 -18.34 72.46 -19.78
N GLU E 46 -17.80 73.66 -20.03
CA GLU E 46 -16.91 73.89 -21.19
C GLU E 46 -16.00 75.10 -20.92
N GLY E 47 -14.87 75.21 -21.62
CA GLY E 47 -13.91 76.30 -21.36
C GLY E 47 -14.03 77.44 -22.35
N VAL E 48 -13.87 78.68 -21.88
CA VAL E 48 -13.88 79.85 -22.81
C VAL E 48 -12.48 80.48 -22.81
N SER E 49 -11.85 80.57 -21.63
CA SER E 49 -10.52 81.22 -21.57
C SER E 49 -9.66 80.77 -20.38
N CYS E 50 -8.34 80.68 -20.55
CA CYS E 50 -7.38 80.48 -19.47
C CYS E 50 -6.17 81.30 -19.67
N ILE E 51 -5.58 81.75 -18.56
CA ILE E 51 -4.44 82.68 -18.66
C ILE E 51 -3.35 82.28 -17.67
N GLY E 52 -2.09 82.49 -18.03
CA GLY E 52 -0.97 82.19 -17.15
C GLY E 52 -0.50 83.42 -16.38
N SER E 53 -0.36 83.28 -15.07
CA SER E 53 -0.11 84.42 -14.20
C SER E 53 1.34 84.89 -14.20
N SER E 54 2.27 84.08 -14.70
CA SER E 54 3.67 84.49 -14.69
C SER E 54 3.92 85.62 -15.69
N ASP E 55 3.30 85.54 -16.87
CA ASP E 55 3.52 86.53 -17.91
C ASP E 55 2.24 87.02 -18.56
N GLY E 56 1.16 86.24 -18.54
CA GLY E 56 -0.07 86.69 -19.16
C GLY E 56 -0.39 86.08 -20.51
N ARG E 57 0.23 84.96 -20.86
CA ARG E 57 -0.15 84.27 -22.09
C ARG E 57 -1.59 83.79 -21.98
N THR E 58 -2.34 83.86 -23.09
CA THR E 58 -3.79 83.52 -22.98
C THR E 58 -4.20 82.43 -23.97
N TYR E 59 -5.05 81.49 -23.52
CA TYR E 59 -5.60 80.45 -24.42
C TYR E 59 -7.08 80.78 -24.60
N TYR E 60 -7.59 80.71 -25.83
CA TYR E 60 -9.00 81.13 -26.07
C TYR E 60 -9.77 80.04 -26.83
N SER E 61 -11.09 80.03 -26.67
CA SER E 61 -11.93 79.05 -27.42
C SER E 61 -12.29 79.62 -28.79
N ASP E 62 -13.00 78.85 -29.61
CA ASP E 62 -13.37 79.29 -30.94
C ASP E 62 -14.48 80.35 -30.90
N SER E 63 -14.96 80.70 -29.71
CA SER E 63 -16.02 81.69 -29.55
C SER E 63 -15.53 83.03 -28.99
N VAL E 64 -14.23 83.25 -28.93
CA VAL E 64 -13.72 84.53 -28.41
C VAL E 64 -14.07 85.67 -29.37
N LYS E 65 -13.81 85.48 -30.66
CA LYS E 65 -14.03 86.49 -31.69
C LYS E 65 -13.32 87.80 -31.38
N GLY E 66 -12.45 87.81 -30.38
CA GLY E 66 -11.74 89.00 -29.97
C GLY E 66 -12.45 89.88 -28.97
N ARG E 67 -13.75 89.68 -28.76
CA ARG E 67 -14.49 90.53 -27.82
C ARG E 67 -14.29 90.11 -26.37
N PHE E 68 -13.59 89.00 -26.13
CA PHE E 68 -13.23 88.58 -24.78
C PHE E 68 -11.82 89.07 -24.49
N THR E 69 -11.71 90.20 -23.79
CA THR E 69 -10.40 90.67 -23.36
C THR E 69 -10.24 90.43 -21.87
N ILE E 70 -9.17 89.74 -21.49
CA ILE E 70 -8.88 89.45 -20.09
C ILE E 70 -7.56 90.08 -19.70
N SER E 71 -7.59 91.03 -18.77
CA SER E 71 -6.41 91.69 -18.29
C SER E 71 -6.06 91.10 -16.93
N ARG E 72 -4.76 90.86 -16.73
CA ARG E 72 -4.25 90.31 -15.47
C ARG E 72 -3.97 91.45 -14.51
N ASP E 73 -4.98 91.80 -13.69
CA ASP E 73 -4.80 92.82 -12.67
C ASP E 73 -3.83 92.26 -11.64
N ASN E 74 -2.56 92.68 -11.73
CA ASN E 74 -1.51 92.21 -10.84
C ASN E 74 -1.64 92.79 -9.44
N ALA E 75 -1.95 94.09 -9.32
CA ALA E 75 -2.00 94.72 -8.01
C ALA E 75 -3.15 94.18 -7.18
N LYS E 76 -4.35 94.12 -7.75
CA LYS E 76 -5.53 93.69 -7.01
C LYS E 76 -5.80 92.19 -7.15
N ASN E 77 -4.84 91.42 -7.63
CA ASN E 77 -4.92 89.96 -7.65
C ASN E 77 -6.17 89.48 -8.40
N THR E 78 -6.48 90.16 -9.51
CA THR E 78 -7.79 90.02 -10.13
C THR E 78 -7.63 89.68 -11.60
N VAL E 79 -8.63 89.01 -12.15
CA VAL E 79 -8.79 88.87 -13.60
C VAL E 79 -9.93 89.78 -14.03
N TYR E 80 -9.61 90.79 -14.85
CA TYR E 80 -10.60 91.73 -15.37
C TYR E 80 -10.98 91.29 -16.78
N LEU E 81 -12.10 90.60 -16.92
CA LEU E 81 -12.60 90.15 -18.22
C LEU E 81 -13.65 91.15 -18.71
N GLN E 82 -13.60 91.46 -20.00
CA GLN E 82 -14.67 92.20 -20.64
C GLN E 82 -15.17 91.40 -21.83
N MET E 83 -16.39 91.70 -22.26
CA MET E 83 -16.94 91.12 -23.48
C MET E 83 -18.08 91.98 -24.02
N ASN E 84 -17.84 92.61 -25.16
CA ASN E 84 -18.86 93.39 -25.83
C ASN E 84 -19.44 92.59 -26.99
N SER E 85 -20.41 93.20 -27.67
CA SER E 85 -21.17 92.56 -28.74
C SER E 85 -21.72 91.21 -28.27
N LEU E 86 -22.60 91.27 -27.29
CA LEU E 86 -23.04 90.07 -26.59
C LEU E 86 -23.65 89.07 -27.56
N LYS E 87 -23.27 87.81 -27.42
CA LYS E 87 -23.80 86.73 -28.24
C LYS E 87 -24.87 86.03 -27.42
N PRO E 88 -26.12 86.02 -27.89
CA PRO E 88 -27.24 85.51 -27.09
C PRO E 88 -27.12 84.08 -26.58
N GLU E 89 -26.28 83.22 -27.19
CA GLU E 89 -26.11 81.90 -26.60
C GLU E 89 -25.04 81.82 -25.52
N ASP E 90 -24.04 82.72 -25.51
CA ASP E 90 -23.07 82.71 -24.42
C ASP E 90 -23.67 83.07 -23.06
N THR E 91 -24.96 83.36 -23.00
CA THR E 91 -25.65 83.50 -21.71
C THR E 91 -25.40 82.27 -20.86
N ALA E 92 -24.97 82.48 -19.62
CA ALA E 92 -24.58 81.37 -18.76
C ALA E 92 -24.15 81.91 -17.40
N VAL E 93 -24.06 81.02 -16.41
CA VAL E 93 -23.37 81.33 -15.17
C VAL E 93 -21.90 80.96 -15.32
N TYR E 94 -21.02 81.84 -14.85
CA TYR E 94 -19.60 81.74 -15.10
C TYR E 94 -18.85 81.57 -13.78
N TYR E 95 -17.93 80.60 -13.75
CA TYR E 95 -17.03 80.33 -12.64
C TYR E 95 -15.61 80.67 -13.06
N CYS E 96 -14.88 81.39 -12.21
CA CYS E 96 -13.46 81.63 -12.43
C CYS E 96 -12.64 80.82 -11.45
N ALA E 97 -11.67 80.07 -11.98
CA ALA E 97 -11.07 78.95 -11.27
C ALA E 97 -9.54 79.01 -11.38
N LEU E 98 -8.88 78.46 -10.37
CA LEU E 98 -7.44 78.61 -10.18
C LEU E 98 -6.72 77.26 -10.16
N THR E 99 -5.65 77.12 -10.95
CA THR E 99 -4.81 75.92 -10.89
C THR E 99 -3.33 76.28 -10.74
N VAL E 100 -2.58 75.36 -10.14
CA VAL E 100 -1.13 75.49 -10.00
C VAL E 100 -0.50 75.41 -11.38
N GLY E 101 0.65 76.06 -11.55
CA GLY E 101 1.39 75.98 -12.79
C GLY E 101 2.12 74.66 -12.96
N THR E 102 2.67 74.41 -14.14
CA THR E 102 3.33 73.09 -14.38
C THR E 102 4.78 73.33 -14.84
N TYR E 103 5.75 72.94 -14.01
CA TYR E 103 7.17 73.20 -14.37
C TYR E 103 7.77 71.93 -14.98
N TYR E 104 7.92 71.91 -16.31
CA TYR E 104 8.56 70.74 -16.99
C TYR E 104 9.63 71.25 -17.95
N SER E 105 10.83 70.66 -17.90
CA SER E 105 11.94 71.04 -18.82
C SER E 105 12.26 72.54 -18.68
N GLY E 106 12.19 73.08 -17.45
CA GLY E 106 12.46 74.51 -17.21
C GLY E 106 11.46 75.40 -17.92
N ASN E 107 10.22 74.95 -18.09
CA ASN E 107 9.20 75.74 -18.80
C ASN E 107 7.92 75.78 -17.96
N TYR E 108 7.12 76.85 -18.06
CA TYR E 108 5.90 76.98 -17.24
C TYR E 108 4.66 76.57 -18.03
N HIS E 109 4.50 75.28 -18.35
CA HIS E 109 3.32 74.76 -19.02
C HIS E 109 2.10 75.00 -18.14
N TYR E 110 1.08 75.68 -18.69
CA TYR E 110 -0.14 75.95 -17.96
C TYR E 110 -1.27 75.09 -18.49
N THR E 111 -2.01 74.43 -17.60
CA THR E 111 -3.10 73.55 -17.98
C THR E 111 -4.31 73.83 -17.08
N CYS E 112 -5.49 73.96 -17.68
CA CYS E 112 -6.73 74.24 -16.96
C CYS E 112 -7.74 73.13 -17.26
N SER E 113 -7.65 72.03 -16.48
CA SER E 113 -8.52 70.83 -16.70
C SER E 113 -9.98 71.10 -16.34
N ASP E 114 -10.86 70.10 -16.52
CA ASP E 114 -12.29 70.25 -16.17
C ASP E 114 -12.40 70.48 -14.66
N ASP E 115 -11.58 69.77 -13.86
CA ASP E 115 -11.56 70.01 -12.41
C ASP E 115 -10.40 70.98 -12.11
N MET E 116 -10.70 72.15 -11.56
CA MET E 116 -9.65 73.18 -11.32
C MET E 116 -9.51 73.47 -9.82
N ASP E 117 -9.82 72.50 -8.96
CA ASP E 117 -9.61 72.70 -7.50
C ASP E 117 -10.43 73.91 -7.04
N TYR E 118 -9.78 74.88 -6.39
CA TYR E 118 -10.48 76.09 -5.86
C TYR E 118 -11.60 76.55 -6.80
N TRP E 119 -12.84 76.60 -6.31
CA TRP E 119 -13.99 77.12 -7.10
C TRP E 119 -14.66 78.27 -6.34
N GLY E 120 -15.86 78.67 -6.80
CA GLY E 120 -16.66 79.67 -6.12
C GLY E 120 -17.86 80.06 -6.96
N LYS E 121 -18.91 80.48 -6.24
CA LYS E 121 -20.20 80.80 -6.85
C LYS E 121 -20.07 81.82 -7.98
N GLY E 122 -20.36 81.38 -9.20
CA GLY E 122 -20.24 82.17 -10.39
C GLY E 122 -21.44 83.09 -10.58
N THR E 123 -21.48 83.75 -11.73
CA THR E 123 -22.49 84.78 -11.95
C THR E 123 -23.20 84.57 -13.28
N GLN E 124 -24.49 84.83 -13.28
CA GLN E 124 -25.36 84.51 -14.41
C GLN E 124 -25.54 85.70 -15.35
N VAL E 125 -25.36 85.46 -16.64
CA VAL E 125 -25.54 86.46 -17.69
C VAL E 125 -26.71 86.01 -18.56
N THR E 126 -27.70 86.89 -18.72
CA THR E 126 -28.88 86.65 -19.54
C THR E 126 -28.96 87.74 -20.60
N VAL E 127 -28.97 87.32 -21.87
CA VAL E 127 -29.08 88.22 -23.01
C VAL E 127 -29.96 87.57 -24.07
N SER E 128 -31.14 88.15 -24.30
CA SER E 128 -32.06 87.64 -25.31
C SER E 128 -33.03 88.74 -25.70
N SER E 129 -33.70 88.53 -26.83
CA SER E 129 -34.69 89.48 -27.33
C SER E 129 -35.86 89.63 -26.36
N GLN F 1 -20.14 49.53 -58.40
CA GLN F 1 -20.18 50.94 -58.73
C GLN F 1 -21.63 51.39 -58.96
N VAL F 2 -22.57 50.56 -58.51
CA VAL F 2 -23.98 50.90 -58.65
C VAL F 2 -24.30 52.12 -57.81
N GLN F 3 -24.77 53.18 -58.46
CA GLN F 3 -24.93 54.47 -57.80
C GLN F 3 -26.41 54.85 -57.76
N LEU F 4 -26.79 55.55 -56.69
CA LEU F 4 -28.14 56.05 -56.50
C LEU F 4 -28.05 57.52 -56.11
N VAL F 5 -29.07 58.31 -56.48
CA VAL F 5 -29.11 59.72 -56.11
C VAL F 5 -30.56 60.16 -56.05
N GLU F 6 -30.83 61.14 -55.19
CA GLU F 6 -32.14 61.74 -55.01
C GLU F 6 -32.05 63.23 -55.31
N THR F 7 -33.10 63.79 -55.90
CA THR F 7 -33.16 65.21 -56.19
C THR F 7 -34.57 65.72 -56.04
N GLY F 8 -34.68 67.03 -55.80
CA GLY F 8 -35.94 67.75 -55.94
C GLY F 8 -36.62 68.14 -54.65
N GLY F 9 -35.95 68.04 -53.50
CA GLY F 9 -36.57 68.45 -52.25
C GLY F 9 -36.95 69.92 -52.28
N GLY F 10 -38.17 70.24 -51.85
CA GLY F 10 -38.70 71.57 -52.02
C GLY F 10 -39.28 72.15 -50.75
N PHE F 11 -39.16 73.47 -50.62
CA PHE F 11 -39.66 74.20 -49.47
C PHE F 11 -40.86 75.02 -49.92
N VAL F 12 -41.97 74.93 -49.17
CA VAL F 12 -43.11 75.81 -49.38
C VAL F 12 -44.02 75.72 -48.17
N GLN F 13 -44.90 76.71 -48.03
CA GLN F 13 -45.94 76.73 -47.01
C GLN F 13 -46.79 75.47 -47.06
N PRO F 14 -47.63 75.23 -46.04
CA PRO F 14 -48.41 73.99 -45.98
C PRO F 14 -49.27 73.77 -47.22
N GLY F 15 -49.35 72.51 -47.64
CA GLY F 15 -50.24 72.06 -48.69
C GLY F 15 -49.66 72.09 -50.09
N GLY F 16 -48.35 72.29 -50.23
CA GLY F 16 -47.76 72.42 -51.54
C GLY F 16 -47.65 71.11 -52.28
N SER F 17 -46.96 71.15 -53.42
CA SER F 17 -46.82 70.01 -54.32
C SER F 17 -45.36 69.89 -54.72
N LEU F 18 -44.80 68.68 -54.64
CA LEU F 18 -43.38 68.53 -54.92
C LEU F 18 -43.10 67.23 -55.65
N ARG F 19 -41.94 67.22 -56.32
CA ARG F 19 -41.44 66.14 -57.17
C ARG F 19 -40.07 65.67 -56.69
N LEU F 20 -39.94 64.36 -56.47
CA LEU F 20 -38.68 63.76 -56.06
C LEU F 20 -38.24 62.77 -57.13
N SER F 21 -36.97 62.86 -57.53
CA SER F 21 -36.40 62.05 -58.59
C SER F 21 -35.35 61.12 -57.98
N CYS F 22 -35.47 59.83 -58.27
CA CYS F 22 -34.52 58.81 -57.83
C CYS F 22 -33.82 58.26 -59.07
N ALA F 23 -32.61 58.73 -59.31
CA ALA F 23 -31.83 58.37 -60.49
C ALA F 23 -30.72 57.40 -60.10
N ALA F 24 -30.62 56.30 -60.84
CA ALA F 24 -29.61 55.29 -60.60
C ALA F 24 -28.67 55.20 -61.79
N SER F 25 -27.47 54.66 -61.57
CA SER F 25 -26.48 54.49 -62.61
C SER F 25 -25.75 53.16 -62.42
N GLY F 26 -25.46 52.49 -63.54
CA GLY F 26 -24.69 51.23 -63.50
C GLY F 26 -25.38 50.13 -62.71
N VAL F 27 -26.71 50.11 -62.72
CA VAL F 27 -27.44 49.01 -62.03
C VAL F 27 -27.09 47.69 -62.73
N THR F 28 -26.74 46.65 -61.95
CA THR F 28 -26.36 45.34 -62.54
C THR F 28 -27.48 44.32 -62.31
N LEU F 29 -28.64 44.78 -61.84
CA LEU F 29 -29.74 43.83 -61.52
C LEU F 29 -30.90 44.01 -62.50
N ASP F 30 -31.38 42.91 -63.09
CA ASP F 30 -32.55 42.99 -64.00
C ASP F 30 -33.79 43.43 -63.21
N TYR F 31 -33.97 42.90 -61.99
CA TYR F 31 -35.15 43.24 -61.15
C TYR F 31 -34.69 43.79 -59.81
N TYR F 32 -35.26 44.91 -59.37
CA TYR F 32 -34.79 45.55 -58.11
C TYR F 32 -35.93 46.35 -57.47
N ALA F 33 -36.11 46.22 -56.15
CA ALA F 33 -37.11 46.98 -55.43
C ALA F 33 -36.49 48.26 -54.89
N ILE F 34 -37.15 49.38 -55.17
CA ILE F 34 -36.68 50.72 -54.81
C ILE F 34 -37.60 51.30 -53.73
N GLY F 35 -37.00 51.81 -52.66
CA GLY F 35 -37.77 52.36 -51.56
C GLY F 35 -37.36 53.78 -51.20
N TRP F 36 -38.29 54.52 -50.60
CA TRP F 36 -38.03 55.85 -50.05
C TRP F 36 -38.14 55.85 -48.54
N PHE F 37 -37.09 56.29 -47.86
CA PHE F 37 -37.05 56.32 -46.40
C PHE F 37 -36.71 57.73 -45.93
N ARG F 38 -37.52 58.27 -45.02
CA ARG F 38 -37.37 59.64 -44.57
C ARG F 38 -36.44 59.68 -43.36
N GLN F 39 -35.69 60.78 -43.21
CA GLN F 39 -34.94 61.04 -41.98
C GLN F 39 -34.63 62.53 -41.91
N ALA F 40 -35.40 63.27 -41.11
CA ALA F 40 -34.95 64.57 -40.66
C ALA F 40 -34.30 64.47 -39.29
N PRO F 41 -33.77 65.60 -38.74
CA PRO F 41 -33.35 65.58 -37.34
C PRO F 41 -34.47 65.20 -36.38
N GLY F 42 -34.13 64.39 -35.39
CA GLY F 42 -35.05 63.84 -34.42
C GLY F 42 -36.00 62.80 -34.96
N LYS F 43 -35.78 62.34 -36.19
CA LYS F 43 -36.74 61.53 -36.92
C LYS F 43 -36.02 60.33 -37.51
N GLU F 44 -36.46 59.14 -37.16
CA GLU F 44 -35.68 57.95 -37.43
C GLU F 44 -35.95 57.44 -38.86
N ARG F 45 -35.52 56.20 -39.09
CA ARG F 45 -35.53 55.61 -40.43
C ARG F 45 -36.73 54.68 -40.58
N GLU F 46 -37.81 55.22 -41.16
CA GLU F 46 -39.07 54.50 -41.32
C GLU F 46 -39.49 54.59 -42.78
N GLY F 47 -40.04 53.50 -43.29
CA GLY F 47 -40.36 53.43 -44.71
C GLY F 47 -41.66 54.14 -45.04
N VAL F 48 -41.72 54.67 -46.26
CA VAL F 48 -42.91 55.30 -46.80
C VAL F 48 -43.41 54.57 -48.04
N SER F 49 -42.50 54.07 -48.87
CA SER F 49 -42.89 53.38 -50.09
C SER F 49 -41.76 52.49 -50.57
N CYS F 50 -42.15 51.40 -51.24
CA CYS F 50 -41.21 50.51 -51.91
C CYS F 50 -41.91 49.79 -53.06
N ILE F 51 -41.18 49.60 -54.15
CA ILE F 51 -41.79 49.31 -55.45
C ILE F 51 -40.95 48.24 -56.14
N GLY F 52 -41.65 47.30 -56.81
CA GLY F 52 -41.01 46.23 -57.54
C GLY F 52 -40.88 46.54 -59.02
N SER F 53 -39.68 46.35 -59.56
CA SER F 53 -39.37 46.80 -60.91
C SER F 53 -39.89 45.88 -62.00
N SER F 54 -40.29 44.65 -61.66
CA SER F 54 -40.77 43.72 -62.68
C SER F 54 -42.13 44.13 -63.24
N ASP F 55 -43.03 44.62 -62.39
CA ASP F 55 -44.36 45.01 -62.82
C ASP F 55 -44.82 46.34 -62.29
N GLY F 56 -44.29 46.81 -61.16
CA GLY F 56 -44.71 48.08 -60.62
C GLY F 56 -45.65 47.98 -59.45
N ARG F 57 -45.72 46.83 -58.78
CA ARG F 57 -46.50 46.73 -57.56
C ARG F 57 -45.92 47.65 -56.51
N THR F 58 -46.81 48.27 -55.72
CA THR F 58 -46.44 49.36 -54.85
C THR F 58 -46.90 49.09 -53.43
N TYR F 59 -45.94 49.09 -52.49
CA TYR F 59 -46.20 49.06 -51.06
C TYR F 59 -46.01 50.45 -50.47
N TYR F 60 -46.92 50.84 -49.57
CA TYR F 60 -47.05 52.18 -49.03
C TYR F 60 -47.74 52.16 -47.68
N SER F 61 -47.46 53.19 -46.89
CA SER F 61 -47.72 53.18 -45.47
C SER F 61 -49.13 53.72 -45.20
N ASP F 62 -49.41 54.03 -43.94
CA ASP F 62 -50.75 54.50 -43.60
C ASP F 62 -50.85 56.01 -43.82
N SER F 63 -49.76 56.64 -44.25
CA SER F 63 -49.71 58.07 -44.51
C SER F 63 -49.66 58.43 -45.99
N VAL F 64 -49.91 57.48 -46.89
CA VAL F 64 -49.87 57.80 -48.31
C VAL F 64 -51.03 58.73 -48.69
N LYS F 65 -52.24 58.43 -48.25
CA LYS F 65 -53.45 59.18 -48.57
C LYS F 65 -53.67 59.36 -50.06
N GLY F 66 -52.90 58.67 -50.91
CA GLY F 66 -53.02 58.79 -52.35
C GLY F 66 -52.20 59.90 -52.97
N ARG F 67 -51.68 60.83 -52.17
CA ARG F 67 -50.88 61.94 -52.72
C ARG F 67 -49.45 61.52 -53.03
N PHE F 68 -49.04 60.31 -52.68
CA PHE F 68 -47.74 59.78 -53.03
C PHE F 68 -47.89 58.94 -54.29
N THR F 69 -47.59 59.52 -55.45
CA THR F 69 -47.58 58.74 -56.69
C THR F 69 -46.15 58.47 -57.13
N ILE F 70 -45.80 57.20 -57.33
CA ILE F 70 -44.46 56.83 -57.79
C ILE F 70 -44.56 56.11 -59.13
N SER F 71 -43.99 56.71 -60.16
CA SER F 71 -43.98 56.13 -61.49
C SER F 71 -42.60 55.54 -61.74
N ARG F 72 -42.58 54.34 -62.33
CA ARG F 72 -41.34 53.63 -62.65
C ARG F 72 -40.85 54.09 -64.03
N ASP F 73 -40.02 55.12 -64.07
CA ASP F 73 -39.42 55.59 -65.32
C ASP F 73 -38.47 54.50 -65.78
N ASN F 74 -38.92 53.69 -66.74
CA ASN F 74 -38.11 52.59 -67.25
C ASN F 74 -36.97 53.07 -68.14
N ALA F 75 -37.23 54.06 -69.00
CA ALA F 75 -36.20 54.49 -69.93
C ALA F 75 -35.06 55.18 -69.21
N LYS F 76 -35.36 56.12 -68.32
CA LYS F 76 -34.34 56.89 -67.62
C LYS F 76 -33.95 56.28 -66.28
N ASN F 77 -34.33 55.03 -66.03
CA ASN F 77 -33.88 54.27 -64.85
C ASN F 77 -34.21 55.01 -63.55
N THR F 78 -35.39 55.62 -63.50
CA THR F 78 -35.69 56.60 -62.46
C THR F 78 -36.99 56.22 -61.74
N VAL F 79 -37.09 56.65 -60.48
CA VAL F 79 -38.35 56.66 -59.75
C VAL F 79 -38.84 58.11 -59.68
N TYR F 80 -39.98 58.39 -60.30
CA TYR F 80 -40.58 59.73 -60.29
C TYR F 80 -41.68 59.75 -59.23
N LEU F 81 -41.37 60.32 -58.06
CA LEU F 81 -42.36 60.43 -56.95
C LEU F 81 -42.89 61.86 -56.89
N GLN F 82 -44.22 62.04 -56.96
CA GLN F 82 -44.82 63.39 -56.83
C GLN F 82 -45.79 63.39 -55.65
N MET F 83 -45.70 64.40 -54.77
CA MET F 83 -46.63 64.51 -53.61
C MET F 83 -47.31 65.87 -53.63
N ASN F 84 -48.66 65.91 -53.55
CA ASN F 84 -49.39 67.19 -53.47
C ASN F 84 -49.91 67.32 -52.03
N SER F 85 -50.59 68.43 -51.67
CA SER F 85 -51.16 68.63 -50.34
C SER F 85 -50.14 68.32 -49.24
N LEU F 86 -49.09 69.12 -49.20
CA LEU F 86 -47.93 68.85 -48.36
C LEU F 86 -48.30 68.72 -46.89
N LYS F 87 -47.74 67.70 -46.22
CA LYS F 87 -47.96 67.44 -44.81
C LYS F 87 -46.83 68.00 -43.96
N PRO F 88 -47.14 68.96 -43.10
CA PRO F 88 -46.09 69.65 -42.33
C PRO F 88 -45.22 68.76 -41.47
N GLU F 89 -45.70 67.58 -41.08
CA GLU F 89 -44.84 66.65 -40.35
C GLU F 89 -44.03 65.72 -41.24
N ASP F 90 -44.49 65.43 -42.46
CA ASP F 90 -43.72 64.62 -43.39
C ASP F 90 -42.43 65.30 -43.86
N THR F 91 -42.17 66.52 -43.41
CA THR F 91 -40.88 67.17 -43.61
C THR F 91 -39.75 66.27 -43.14
N ALA F 92 -38.74 66.09 -44.00
CA ALA F 92 -37.65 65.16 -43.70
C ALA F 92 -36.65 65.17 -44.85
N VAL F 93 -35.47 64.62 -44.57
CA VAL F 93 -34.52 64.26 -45.63
C VAL F 93 -34.83 62.84 -46.07
N TYR F 94 -34.83 62.64 -47.39
CA TYR F 94 -35.30 61.39 -47.99
C TYR F 94 -34.16 60.70 -48.72
N TYR F 95 -34.04 59.39 -48.49
CA TYR F 95 -33.08 58.52 -49.15
C TYR F 95 -33.87 57.56 -50.05
N CYS F 96 -33.43 57.40 -51.30
CA CYS F 96 -34.01 56.39 -52.18
C CYS F 96 -33.00 55.27 -52.39
N ALA F 97 -33.45 54.03 -52.16
CA ALA F 97 -32.55 52.91 -51.92
C ALA F 97 -32.98 51.71 -52.76
N LEU F 98 -32.00 50.86 -53.11
CA LEU F 98 -32.17 49.78 -54.05
C LEU F 98 -31.85 48.44 -53.39
N THR F 99 -32.76 47.46 -53.54
CA THR F 99 -32.50 46.11 -53.07
C THR F 99 -32.77 45.09 -54.16
N VAL F 100 -32.08 43.94 -54.04
CA VAL F 100 -32.29 42.84 -54.95
C VAL F 100 -33.68 42.26 -54.74
N GLY F 101 -34.25 41.70 -55.80
CA GLY F 101 -35.53 41.03 -55.68
C GLY F 101 -35.40 39.67 -55.02
N THR F 102 -36.54 39.04 -54.77
CA THR F 102 -36.59 37.71 -54.19
C THR F 102 -37.29 36.77 -55.15
N TYR F 103 -36.63 35.66 -55.49
CA TYR F 103 -37.27 34.65 -56.37
C TYR F 103 -37.49 33.36 -55.57
N TYR F 104 -38.61 33.28 -54.86
CA TYR F 104 -38.89 32.08 -54.02
C TYR F 104 -40.17 31.39 -54.50
N SER F 105 -40.13 30.07 -54.69
CA SER F 105 -41.32 29.28 -55.11
C SER F 105 -41.82 29.72 -56.49
N GLY F 106 -40.92 30.21 -57.35
CA GLY F 106 -41.32 30.59 -58.73
C GLY F 106 -42.09 31.90 -58.78
N ASN F 107 -42.06 32.67 -57.69
CA ASN F 107 -42.80 33.97 -57.63
C ASN F 107 -41.86 35.04 -57.09
N TYR F 108 -42.16 36.33 -57.35
CA TYR F 108 -41.23 37.41 -56.95
C TYR F 108 -41.69 38.11 -55.68
N HIS F 109 -40.78 38.27 -54.71
CA HIS F 109 -41.09 39.04 -53.47
C HIS F 109 -40.18 40.26 -53.48
N TYR F 110 -40.67 41.41 -53.02
CA TYR F 110 -39.80 42.62 -52.94
C TYR F 110 -39.81 43.15 -51.51
N THR F 111 -38.76 42.81 -50.71
CA THR F 111 -38.71 43.19 -49.31
C THR F 111 -37.75 44.36 -49.15
N CYS F 112 -38.18 45.38 -48.40
CA CYS F 112 -37.38 46.59 -48.16
C CYS F 112 -37.17 46.81 -46.66
N SER F 113 -36.14 46.17 -46.09
CA SER F 113 -35.85 46.23 -44.62
C SER F 113 -35.40 47.63 -44.18
N ASP F 114 -35.19 47.83 -42.87
CA ASP F 114 -34.71 49.13 -42.34
C ASP F 114 -33.33 49.39 -42.95
N ASP F 115 -32.51 48.34 -43.08
CA ASP F 115 -31.21 48.50 -43.79
C ASP F 115 -31.43 47.93 -45.19
N MET F 116 -31.18 48.73 -46.23
CA MET F 116 -31.50 48.26 -47.61
C MET F 116 -30.30 48.47 -48.53
N ASP F 117 -29.26 47.63 -48.40
CA ASP F 117 -28.08 47.72 -49.30
C ASP F 117 -27.49 49.13 -49.23
N TYR F 118 -27.27 49.76 -50.39
CA TYR F 118 -26.61 51.10 -50.41
C TYR F 118 -27.63 52.23 -50.38
N TRP F 119 -27.34 53.29 -49.63
CA TRP F 119 -28.24 54.48 -49.61
C TRP F 119 -27.62 55.60 -50.48
N GLY F 120 -28.24 56.79 -50.51
CA GLY F 120 -27.74 57.91 -51.34
C GLY F 120 -27.88 59.24 -50.61
N LYS F 121 -27.17 60.29 -51.06
CA LYS F 121 -27.21 61.58 -50.32
C LYS F 121 -28.64 62.08 -50.33
N GLY F 122 -29.20 62.40 -49.17
CA GLY F 122 -30.64 62.74 -49.08
C GLY F 122 -31.07 64.12 -49.51
N THR F 123 -32.38 64.29 -49.74
CA THR F 123 -32.93 65.63 -50.10
C THR F 123 -33.92 66.07 -49.00
N GLN F 124 -33.69 67.22 -48.37
CA GLN F 124 -34.49 67.71 -47.25
C GLN F 124 -35.70 68.52 -47.73
N VAL F 125 -36.86 68.19 -47.18
CA VAL F 125 -38.11 68.90 -47.46
C VAL F 125 -38.56 69.55 -46.17
N THR F 126 -38.78 70.87 -46.24
CA THR F 126 -39.24 71.69 -45.11
C THR F 126 -40.55 72.37 -45.50
N VAL F 127 -41.60 72.13 -44.70
CA VAL F 127 -42.90 72.73 -44.89
C VAL F 127 -43.49 73.05 -43.53
N SER F 128 -43.62 74.34 -43.23
CA SER F 128 -44.18 74.80 -41.96
C SER F 128 -44.67 76.22 -42.12
N SER F 129 -45.48 76.66 -41.16
CA SER F 129 -46.01 78.01 -41.15
C SER F 129 -44.89 79.04 -41.00
#